data_4M4R
#
_entry.id   4M4R
#
_cell.length_a   207.541
_cell.length_b   46.694
_cell.length_c   262.305
_cell.angle_alpha   90.00
_cell.angle_beta   98.45
_cell.angle_gamma   90.00
#
_symmetry.space_group_name_H-M   'P 1 21 1'
#
loop_
_entity.id
_entity.type
_entity.pdbx_description
1 polymer 'Ephrin type-A receptor 4'
2 polymer Ephrin-A5
3 branched 2-acetamido-2-deoxy-beta-D-glucopyranose-(1-4)-2-acetamido-2-deoxy-beta-D-glucopyranose
4 non-polymer 2-acetamido-2-deoxy-beta-D-glucopyranose
#
loop_
_entity_poly.entity_id
_entity_poly.type
_entity_poly.pdbx_seq_one_letter_code
_entity_poly.pdbx_strand_id
1 'polypeptide(L)'
;APANEVTLLDSRSVQGELGWIASPLEGGWEEVSIMDEKNTPIRTYQVCNVMEPSQNNWLRTDWITREGAQRVYIEIKFTL
RDCNSLPGVMGTCKETFNLYYYESDNDKERFIRENQFVKIDTIAADESFTQVDIGDRIMKLNTEIRDVGPLSKKGFYLAF
QDVGACIALVSVRVFYKKCPLTVRNLAQFPDTITGADTSSLVEVRGSCVNNSEEKDVPKMYCGADGEWLVPIGNCLCNAG
HEERSGECQACKIGYYKALSTDATCAKCPPHSYSVWEGATSCTCDRGFFRADNDAASMPCTRPPSAPLNLISNVNETSVN
LEWSSPQNTGGRQDISYNVVCKKCGAGDPSKCRPCGSGVHYTPQQNGLKTTKVSITDLLAHTNYTFEIWAVNGVSKYNPN
PDQSVSVTVTTNQAAPSSIALVQAKEVTRYSVALAWLEPDRPNGVILEYEVKYYEKDQNERSYRIVRTAARNTDIKGLNP
LTSYVFHVRARTAAGYGDFSEPLEVTTNTVPSRIIGDG
;
A,C,E,G
2 'polypeptide(L)'
;AAAVADRYAVYWNSSNPRFQRGDYHIDVCINDYLDVFCPHYEDSVPEDKTERYVLYMVNFDGYSACDHTSKGFKRWECNR
PHSPNGPLKFSEKFQLFTPFSLGFEFRPGREYFYISSAIPDNGRRSCLKLKVFVRPTNSCM
;
B,D,F,H
#
loop_
_chem_comp.id
_chem_comp.type
_chem_comp.name
_chem_comp.formula
NAG D-saccharide, beta linking 2-acetamido-2-deoxy-beta-D-glucopyranose 'C8 H15 N O6'
#
# COMPACT_ATOMS: atom_id res chain seq x y z
N PRO A 2 11.83 71.19 -14.59
CA PRO A 2 12.83 70.41 -15.31
C PRO A 2 12.51 70.23 -16.82
N ALA A 3 13.33 69.43 -17.53
CA ALA A 3 13.19 69.22 -19.00
C ALA A 3 11.99 68.37 -19.42
N ASN A 4 11.38 67.72 -18.44
CA ASN A 4 10.25 66.85 -18.71
C ASN A 4 8.90 67.41 -18.25
N GLU A 5 8.90 68.65 -17.75
CA GLU A 5 7.65 69.29 -17.34
C GLU A 5 7.39 70.46 -18.25
N VAL A 6 6.16 70.59 -18.71
CA VAL A 6 5.80 71.68 -19.59
C VAL A 6 4.73 72.52 -18.92
N THR A 7 5.03 73.80 -18.73
CA THR A 7 4.13 74.64 -17.98
C THR A 7 2.89 75.06 -18.78
N LEU A 8 1.74 74.94 -18.16
CA LEU A 8 0.56 75.49 -18.75
C LEU A 8 0.14 76.75 -18.02
N LEU A 9 0.58 76.92 -16.78
CA LEU A 9 0.21 78.11 -16.04
C LEU A 9 1.20 78.35 -14.95
N ASP A 10 1.75 79.56 -14.88
CA ASP A 10 2.52 79.92 -13.71
C ASP A 10 2.16 81.26 -13.14
N SER A 11 1.58 81.27 -11.95
CA SER A 11 1.14 82.49 -11.29
C SER A 11 2.27 83.50 -11.13
N ARG A 12 3.45 83.04 -10.72
CA ARG A 12 4.57 83.93 -10.47
C ARG A 12 5.07 84.55 -11.78
N SER A 13 4.89 83.81 -12.88
CA SER A 13 5.46 84.08 -14.23
C SER A 13 4.51 84.84 -15.13
N VAL A 14 3.27 84.99 -14.69
CA VAL A 14 2.24 85.73 -15.43
C VAL A 14 2.57 87.21 -15.20
N GLN A 15 3.59 87.68 -15.93
CA GLN A 15 4.15 89.01 -15.74
C GLN A 15 3.20 90.10 -16.16
N GLY A 16 2.50 89.85 -17.26
CA GLY A 16 1.25 90.55 -17.52
C GLY A 16 0.29 90.07 -16.45
N GLU A 17 -0.14 90.97 -15.57
CA GLU A 17 -0.89 90.63 -14.34
C GLU A 17 -2.00 89.56 -14.46
N LEU A 18 -1.92 88.54 -13.59
CA LEU A 18 -2.82 87.38 -13.62
C LEU A 18 -4.23 87.75 -13.20
N GLY A 19 -5.16 87.65 -14.14
CA GLY A 19 -6.55 88.10 -13.88
C GLY A 19 -7.59 87.02 -13.57
N TRP A 20 -7.94 86.82 -12.29
CA TRP A 20 -8.67 85.67 -11.89
C TRP A 20 -9.95 86.17 -11.34
N ILE A 21 -10.99 85.37 -11.37
CA ILE A 21 -12.26 85.86 -10.93
C ILE A 21 -12.36 85.45 -9.49
N ALA A 22 -12.59 86.42 -8.61
CA ALA A 22 -12.94 86.12 -7.25
C ALA A 22 -14.42 86.32 -7.02
N SER A 23 -15.05 85.37 -6.34
CA SER A 23 -16.44 85.48 -6.00
C SER A 23 -16.60 85.08 -4.56
N PRO A 24 -17.04 86.01 -3.70
CA PRO A 24 -17.31 87.44 -3.90
C PRO A 24 -16.12 88.26 -4.39
N LEU A 25 -16.36 89.39 -5.06
CA LEU A 25 -15.24 90.19 -5.57
C LEU A 25 -14.57 91.00 -4.47
N GLU A 26 -15.28 91.17 -3.36
CA GLU A 26 -14.74 91.86 -2.20
C GLU A 26 -15.11 91.13 -0.90
N GLY A 27 -14.12 91.02 -0.03
CA GLY A 27 -14.33 90.35 1.25
C GLY A 27 -14.06 88.87 1.25
N GLY A 28 -13.58 88.35 0.12
CA GLY A 28 -13.29 86.94 0.01
C GLY A 28 -11.84 86.91 -0.37
N TRP A 29 -11.45 86.02 -1.27
CA TRP A 29 -10.11 86.04 -1.73
C TRP A 29 -9.84 87.45 -2.19
N GLU A 30 -8.70 88.00 -1.78
CA GLU A 30 -8.27 89.37 -2.09
C GLU A 30 -6.88 89.25 -2.61
N GLU A 31 -6.51 89.96 -3.68
CA GLU A 31 -5.08 89.98 -4.06
C GLU A 31 -4.32 91.01 -3.23
N VAL A 32 -3.11 90.68 -2.83
CA VAL A 32 -2.38 91.44 -1.84
C VAL A 32 -0.91 91.23 -2.15
N SER A 33 -0.10 92.27 -1.96
CA SER A 33 1.33 92.27 -2.35
C SER A 33 2.26 91.62 -1.32
N ILE A 34 3.23 90.80 -1.76
CA ILE A 34 4.07 90.05 -0.83
C ILE A 34 5.44 89.68 -1.37
N MET A 35 6.40 89.49 -0.46
CA MET A 35 7.77 89.04 -0.77
C MET A 35 7.93 87.52 -0.56
N ASP A 36 8.29 86.83 -1.65
CA ASP A 36 8.35 85.37 -1.69
C ASP A 36 9.62 84.76 -1.17
N GLU A 37 9.67 83.45 -1.33
CA GLU A 37 10.84 82.67 -1.02
C GLU A 37 12.02 83.12 -1.86
N LYS A 38 11.73 83.69 -3.02
CA LYS A 38 12.77 84.16 -3.93
C LYS A 38 13.03 85.66 -3.76
N ASN A 39 12.35 86.25 -2.78
CA ASN A 39 12.47 87.68 -2.49
C ASN A 39 11.92 88.58 -3.57
N THR A 40 11.27 87.98 -4.56
CA THR A 40 10.59 88.75 -5.58
C THR A 40 9.32 89.29 -4.95
N PRO A 41 8.97 90.55 -5.28
CA PRO A 41 7.67 91.13 -4.95
C PRO A 41 6.60 90.62 -5.90
N ILE A 42 5.55 90.04 -5.33
CA ILE A 42 4.55 89.37 -6.13
C ILE A 42 3.13 89.67 -5.57
N ARG A 43 2.13 89.64 -6.46
CA ARG A 43 0.72 89.64 -6.08
C ARG A 43 0.26 88.19 -5.89
N THR A 44 -0.50 87.93 -4.84
CA THR A 44 -0.98 86.60 -4.49
C THR A 44 -2.41 86.75 -3.93
N TYR A 45 -3.14 85.67 -3.74
CA TYR A 45 -4.42 85.84 -3.12
C TYR A 45 -4.48 85.24 -1.76
N GLN A 46 -5.28 85.84 -0.92
CA GLN A 46 -5.26 85.43 0.42
C GLN A 46 -6.66 85.61 0.91
N VAL A 47 -7.06 84.83 1.86
CA VAL A 47 -8.30 85.09 2.50
C VAL A 47 -8.13 84.75 4.00
N CYS A 48 -8.81 85.49 4.88
CA CYS A 48 -8.75 85.17 6.25
C CYS A 48 -10.00 85.54 6.97
N ASN A 49 -11.14 84.98 6.57
CA ASN A 49 -12.39 85.38 7.25
C ASN A 49 -12.83 84.43 8.32
N VAL A 50 -11.94 84.13 9.26
CA VAL A 50 -12.10 83.01 10.22
C VAL A 50 -13.15 83.24 11.30
N MET A 51 -13.80 84.41 11.27
CA MET A 51 -14.79 84.77 12.27
C MET A 51 -16.26 84.78 11.85
N GLU A 52 -16.57 84.39 10.62
CA GLU A 52 -17.95 84.35 10.14
C GLU A 52 -18.49 82.95 10.19
N PRO A 53 -19.83 82.83 10.33
CA PRO A 53 -20.44 81.53 10.62
C PRO A 53 -20.27 80.54 9.46
N SER A 54 -20.43 81.08 8.25
CA SER A 54 -20.49 80.30 7.04
C SER A 54 -19.83 81.11 5.96
N GLN A 55 -18.94 80.48 5.22
CA GLN A 55 -18.11 81.16 4.28
C GLN A 55 -18.02 80.36 2.99
N ASN A 56 -18.06 81.05 1.86
CA ASN A 56 -17.97 80.33 0.62
C ASN A 56 -17.22 81.18 -0.40
N ASN A 57 -15.91 81.10 -0.44
CA ASN A 57 -15.19 82.03 -1.19
C ASN A 57 -14.45 81.37 -2.31
N TRP A 58 -14.73 81.80 -3.52
CA TRP A 58 -14.24 81.15 -4.69
C TRP A 58 -13.21 82.00 -5.34
N LEU A 59 -12.21 81.37 -5.91
CA LEU A 59 -11.24 82.02 -6.67
C LEU A 59 -10.95 81.04 -7.79
N ARG A 60 -10.98 81.53 -9.03
CA ARG A 60 -10.99 80.71 -10.23
C ARG A 60 -9.98 81.29 -11.16
N THR A 61 -9.21 80.45 -11.82
CA THR A 61 -8.20 80.95 -12.67
C THR A 61 -8.78 81.33 -14.02
N ASP A 62 -7.92 81.80 -14.91
CA ASP A 62 -8.26 82.00 -16.29
C ASP A 62 -8.44 80.64 -16.87
N TRP A 63 -8.96 80.60 -18.08
CA TRP A 63 -8.91 79.42 -18.89
C TRP A 63 -7.47 79.01 -19.17
N ILE A 64 -7.20 77.71 -19.08
CA ILE A 64 -5.84 77.12 -19.19
C ILE A 64 -5.91 76.14 -20.34
N THR A 65 -5.22 76.45 -21.41
CA THR A 65 -5.23 75.55 -22.57
C THR A 65 -4.44 74.31 -22.19
N ARG A 66 -4.96 73.13 -22.51
CA ARG A 66 -4.29 71.89 -22.10
C ARG A 66 -3.15 71.46 -22.97
N GLU A 67 -2.90 72.23 -24.03
CA GLU A 67 -2.13 71.74 -25.17
C GLU A 67 -2.61 70.32 -25.49
N GLY A 68 -1.69 69.36 -25.52
CA GLY A 68 -2.11 68.03 -25.89
C GLY A 68 -2.16 67.06 -24.75
N ALA A 69 -1.89 67.57 -23.56
CA ALA A 69 -1.70 66.72 -22.41
C ALA A 69 -3.00 66.07 -22.04
N GLN A 70 -2.90 64.94 -21.37
CA GLN A 70 -4.13 64.35 -20.90
C GLN A 70 -4.18 64.25 -19.40
N ARG A 71 -2.98 64.21 -18.81
CA ARG A 71 -2.76 64.14 -17.37
C ARG A 71 -1.98 65.39 -16.97
N VAL A 72 -2.66 66.26 -16.26
CA VAL A 72 -2.18 67.56 -15.89
C VAL A 72 -1.92 67.58 -14.36
N TYR A 73 -0.71 68.05 -13.99
CA TYR A 73 -0.38 68.29 -12.57
C TYR A 73 -0.58 69.75 -12.08
N ILE A 74 -1.00 69.87 -10.83
CA ILE A 74 -1.18 71.15 -10.19
C ILE A 74 -0.34 71.20 -8.94
N GLU A 75 0.63 72.14 -8.87
CA GLU A 75 1.49 72.30 -7.69
C GLU A 75 1.21 73.62 -6.98
N ILE A 76 0.65 73.56 -5.76
CA ILE A 76 0.23 74.75 -5.03
C ILE A 76 1.14 75.03 -3.88
N LYS A 77 1.74 76.23 -3.80
CA LYS A 77 2.50 76.60 -2.62
C LYS A 77 1.68 77.54 -1.78
N PHE A 78 1.59 77.33 -0.48
CA PHE A 78 0.73 78.17 0.33
C PHE A 78 1.11 78.18 1.77
N THR A 79 0.53 79.13 2.51
CA THR A 79 0.69 79.20 3.91
C THR A 79 -0.70 79.17 4.53
N LEU A 80 -0.88 78.48 5.65
CA LEU A 80 -2.16 78.40 6.27
C LEU A 80 -1.90 78.65 7.74
N ARG A 81 -2.74 79.40 8.46
CA ARG A 81 -2.47 79.78 9.83
C ARG A 81 -3.22 78.83 10.79
N ASP A 82 -2.68 78.52 11.99
CA ASP A 82 -3.35 77.67 13.01
C ASP A 82 -4.56 78.35 13.52
N CYS A 83 -5.67 77.65 13.71
CA CYS A 83 -6.81 78.31 14.33
C CYS A 83 -6.62 78.62 15.82
N ASN A 84 -5.58 78.05 16.40
CA ASN A 84 -5.22 78.37 17.75
C ASN A 84 -4.71 79.78 17.89
N SER A 85 -3.94 80.22 16.89
CA SER A 85 -3.26 81.50 16.92
C SER A 85 -4.16 82.69 16.53
N LEU A 86 -5.41 82.41 16.24
CA LEU A 86 -6.36 83.43 15.90
C LEU A 86 -7.35 83.55 17.05
N PRO A 87 -7.35 84.71 17.71
CA PRO A 87 -8.03 84.71 18.99
C PRO A 87 -9.53 84.75 18.90
N GLY A 88 -10.16 83.91 19.72
CA GLY A 88 -11.59 83.87 19.94
C GLY A 88 -12.36 83.46 18.70
N VAL A 89 -11.80 82.50 17.98
CA VAL A 89 -12.44 82.11 16.77
C VAL A 89 -13.20 80.80 16.96
N MET A 90 -13.85 80.63 18.13
CA MET A 90 -14.49 79.34 18.53
C MET A 90 -15.82 78.90 17.81
N GLY A 91 -15.78 77.74 17.11
CA GLY A 91 -16.80 77.23 16.13
C GLY A 91 -16.39 77.04 14.64
N THR A 92 -15.79 78.07 14.02
CA THR A 92 -15.77 78.27 12.57
C THR A 92 -14.46 78.19 11.86
N CYS A 93 -13.37 78.46 12.53
CA CYS A 93 -12.07 78.41 11.87
C CYS A 93 -11.65 77.04 11.32
N LYS A 94 -11.21 77.03 10.07
CA LYS A 94 -10.82 75.85 9.34
C LYS A 94 -9.34 75.86 8.95
N GLU A 95 -8.81 74.70 8.57
CA GLU A 95 -7.41 74.52 8.31
C GLU A 95 -7.23 73.79 6.98
N THR A 96 -8.25 73.83 6.14
CA THR A 96 -8.25 73.13 4.84
C THR A 96 -8.91 73.99 3.78
N PHE A 97 -8.65 73.69 2.53
CA PHE A 97 -9.35 74.33 1.45
C PHE A 97 -9.64 73.37 0.32
N ASN A 98 -10.64 73.70 -0.48
CA ASN A 98 -11.04 72.80 -1.57
C ASN A 98 -10.55 73.22 -2.95
N LEU A 99 -10.22 72.23 -3.74
CA LEU A 99 -9.57 72.43 -5.02
C LEU A 99 -10.46 71.80 -6.10
N TYR A 100 -10.81 72.57 -7.13
CA TYR A 100 -11.72 72.15 -8.19
C TYR A 100 -11.11 72.38 -9.55
N TYR A 101 -11.72 71.78 -10.57
CA TYR A 101 -11.46 72.17 -11.95
C TYR A 101 -12.75 71.95 -12.74
N TYR A 102 -12.85 72.62 -13.88
CA TYR A 102 -13.75 72.16 -14.92
C TYR A 102 -13.21 72.38 -16.31
N GLU A 103 -13.50 71.41 -17.18
CA GLU A 103 -13.07 71.44 -18.58
C GLU A 103 -14.05 72.22 -19.44
N SER A 104 -13.51 73.00 -20.39
CA SER A 104 -14.35 73.78 -21.32
C SER A 104 -13.59 74.21 -22.55
N ASP A 105 -14.26 74.29 -23.70
CA ASP A 105 -13.68 74.86 -24.94
C ASP A 105 -13.96 76.34 -25.02
N ASN A 106 -14.80 76.83 -24.12
CA ASN A 106 -15.12 78.25 -23.99
C ASN A 106 -14.09 78.97 -23.10
N ASP A 107 -13.19 79.75 -23.70
CA ASP A 107 -12.13 80.45 -22.97
C ASP A 107 -12.59 81.79 -22.41
N LYS A 108 -13.85 82.09 -22.57
CA LYS A 108 -14.35 83.39 -22.15
C LYS A 108 -15.60 83.18 -21.29
N GLU A 109 -15.61 82.13 -20.47
CA GLU A 109 -16.72 81.95 -19.53
C GLU A 109 -16.52 82.93 -18.44
N ARG A 110 -17.47 83.83 -18.31
CA ARG A 110 -17.19 85.04 -17.60
C ARG A 110 -17.50 84.80 -16.14
N PHE A 111 -18.42 83.88 -15.89
CA PHE A 111 -18.98 83.75 -14.58
C PHE A 111 -18.77 82.36 -14.02
N ILE A 112 -18.05 82.30 -12.88
CA ILE A 112 -17.84 81.06 -12.13
C ILE A 112 -19.13 80.24 -12.15
N ARG A 113 -19.02 79.05 -12.73
CA ARG A 113 -20.06 78.05 -12.69
C ARG A 113 -20.47 77.73 -11.25
N GLU A 114 -21.73 77.44 -11.03
CA GLU A 114 -22.19 77.21 -9.67
C GLU A 114 -22.51 75.74 -9.40
N ASN A 115 -22.29 74.90 -10.39
CA ASN A 115 -22.64 73.48 -10.29
C ASN A 115 -21.56 72.56 -10.88
N GLN A 116 -21.00 73.00 -12.01
CA GLN A 116 -20.34 72.11 -12.92
C GLN A 116 -18.90 71.81 -12.53
N PHE A 117 -18.44 72.45 -11.47
CA PHE A 117 -17.08 72.27 -10.95
C PHE A 117 -16.85 70.85 -10.38
N VAL A 118 -15.68 70.26 -10.55
CA VAL A 118 -15.49 68.92 -9.98
C VAL A 118 -14.32 68.83 -9.05
N LYS A 119 -14.60 68.42 -7.82
CA LYS A 119 -13.62 68.45 -6.77
C LYS A 119 -12.42 67.56 -7.01
N ILE A 120 -11.24 68.16 -7.00
CA ILE A 120 -10.03 67.44 -7.15
C ILE A 120 -9.63 66.90 -5.78
N ASP A 121 -9.65 67.70 -4.74
CA ASP A 121 -9.23 67.23 -3.43
C ASP A 121 -9.49 68.22 -2.36
N THR A 122 -9.41 67.79 -1.10
CA THR A 122 -9.36 68.68 0.03
C THR A 122 -7.91 68.77 0.38
N ILE A 123 -7.38 69.99 0.44
CA ILE A 123 -5.96 70.25 0.67
C ILE A 123 -5.75 70.69 2.12
N ALA A 124 -4.86 70.01 2.82
CA ALA A 124 -4.56 70.31 4.19
C ALA A 124 -3.10 70.72 4.27
N ALA A 125 -2.65 71.26 5.40
CA ALA A 125 -1.28 71.78 5.44
C ALA A 125 -0.42 70.88 6.28
N ASP A 126 0.88 70.92 6.08
CA ASP A 126 1.75 70.15 6.95
C ASP A 126 2.47 71.03 7.96
N GLU A 127 2.44 72.33 7.74
CA GLU A 127 3.16 73.25 8.61
C GLU A 127 2.32 74.50 8.93
N SER A 128 1.14 74.29 9.49
CA SER A 128 0.29 75.40 9.90
C SER A 128 1.12 76.39 10.74
N PHE A 129 0.94 77.68 10.52
CA PHE A 129 1.79 78.67 11.21
C PHE A 129 1.13 79.41 12.37
N THR A 130 1.98 80.06 13.16
CA THR A 130 1.59 80.66 14.44
C THR A 130 2.27 81.98 14.71
N GLN A 131 1.72 82.70 15.70
CA GLN A 131 2.21 84.01 16.08
C GLN A 131 3.72 84.08 16.11
N VAL A 132 4.34 83.00 16.56
CA VAL A 132 5.78 83.03 16.71
C VAL A 132 6.47 83.11 15.37
N ASP A 133 5.96 82.37 14.40
CA ASP A 133 6.54 82.36 13.08
C ASP A 133 6.51 83.74 12.47
N ILE A 134 5.39 84.45 12.62
CA ILE A 134 5.30 85.82 12.18
C ILE A 134 6.38 86.57 12.90
N GLY A 135 6.43 86.41 14.22
CA GLY A 135 7.41 87.09 15.07
C GLY A 135 8.82 86.92 14.54
N ASP A 136 9.18 85.68 14.23
CA ASP A 136 10.55 85.42 13.83
C ASP A 136 10.76 85.40 12.32
N ARG A 137 9.71 85.55 11.53
CA ARG A 137 9.93 85.64 10.12
C ARG A 137 10.33 84.25 9.62
N ILE A 138 9.62 83.23 10.12
CA ILE A 138 9.74 81.91 9.55
C ILE A 138 8.56 81.73 8.62
N MET A 139 8.83 81.37 7.38
CA MET A 139 7.77 81.24 6.40
C MET A 139 7.42 79.81 6.19
N LYS A 140 6.51 79.28 7.00
CA LYS A 140 6.23 77.86 6.86
C LYS A 140 5.42 77.56 5.62
N LEU A 141 6.12 77.18 4.56
CA LEU A 141 5.51 77.13 3.26
C LEU A 141 5.22 75.74 2.84
N ASN A 142 3.94 75.48 2.60
CA ASN A 142 3.48 74.20 2.15
C ASN A 142 3.53 74.00 0.64
N THR A 143 3.87 72.79 0.20
CA THR A 143 3.65 72.40 -1.18
C THR A 143 2.76 71.18 -1.30
N GLU A 144 1.71 71.25 -2.08
CA GLU A 144 0.91 70.10 -2.45
C GLU A 144 0.77 70.00 -3.98
N ILE A 145 0.83 68.76 -4.49
CA ILE A 145 0.57 68.49 -5.88
C ILE A 145 -0.61 67.52 -5.98
N ARG A 146 -1.53 67.82 -6.89
CA ARG A 146 -2.59 66.90 -7.31
C ARG A 146 -2.54 66.87 -8.82
N ASP A 147 -3.31 65.97 -9.42
CA ASP A 147 -3.27 65.81 -10.90
C ASP A 147 -4.66 65.44 -11.36
N VAL A 148 -5.02 65.74 -12.60
CA VAL A 148 -6.38 65.44 -13.06
C VAL A 148 -6.35 64.92 -14.49
N GLY A 149 -7.44 64.24 -14.87
CA GLY A 149 -7.56 63.67 -16.17
C GLY A 149 -8.18 62.30 -16.16
N PRO A 150 -8.29 61.69 -17.35
CA PRO A 150 -7.84 62.18 -18.67
C PRO A 150 -8.67 63.37 -19.17
N LEU A 151 -7.97 64.42 -19.58
CA LEU A 151 -8.61 65.64 -19.99
C LEU A 151 -8.88 65.57 -21.48
N SER A 152 -10.05 66.05 -21.91
CA SER A 152 -10.45 65.94 -23.32
C SER A 152 -10.71 67.25 -24.08
N LYS A 153 -11.11 68.33 -23.39
CA LYS A 153 -11.46 69.61 -24.06
C LYS A 153 -10.28 70.54 -24.30
N LYS A 154 -10.46 71.57 -25.11
CA LYS A 154 -9.37 72.47 -25.42
C LYS A 154 -8.68 73.01 -24.18
N GLY A 155 -9.43 73.22 -23.12
CA GLY A 155 -8.91 73.81 -21.90
C GLY A 155 -9.67 73.47 -20.65
N PHE A 156 -9.27 74.09 -19.54
CA PHE A 156 -9.98 73.99 -18.27
C PHE A 156 -9.75 75.22 -17.42
N TYR A 157 -10.59 75.38 -16.40
CA TYR A 157 -10.38 76.36 -15.34
C TYR A 157 -9.98 75.63 -14.03
N LEU A 158 -9.18 76.27 -13.16
CA LEU A 158 -8.99 75.79 -11.78
C LEU A 158 -9.70 76.64 -10.76
N ALA A 159 -10.20 76.06 -9.68
CA ALA A 159 -10.70 76.87 -8.60
C ALA A 159 -10.36 76.44 -7.20
N PHE A 160 -10.47 77.38 -6.29
CA PHE A 160 -10.13 77.19 -4.91
C PHE A 160 -11.28 77.67 -4.13
N GLN A 161 -11.82 76.85 -3.25
CA GLN A 161 -12.88 77.37 -2.45
C GLN A 161 -12.41 77.39 -1.04
N ASP A 162 -12.63 78.52 -0.38
CA ASP A 162 -12.31 78.73 1.00
C ASP A 162 -13.59 78.69 1.78
N VAL A 163 -13.61 77.89 2.85
CA VAL A 163 -14.82 77.79 3.66
C VAL A 163 -14.61 78.30 5.09
N GLY A 164 -13.56 79.08 5.30
CA GLY A 164 -13.18 79.47 6.65
C GLY A 164 -11.75 79.30 7.12
N ALA A 165 -10.81 79.06 6.23
CA ALA A 165 -9.43 79.11 6.64
C ALA A 165 -8.82 80.51 6.59
N CYS A 166 -7.57 80.60 7.04
CA CYS A 166 -6.83 81.82 6.99
C CYS A 166 -5.57 81.53 6.19
N ILE A 167 -5.60 81.78 4.89
CA ILE A 167 -4.60 81.20 3.99
C ILE A 167 -4.08 82.14 2.91
N ALA A 168 -2.88 81.93 2.40
CA ALA A 168 -2.23 82.83 1.47
C ALA A 168 -1.63 81.97 0.34
N LEU A 169 -2.06 82.20 -0.89
CA LEU A 169 -1.62 81.33 -1.99
C LEU A 169 -0.41 81.97 -2.52
N VAL A 170 0.73 81.35 -2.33
CA VAL A 170 1.97 81.97 -2.76
C VAL A 170 2.25 81.68 -4.20
N SER A 171 2.16 80.42 -4.62
CA SER A 171 2.12 80.14 -6.06
C SER A 171 1.24 78.97 -6.51
N VAL A 172 0.77 79.11 -7.75
CA VAL A 172 0.06 78.07 -8.45
C VAL A 172 0.80 77.81 -9.76
N ARG A 173 1.17 76.58 -10.01
CA ARG A 173 1.83 76.28 -11.27
C ARG A 173 1.15 75.03 -11.80
N VAL A 174 0.87 75.04 -13.09
CA VAL A 174 0.09 73.95 -13.66
C VAL A 174 0.91 73.40 -14.79
N PHE A 175 1.06 72.10 -14.86
CA PHE A 175 1.93 71.56 -15.93
C PHE A 175 1.57 70.13 -16.30
N TYR A 176 2.14 69.69 -17.43
CA TYR A 176 2.04 68.29 -17.86
C TYR A 176 3.42 67.72 -18.03
N LYS A 177 3.52 66.39 -18.15
CA LYS A 177 4.86 65.74 -18.30
C LYS A 177 5.11 65.13 -19.67
N LYS A 178 6.37 65.11 -20.08
CA LYS A 178 6.74 64.58 -21.38
C LYS A 178 8.08 63.87 -21.26
N CYS A 179 8.34 62.88 -22.13
CA CYS A 179 9.65 62.26 -22.20
C CYS A 179 10.33 63.06 -23.27
N PRO A 180 11.46 63.68 -22.90
CA PRO A 180 12.19 64.59 -23.79
C PRO A 180 12.80 63.88 -24.98
N LEU A 181 13.03 64.65 -26.05
CA LEU A 181 13.72 64.14 -27.22
C LEU A 181 15.03 63.54 -26.76
N THR A 182 15.31 62.32 -27.22
CA THR A 182 16.54 61.61 -26.83
C THR A 182 16.99 60.66 -27.94
N VAL A 183 18.28 60.26 -27.86
CA VAL A 183 18.83 59.20 -28.72
C VAL A 183 19.27 57.97 -27.92
N ARG A 184 18.70 56.82 -28.26
CA ARG A 184 19.08 55.59 -27.58
C ARG A 184 19.41 54.55 -28.61
N ASN A 185 20.58 53.92 -28.44
CA ASN A 185 21.05 52.89 -29.35
C ASN A 185 20.96 53.41 -30.80
N LEU A 186 21.53 54.60 -30.99
CA LEU A 186 21.60 55.27 -32.28
C LEU A 186 20.27 55.45 -33.02
N ALA A 187 19.16 55.41 -32.27
CA ALA A 187 17.85 55.86 -32.79
C ALA A 187 17.35 57.11 -32.05
N GLN A 188 16.75 58.03 -32.80
CA GLN A 188 16.16 59.22 -32.20
C GLN A 188 14.69 59.06 -31.86
N PHE A 189 14.34 59.45 -30.64
CA PHE A 189 12.96 59.46 -30.17
C PHE A 189 12.49 60.90 -29.90
N PRO A 190 11.33 61.26 -30.45
CA PRO A 190 10.76 62.61 -30.34
C PRO A 190 10.25 62.94 -28.94
N ASP A 191 10.21 64.24 -28.61
CA ASP A 191 9.44 64.70 -27.44
C ASP A 191 8.11 63.97 -27.43
N THR A 192 7.78 63.31 -26.33
CA THR A 192 6.53 62.55 -26.30
C THR A 192 5.72 62.90 -25.05
N ILE A 193 4.52 63.43 -25.25
CA ILE A 193 3.61 63.76 -24.13
C ILE A 193 3.18 62.47 -23.43
N THR A 194 3.15 62.46 -22.12
CA THR A 194 2.72 61.27 -21.40
C THR A 194 1.25 60.88 -21.68
N GLY A 195 0.90 59.64 -21.35
CA GLY A 195 -0.44 59.14 -21.59
C GLY A 195 -1.47 59.56 -20.56
N ALA A 196 -2.63 58.91 -20.59
CA ALA A 196 -3.82 59.40 -19.89
C ALA A 196 -3.84 59.12 -18.42
N ASP A 197 -3.21 58.04 -18.00
CA ASP A 197 -3.18 57.74 -16.58
C ASP A 197 -1.77 57.79 -16.07
N THR A 198 -1.62 57.78 -14.76
CA THR A 198 -0.32 57.92 -14.15
C THR A 198 0.42 56.60 -14.26
N SER A 199 -0.25 55.58 -14.79
CA SER A 199 0.39 54.28 -15.03
C SER A 199 0.47 53.97 -16.53
N SER A 200 0.16 54.96 -17.37
CA SER A 200 0.18 54.79 -18.80
C SER A 200 1.58 54.76 -19.33
N LEU A 201 1.83 53.83 -20.25
CA LEU A 201 3.04 53.83 -21.10
C LEU A 201 2.71 54.21 -22.53
N VAL A 202 3.54 55.01 -23.15
CA VAL A 202 3.30 55.33 -24.56
C VAL A 202 4.43 54.73 -25.36
N GLU A 203 4.07 53.85 -26.30
CA GLU A 203 5.04 53.24 -27.22
C GLU A 203 5.47 54.23 -28.32
N VAL A 204 6.76 54.34 -28.53
CA VAL A 204 7.25 55.26 -29.50
C VAL A 204 8.24 54.50 -30.36
N ARG A 205 8.08 54.59 -31.67
CA ARG A 205 9.05 54.02 -32.58
C ARG A 205 10.12 55.08 -32.88
N GLY A 206 11.39 54.72 -32.76
CA GLY A 206 12.48 55.64 -33.09
C GLY A 206 12.89 55.70 -34.55
N SER A 207 13.75 56.67 -34.89
CA SER A 207 14.29 56.86 -36.26
C SER A 207 15.80 56.78 -36.21
N CYS A 208 16.38 55.97 -37.10
CA CYS A 208 17.84 55.74 -37.08
C CYS A 208 18.56 57.03 -37.34
N VAL A 209 19.55 57.31 -36.51
CA VAL A 209 20.32 58.52 -36.67
C VAL A 209 21.09 58.51 -37.98
N ASN A 210 21.29 59.72 -38.47
CA ASN A 210 22.22 60.02 -39.51
C ASN A 210 23.60 59.67 -38.96
N ASN A 211 24.35 58.74 -39.57
CA ASN A 211 23.93 57.88 -40.66
C ASN A 211 24.26 56.45 -40.20
N SER A 212 23.22 55.65 -40.08
CA SER A 212 23.32 54.36 -39.45
C SER A 212 22.21 53.46 -40.00
N GLU A 213 22.28 52.17 -39.70
CA GLU A 213 21.32 51.24 -40.28
C GLU A 213 20.60 50.45 -39.23
N GLU A 214 19.31 50.22 -39.43
CA GLU A 214 18.56 49.50 -38.40
C GLU A 214 18.87 48.03 -38.36
N LYS A 215 19.12 47.53 -37.16
CA LYS A 215 19.35 46.11 -36.94
C LYS A 215 18.01 45.50 -36.54
N ASP A 216 17.55 45.84 -35.33
CA ASP A 216 16.21 45.48 -34.89
C ASP A 216 15.40 46.76 -34.72
N VAL A 217 14.10 46.68 -34.98
CA VAL A 217 13.24 47.87 -34.99
C VAL A 217 13.37 48.61 -33.65
N PRO A 218 13.78 49.89 -33.68
CA PRO A 218 13.98 50.68 -32.46
C PRO A 218 12.66 51.19 -31.84
N LYS A 219 12.46 50.85 -30.57
CA LYS A 219 11.27 51.20 -29.85
C LYS A 219 11.64 51.58 -28.42
N MET A 220 10.84 52.47 -27.84
CA MET A 220 11.00 52.79 -26.44
C MET A 220 9.69 53.23 -25.82
N TYR A 221 9.57 53.00 -24.52
CA TYR A 221 8.34 53.37 -23.84
C TYR A 221 8.46 54.64 -22.99
N CYS A 222 7.44 55.51 -23.06
CA CYS A 222 7.39 56.75 -22.30
C CYS A 222 6.60 56.60 -21.05
N GLY A 223 7.28 56.70 -19.90
CA GLY A 223 6.64 56.59 -18.59
C GLY A 223 5.85 57.82 -18.16
N ALA A 224 4.80 57.61 -17.38
CA ALA A 224 3.98 58.69 -16.84
C ALA A 224 4.74 59.81 -16.14
N ASP A 225 5.86 59.44 -15.55
CA ASP A 225 6.73 60.38 -14.83
C ASP A 225 7.75 61.03 -15.75
N GLY A 226 7.62 60.86 -17.05
CA GLY A 226 8.50 61.58 -17.97
C GLY A 226 9.87 60.97 -18.21
N GLU A 227 10.12 59.83 -17.56
CA GLU A 227 11.31 59.01 -17.80
C GLU A 227 11.02 58.02 -18.91
N TRP A 228 11.94 57.93 -19.87
CA TRP A 228 11.91 56.87 -20.88
C TRP A 228 12.22 55.56 -20.24
N LEU A 229 11.44 54.55 -20.56
CA LEU A 229 11.64 53.25 -19.96
C LEU A 229 12.42 52.32 -20.86
N VAL A 230 12.46 51.03 -20.52
CA VAL A 230 13.47 50.11 -21.09
C VAL A 230 13.28 49.92 -22.61
N PRO A 231 14.34 50.27 -23.38
CA PRO A 231 14.24 50.28 -24.83
C PRO A 231 14.37 48.88 -25.36
N ILE A 232 14.07 48.72 -26.64
CA ILE A 232 14.28 47.49 -27.38
C ILE A 232 14.66 47.89 -28.81
N GLY A 233 15.51 47.12 -29.45
CA GLY A 233 15.97 47.44 -30.81
C GLY A 233 17.18 48.36 -30.84
N ASN A 234 17.82 48.47 -32.01
CA ASN A 234 19.00 49.34 -32.22
C ASN A 234 19.34 49.68 -33.69
N CYS A 235 20.17 50.69 -33.87
CA CYS A 235 20.78 50.97 -35.15
C CYS A 235 22.30 50.86 -34.98
N LEU A 236 22.98 50.52 -36.08
CA LEU A 236 24.45 50.40 -36.13
C LEU A 236 25.03 51.43 -37.08
N CYS A 237 26.18 51.98 -36.68
CA CYS A 237 26.85 52.98 -37.49
C CYS A 237 27.35 52.36 -38.80
N ASN A 238 27.00 52.99 -39.93
CA ASN A 238 27.51 52.57 -41.24
C ASN A 238 29.01 52.46 -41.25
N ALA A 239 29.52 51.65 -42.17
CA ALA A 239 30.96 51.51 -42.40
C ALA A 239 31.60 52.88 -42.62
N GLY A 240 32.75 53.11 -41.99
CA GLY A 240 33.45 54.38 -42.10
C GLY A 240 33.01 55.38 -41.07
N HIS A 241 32.11 54.95 -40.19
CA HIS A 241 31.57 55.80 -39.16
C HIS A 241 31.56 55.09 -37.84
N GLU A 242 31.70 55.84 -36.74
CA GLU A 242 31.59 55.28 -35.39
C GLU A 242 30.67 56.09 -34.51
N GLU A 243 30.15 55.43 -33.48
CA GLU A 243 29.27 56.05 -32.46
C GLU A 243 30.06 56.92 -31.50
N ARG A 244 29.66 58.18 -31.44
CA ARG A 244 30.20 59.12 -30.47
C ARG A 244 29.06 60.02 -30.05
N SER A 245 28.90 60.17 -28.73
CA SER A 245 27.69 60.76 -28.16
C SER A 245 26.54 59.89 -28.67
N GLY A 246 25.59 60.52 -29.37
CA GLY A 246 24.48 59.81 -29.95
C GLY A 246 24.47 60.07 -31.43
N GLU A 247 25.67 60.16 -32.01
CA GLU A 247 25.82 60.36 -33.44
C GLU A 247 26.71 59.27 -34.04
N CYS A 248 26.59 59.08 -35.35
CA CYS A 248 27.53 58.30 -36.15
C CYS A 248 28.42 59.29 -36.86
N GLN A 249 29.61 59.50 -36.33
CA GLN A 249 30.56 60.43 -36.97
C GLN A 249 31.55 59.69 -37.89
N ALA A 250 31.90 60.32 -39.00
CA ALA A 250 32.90 59.81 -39.94
C ALA A 250 34.24 59.53 -39.27
N CYS A 251 34.88 58.41 -39.63
CA CYS A 251 36.20 58.01 -39.09
C CYS A 251 37.26 59.07 -39.31
N LYS A 252 38.10 59.28 -38.30
CA LYS A 252 39.12 60.31 -38.40
C LYS A 252 40.15 59.96 -39.47
N ILE A 253 40.83 60.97 -39.98
CA ILE A 253 41.96 60.76 -40.88
C ILE A 253 42.96 59.77 -40.23
N GLY A 254 43.39 58.78 -41.01
CA GLY A 254 44.33 57.76 -40.53
C GLY A 254 43.62 56.58 -39.88
N TYR A 255 42.29 56.69 -39.80
CA TYR A 255 41.44 55.65 -39.27
C TYR A 255 40.44 55.14 -40.30
N TYR A 256 39.92 53.94 -40.05
CA TYR A 256 38.99 53.28 -40.97
C TYR A 256 38.06 52.34 -40.20
N LYS A 257 36.91 52.02 -40.80
CA LYS A 257 36.06 50.96 -40.30
C LYS A 257 35.44 50.26 -41.50
N ALA A 258 35.61 48.94 -41.57
CA ALA A 258 35.27 48.18 -42.77
C ALA A 258 33.78 47.87 -42.95
N LEU A 259 33.16 47.34 -41.90
CA LEU A 259 31.73 47.02 -41.93
C LEU A 259 30.94 47.72 -40.83
N SER A 260 29.62 47.76 -40.99
CA SER A 260 28.76 48.31 -39.96
C SER A 260 28.86 47.46 -38.68
N THR A 261 29.03 46.15 -38.87
CA THR A 261 29.05 45.22 -37.75
C THR A 261 30.32 45.31 -36.91
N ASP A 262 31.22 46.20 -37.31
CA ASP A 262 32.47 46.42 -36.58
C ASP A 262 32.28 47.48 -35.48
N ALA A 263 32.94 47.27 -34.33
CA ALA A 263 32.70 48.06 -33.10
C ALA A 263 32.96 49.56 -33.24
N THR A 264 34.22 49.95 -33.44
CA THR A 264 34.63 51.36 -33.53
C THR A 264 35.55 51.54 -34.76
N CYS A 265 36.08 52.75 -34.98
CA CYS A 265 37.15 52.92 -35.97
C CYS A 265 38.41 52.35 -35.36
N ALA A 266 39.29 51.83 -36.22
CA ALA A 266 40.65 51.45 -35.84
C ALA A 266 41.57 52.29 -36.72
N LYS A 267 42.84 52.41 -36.31
CA LYS A 267 43.87 53.05 -37.16
C LYS A 267 44.35 52.09 -38.24
N CYS A 268 44.73 52.65 -39.40
CA CYS A 268 45.27 51.86 -40.51
C CYS A 268 46.48 51.00 -40.09
N PRO A 269 46.42 49.66 -40.35
CA PRO A 269 47.49 48.73 -39.99
C PRO A 269 48.76 49.06 -40.78
N PRO A 270 49.92 48.48 -40.37
CA PRO A 270 51.21 48.73 -41.03
C PRO A 270 51.18 48.68 -42.56
N HIS A 271 51.69 49.76 -43.15
CA HIS A 271 51.91 49.90 -44.59
C HIS A 271 50.67 50.11 -45.40
N SER A 272 49.63 50.60 -44.72
CA SER A 272 48.39 51.09 -45.36
C SER A 272 48.04 52.45 -44.79
N TYR A 273 47.31 53.24 -45.58
CA TYR A 273 46.85 54.53 -45.12
C TYR A 273 45.52 54.96 -45.69
N SER A 274 44.77 55.73 -44.90
CA SER A 274 43.51 56.31 -45.33
C SER A 274 43.64 57.83 -45.30
N VAL A 275 43.58 58.46 -46.46
CA VAL A 275 43.76 59.90 -46.57
C VAL A 275 42.46 60.69 -46.38
N TRP A 276 41.33 59.99 -46.43
CA TRP A 276 40.02 60.63 -46.23
C TRP A 276 39.31 60.18 -44.99
N GLU A 277 38.50 61.08 -44.45
CA GLU A 277 37.63 60.72 -43.35
C GLU A 277 36.52 59.85 -43.87
N GLY A 278 35.99 59.00 -43.00
CA GLY A 278 34.93 58.09 -43.40
C GLY A 278 35.45 56.94 -44.24
N ALA A 279 36.70 56.54 -43.97
CA ALA A 279 37.38 55.50 -44.72
C ALA A 279 36.93 54.08 -44.36
N THR A 280 36.45 53.32 -45.35
CA THR A 280 36.05 51.91 -45.16
C THR A 280 37.21 50.93 -45.38
N SER A 281 38.31 51.46 -45.92
CA SER A 281 39.48 50.67 -46.29
C SER A 281 40.70 51.56 -46.21
N CYS A 282 41.87 50.96 -46.08
CA CYS A 282 43.10 51.73 -46.20
C CYS A 282 43.85 51.41 -47.49
N THR A 283 44.17 52.45 -48.26
CA THR A 283 44.99 52.32 -49.45
C THR A 283 46.42 51.99 -49.05
N CYS A 284 46.91 50.84 -49.52
CA CYS A 284 48.25 50.38 -49.18
C CYS A 284 49.24 51.47 -49.55
N ASP A 285 50.29 51.56 -48.76
CA ASP A 285 51.40 52.46 -49.06
C ASP A 285 52.22 52.04 -50.29
N ARG A 286 53.01 52.99 -50.78
CA ARG A 286 53.85 52.80 -51.96
C ARG A 286 54.71 51.53 -51.88
N GLY A 287 54.58 50.68 -52.89
CA GLY A 287 55.33 49.44 -52.99
C GLY A 287 54.73 48.29 -52.22
N PHE A 288 53.63 48.53 -51.52
CA PHE A 288 53.00 47.52 -50.67
C PHE A 288 51.69 47.02 -51.24
N PHE A 289 51.25 45.83 -50.81
CA PHE A 289 50.09 45.15 -51.42
C PHE A 289 49.36 44.20 -50.44
N ARG A 290 48.29 43.56 -50.90
CA ARG A 290 47.64 42.50 -50.15
C ARG A 290 47.16 41.42 -51.08
N ALA A 291 47.30 40.16 -50.66
CA ALA A 291 46.92 39.01 -51.50
C ALA A 291 45.41 38.85 -51.69
N ASP A 292 45.02 38.02 -52.67
CA ASP A 292 43.62 37.70 -52.94
C ASP A 292 42.97 37.11 -51.67
N ASN A 293 43.70 36.23 -50.99
CA ASN A 293 43.37 35.80 -49.63
C ASN A 293 43.80 36.92 -48.71
N ASP A 294 42.84 37.56 -48.08
CA ASP A 294 43.06 38.92 -47.63
C ASP A 294 42.23 39.27 -46.39
N ALA A 295 42.72 40.27 -45.65
CA ALA A 295 41.88 41.07 -44.75
C ALA A 295 42.43 42.49 -44.75
N ALA A 296 41.55 43.47 -44.94
CA ALA A 296 41.93 44.90 -44.93
C ALA A 296 42.44 45.32 -43.54
N SER A 297 42.11 44.48 -42.57
CA SER A 297 42.61 44.56 -41.22
C SER A 297 44.11 44.27 -41.18
N MET A 298 44.48 43.23 -41.94
CA MET A 298 45.87 42.72 -42.02
C MET A 298 46.75 43.73 -42.75
N PRO A 299 47.99 43.95 -42.27
CA PRO A 299 48.89 44.97 -42.79
C PRO A 299 49.41 44.60 -44.17
N CYS A 300 49.80 45.62 -44.96
CA CYS A 300 50.31 45.41 -46.33
C CYS A 300 51.78 45.00 -46.32
N THR A 301 52.16 44.15 -47.27
CA THR A 301 53.49 43.55 -47.28
C THR A 301 54.18 43.80 -48.61
N ARG A 302 55.44 43.34 -48.72
CA ARG A 302 56.24 43.54 -49.94
C ARG A 302 56.98 42.26 -50.41
N PRO A 303 57.37 42.19 -51.71
CA PRO A 303 58.20 41.11 -52.22
C PRO A 303 59.51 41.05 -51.45
N PRO A 304 60.03 39.85 -51.20
CA PRO A 304 61.19 39.79 -50.33
C PRO A 304 62.49 40.24 -51.02
N SER A 305 63.59 40.23 -50.29
CA SER A 305 64.92 40.43 -50.87
C SER A 305 65.36 39.12 -51.55
N ALA A 306 66.59 39.11 -52.07
CA ALA A 306 67.18 37.92 -52.72
C ALA A 306 67.52 36.86 -51.69
N PRO A 307 67.36 35.57 -52.02
CA PRO A 307 67.76 34.56 -51.03
C PRO A 307 69.28 34.54 -50.86
N LEU A 308 69.75 34.01 -49.73
CA LEU A 308 71.13 34.21 -49.27
C LEU A 308 71.90 32.90 -49.14
N ASN A 309 73.23 33.02 -49.19
CA ASN A 309 74.19 31.90 -49.16
C ASN A 309 73.74 30.80 -50.08
N LEU A 310 73.70 31.13 -51.37
CA LEU A 310 73.45 30.15 -52.40
C LEU A 310 74.62 29.17 -52.41
N ILE A 311 74.29 27.90 -52.23
CA ILE A 311 75.29 26.87 -51.95
C ILE A 311 75.06 25.63 -52.82
N SER A 312 75.99 25.42 -53.72
CA SER A 312 75.86 24.42 -54.77
C SER A 312 76.64 23.15 -54.54
N ASN A 313 75.98 22.02 -54.82
CA ASN A 313 76.62 20.72 -54.86
C ASN A 313 76.34 20.12 -56.20
N VAL A 314 77.25 19.25 -56.67
CA VAL A 314 77.11 18.69 -58.01
C VAL A 314 77.63 17.26 -58.12
N ASN A 315 76.91 16.45 -58.87
CA ASN A 315 77.42 15.14 -59.22
C ASN A 315 77.53 15.13 -60.73
N GLU A 316 77.98 14.02 -61.32
CA GLU A 316 78.39 14.00 -62.74
C GLU A 316 77.40 14.65 -63.69
N THR A 317 76.13 14.40 -63.46
CA THR A 317 75.09 14.90 -64.33
C THR A 317 73.86 15.22 -63.47
N SER A 318 74.10 15.91 -62.35
CA SER A 318 73.06 16.23 -61.39
C SER A 318 73.50 17.33 -60.42
N VAL A 319 72.68 18.37 -60.27
CA VAL A 319 73.01 19.51 -59.39
C VAL A 319 72.07 19.56 -58.18
N ASN A 320 72.65 19.58 -56.97
CA ASN A 320 71.87 19.75 -55.75
C ASN A 320 72.09 21.10 -55.13
N LEU A 321 70.98 21.79 -54.88
CA LEU A 321 71.04 23.17 -54.46
C LEU A 321 70.44 23.44 -53.06
N GLU A 322 70.95 24.47 -52.39
CA GLU A 322 70.58 24.84 -51.02
C GLU A 322 70.90 26.30 -50.71
N TRP A 323 69.94 27.00 -50.12
CA TRP A 323 70.08 28.43 -49.85
C TRP A 323 69.43 28.75 -48.54
N SER A 324 69.39 30.02 -48.18
CA SER A 324 68.82 30.39 -46.89
C SER A 324 67.82 31.54 -47.03
N SER A 325 66.86 31.58 -46.11
CA SER A 325 65.86 32.65 -46.03
C SER A 325 66.47 34.03 -46.31
N PRO A 326 65.77 34.88 -47.07
CA PRO A 326 66.29 36.19 -47.43
C PRO A 326 66.50 37.06 -46.22
N GLN A 327 67.15 38.20 -46.42
CA GLN A 327 67.35 39.16 -45.35
C GLN A 327 66.04 39.77 -44.85
N ASN A 328 65.23 40.26 -45.79
CA ASN A 328 63.92 40.86 -45.50
C ASN A 328 62.79 40.02 -46.09
N THR A 329 61.93 39.45 -45.25
CA THR A 329 60.83 38.62 -45.77
C THR A 329 59.67 39.47 -46.34
N GLY A 330 59.61 40.73 -45.93
CA GLY A 330 58.58 41.64 -46.45
C GLY A 330 57.56 42.24 -45.49
N GLY A 331 56.93 41.46 -44.60
CA GLY A 331 57.18 40.04 -44.42
C GLY A 331 55.95 39.18 -44.23
N ARG A 332 56.10 37.87 -44.46
CA ARG A 332 55.01 36.92 -44.37
C ARG A 332 55.51 35.50 -44.30
N GLN A 333 54.64 34.58 -43.89
CA GLN A 333 54.99 33.17 -43.72
C GLN A 333 54.76 32.35 -44.98
N ASP A 334 54.22 33.00 -46.01
CA ASP A 334 53.89 32.31 -47.25
C ASP A 334 55.04 32.28 -48.30
N ILE A 335 56.25 32.67 -47.88
CA ILE A 335 57.47 32.59 -48.70
C ILE A 335 57.69 31.22 -49.30
N SER A 336 57.97 31.22 -50.59
CA SER A 336 58.25 30.02 -51.36
C SER A 336 59.34 30.37 -52.36
N TYR A 337 59.80 29.38 -53.10
CA TYR A 337 60.83 29.66 -54.06
C TYR A 337 60.56 28.98 -55.36
N ASN A 338 60.90 29.65 -56.46
CA ASN A 338 60.93 29.01 -57.79
C ASN A 338 62.34 28.90 -58.36
N VAL A 339 62.66 27.73 -58.93
CA VAL A 339 63.94 27.47 -59.63
C VAL A 339 63.84 27.67 -61.16
N VAL A 340 64.86 28.29 -61.75
CA VAL A 340 64.90 28.59 -63.19
C VAL A 340 66.20 28.06 -63.80
N CYS A 341 66.11 27.21 -64.83
CA CYS A 341 67.30 26.69 -65.53
C CYS A 341 67.65 27.46 -66.83
N LYS A 342 68.94 27.54 -67.15
CA LYS A 342 69.41 28.26 -68.33
C LYS A 342 70.67 27.58 -68.86
N LYS A 343 71.24 28.08 -69.96
CA LYS A 343 72.45 27.51 -70.55
C LYS A 343 73.26 28.60 -71.28
N CYS A 344 74.53 28.80 -70.93
CA CYS A 344 75.36 29.85 -71.58
C CYS A 344 76.81 29.44 -71.80
N GLY A 345 77.72 30.42 -71.66
CA GLY A 345 79.16 30.20 -71.72
C GLY A 345 79.92 31.51 -71.81
N ALA A 346 80.68 31.67 -72.89
CA ALA A 346 81.36 32.93 -73.21
C ALA A 346 80.34 34.01 -73.56
N GLY A 347 79.11 33.57 -73.83
CA GLY A 347 77.96 34.45 -73.98
C GLY A 347 77.56 35.02 -72.63
N ASP A 348 78.38 35.93 -72.15
CA ASP A 348 78.16 36.65 -70.89
C ASP A 348 76.90 37.50 -70.99
N PRO A 349 76.62 38.01 -72.22
CA PRO A 349 75.49 38.90 -72.51
C PRO A 349 74.10 38.41 -72.11
N SER A 350 73.98 37.20 -71.57
CA SER A 350 72.68 36.62 -71.22
C SER A 350 72.01 36.01 -72.44
N LYS A 351 72.79 35.29 -73.23
CA LYS A 351 72.28 34.67 -74.44
C LYS A 351 72.08 33.20 -74.17
N CYS A 352 71.03 32.90 -73.40
CA CYS A 352 70.90 31.57 -72.86
C CYS A 352 69.56 30.95 -73.13
N ARG A 353 69.51 30.11 -74.14
CA ARG A 353 68.34 29.32 -74.45
C ARG A 353 67.90 28.60 -73.19
N PRO A 354 66.58 28.41 -73.02
CA PRO A 354 65.99 28.08 -71.73
C PRO A 354 66.18 26.65 -71.28
N CYS A 355 66.77 25.79 -72.09
CA CYS A 355 67.04 24.42 -71.65
C CYS A 355 65.79 23.58 -71.44
N GLY A 356 64.62 24.20 -71.56
CA GLY A 356 63.36 23.52 -71.22
C GLY A 356 63.29 22.07 -71.67
N SER A 357 62.95 21.16 -70.76
CA SER A 357 63.10 19.73 -71.04
C SER A 357 62.19 18.84 -70.21
N GLY A 358 62.58 17.57 -70.11
CA GLY A 358 61.93 16.63 -69.21
C GLY A 358 62.76 16.38 -67.97
N VAL A 359 63.48 17.40 -67.52
CA VAL A 359 64.28 17.30 -66.31
C VAL A 359 63.44 17.38 -65.05
N HIS A 360 63.97 16.88 -63.95
CA HIS A 360 63.40 17.09 -62.61
C HIS A 360 64.60 17.33 -61.73
N TYR A 361 64.62 18.30 -60.81
CA TYR A 361 63.53 19.23 -60.34
C TYR A 361 62.70 18.73 -59.16
N THR A 362 63.04 17.56 -58.65
CA THR A 362 62.44 17.02 -57.42
C THR A 362 62.81 17.86 -56.18
N PRO A 363 61.87 18.11 -55.27
CA PRO A 363 60.46 17.70 -55.28
C PRO A 363 59.55 18.53 -56.19
N GLN A 364 59.80 19.82 -56.32
CA GLN A 364 58.85 20.70 -56.99
C GLN A 364 59.34 21.50 -58.18
N GLN A 365 60.32 22.35 -57.95
CA GLN A 365 60.77 23.35 -58.93
C GLN A 365 60.05 24.66 -58.78
N ASN A 366 58.76 24.60 -58.43
CA ASN A 366 57.97 25.81 -58.21
C ASN A 366 57.14 25.78 -56.93
N GLY A 367 56.86 26.98 -56.40
CA GLY A 367 56.12 27.17 -55.16
C GLY A 367 56.67 26.28 -54.07
N LEU A 368 57.97 26.42 -53.81
CA LEU A 368 58.69 25.49 -52.97
C LEU A 368 58.83 26.05 -51.56
N LYS A 369 58.52 25.23 -50.56
CA LYS A 369 58.44 25.68 -49.17
C LYS A 369 59.74 25.60 -48.39
N THR A 370 60.57 24.62 -48.73
CA THR A 370 61.89 24.46 -48.09
C THR A 370 62.97 25.24 -48.81
N THR A 371 64.21 25.08 -48.35
CA THR A 371 65.36 25.74 -48.96
C THR A 371 66.28 24.79 -49.72
N LYS A 372 65.72 23.67 -50.18
CA LYS A 372 66.48 22.65 -50.90
C LYS A 372 65.75 22.17 -52.15
N VAL A 373 66.51 21.81 -53.17
CA VAL A 373 65.98 21.22 -54.41
C VAL A 373 67.09 20.43 -55.12
N SER A 374 66.75 19.26 -55.66
CA SER A 374 67.69 18.36 -56.33
C SER A 374 67.35 18.20 -57.80
N ILE A 375 68.21 18.72 -58.67
CA ILE A 375 67.96 18.67 -60.10
C ILE A 375 68.59 17.40 -60.74
N THR A 376 67.80 16.74 -61.60
CA THR A 376 68.16 15.46 -62.23
C THR A 376 67.88 15.36 -63.74
N ASP A 377 68.63 14.47 -64.39
CA ASP A 377 68.48 14.13 -65.80
C ASP A 377 68.89 15.27 -66.72
N LEU A 378 70.17 15.62 -66.67
CA LEU A 378 70.71 16.67 -67.54
C LEU A 378 72.05 16.31 -68.20
N LEU A 379 72.41 17.04 -69.27
CA LEU A 379 73.59 16.69 -70.09
C LEU A 379 74.96 17.09 -69.48
N ALA A 380 75.93 16.20 -69.66
CA ALA A 380 77.20 16.18 -68.91
C ALA A 380 78.10 17.43 -68.86
N HIS A 381 78.56 17.98 -69.96
CA HIS A 381 79.63 19.00 -69.91
C HIS A 381 79.28 20.42 -70.23
N THR A 382 78.05 20.78 -69.89
CA THR A 382 77.61 22.14 -70.18
C THR A 382 77.43 22.95 -68.90
N ASN A 383 77.73 24.23 -69.02
CA ASN A 383 77.45 25.20 -68.00
C ASN A 383 75.92 25.49 -67.93
N TYR A 384 75.28 25.00 -66.87
CA TYR A 384 73.90 25.36 -66.52
C TYR A 384 73.93 26.66 -65.67
N THR A 385 72.86 27.45 -65.67
CA THR A 385 72.74 28.61 -64.77
C THR A 385 71.45 28.42 -64.03
N PHE A 386 71.44 28.71 -62.73
CA PHE A 386 70.23 28.67 -61.95
C PHE A 386 69.92 30.00 -61.30
N GLU A 387 68.64 30.36 -61.36
CA GLU A 387 68.10 31.47 -60.62
C GLU A 387 67.17 30.87 -59.59
N ILE A 388 67.36 31.22 -58.32
CA ILE A 388 66.38 30.89 -57.29
C ILE A 388 65.67 32.18 -56.91
N TRP A 389 64.34 32.13 -56.95
CA TRP A 389 63.45 33.27 -56.67
C TRP A 389 62.72 33.16 -55.37
N ALA A 390 62.88 34.18 -54.54
CA ALA A 390 62.21 34.28 -53.27
C ALA A 390 60.89 34.89 -53.59
N VAL A 391 59.82 34.16 -53.27
CA VAL A 391 58.48 34.65 -53.58
C VAL A 391 57.63 34.65 -52.31
N ASN A 392 56.53 35.40 -52.34
CA ASN A 392 55.46 35.35 -51.32
C ASN A 392 54.07 35.57 -51.97
N GLY A 393 53.08 35.93 -51.15
CA GLY A 393 51.70 36.18 -51.61
C GLY A 393 51.52 37.46 -52.42
N VAL A 394 52.44 38.41 -52.23
CA VAL A 394 52.58 39.52 -53.17
C VAL A 394 53.70 39.20 -54.20
N SER A 395 54.42 40.24 -54.62
CA SER A 395 55.47 40.12 -55.64
C SER A 395 54.94 39.68 -56.99
N LYS A 396 53.75 39.09 -57.03
CA LYS A 396 53.09 38.95 -58.32
C LYS A 396 52.64 40.34 -58.75
N TYR A 397 52.57 41.23 -57.77
CA TYR A 397 52.25 42.62 -57.99
C TYR A 397 53.49 43.51 -58.13
N ASN A 398 54.66 43.02 -57.77
CA ASN A 398 55.88 43.74 -58.14
C ASN A 398 57.13 42.87 -58.31
N PRO A 399 57.23 42.16 -59.46
CA PRO A 399 58.38 41.31 -59.67
C PRO A 399 59.64 42.10 -60.05
N ASN A 400 60.79 41.48 -59.81
CA ASN A 400 62.10 42.08 -60.05
C ASN A 400 63.25 41.06 -59.81
N PRO A 401 64.22 40.99 -60.74
CA PRO A 401 65.38 40.09 -60.74
C PRO A 401 66.24 40.08 -59.47
N ASP A 402 66.16 41.13 -58.66
CA ASP A 402 66.91 41.15 -57.43
C ASP A 402 66.20 40.48 -56.25
N GLN A 403 65.05 39.86 -56.52
CA GLN A 403 64.37 38.98 -55.57
C GLN A 403 64.90 37.57 -55.76
N SER A 404 66.06 37.49 -56.41
CA SER A 404 66.69 36.24 -56.82
C SER A 404 68.17 36.38 -56.95
N VAL A 405 68.83 35.25 -56.78
CA VAL A 405 70.26 35.17 -56.83
C VAL A 405 70.62 34.01 -57.75
N SER A 406 71.68 34.19 -58.55
CA SER A 406 72.08 33.21 -59.55
C SER A 406 73.38 32.50 -59.25
N VAL A 407 73.41 31.21 -59.58
CA VAL A 407 74.65 30.46 -59.60
C VAL A 407 74.90 29.91 -61.01
N THR A 408 75.99 30.37 -61.62
CA THR A 408 76.51 29.74 -62.83
C THR A 408 77.36 28.56 -62.38
N VAL A 409 77.05 27.38 -62.91
CA VAL A 409 77.65 26.13 -62.45
C VAL A 409 78.08 25.30 -63.65
N THR A 410 79.24 24.61 -63.52
CA THR A 410 79.79 23.75 -64.58
C THR A 410 79.68 22.30 -64.11
N THR A 411 79.06 21.46 -64.94
CA THR A 411 78.66 20.12 -64.55
C THR A 411 79.81 19.12 -64.41
N ASN A 412 79.47 17.89 -64.02
CA ASN A 412 80.45 16.80 -63.86
C ASN A 412 80.54 15.95 -65.15
N GLN A 413 81.61 15.18 -65.29
CA GLN A 413 81.87 14.40 -66.50
C GLN A 413 81.87 12.89 -66.29
N ALA A 414 81.35 12.17 -67.28
CA ALA A 414 81.28 10.70 -67.24
C ALA A 414 81.86 10.10 -68.50
N ALA A 415 82.11 8.79 -68.46
CA ALA A 415 82.71 8.06 -69.56
C ALA A 415 81.86 8.19 -70.83
N PRO A 416 82.51 8.47 -71.96
CA PRO A 416 81.97 8.79 -73.30
C PRO A 416 81.18 7.70 -74.02
N SER A 417 80.51 8.08 -75.11
CA SER A 417 79.79 7.13 -75.95
C SER A 417 80.77 6.37 -76.84
N SER A 418 80.27 5.40 -77.59
CA SER A 418 81.11 4.67 -78.55
C SER A 418 81.38 5.53 -79.78
N ILE A 419 82.28 5.09 -80.64
CA ILE A 419 82.70 5.89 -81.79
C ILE A 419 81.79 5.74 -83.01
N ALA A 420 81.41 4.51 -83.34
CA ALA A 420 80.50 4.19 -84.46
C ALA A 420 81.15 4.16 -85.85
N LEU A 421 82.06 5.10 -86.11
CA LEU A 421 82.74 5.14 -87.41
C LEU A 421 84.27 5.09 -87.32
N VAL A 422 84.82 3.92 -87.65
CA VAL A 422 86.25 3.69 -87.72
C VAL A 422 86.56 3.23 -89.14
N GLN A 423 87.55 3.86 -89.77
CA GLN A 423 87.85 3.56 -91.15
C GLN A 423 89.30 3.19 -91.39
N ALA A 424 89.52 2.30 -92.35
CA ALA A 424 90.86 1.96 -92.82
C ALA A 424 91.23 2.95 -93.92
N LYS A 425 92.28 3.74 -93.69
CA LYS A 425 92.71 4.73 -94.67
C LYS A 425 93.68 4.16 -95.70
N GLU A 426 94.55 3.25 -95.26
CA GLU A 426 95.52 2.60 -96.14
C GLU A 426 95.90 1.22 -95.62
N VAL A 427 95.97 0.24 -96.53
CA VAL A 427 96.33 -1.12 -96.18
C VAL A 427 97.54 -1.58 -97.00
N THR A 428 98.58 -2.04 -96.31
CA THR A 428 99.73 -2.66 -96.97
C THR A 428 99.83 -4.11 -96.54
N ARG A 429 100.87 -4.80 -97.02
CA ARG A 429 101.10 -6.20 -96.67
C ARG A 429 101.35 -6.38 -95.18
N TYR A 430 101.94 -5.36 -94.54
CA TYR A 430 102.29 -5.48 -93.13
C TYR A 430 101.66 -4.42 -92.22
N SER A 431 100.84 -3.53 -92.79
CA SER A 431 100.30 -2.43 -91.98
C SER A 431 98.86 -2.02 -92.29
N VAL A 432 98.18 -1.52 -91.26
CA VAL A 432 96.85 -0.93 -91.40
C VAL A 432 96.85 0.45 -90.76
N ALA A 433 96.52 1.47 -91.55
CA ALA A 433 96.37 2.83 -91.05
C ALA A 433 94.90 3.09 -90.77
N LEU A 434 94.61 3.49 -89.53
CA LEU A 434 93.25 3.71 -89.08
C LEU A 434 92.95 5.18 -88.84
N ALA A 435 91.67 5.55 -88.97
CA ALA A 435 91.17 6.89 -88.67
C ALA A 435 89.73 6.81 -88.19
N TRP A 436 89.41 7.60 -87.17
CA TRP A 436 88.07 7.56 -86.58
C TRP A 436 87.61 8.93 -86.17
N LEU A 437 86.30 9.06 -86.01
CA LEU A 437 85.73 10.31 -85.55
C LEU A 437 85.61 10.36 -84.03
N GLU A 438 85.48 11.57 -83.52
CA GLU A 438 85.18 11.82 -82.11
C GLU A 438 83.83 11.19 -81.77
N PRO A 439 83.70 10.54 -80.60
CA PRO A 439 82.38 9.98 -80.26
C PRO A 439 81.30 11.05 -80.23
N ASP A 440 80.06 10.66 -80.51
CA ASP A 440 78.93 11.58 -80.53
C ASP A 440 78.81 12.38 -79.24
N ARG A 441 78.89 11.67 -78.12
CA ARG A 441 78.85 12.30 -76.81
C ARG A 441 80.14 11.98 -76.05
N PRO A 442 81.08 12.93 -76.03
CA PRO A 442 82.31 12.78 -75.29
C PRO A 442 82.02 12.77 -73.80
N ASN A 443 80.96 13.48 -73.40
CA ASN A 443 80.56 13.60 -72.01
C ASN A 443 81.68 14.17 -71.17
N GLY A 444 82.50 15.04 -71.77
CA GLY A 444 83.68 15.55 -71.09
C GLY A 444 84.91 15.72 -71.94
N VAL A 445 86.05 16.04 -71.31
CA VAL A 445 87.27 16.23 -72.09
C VAL A 445 87.90 14.88 -72.38
N ILE A 446 88.06 14.60 -73.67
CA ILE A 446 88.68 13.37 -74.14
C ILE A 446 90.18 13.50 -73.95
N LEU A 447 90.74 12.55 -73.22
CA LEU A 447 92.16 12.55 -72.88
C LEU A 447 93.00 11.77 -73.92
N GLU A 448 92.53 10.60 -74.32
CA GLU A 448 93.22 9.75 -75.27
C GLU A 448 92.29 8.70 -75.88
N TYR A 449 92.79 7.98 -76.87
CA TYR A 449 92.05 6.88 -77.48
C TYR A 449 92.84 5.59 -77.35
N GLU A 450 92.13 4.46 -77.37
CA GLU A 450 92.77 3.17 -77.20
C GLU A 450 92.28 2.20 -78.28
N VAL A 451 93.22 1.63 -79.04
CA VAL A 451 92.90 0.71 -80.12
C VAL A 451 93.18 -0.73 -79.70
N LYS A 452 92.21 -1.61 -79.92
CA LYS A 452 92.32 -3.02 -79.60
C LYS A 452 92.18 -3.83 -80.88
N TYR A 453 93.14 -4.72 -81.14
CA TYR A 453 93.09 -5.53 -82.35
C TYR A 453 93.60 -6.96 -82.18
N TYR A 454 93.17 -7.82 -83.11
CA TYR A 454 93.44 -9.26 -83.10
C TYR A 454 93.11 -9.89 -84.46
N GLU A 455 93.66 -11.08 -84.72
CA GLU A 455 93.37 -11.85 -85.93
C GLU A 455 91.95 -12.38 -85.90
N LYS A 456 91.27 -12.32 -87.04
CA LYS A 456 89.88 -12.79 -87.15
C LYS A 456 89.70 -14.25 -86.73
N ASP A 457 90.69 -15.08 -87.08
CA ASP A 457 90.69 -16.50 -86.74
C ASP A 457 91.00 -16.72 -85.25
N GLN A 458 90.10 -17.44 -84.58
CA GLN A 458 90.24 -17.74 -83.14
C GLN A 458 91.50 -18.51 -82.77
N ASN A 459 91.93 -19.41 -83.65
CA ASN A 459 93.18 -20.14 -83.47
C ASN A 459 94.37 -19.27 -83.81
N GLU A 460 95.38 -19.29 -82.94
CA GLU A 460 96.52 -18.37 -83.01
C GLU A 460 95.99 -16.93 -83.04
N ARG A 461 95.36 -16.52 -81.95
CA ARG A 461 94.85 -15.16 -81.81
C ARG A 461 95.50 -14.44 -80.62
N SER A 462 96.07 -13.26 -80.91
CA SER A 462 96.74 -12.45 -79.90
C SER A 462 96.10 -11.07 -79.82
N TYR A 463 95.68 -10.69 -78.62
CA TYR A 463 95.03 -9.40 -78.41
C TYR A 463 96.07 -8.30 -78.14
N ARG A 464 96.06 -7.25 -78.95
CA ARG A 464 97.02 -6.14 -78.82
C ARG A 464 96.38 -4.77 -78.66
N ILE A 465 97.10 -3.85 -78.02
CA ILE A 465 96.59 -2.54 -77.61
C ILE A 465 97.56 -1.41 -77.99
N VAL A 466 97.04 -0.34 -78.59
CA VAL A 466 97.85 0.85 -78.88
C VAL A 466 97.14 2.09 -78.38
N ARG A 467 97.91 3.03 -77.85
CA ARG A 467 97.37 4.25 -77.27
C ARG A 467 97.79 5.48 -78.06
N THR A 468 96.89 6.45 -78.15
CA THR A 468 97.16 7.70 -78.88
C THR A 468 96.28 8.88 -78.45
N ALA A 469 96.78 10.07 -78.69
CA ALA A 469 96.03 11.30 -78.45
C ALA A 469 95.29 11.73 -79.71
N ALA A 470 95.84 11.41 -80.87
CA ALA A 470 95.22 11.76 -82.15
C ALA A 470 94.18 10.72 -82.56
N ARG A 471 93.31 11.11 -83.49
CA ARG A 471 92.20 10.25 -83.94
C ARG A 471 92.61 9.31 -85.07
N ASN A 472 93.90 9.02 -85.14
CA ASN A 472 94.47 8.15 -86.18
C ASN A 472 95.74 7.46 -85.71
N THR A 473 96.02 6.29 -86.27
CA THR A 473 97.22 5.53 -85.95
C THR A 473 97.60 4.61 -87.11
N ASP A 474 98.83 4.13 -87.09
CA ASP A 474 99.27 3.12 -88.04
C ASP A 474 99.72 1.86 -87.32
N ILE A 475 98.95 0.80 -87.49
CA ILE A 475 99.30 -0.50 -86.93
C ILE A 475 100.25 -1.17 -87.90
N LYS A 476 101.46 -1.45 -87.44
CA LYS A 476 102.51 -2.00 -88.28
C LYS A 476 102.84 -3.44 -87.88
N GLY A 477 103.77 -4.07 -88.60
CA GLY A 477 104.30 -5.40 -88.25
C GLY A 477 103.30 -6.55 -88.26
N LEU A 478 102.33 -6.48 -89.16
CA LEU A 478 101.29 -7.49 -89.24
C LEU A 478 101.63 -8.59 -90.25
N ASN A 479 100.92 -9.72 -90.16
CA ASN A 479 101.03 -10.79 -91.14
C ASN A 479 100.37 -10.37 -92.46
N PRO A 480 101.02 -10.64 -93.60
CA PRO A 480 100.42 -10.33 -94.90
C PRO A 480 99.29 -11.27 -95.27
N LEU A 481 98.38 -10.81 -96.14
CA LEU A 481 97.21 -11.58 -96.56
C LEU A 481 96.49 -12.24 -95.38
N THR A 482 96.33 -11.47 -94.31
CA THR A 482 95.74 -11.97 -93.07
C THR A 482 94.60 -11.04 -92.61
N SER A 483 93.50 -11.63 -92.15
CA SER A 483 92.31 -10.89 -91.71
C SER A 483 92.37 -10.52 -90.22
N TYR A 484 92.24 -9.22 -89.95
CA TYR A 484 92.29 -8.68 -88.59
C TYR A 484 90.99 -7.94 -88.23
N VAL A 485 90.75 -7.78 -86.93
CA VAL A 485 89.59 -7.04 -86.43
C VAL A 485 90.05 -5.91 -85.51
N PHE A 486 89.47 -4.72 -85.68
CA PHE A 486 89.87 -3.55 -84.92
C PHE A 486 88.70 -2.90 -84.17
N HIS A 487 88.96 -2.51 -82.93
CA HIS A 487 88.02 -1.72 -82.12
C HIS A 487 88.74 -0.53 -81.54
N VAL A 488 88.02 0.60 -81.42
CA VAL A 488 88.57 1.81 -80.83
C VAL A 488 87.67 2.28 -79.68
N ARG A 489 88.28 2.79 -78.62
CA ARG A 489 87.53 3.38 -77.51
C ARG A 489 88.18 4.70 -77.11
N ALA A 490 87.42 5.56 -76.42
CA ALA A 490 87.95 6.83 -75.90
C ALA A 490 87.96 6.85 -74.37
N ARG A 491 88.74 7.76 -73.81
CA ARG A 491 88.86 7.85 -72.37
C ARG A 491 88.66 9.29 -71.95
N THR A 492 87.93 9.48 -70.85
CA THR A 492 87.90 10.75 -70.11
C THR A 492 88.17 10.41 -68.65
N ALA A 493 88.32 11.42 -67.80
CA ALA A 493 88.57 11.15 -66.39
C ALA A 493 87.51 10.25 -65.74
N ALA A 494 86.36 10.13 -66.36
CA ALA A 494 85.31 9.29 -65.80
C ALA A 494 85.49 7.82 -66.18
N GLY A 495 86.30 7.58 -67.22
CA GLY A 495 86.60 6.23 -67.68
C GLY A 495 86.58 5.96 -69.18
N TYR A 496 86.43 4.69 -69.53
CA TYR A 496 86.45 4.27 -70.91
C TYR A 496 85.08 4.23 -71.55
N GLY A 497 85.01 4.63 -72.82
CA GLY A 497 83.80 4.49 -73.60
C GLY A 497 83.68 3.09 -74.13
N ASP A 498 82.51 2.76 -74.69
CA ASP A 498 82.30 1.48 -75.34
C ASP A 498 83.18 1.36 -76.57
N PHE A 499 83.74 0.18 -76.76
CA PHE A 499 84.50 -0.13 -77.96
C PHE A 499 83.59 -0.05 -79.18
N SER A 500 84.17 0.40 -80.28
CA SER A 500 83.43 0.57 -81.52
C SER A 500 82.97 -0.76 -82.12
N GLU A 501 82.04 -0.68 -83.07
CA GLU A 501 81.65 -1.83 -83.89
C GLU A 501 82.88 -2.38 -84.60
N PRO A 502 83.03 -3.72 -84.62
CA PRO A 502 84.24 -4.33 -85.20
C PRO A 502 84.52 -3.86 -86.63
N LEU A 503 85.76 -3.50 -86.90
CA LEU A 503 86.21 -3.20 -88.25
C LEU A 503 87.12 -4.32 -88.72
N GLU A 504 86.73 -4.98 -89.81
CA GLU A 504 87.50 -6.09 -90.37
C GLU A 504 88.33 -5.64 -91.56
N VAL A 505 89.63 -5.83 -91.45
CA VAL A 505 90.56 -5.44 -92.49
C VAL A 505 91.55 -6.58 -92.73
N THR A 506 91.71 -6.97 -94.00
CA THR A 506 92.66 -7.99 -94.38
C THR A 506 93.86 -7.35 -95.06
N THR A 507 95.05 -7.66 -94.57
CA THR A 507 96.29 -7.19 -95.20
C THR A 507 96.39 -7.74 -96.61
N ASN A 508 97.04 -6.98 -97.48
CA ASN A 508 97.15 -7.35 -98.88
C ASN A 508 98.58 -7.77 -99.26
N THR A 509 98.95 -7.58 -100.51
CA THR A 509 100.34 -7.82 -100.96
C THR A 509 101.00 -6.55 -101.48
N VAL A 510 100.42 -5.38 -101.19
CA VAL A 510 100.98 -4.09 -101.58
C VAL A 510 102.28 -3.85 -100.82
N PRO A 511 103.38 -3.56 -101.55
CA PRO A 511 104.69 -3.33 -100.93
C PRO A 511 104.70 -2.14 -99.97
N SER A 512 105.45 -2.27 -98.88
CA SER A 512 105.63 -1.17 -97.94
C SER A 512 106.69 -0.21 -98.46
N ARG A 513 106.38 1.08 -98.47
CA ARG A 513 107.33 2.09 -98.94
C ARG A 513 108.41 2.39 -97.91
N ILE A 514 108.12 2.13 -96.63
CA ILE A 514 109.10 2.26 -95.55
C ILE A 514 110.23 1.27 -95.80
N ILE A 515 109.86 0.06 -96.20
CA ILE A 515 110.79 -1.03 -96.47
C ILE A 515 111.65 -0.77 -97.71
N GLY A 516 111.02 -0.33 -98.81
CA GLY A 516 111.75 0.20 -99.97
C GLY A 516 112.47 -0.80 -100.88
N ASP A 517 113.70 -0.43 -101.27
CA ASP A 517 114.50 -1.14 -102.29
C ASP A 517 113.76 -1.30 -103.61
N ALA B 1 -19.85 98.98 -8.09
CA ALA B 1 -19.35 97.81 -7.31
C ALA B 1 -19.80 97.80 -5.84
N ALA B 2 -19.66 96.63 -5.20
CA ALA B 2 -19.92 96.45 -3.77
C ALA B 2 -18.69 96.85 -2.95
N ALA B 3 -18.94 97.33 -1.72
CA ALA B 3 -17.92 97.46 -0.64
C ALA B 3 -18.52 97.54 0.80
N VAL B 4 -17.73 97.15 1.78
CA VAL B 4 -17.91 97.60 3.16
C VAL B 4 -16.65 98.45 3.31
N ALA B 5 -15.59 98.02 2.63
CA ALA B 5 -14.27 98.57 2.82
C ALA B 5 -13.82 99.56 1.76
N ASP B 6 -13.05 100.55 2.20
CA ASP B 6 -12.53 101.62 1.40
C ASP B 6 -11.15 101.29 0.82
N ARG B 7 -10.81 101.76 -0.39
CA ARG B 7 -9.39 101.64 -0.82
C ARG B 7 -8.73 103.01 -1.06
N TYR B 8 -7.74 103.37 -0.27
CA TYR B 8 -6.97 104.60 -0.56
C TYR B 8 -6.00 104.41 -1.73
N ALA B 9 -6.02 105.31 -2.70
CA ALA B 9 -5.08 105.11 -3.86
C ALA B 9 -4.00 106.12 -3.70
N VAL B 10 -2.79 105.74 -4.00
CA VAL B 10 -1.68 106.70 -3.85
C VAL B 10 -0.72 106.57 -5.04
N TYR B 11 -0.56 107.67 -5.79
CA TYR B 11 0.41 107.70 -6.88
C TYR B 11 1.75 108.25 -6.38
N TRP B 12 2.77 107.41 -6.43
CA TRP B 12 4.03 107.66 -5.72
C TRP B 12 5.06 108.61 -6.39
N ASN B 13 4.95 108.91 -7.69
CA ASN B 13 5.91 109.86 -8.33
C ASN B 13 6.17 111.20 -7.60
N SER B 14 7.26 111.84 -8.00
CA SER B 14 7.65 113.15 -7.45
C SER B 14 6.88 114.34 -8.03
N SER B 15 6.21 114.11 -9.15
CA SER B 15 5.17 115.01 -9.69
C SER B 15 3.97 115.23 -8.76
N ASN B 16 3.91 114.52 -7.64
CA ASN B 16 2.68 114.52 -6.88
C ASN B 16 2.73 115.36 -5.61
N PRO B 17 2.07 116.54 -5.69
CA PRO B 17 2.02 117.60 -4.69
C PRO B 17 1.82 117.12 -3.29
N ARG B 18 1.17 115.96 -3.09
CA ARG B 18 0.72 115.63 -1.73
C ARG B 18 1.96 115.23 -0.98
N PHE B 19 3.00 114.98 -1.75
CA PHE B 19 4.28 114.64 -1.19
C PHE B 19 5.12 115.86 -0.81
N GLN B 20 4.75 117.02 -1.32
CA GLN B 20 5.67 118.16 -1.32
C GLN B 20 6.32 118.51 0.03
N ARG B 21 5.55 118.72 1.09
CA ARG B 21 6.18 119.15 2.33
C ARG B 21 6.58 117.93 3.18
N GLY B 22 6.58 116.76 2.54
CA GLY B 22 6.92 115.48 3.17
C GLY B 22 6.02 115.09 4.31
N ASP B 23 4.71 115.24 4.09
CA ASP B 23 3.69 115.14 5.14
C ASP B 23 2.38 114.49 4.62
N TYR B 24 2.50 113.81 3.48
CA TYR B 24 1.41 112.98 3.00
C TYR B 24 0.97 112.04 4.12
N HIS B 25 -0.31 112.08 4.45
CA HIS B 25 -0.85 111.12 5.42
C HIS B 25 -2.33 110.77 5.17
N ILE B 26 -2.69 109.53 5.49
CA ILE B 26 -4.04 109.08 5.31
C ILE B 26 -4.57 108.49 6.63
N ASP B 27 -5.89 108.57 6.81
CA ASP B 27 -6.51 107.86 7.91
C ASP B 27 -7.27 106.72 7.31
N VAL B 28 -7.01 105.53 7.83
CA VAL B 28 -7.67 104.34 7.30
C VAL B 28 -8.34 103.67 8.46
N CYS B 29 -9.29 102.79 8.14
CA CYS B 29 -9.93 101.90 9.10
C CYS B 29 -9.32 100.51 8.94
N ILE B 30 -9.44 99.63 9.93
CA ILE B 30 -9.09 98.21 9.66
C ILE B 30 -9.79 97.55 8.40
N ASN B 31 -9.06 96.68 7.72
CA ASN B 31 -9.52 96.02 6.48
C ASN B 31 -9.70 96.94 5.33
N ASP B 32 -9.23 98.17 5.47
CA ASP B 32 -9.11 98.99 4.30
C ASP B 32 -7.85 98.61 3.55
N TYR B 33 -7.85 98.99 2.26
CA TYR B 33 -6.69 98.80 1.41
C TYR B 33 -6.06 100.11 1.16
N LEU B 34 -4.73 100.08 1.01
CA LEU B 34 -4.00 101.20 0.43
C LEU B 34 -3.43 100.59 -0.87
N ASP B 35 -3.60 101.33 -1.99
CA ASP B 35 -3.03 100.96 -3.27
C ASP B 35 -2.05 102.03 -3.68
N VAL B 36 -0.77 101.74 -3.52
CA VAL B 36 0.25 102.58 -4.12
C VAL B 36 0.45 102.18 -5.59
N PHE B 37 0.30 103.15 -6.51
CA PHE B 37 0.72 102.99 -7.92
C PHE B 37 2.11 103.51 -8.21
N CYS B 38 2.86 102.73 -9.01
CA CYS B 38 4.18 103.10 -9.41
C CYS B 38 4.12 104.09 -10.58
N PRO B 39 5.24 104.82 -10.84
CA PRO B 39 5.30 105.69 -11.99
C PRO B 39 5.36 104.86 -13.25
N HIS B 40 4.50 105.20 -14.22
CA HIS B 40 4.31 104.41 -15.45
C HIS B 40 4.13 105.29 -16.67
N TYR B 41 4.93 105.02 -17.69
CA TYR B 41 5.04 105.91 -18.83
C TYR B 41 4.55 105.31 -20.15
N GLU B 42 4.72 106.11 -21.21
CA GLU B 42 4.47 105.74 -22.61
C GLU B 42 5.56 104.83 -23.12
N ASP B 43 5.23 103.90 -24.01
CA ASP B 43 6.18 102.92 -24.56
C ASP B 43 7.40 103.62 -25.16
N SER B 44 7.13 104.75 -25.80
CA SER B 44 8.14 105.56 -26.49
C SER B 44 8.98 106.45 -25.55
N VAL B 45 9.27 105.97 -24.36
CA VAL B 45 10.06 106.74 -23.40
C VAL B 45 11.24 105.92 -22.95
N PRO B 46 12.45 106.48 -23.03
CA PRO B 46 13.66 105.81 -22.56
C PRO B 46 13.54 105.41 -21.09
N GLU B 47 13.85 104.16 -20.76
CA GLU B 47 13.72 103.63 -19.39
C GLU B 47 14.65 104.31 -18.37
N ASP B 48 15.31 105.38 -18.79
CA ASP B 48 16.14 106.12 -17.87
C ASP B 48 15.73 107.57 -17.84
N LYS B 49 14.88 107.94 -18.80
CA LYS B 49 14.09 109.16 -18.71
C LYS B 49 12.82 108.78 -17.89
N THR B 50 13.03 108.25 -16.69
CA THR B 50 12.07 107.38 -15.96
C THR B 50 12.29 107.27 -14.44
N GLU B 51 11.22 107.50 -13.66
CA GLU B 51 11.32 107.37 -12.19
C GLU B 51 10.98 105.96 -11.67
N ARG B 52 11.84 105.45 -10.80
CA ARG B 52 11.74 104.08 -10.31
C ARG B 52 12.35 104.05 -8.92
N TYR B 53 11.73 103.30 -8.02
CA TYR B 53 12.19 103.21 -6.65
C TYR B 53 11.72 101.91 -5.99
N VAL B 54 12.26 101.70 -4.80
CA VAL B 54 11.96 100.55 -3.97
C VAL B 54 11.22 101.10 -2.73
N LEU B 55 10.07 100.50 -2.45
CA LEU B 55 9.23 100.93 -1.34
C LEU B 55 9.53 100.10 -0.07
N TYR B 56 9.58 100.76 1.07
CA TYR B 56 10.04 100.17 2.34
C TYR B 56 9.13 100.57 3.45
N MET B 57 8.85 99.65 4.35
CA MET B 57 7.96 99.98 5.44
C MET B 57 8.88 100.07 6.61
N VAL B 58 8.85 101.20 7.31
CA VAL B 58 9.88 101.56 8.29
C VAL B 58 9.23 102.22 9.51
N ASN B 59 9.95 102.32 10.62
CA ASN B 59 9.35 102.85 11.85
C ASN B 59 9.47 104.35 11.84
N PHE B 60 9.08 105.00 12.95
CA PHE B 60 9.13 106.45 12.99
C PHE B 60 10.55 106.96 12.76
N ASP B 61 11.50 106.37 13.48
CA ASP B 61 12.84 106.93 13.46
C ASP B 61 13.43 106.96 12.04
N GLY B 62 13.07 105.96 11.25
CA GLY B 62 13.45 105.88 9.86
C GLY B 62 12.47 106.56 8.93
N TYR B 63 11.35 107.04 9.48
CA TYR B 63 10.43 107.90 8.71
C TYR B 63 11.06 109.30 8.67
N SER B 64 11.52 109.74 9.85
CA SER B 64 12.31 110.95 10.03
C SER B 64 13.49 111.00 9.06
N ALA B 65 14.55 110.26 9.35
CA ALA B 65 15.68 110.15 8.44
C ALA B 65 15.28 109.21 7.34
N CYS B 66 15.45 109.61 6.08
CA CYS B 66 15.01 108.78 4.94
C CYS B 66 15.88 107.53 4.77
N ASP B 67 15.68 106.60 5.69
CA ASP B 67 16.62 105.52 5.91
C ASP B 67 15.85 104.25 6.21
N HIS B 68 16.05 103.25 5.35
CA HIS B 68 15.47 101.95 5.56
C HIS B 68 16.32 101.02 6.35
N THR B 69 17.64 101.15 6.20
CA THR B 69 18.64 100.31 6.88
C THR B 69 18.36 100.16 8.36
N SER B 70 18.11 98.92 8.78
CA SER B 70 17.91 98.58 10.19
C SER B 70 16.65 99.22 10.76
N LYS B 71 15.74 99.61 9.88
CA LYS B 71 14.52 100.32 10.27
C LYS B 71 13.24 99.52 9.98
N GLY B 72 13.16 98.92 8.80
CA GLY B 72 12.01 98.14 8.44
C GLY B 72 12.26 97.10 7.37
N PHE B 73 11.29 96.95 6.47
CA PHE B 73 11.25 95.86 5.49
C PHE B 73 10.92 96.36 4.09
N LYS B 74 11.71 95.87 3.15
CA LYS B 74 11.44 96.05 1.76
C LYS B 74 10.03 95.49 1.46
N ARG B 75 9.29 96.18 0.59
CA ARG B 75 7.93 95.86 0.27
C ARG B 75 7.57 95.81 -1.20
N TRP B 76 8.27 96.58 -2.02
CA TRP B 76 7.88 96.67 -3.42
C TRP B 76 8.96 97.25 -4.28
N GLU B 77 8.92 96.95 -5.57
CA GLU B 77 9.91 97.42 -6.54
C GLU B 77 9.20 98.12 -7.67
N CYS B 78 9.36 99.43 -7.76
CA CYS B 78 8.60 100.24 -8.73
C CYS B 78 9.26 100.28 -10.11
N ASN B 79 10.46 99.69 -10.16
CA ASN B 79 11.18 99.41 -11.40
C ASN B 79 10.49 98.49 -12.43
N ARG B 80 9.54 99.04 -13.17
CA ARG B 80 9.06 98.38 -14.38
C ARG B 80 8.14 99.39 -15.05
N PRO B 81 8.72 100.51 -15.51
CA PRO B 81 7.95 101.70 -15.87
C PRO B 81 7.11 101.51 -17.11
N HIS B 82 7.26 100.39 -17.79
CA HIS B 82 6.45 100.16 -18.96
C HIS B 82 5.58 98.99 -18.71
N SER B 83 5.30 98.76 -17.43
CA SER B 83 4.46 97.65 -16.99
C SER B 83 3.31 97.43 -17.96
N PRO B 84 3.15 96.18 -18.39
CA PRO B 84 2.23 95.80 -19.45
C PRO B 84 0.84 96.40 -19.33
N ASN B 85 0.09 96.09 -18.29
CA ASN B 85 -1.25 96.65 -18.18
C ASN B 85 -1.41 97.56 -16.97
N GLY B 86 -1.37 98.87 -17.24
CA GLY B 86 -1.34 99.91 -16.21
C GLY B 86 -0.04 99.98 -15.42
N PRO B 87 0.02 100.87 -14.42
CA PRO B 87 1.21 100.92 -13.54
C PRO B 87 1.33 99.73 -12.54
N LEU B 88 2.54 99.49 -12.08
CA LEU B 88 2.76 98.47 -11.05
C LEU B 88 2.12 98.91 -9.75
N LYS B 89 1.39 97.99 -9.15
CA LYS B 89 0.48 98.28 -8.05
C LYS B 89 0.89 97.46 -6.88
N PHE B 90 1.06 98.16 -5.79
CA PHE B 90 1.26 97.51 -4.54
C PHE B 90 -0.04 97.58 -3.65
N SER B 91 -0.59 96.41 -3.30
CA SER B 91 -1.72 96.42 -2.35
C SER B 91 -1.39 95.99 -0.95
N GLU B 92 -1.92 96.77 -0.01
CA GLU B 92 -1.70 96.55 1.35
C GLU B 92 -3.09 96.41 2.01
N LYS B 93 -3.36 95.33 2.71
CA LYS B 93 -4.61 95.33 3.49
C LYS B 93 -4.22 95.62 4.96
N PHE B 94 -4.94 96.58 5.59
CA PHE B 94 -4.70 96.93 6.98
C PHE B 94 -5.53 95.98 7.84
N GLN B 95 -5.07 94.73 7.88
CA GLN B 95 -5.77 93.66 8.59
C GLN B 95 -5.19 93.45 10.05
N LEU B 96 -6.01 92.79 10.86
CA LEU B 96 -5.60 92.37 12.20
C LEU B 96 -4.61 91.23 12.08
N PHE B 97 -4.97 90.24 11.26
CA PHE B 97 -4.18 89.00 11.12
C PHE B 97 -3.83 88.69 9.65
N THR B 98 -2.56 88.38 9.40
CA THR B 98 -2.12 87.92 8.09
C THR B 98 -2.35 86.49 7.84
N PRO B 99 -2.88 86.17 6.68
CA PRO B 99 -2.89 84.76 6.30
C PRO B 99 -1.52 84.42 5.79
N PHE B 100 -0.67 85.40 5.52
CA PHE B 100 0.73 85.06 5.07
C PHE B 100 1.76 85.12 6.22
N SER B 101 2.75 84.18 6.24
CA SER B 101 3.54 83.95 7.48
C SER B 101 4.42 85.05 7.64
N LEU B 102 5.03 85.45 6.54
CA LEU B 102 5.84 86.67 6.54
C LEU B 102 5.07 87.91 6.08
N GLY B 103 3.76 87.95 6.26
CA GLY B 103 2.99 89.18 6.02
C GLY B 103 3.01 90.22 7.16
N PHE B 104 1.96 91.04 7.27
CA PHE B 104 1.97 92.26 8.12
C PHE B 104 0.66 92.57 8.80
N GLU B 105 0.75 93.05 10.04
CA GLU B 105 -0.46 93.16 10.89
C GLU B 105 -0.63 94.60 11.38
N PHE B 106 -1.84 95.01 11.74
CA PHE B 106 -2.07 96.44 12.06
C PHE B 106 -3.06 96.61 13.22
N ARG B 107 -2.81 97.55 14.10
CA ARG B 107 -3.77 97.64 15.18
C ARG B 107 -4.43 98.99 15.14
N PRO B 108 -5.67 99.08 15.67
CA PRO B 108 -6.37 100.37 15.57
C PRO B 108 -5.73 101.41 16.50
N GLY B 109 -5.61 102.66 16.03
CA GLY B 109 -5.08 103.78 16.83
C GLY B 109 -3.57 103.88 16.77
N ARG B 110 -2.96 102.88 16.15
CA ARG B 110 -1.53 102.84 15.88
C ARG B 110 -1.23 103.56 14.51
N GLU B 111 0.03 103.80 14.19
CA GLU B 111 0.37 104.59 12.99
C GLU B 111 1.61 104.04 12.27
N TYR B 112 1.63 104.13 10.96
CA TYR B 112 2.53 103.28 10.20
C TYR B 112 3.13 104.11 9.07
N PHE B 113 4.32 103.73 8.63
CA PHE B 113 5.19 104.61 7.85
C PHE B 113 5.84 103.95 6.63
N TYR B 114 5.76 104.63 5.49
CA TYR B 114 6.42 104.17 4.27
C TYR B 114 7.31 105.25 3.65
N ILE B 115 8.45 104.81 3.13
CA ILE B 115 9.45 105.66 2.50
C ILE B 115 9.98 104.95 1.25
N SER B 116 10.74 105.64 0.44
CA SER B 116 11.31 105.00 -0.75
C SER B 116 12.71 105.47 -1.13
N SER B 117 13.46 104.54 -1.71
CA SER B 117 14.76 104.79 -2.29
C SER B 117 14.63 104.63 -3.79
N ALA B 118 15.35 105.45 -4.56
CA ALA B 118 15.29 105.36 -6.02
C ALA B 118 16.23 104.32 -6.68
N ILE B 119 15.96 104.02 -7.94
CA ILE B 119 16.85 103.21 -8.77
C ILE B 119 17.98 104.06 -9.41
N PRO B 120 17.78 105.40 -9.54
CA PRO B 120 18.94 106.30 -9.56
C PRO B 120 19.92 106.17 -8.36
N ASP B 121 19.56 105.39 -7.33
CA ASP B 121 20.44 105.03 -6.19
C ASP B 121 20.97 106.17 -5.32
N ASN B 122 20.71 107.40 -5.73
CA ASN B 122 21.20 108.56 -4.98
C ASN B 122 20.93 108.40 -3.49
N GLY B 123 21.93 108.76 -2.69
CA GLY B 123 21.78 108.78 -1.24
C GLY B 123 21.01 110.02 -0.89
N ARG B 124 19.76 109.85 -0.48
CA ARG B 124 18.89 110.99 -0.24
C ARG B 124 18.74 111.29 1.22
N ARG B 125 18.80 112.58 1.51
CA ARG B 125 18.34 113.12 2.78
C ARG B 125 16.89 113.45 2.52
N SER B 126 16.50 113.28 1.26
CA SER B 126 15.17 113.60 0.83
C SER B 126 14.57 112.40 0.14
N CYS B 127 13.39 112.00 0.58
CA CYS B 127 12.65 110.91 -0.05
C CYS B 127 11.15 111.19 -0.01
N LEU B 128 10.41 110.65 -0.98
CA LEU B 128 8.95 110.66 -0.94
C LEU B 128 8.48 109.71 0.16
N LYS B 129 7.57 110.15 1.02
CA LYS B 129 7.17 109.33 2.15
C LYS B 129 5.70 109.50 2.53
N LEU B 130 5.17 108.51 3.28
CA LEU B 130 3.75 108.38 3.64
C LEU B 130 3.51 107.97 5.12
N LYS B 131 2.66 108.70 5.85
CA LYS B 131 2.29 108.23 7.18
C LYS B 131 0.83 107.75 7.12
N VAL B 132 0.57 106.58 7.68
CA VAL B 132 -0.76 106.04 7.69
C VAL B 132 -1.19 105.93 9.14
N PHE B 133 -2.30 106.56 9.48
CA PHE B 133 -2.91 106.37 10.79
C PHE B 133 -4.11 105.43 10.71
N VAL B 134 -4.04 104.31 11.43
CA VAL B 134 -5.19 103.39 11.47
C VAL B 134 -6.06 103.88 12.61
N ARG B 135 -7.20 104.49 12.30
CA ARG B 135 -8.17 104.98 13.29
C ARG B 135 -8.52 103.97 14.40
N PRO B 136 -8.94 104.50 15.57
CA PRO B 136 -9.70 103.81 16.60
C PRO B 136 -10.98 103.18 16.04
N THR B 137 -11.38 102.08 16.66
CA THR B 137 -12.52 101.29 16.25
C THR B 137 -13.78 102.11 16.34
N ASN B 138 -13.78 103.01 17.31
CA ASN B 138 -14.89 103.94 17.51
C ASN B 138 -14.90 105.20 16.58
N SER B 139 -14.09 105.20 15.54
CA SER B 139 -14.29 106.11 14.41
C SER B 139 -14.73 105.25 13.22
N CYS B 140 -14.46 103.96 13.34
CA CYS B 140 -14.90 103.06 12.32
C CYS B 140 -16.24 102.44 12.79
N MET B 141 -16.21 101.13 13.12
CA MET B 141 -17.38 100.24 13.11
C MET B 141 -18.27 100.49 11.88
N PRO C 2 -22.07 -12.12 41.84
CA PRO C 2 -21.00 -12.73 41.08
C PRO C 2 -21.28 -12.69 39.56
N ALA C 3 -20.41 -13.39 38.79
CA ALA C 3 -20.47 -13.48 37.31
C ALA C 3 -21.62 -14.37 36.80
N ASN C 4 -22.03 -15.31 37.65
CA ASN C 4 -23.13 -16.23 37.36
C ASN C 4 -24.51 -15.75 37.84
N GLU C 5 -24.58 -14.54 38.42
CA GLU C 5 -25.84 -13.97 38.88
C GLU C 5 -26.20 -12.79 37.99
N VAL C 6 -27.42 -12.74 37.48
CA VAL C 6 -27.87 -11.57 36.73
C VAL C 6 -29.06 -10.86 37.43
N THR C 7 -28.91 -9.56 37.66
CA THR C 7 -29.88 -8.91 38.46
C THR C 7 -31.08 -8.52 37.63
N LEU C 8 -32.27 -8.85 38.13
CA LEU C 8 -33.52 -8.40 37.52
C LEU C 8 -34.08 -7.24 38.24
N LEU C 9 -33.77 -7.12 39.54
CA LEU C 9 -34.21 -5.96 40.36
C LEU C 9 -33.21 -5.70 41.51
N ASP C 10 -32.85 -4.44 41.74
CA ASP C 10 -32.17 -4.11 42.98
C ASP C 10 -32.69 -2.84 43.63
N SER C 11 -33.31 -2.96 44.79
CA SER C 11 -33.84 -1.78 45.48
C SER C 11 -32.82 -0.67 45.76
N ARG C 12 -31.58 -1.04 46.02
CA ARG C 12 -30.60 -0.05 46.47
C ARG C 12 -30.03 0.74 45.28
N SER C 13 -30.11 0.17 44.08
CA SER C 13 -29.69 0.84 42.85
C SER C 13 -30.74 1.79 42.26
N VAL C 14 -32.02 1.41 42.33
CA VAL C 14 -33.10 2.22 41.73
C VAL C 14 -32.95 3.68 42.18
N GLN C 15 -32.94 4.57 41.20
CA GLN C 15 -32.33 5.89 41.33
C GLN C 15 -32.81 6.87 42.41
N GLY C 16 -34.10 6.86 42.75
CA GLY C 16 -34.60 7.75 43.77
C GLY C 16 -35.94 7.31 44.31
N GLU C 17 -36.99 7.68 43.57
CA GLU C 17 -38.33 7.22 43.87
C GLU C 17 -38.65 5.97 43.04
N LEU C 18 -38.07 4.87 43.50
CA LEU C 18 -38.33 3.55 42.98
C LEU C 18 -39.73 3.20 43.41
N GLY C 19 -40.70 3.56 42.56
CA GLY C 19 -42.11 3.65 42.94
C GLY C 19 -42.84 2.33 43.06
N TRP C 20 -43.31 2.04 44.27
CA TRP C 20 -43.92 0.78 44.57
C TRP C 20 -45.27 1.08 45.11
N ILE C 21 -46.18 0.14 44.99
CA ILE C 21 -47.51 0.46 45.45
C ILE C 21 -47.67 -0.07 46.85
N ALA C 22 -48.13 0.78 47.74
CA ALA C 22 -48.52 0.33 49.06
C ALA C 22 -50.00 0.38 49.25
N SER C 23 -50.52 -0.64 49.89
CA SER C 23 -51.92 -0.68 50.15
C SER C 23 -52.08 -1.19 51.57
N PRO C 24 -52.58 -0.34 52.47
CA PRO C 24 -52.95 1.05 52.24
C PRO C 24 -51.79 1.95 51.89
N LEU C 25 -52.13 3.11 51.32
CA LEU C 25 -51.18 4.11 50.89
C LEU C 25 -50.63 4.84 52.07
N GLU C 26 -51.40 4.87 53.17
CA GLU C 26 -50.97 5.56 54.36
C GLU C 26 -51.14 4.66 55.57
N GLY C 27 -50.18 4.76 56.49
CA GLY C 27 -50.26 4.06 57.77
C GLY C 27 -49.88 2.59 57.78
N GLY C 28 -49.30 2.08 56.70
CA GLY C 28 -49.01 0.65 56.56
C GLY C 28 -47.55 0.70 56.24
N TRP C 29 -47.05 -0.04 55.24
CA TRP C 29 -45.65 0.23 54.81
C TRP C 29 -45.48 1.70 54.42
N GLU C 30 -44.42 2.34 54.91
CA GLU C 30 -44.13 3.75 54.69
C GLU C 30 -42.73 3.78 54.18
N GLU C 31 -42.38 4.71 53.30
CA GLU C 31 -40.95 4.78 52.96
C GLU C 31 -40.34 5.74 53.93
N VAL C 32 -39.14 5.43 54.37
CA VAL C 32 -38.43 6.20 55.39
C VAL C 32 -36.96 6.15 54.99
N SER C 33 -36.31 7.28 55.29
CA SER C 33 -34.97 7.60 54.82
C SER C 33 -34.00 7.06 55.87
N ILE C 34 -32.87 6.46 55.46
CA ILE C 34 -32.13 5.57 56.37
C ILE C 34 -30.74 5.16 55.94
N MET C 35 -29.83 5.00 56.92
CA MET C 35 -28.45 4.56 56.71
C MET C 35 -28.29 3.07 56.49
N ASP C 36 -27.52 2.71 55.46
CA ASP C 36 -27.24 1.32 55.11
C ASP C 36 -26.03 0.84 55.87
N GLU C 37 -25.73 -0.45 55.75
CA GLU C 37 -24.50 -1.00 56.27
C GLU C 37 -23.31 -0.44 55.48
N LYS C 38 -23.63 0.22 54.37
CA LYS C 38 -22.64 0.87 53.53
C LYS C 38 -22.59 2.37 53.79
N ASN C 39 -23.39 2.80 54.77
CA ASN C 39 -23.54 4.20 55.13
C ASN C 39 -23.96 5.08 53.97
N THR C 40 -24.79 4.52 53.11
CA THR C 40 -25.38 5.29 52.03
C THR C 40 -26.85 5.42 52.34
N PRO C 41 -27.37 6.66 52.34
CA PRO C 41 -28.78 6.94 52.55
C PRO C 41 -29.63 6.50 51.38
N ILE C 42 -30.80 5.99 51.74
CA ILE C 42 -31.62 5.20 50.87
C ILE C 42 -33.01 5.34 51.48
N ARG C 43 -34.03 5.30 50.63
CA ARG C 43 -35.42 5.25 51.10
C ARG C 43 -35.68 3.73 51.12
N THR C 44 -36.33 3.26 52.18
CA THR C 44 -36.63 1.80 52.30
C THR C 44 -38.11 1.72 52.77
N TYR C 45 -38.66 0.52 52.82
CA TYR C 45 -39.99 0.56 53.41
C TYR C 45 -40.06 -0.09 54.77
N GLN C 46 -40.96 0.41 55.58
CA GLN C 46 -41.00 -0.07 56.92
C GLN C 46 -42.41 -0.01 57.48
N VAL C 47 -42.73 -0.86 58.42
CA VAL C 47 -44.00 -0.70 59.12
C VAL C 47 -43.80 -1.06 60.58
N CYS C 48 -44.54 -0.39 61.46
CA CYS C 48 -44.51 -0.82 62.82
C CYS C 48 -45.82 -0.55 63.52
N ASN C 49 -46.88 -1.23 63.06
CA ASN C 49 -48.24 -1.09 63.65
C ASN C 49 -48.55 -2.23 64.58
N VAL C 50 -47.68 -2.41 65.56
CA VAL C 50 -47.73 -3.56 66.47
C VAL C 50 -48.78 -3.42 67.56
N MET C 51 -49.38 -2.23 67.69
CA MET C 51 -50.45 -2.04 68.66
C MET C 51 -51.88 -2.14 68.10
N GLU C 52 -52.00 -2.48 66.83
CA GLU C 52 -53.29 -2.53 66.13
C GLU C 52 -53.84 -3.94 66.04
N PRO C 53 -55.17 -4.07 66.20
CA PRO C 53 -55.82 -5.36 66.42
C PRO C 53 -55.70 -6.31 65.22
N SER C 54 -55.99 -5.80 64.03
CA SER C 54 -55.89 -6.60 62.84
C SER C 54 -55.14 -5.73 61.90
N GLN C 55 -54.32 -6.34 61.04
CA GLN C 55 -53.44 -5.59 60.18
C GLN C 55 -53.29 -6.35 58.89
N ASN C 56 -53.31 -5.63 57.77
CA ASN C 56 -53.06 -6.29 56.54
C ASN C 56 -52.47 -5.22 55.66
N ASN C 57 -51.15 -5.15 55.66
CA ASN C 57 -50.45 -4.15 54.92
C ASN C 57 -49.69 -4.74 53.72
N TRP C 58 -49.96 -4.20 52.53
CA TRP C 58 -49.32 -4.74 51.37
C TRP C 58 -48.34 -3.78 50.81
N LEU C 59 -47.25 -4.30 50.26
CA LEU C 59 -46.37 -3.46 49.54
C LEU C 59 -45.94 -4.34 48.35
N ARG C 60 -45.94 -3.76 47.14
CA ARG C 60 -45.76 -4.57 45.92
C ARG C 60 -44.79 -3.83 45.05
N THR C 61 -43.86 -4.53 44.44
CA THR C 61 -42.92 -3.86 43.60
C THR C 61 -43.58 -3.44 42.28
N ASP C 62 -42.78 -2.84 41.40
CA ASP C 62 -43.07 -2.66 40.00
C ASP C 62 -43.06 -4.02 39.31
N TRP C 63 -43.59 -4.06 38.11
CA TRP C 63 -43.38 -5.21 37.26
C TRP C 63 -41.90 -5.48 37.04
N ILE C 64 -41.52 -6.75 37.04
CA ILE C 64 -40.12 -7.16 36.91
C ILE C 64 -40.06 -8.10 35.73
N THR C 65 -39.36 -7.66 34.67
CA THR C 65 -39.14 -8.54 33.52
C THR C 65 -38.27 -9.75 33.89
N ARG C 66 -38.63 -10.92 33.38
CA ARG C 66 -37.92 -12.12 33.78
C ARG C 66 -36.76 -12.40 32.89
N GLU C 67 -36.57 -11.52 31.91
CA GLU C 67 -35.71 -11.83 30.76
C GLU C 67 -36.02 -13.25 30.33
N GLY C 68 -34.97 -14.06 30.26
CA GLY C 68 -35.19 -15.39 29.81
C GLY C 68 -35.40 -16.41 30.88
N ALA C 69 -35.30 -16.03 32.14
CA ALA C 69 -35.04 -17.04 33.14
C ALA C 69 -36.29 -17.79 33.53
N GLN C 70 -36.12 -19.00 34.02
CA GLN C 70 -37.27 -19.70 34.54
C GLN C 70 -37.30 -19.74 36.06
N ARG C 71 -36.11 -19.96 36.65
CA ARG C 71 -35.92 -19.99 38.10
C ARG C 71 -35.33 -18.65 38.57
N VAL C 72 -36.07 -17.93 39.40
CA VAL C 72 -35.62 -16.65 39.88
C VAL C 72 -35.41 -16.61 41.40
N TYR C 73 -34.35 -15.95 41.86
CA TYR C 73 -34.06 -15.86 43.28
C TYR C 73 -34.39 -14.48 43.84
N ILE C 74 -34.75 -14.45 45.12
CA ILE C 74 -35.15 -13.21 45.76
C ILE C 74 -34.42 -13.13 47.08
N GLU C 75 -33.65 -12.06 47.27
CA GLU C 75 -32.79 -11.94 48.40
C GLU C 75 -33.20 -10.69 49.12
N ILE C 76 -33.69 -10.85 50.35
CA ILE C 76 -34.26 -9.75 51.10
C ILE C 76 -33.47 -9.47 52.38
N LYS C 77 -33.04 -8.23 52.59
CA LYS C 77 -32.32 -7.99 53.82
C LYS C 77 -33.16 -7.08 54.67
N PHE C 78 -33.39 -7.45 55.93
CA PHE C 78 -34.31 -6.61 56.72
C PHE C 78 -33.91 -6.68 58.19
N THR C 79 -34.54 -5.85 59.02
CA THR C 79 -34.40 -5.88 60.43
C THR C 79 -35.80 -6.06 60.99
N LEU C 80 -35.94 -6.84 62.08
CA LEU C 80 -37.28 -7.12 62.66
C LEU C 80 -37.24 -6.88 64.16
N ARG C 81 -38.18 -6.20 64.77
CA ARG C 81 -38.09 -5.92 66.20
C ARG C 81 -38.70 -7.03 67.11
N ASP C 82 -38.08 -7.36 68.24
CA ASP C 82 -38.64 -8.33 69.22
C ASP C 82 -39.88 -7.78 69.78
N CYS C 83 -40.93 -8.59 69.86
CA CYS C 83 -42.16 -8.04 70.42
C CYS C 83 -42.06 -7.76 71.91
N ASN C 84 -41.02 -8.34 72.53
CA ASN C 84 -40.69 -8.14 73.93
C ASN C 84 -40.20 -6.75 74.21
N SER C 85 -39.55 -6.18 73.20
CA SER C 85 -38.98 -4.84 73.28
C SER C 85 -40.01 -3.76 73.01
N LEU C 86 -41.23 -4.15 72.71
CA LEU C 86 -42.30 -3.20 72.47
C LEU C 86 -43.31 -3.28 73.60
N PRO C 87 -43.49 -2.17 74.30
CA PRO C 87 -44.25 -2.20 75.53
C PRO C 87 -45.76 -2.42 75.41
N GLY C 88 -46.23 -3.40 76.21
CA GLY C 88 -47.64 -3.68 76.47
C GLY C 88 -48.36 -4.16 75.25
N VAL C 89 -47.66 -4.84 74.37
CA VAL C 89 -48.22 -5.13 73.08
C VAL C 89 -49.04 -6.43 73.06
N MET C 90 -49.19 -7.08 74.23
CA MET C 90 -49.76 -8.45 74.28
C MET C 90 -51.10 -8.62 73.53
N GLY C 91 -51.18 -9.69 72.74
CA GLY C 91 -52.32 -9.98 71.85
C GLY C 91 -52.00 -9.97 70.36
N THR C 92 -51.40 -8.85 69.88
CA THR C 92 -51.32 -8.48 68.44
C THR C 92 -49.98 -8.58 67.67
N CYS C 93 -48.86 -8.29 68.33
CA CYS C 93 -47.52 -8.22 67.75
C CYS C 93 -46.98 -9.48 67.17
N LYS C 94 -46.44 -9.38 65.98
CA LYS C 94 -45.94 -10.51 65.28
C LYS C 94 -44.45 -10.37 64.96
N GLU C 95 -43.78 -11.48 64.57
CA GLU C 95 -42.34 -11.55 64.27
C GLU C 95 -42.08 -12.24 62.94
N THR C 96 -43.03 -12.16 61.99
CA THR C 96 -42.85 -12.71 60.61
C THR C 96 -43.59 -11.87 59.58
N PHE C 97 -43.34 -12.11 58.30
CA PHE C 97 -44.05 -11.39 57.25
C PHE C 97 -44.15 -12.27 56.01
N ASN C 98 -45.08 -11.96 55.12
CA ASN C 98 -45.36 -12.92 54.05
C ASN C 98 -44.93 -12.34 52.74
N LEU C 99 -44.48 -13.25 51.89
CA LEU C 99 -43.78 -12.92 50.71
C LEU C 99 -44.52 -13.61 49.58
N TYR C 100 -45.04 -12.83 48.63
CA TYR C 100 -45.81 -13.35 47.51
C TYR C 100 -45.23 -12.88 46.18
N TYR C 101 -45.59 -13.59 45.11
CA TYR C 101 -45.48 -13.03 43.78
C TYR C 101 -46.73 -13.26 42.93
N TYR C 102 -46.79 -12.61 41.76
CA TYR C 102 -47.66 -13.02 40.63
C TYR C 102 -47.06 -12.66 39.26
N GLU C 103 -47.26 -13.54 38.30
CA GLU C 103 -46.74 -13.34 36.96
C GLU C 103 -47.81 -12.66 36.13
N SER C 104 -47.38 -11.84 35.19
CA SER C 104 -48.29 -11.11 34.31
C SER C 104 -47.53 -10.64 33.09
N ASP C 105 -48.29 -10.37 32.04
CA ASP C 105 -47.74 -9.83 30.81
C ASP C 105 -47.92 -8.31 30.82
N ASN C 106 -48.80 -7.83 31.68
CA ASN C 106 -49.13 -6.41 31.78
C ASN C 106 -48.16 -5.70 32.71
N ASP C 107 -47.31 -4.85 32.14
CA ASP C 107 -46.29 -4.19 32.93
C ASP C 107 -46.81 -2.95 33.61
N LYS C 108 -48.08 -2.63 33.40
CA LYS C 108 -48.61 -1.40 33.96
C LYS C 108 -49.97 -1.57 34.63
N GLU C 109 -50.15 -2.66 35.37
CA GLU C 109 -51.34 -2.82 36.23
C GLU C 109 -51.25 -1.86 37.38
N ARG C 110 -52.29 -1.07 37.54
CA ARG C 110 -52.19 0.11 38.40
C ARG C 110 -52.43 -0.22 39.86
N PHE C 111 -53.14 -1.31 40.14
CA PHE C 111 -53.54 -1.61 41.50
C PHE C 111 -53.18 -3.01 41.94
N ILE C 112 -52.62 -3.09 43.15
CA ILE C 112 -52.31 -4.37 43.80
C ILE C 112 -53.54 -5.27 43.63
N ARG C 113 -53.33 -6.43 43.03
CA ARG C 113 -54.35 -7.46 42.92
C ARG C 113 -54.77 -7.87 44.31
N GLU C 114 -55.99 -8.31 44.48
CA GLU C 114 -56.42 -8.65 45.81
C GLU C 114 -56.73 -10.14 45.93
N ASN C 115 -56.44 -10.89 44.88
CA ASN C 115 -56.71 -12.33 44.81
C ASN C 115 -55.60 -13.19 44.17
N GLN C 116 -55.06 -12.73 43.06
CA GLN C 116 -54.25 -13.57 42.18
C GLN C 116 -52.77 -13.78 42.62
N PHE C 117 -52.39 -13.21 43.76
CA PHE C 117 -51.07 -13.35 44.35
C PHE C 117 -50.87 -14.80 44.84
N VAL C 118 -49.62 -15.29 44.82
CA VAL C 118 -49.30 -16.62 45.41
C VAL C 118 -48.12 -16.55 46.35
N LYS C 119 -48.26 -17.22 47.48
CA LYS C 119 -47.33 -17.07 48.56
C LYS C 119 -46.07 -17.85 48.27
N ILE C 120 -44.93 -17.19 48.44
CA ILE C 120 -43.63 -17.82 48.32
C ILE C 120 -43.30 -18.46 49.66
N ASP C 121 -43.52 -17.74 50.77
CA ASP C 121 -43.10 -18.28 52.05
C ASP C 121 -43.47 -17.36 53.16
N THR C 122 -43.50 -17.88 54.38
CA THR C 122 -43.56 -17.03 55.56
C THR C 122 -42.14 -16.79 55.97
N ILE C 123 -41.76 -15.52 56.12
CA ILE C 123 -40.37 -15.16 56.44
C ILE C 123 -40.22 -14.80 57.92
N ALA C 124 -39.33 -15.50 58.61
CA ALA C 124 -39.04 -15.23 60.01
C ALA C 124 -37.64 -14.67 60.12
N ALA C 125 -37.31 -14.09 61.26
CA ALA C 125 -36.03 -13.43 61.35
C ALA C 125 -35.09 -14.26 62.21
N ASP C 126 -33.81 -14.32 61.84
CA ASP C 126 -32.81 -15.02 62.65
C ASP C 126 -32.44 -14.20 63.89
N GLU C 127 -32.26 -12.91 63.71
CA GLU C 127 -31.89 -12.05 64.81
C GLU C 127 -32.84 -10.88 64.93
N SER C 128 -33.59 -10.86 66.02
CA SER C 128 -34.51 -9.78 66.29
C SER C 128 -33.79 -8.75 67.11
N PHE C 129 -33.98 -7.48 66.79
CA PHE C 129 -33.31 -6.44 67.55
C PHE C 129 -34.12 -5.93 68.72
N THR C 130 -33.39 -5.48 69.74
CA THR C 130 -33.91 -4.97 70.99
C THR C 130 -33.62 -3.50 71.11
N GLN C 131 -34.15 -2.89 72.17
CA GLN C 131 -33.83 -1.51 72.51
C GLN C 131 -32.34 -1.36 72.73
N VAL C 132 -31.71 -2.43 73.17
CA VAL C 132 -30.28 -2.37 73.45
C VAL C 132 -29.46 -2.24 72.17
N ASP C 133 -29.81 -2.98 71.14
CA ASP C 133 -29.08 -2.93 69.89
C ASP C 133 -29.13 -1.55 69.29
N ILE C 134 -30.27 -0.90 69.45
CA ILE C 134 -30.48 0.45 68.92
C ILE C 134 -29.59 1.42 69.67
N GLY C 135 -29.59 1.32 70.98
CA GLY C 135 -28.87 2.24 71.85
C GLY C 135 -27.38 2.18 71.66
N ASP C 136 -26.89 1.00 71.29
CA ASP C 136 -25.45 0.82 71.12
C ASP C 136 -25.03 0.86 69.66
N ARG C 137 -25.98 1.15 68.76
CA ARG C 137 -25.74 1.19 67.32
C ARG C 137 -25.30 -0.17 66.72
N ILE C 138 -26.17 -1.17 66.91
CA ILE C 138 -26.02 -2.49 66.29
C ILE C 138 -27.12 -2.70 65.28
N MET C 139 -26.76 -3.10 64.07
CA MET C 139 -27.77 -3.30 63.06
C MET C 139 -27.94 -4.79 62.93
N LYS C 140 -28.94 -5.37 63.58
CA LYS C 140 -29.06 -6.82 63.48
C LYS C 140 -29.83 -7.14 62.23
N LEU C 141 -29.08 -7.51 61.20
CA LEU C 141 -29.57 -7.47 59.84
C LEU C 141 -29.75 -8.83 59.33
N ASN C 142 -31.00 -9.15 58.99
CA ASN C 142 -31.30 -10.44 58.45
C ASN C 142 -31.15 -10.57 56.94
N THR C 143 -30.65 -11.70 56.48
CA THR C 143 -30.70 -12.01 55.06
C THR C 143 -31.39 -13.33 54.81
N GLU C 144 -32.39 -13.28 53.94
CA GLU C 144 -33.06 -14.49 53.50
C GLU C 144 -33.11 -14.57 51.96
N ILE C 145 -32.99 -15.78 51.46
CA ILE C 145 -33.18 -15.98 50.05
C ILE C 145 -34.34 -16.99 49.79
N ARG C 146 -35.29 -16.60 48.95
CA ARG C 146 -36.19 -17.60 48.40
C ARG C 146 -36.05 -17.70 46.87
N ASP C 147 -36.59 -18.77 46.27
CA ASP C 147 -36.72 -18.79 44.82
C ASP C 147 -38.14 -19.15 44.33
N VAL C 148 -38.43 -18.80 43.07
CA VAL C 148 -39.73 -19.08 42.44
C VAL C 148 -39.44 -19.57 41.04
N GLY C 149 -40.43 -20.25 40.43
CA GLY C 149 -40.25 -20.92 39.13
C GLY C 149 -41.00 -22.23 38.98
N PRO C 150 -41.07 -22.73 37.75
CA PRO C 150 -40.58 -22.08 36.54
C PRO C 150 -41.54 -20.99 36.10
N LEU C 151 -41.02 -19.82 35.73
CA LEU C 151 -41.90 -18.72 35.36
C LEU C 151 -42.22 -18.82 33.88
N SER C 152 -43.45 -18.47 33.50
CA SER C 152 -43.90 -18.57 32.11
C SER C 152 -44.25 -17.26 31.41
N LYS C 153 -44.57 -16.20 32.14
CA LYS C 153 -45.02 -14.96 31.49
C LYS C 153 -43.90 -13.93 31.35
N LYS C 154 -44.15 -12.85 30.62
CA LYS C 154 -43.11 -11.86 30.37
C LYS C 154 -42.42 -11.40 31.65
N GLY C 155 -43.22 -11.27 32.72
CA GLY C 155 -42.73 -10.72 33.98
C GLY C 155 -43.60 -11.00 35.17
N PHE C 156 -43.23 -10.42 36.31
CA PHE C 156 -43.93 -10.66 37.56
C PHE C 156 -43.85 -9.49 38.55
N TYR C 157 -44.73 -9.54 39.55
CA TYR C 157 -44.72 -8.62 40.65
C TYR C 157 -44.28 -9.39 41.93
N LEU C 158 -43.75 -8.67 42.91
CA LEU C 158 -43.35 -9.26 44.20
C LEU C 158 -44.12 -8.51 45.27
N ALA C 159 -44.52 -9.18 46.34
CA ALA C 159 -45.28 -8.41 47.32
C ALA C 159 -45.00 -8.90 48.72
N PHE C 160 -45.13 -7.98 49.66
CA PHE C 160 -44.81 -8.26 51.03
C PHE C 160 -46.09 -7.94 51.73
N GLN C 161 -46.51 -8.88 52.59
CA GLN C 161 -47.67 -8.61 53.42
C GLN C 161 -47.26 -8.62 54.87
N ASP C 162 -47.57 -7.52 55.56
CA ASP C 162 -47.33 -7.38 56.96
C ASP C 162 -48.65 -7.60 57.66
N VAL C 163 -48.63 -8.45 58.67
CA VAL C 163 -49.84 -8.64 59.45
C VAL C 163 -49.66 -8.21 60.91
N GLY C 164 -48.62 -7.47 61.21
CA GLY C 164 -48.50 -7.00 62.56
C GLY C 164 -47.11 -7.02 63.15
N ALA C 165 -46.10 -7.01 62.29
CA ALA C 165 -44.73 -6.99 62.69
C ALA C 165 -44.22 -5.59 62.71
N CYS C 166 -42.97 -5.48 63.12
CA CYS C 166 -42.31 -4.21 63.20
C CYS C 166 -41.07 -4.49 62.45
N ILE C 167 -41.06 -4.13 61.18
CA ILE C 167 -40.00 -4.53 60.30
C ILE C 167 -39.61 -3.41 59.33
N ALA C 168 -38.36 -3.44 58.85
CA ALA C 168 -37.75 -2.43 58.02
C ALA C 168 -37.07 -3.18 56.86
N LEU C 169 -37.48 -2.95 55.60
CA LEU C 169 -36.90 -3.70 54.44
C LEU C 169 -35.69 -2.92 53.98
N VAL C 170 -34.49 -3.46 54.10
CA VAL C 170 -33.32 -2.64 53.80
C VAL C 170 -32.98 -2.79 52.32
N SER C 171 -32.97 -4.03 51.83
CA SER C 171 -32.90 -4.29 50.39
C SER C 171 -33.65 -5.54 49.87
N VAL C 172 -33.98 -5.45 48.60
CA VAL C 172 -34.66 -6.49 47.89
C VAL C 172 -33.82 -6.64 46.65
N ARG C 173 -33.41 -7.84 46.31
CA ARG C 173 -32.63 -7.96 45.10
C ARG C 173 -33.05 -9.24 44.43
N VAL C 174 -33.45 -9.11 43.18
CA VAL C 174 -34.03 -10.23 42.49
C VAL C 174 -33.12 -10.56 41.35
N PHE C 175 -32.85 -11.85 41.16
CA PHE C 175 -31.89 -12.25 40.15
C PHE C 175 -32.07 -13.69 39.67
N TYR C 176 -31.44 -14.01 38.53
CA TYR C 176 -31.39 -15.37 38.03
C TYR C 176 -29.96 -15.77 37.84
N LYS C 177 -29.72 -17.03 37.54
CA LYS C 177 -28.34 -17.49 37.42
C LYS C 177 -28.10 -17.99 36.02
N LYS C 178 -26.83 -17.95 35.58
CA LYS C 178 -26.42 -18.46 34.29
C LYS C 178 -25.05 -19.06 34.43
N CYS C 179 -24.70 -20.01 33.56
CA CYS C 179 -23.33 -20.48 33.50
C CYS C 179 -22.64 -19.56 32.53
N PRO C 180 -21.55 -18.92 32.98
CA PRO C 180 -20.94 -17.87 32.16
C PRO C 180 -20.16 -18.47 30.98
N LEU C 181 -20.08 -17.72 29.87
CA LEU C 181 -19.22 -18.09 28.74
C LEU C 181 -17.83 -18.51 29.21
N THR C 182 -17.36 -19.65 28.72
CA THR C 182 -16.11 -20.25 29.15
C THR C 182 -15.53 -21.14 28.03
N VAL C 183 -14.26 -21.51 28.16
CA VAL C 183 -13.63 -22.47 27.25
C VAL C 183 -13.20 -23.69 28.07
N ARG C 184 -13.50 -24.89 27.60
CA ARG C 184 -13.16 -26.08 28.37
C ARG C 184 -12.81 -27.18 27.40
N ASN C 185 -11.71 -27.89 27.68
CA ASN C 185 -11.25 -28.93 26.80
C ASN C 185 -11.16 -28.42 25.36
N LEU C 186 -10.61 -27.19 25.21
CA LEU C 186 -10.47 -26.50 23.93
C LEU C 186 -11.81 -26.28 23.18
N ALA C 187 -12.90 -26.21 23.92
CA ALA C 187 -14.20 -25.88 23.33
C ALA C 187 -14.81 -24.67 24.02
N GLN C 188 -15.46 -23.84 23.22
CA GLN C 188 -16.12 -22.64 23.72
C GLN C 188 -17.59 -22.92 23.97
N PHE C 189 -18.05 -22.55 25.16
CA PHE C 189 -19.44 -22.70 25.55
C PHE C 189 -19.99 -21.33 25.90
N PRO C 190 -21.17 -20.96 25.35
CA PRO C 190 -21.78 -19.63 25.54
C PRO C 190 -22.41 -19.41 26.92
N ASP C 191 -22.72 -18.14 27.24
CA ASP C 191 -23.56 -17.84 28.39
C ASP C 191 -24.79 -18.70 28.28
N THR C 192 -25.14 -19.36 29.36
CA THR C 192 -26.31 -20.24 29.33
C THR C 192 -27.12 -19.99 30.58
N ILE C 193 -28.36 -19.53 30.41
CA ILE C 193 -29.26 -19.39 31.57
C ILE C 193 -29.54 -20.76 32.20
N THR C 194 -29.73 -20.80 33.51
CA THR C 194 -29.96 -22.10 34.18
C THR C 194 -31.36 -22.63 33.93
N GLY C 195 -31.54 -23.93 34.16
CA GLY C 195 -32.84 -24.59 33.91
C GLY C 195 -33.95 -24.26 34.89
N ALA C 196 -35.11 -24.89 34.69
CA ALA C 196 -36.35 -24.57 35.40
C ALA C 196 -36.33 -24.87 36.91
N ASP C 197 -35.72 -25.99 37.31
CA ASP C 197 -35.69 -26.37 38.71
C ASP C 197 -34.32 -26.15 39.32
N THR C 198 -34.26 -26.11 40.64
CA THR C 198 -32.99 -25.99 41.34
C THR C 198 -32.16 -27.26 41.19
N SER C 199 -32.71 -28.25 40.49
CA SER C 199 -32.00 -29.49 40.21
C SER C 199 -31.88 -29.80 38.70
N SER C 200 -32.19 -28.83 37.86
CA SER C 200 -32.07 -28.96 36.40
C SER C 200 -30.62 -28.88 35.94
N LEU C 201 -30.34 -29.63 34.86
CA LEU C 201 -29.11 -29.49 34.05
C LEU C 201 -29.40 -29.14 32.60
N VAL C 202 -28.72 -28.13 32.07
CA VAL C 202 -28.96 -27.79 30.70
C VAL C 202 -27.77 -28.29 29.90
N GLU C 203 -28.06 -29.10 28.89
CA GLU C 203 -27.04 -29.56 27.96
C GLU C 203 -26.64 -28.41 27.04
N VAL C 204 -25.34 -28.19 26.92
CA VAL C 204 -24.85 -27.18 26.00
C VAL C 204 -23.72 -27.74 25.15
N ARG C 205 -23.92 -27.64 23.84
CA ARG C 205 -22.95 -28.10 22.85
C ARG C 205 -21.91 -27.03 22.55
N GLY C 206 -20.64 -27.37 22.73
CA GLY C 206 -19.59 -26.41 22.46
C GLY C 206 -19.12 -26.33 21.01
N SER C 207 -18.40 -25.26 20.67
CA SER C 207 -17.66 -25.12 19.42
C SER C 207 -16.20 -25.21 19.68
N CYS C 208 -15.50 -26.00 18.86
CA CYS C 208 -14.06 -26.15 19.01
C CYS C 208 -13.42 -24.80 18.82
N VAL C 209 -12.44 -24.50 19.66
CA VAL C 209 -11.69 -23.26 19.51
C VAL C 209 -10.88 -23.29 18.23
N ASN C 210 -10.61 -22.11 17.74
CA ASN C 210 -9.71 -21.89 16.66
C ASN C 210 -8.28 -22.14 17.19
N ASN C 211 -7.50 -23.01 16.56
CA ASN C 211 -7.88 -23.87 15.49
C ASN C 211 -7.48 -25.27 15.93
N SER C 212 -8.49 -26.10 16.18
CA SER C 212 -8.30 -27.41 16.75
C SER C 212 -9.35 -28.27 16.07
N GLU C 213 -9.35 -29.57 16.32
CA GLU C 213 -10.40 -30.37 15.74
C GLU C 213 -11.08 -31.27 16.74
N GLU C 214 -12.37 -31.53 16.51
CA GLU C 214 -13.17 -32.30 17.44
C GLU C 214 -12.86 -33.78 17.39
N LYS C 215 -12.41 -34.30 18.52
CA LYS C 215 -12.17 -35.72 18.67
C LYS C 215 -13.52 -36.36 19.00
N ASP C 216 -14.03 -36.06 20.18
CA ASP C 216 -15.39 -36.40 20.55
C ASP C 216 -16.20 -35.11 20.71
N VAL C 217 -17.48 -35.17 20.33
CA VAL C 217 -18.37 -34.02 20.42
C VAL C 217 -18.28 -33.39 21.79
N PRO C 218 -17.93 -32.07 21.84
CA PRO C 218 -17.81 -31.30 23.08
C PRO C 218 -19.18 -30.88 23.68
N LYS C 219 -19.41 -31.33 24.91
CA LYS C 219 -20.67 -31.09 25.60
C LYS C 219 -20.36 -30.74 27.05
N MET C 220 -21.19 -29.89 27.63
CA MET C 220 -21.09 -29.59 29.04
C MET C 220 -22.44 -29.22 29.62
N TYR C 221 -22.60 -29.54 30.90
CA TYR C 221 -23.86 -29.29 31.54
C TYR C 221 -23.86 -28.04 32.39
N CYS C 222 -24.90 -27.21 32.25
CA CYS C 222 -25.02 -26.01 33.04
C CYS C 222 -25.91 -26.30 34.26
N GLY C 223 -25.28 -26.28 35.43
CA GLY C 223 -25.97 -26.55 36.68
C GLY C 223 -26.80 -25.39 37.19
N ALA C 224 -27.84 -25.72 37.94
CA ALA C 224 -28.76 -24.73 38.44
C ALA C 224 -28.13 -23.61 39.28
N ASP C 225 -26.98 -23.89 39.89
CA ASP C 225 -26.31 -22.91 40.75
C ASP C 225 -25.30 -22.09 39.95
N GLY C 226 -25.34 -22.26 38.62
CA GLY C 226 -24.55 -21.44 37.69
C GLY C 226 -23.16 -21.96 37.41
N GLU C 227 -22.84 -23.14 37.93
CA GLU C 227 -21.57 -23.81 37.70
C GLU C 227 -21.71 -24.71 36.47
N TRP C 228 -20.72 -24.72 35.57
CA TRP C 228 -20.58 -25.78 34.55
C TRP C 228 -20.25 -27.14 35.15
N LEU C 229 -20.96 -28.18 34.70
CA LEU C 229 -20.80 -29.51 35.27
C LEU C 229 -20.03 -30.38 34.37
N VAL C 230 -19.89 -31.65 34.77
CA VAL C 230 -18.82 -32.51 34.25
C VAL C 230 -18.91 -32.65 32.72
N PRO C 231 -17.83 -32.20 32.04
CA PRO C 231 -17.85 -32.12 30.60
C PRO C 231 -17.57 -33.48 30.01
N ILE C 232 -17.90 -33.59 28.73
CA ILE C 232 -17.61 -34.75 27.94
C ILE C 232 -17.23 -34.24 26.55
N GLY C 233 -16.47 -35.06 25.83
CA GLY C 233 -15.90 -34.66 24.56
C GLY C 233 -14.62 -33.87 24.77
N ASN C 234 -13.90 -33.64 23.68
CA ASN C 234 -12.80 -32.68 23.64
C ASN C 234 -12.47 -32.28 22.19
N CYS C 235 -11.75 -31.16 22.07
CA CYS C 235 -11.08 -30.81 20.84
C CYS C 235 -9.60 -30.93 21.10
N LEU C 236 -8.87 -31.12 20.00
CA LEU C 236 -7.44 -31.28 20.06
C LEU C 236 -6.84 -30.20 19.21
N CYS C 237 -5.74 -29.60 19.69
CA CYS C 237 -4.97 -28.63 18.89
C CYS C 237 -4.42 -29.23 17.59
N ASN C 238 -4.73 -28.59 16.45
CA ASN C 238 -4.16 -28.99 15.17
C ASN C 238 -2.64 -29.15 15.24
N ALA C 239 -2.09 -29.93 14.32
CA ALA C 239 -0.66 -30.14 14.28
C ALA C 239 0.03 -28.78 14.06
N GLY C 240 1.18 -28.59 14.70
CA GLY C 240 1.90 -27.33 14.59
C GLY C 240 1.46 -26.32 15.63
N HIS C 241 0.51 -26.70 16.45
CA HIS C 241 -0.04 -25.79 17.44
C HIS C 241 -0.14 -26.49 18.75
N GLU C 242 -0.15 -25.70 19.82
CA GLU C 242 -0.35 -26.26 21.13
C GLU C 242 -1.35 -25.42 21.98
N GLU C 243 -1.99 -26.12 22.92
CA GLU C 243 -2.87 -25.48 23.90
C GLU C 243 -2.09 -24.66 24.88
N ARG C 244 -2.40 -23.37 24.91
CA ARG C 244 -1.87 -22.46 25.90
C ARG C 244 -2.99 -21.46 26.21
N SER C 245 -3.23 -21.26 27.51
CA SER C 245 -4.43 -20.61 28.03
C SER C 245 -5.65 -21.44 27.55
N GLY C 246 -6.55 -20.84 26.79
CA GLY C 246 -7.65 -21.57 26.18
C GLY C 246 -7.60 -21.39 24.68
N GLU C 247 -6.37 -21.26 24.17
CA GLU C 247 -6.11 -21.08 22.74
C GLU C 247 -5.19 -22.17 22.22
N CYS C 248 -5.36 -22.51 20.95
CA CYS C 248 -4.40 -23.32 20.20
C CYS C 248 -3.48 -22.35 19.49
N GLN C 249 -2.29 -22.15 20.03
CA GLN C 249 -1.37 -21.20 19.46
C GLN C 249 -0.29 -21.93 18.65
N ALA C 250 0.10 -21.34 17.52
CA ALA C 250 1.21 -21.85 16.73
C ALA C 250 2.45 -22.14 17.58
N CYS C 251 3.14 -23.22 17.23
CA CYS C 251 4.40 -23.63 17.86
C CYS C 251 5.44 -22.55 17.73
N LYS C 252 6.25 -22.40 18.78
CA LYS C 252 7.30 -21.41 18.72
C LYS C 252 8.38 -21.86 17.73
N ILE C 253 9.00 -20.89 17.07
CA ILE C 253 10.23 -21.08 16.29
C ILE C 253 11.23 -22.06 16.96
N GLY C 254 11.66 -23.07 16.22
CA GLY C 254 12.56 -24.12 16.74
C GLY C 254 11.87 -25.26 17.47
N TYR C 255 10.55 -25.23 17.46
CA TYR C 255 9.74 -26.26 18.08
C TYR C 255 8.77 -26.75 17.03
N TYR C 256 8.16 -27.89 17.27
CA TYR C 256 7.29 -28.50 16.25
C TYR C 256 6.26 -29.38 16.96
N LYS C 257 5.12 -29.59 16.32
CA LYS C 257 4.18 -30.59 16.82
C LYS C 257 3.65 -31.40 15.65
N ALA C 258 3.93 -32.71 15.67
CA ALA C 258 3.72 -33.58 14.52
C ALA C 258 2.26 -34.00 14.28
N LEU C 259 1.62 -34.49 15.33
CA LEU C 259 0.22 -34.93 15.25
C LEU C 259 -0.65 -34.17 16.25
N SER C 260 -1.95 -34.10 15.96
CA SER C 260 -2.92 -33.51 16.87
C SER C 260 -2.99 -34.27 18.21
N THR C 261 -2.84 -35.59 18.17
CA THR C 261 -2.87 -36.42 19.38
C THR C 261 -1.71 -36.12 20.31
N ASP C 262 -0.76 -35.33 19.84
CA ASP C 262 0.43 -34.97 20.63
C ASP C 262 0.10 -33.93 21.69
N ALA C 263 0.67 -34.11 22.87
CA ALA C 263 0.46 -33.21 24.00
C ALA C 263 0.83 -31.75 23.65
N THR C 264 2.11 -31.49 23.49
CA THR C 264 2.59 -30.12 23.33
C THR C 264 3.57 -30.03 22.16
N CYS C 265 4.05 -28.82 21.86
CA CYS C 265 5.18 -28.66 20.94
C CYS C 265 6.46 -29.08 21.65
N ALA C 266 7.28 -29.85 20.94
CA ALA C 266 8.60 -30.22 21.41
C ALA C 266 9.66 -29.47 20.58
N LYS C 267 10.86 -29.32 21.16
CA LYS C 267 11.97 -28.74 20.42
C LYS C 267 12.53 -29.74 19.41
N CYS C 268 12.87 -29.21 18.23
CA CYS C 268 13.32 -29.98 17.09
C CYS C 268 14.46 -30.90 17.53
N PRO C 269 14.44 -32.18 17.09
CA PRO C 269 15.49 -33.14 17.44
C PRO C 269 16.78 -32.71 16.76
N PRO C 270 17.95 -33.24 17.22
CA PRO C 270 19.27 -32.90 16.67
C PRO C 270 19.36 -32.96 15.12
N HIS C 271 20.02 -31.94 14.55
CA HIS C 271 20.28 -31.82 13.11
C HIS C 271 19.09 -31.57 12.23
N SER C 272 18.01 -31.17 12.88
CA SER C 272 16.82 -30.66 12.21
C SER C 272 16.56 -29.32 12.82
N TYR C 273 15.87 -28.49 12.06
CA TYR C 273 15.36 -27.25 12.57
C TYR C 273 14.09 -26.80 11.89
N SER C 274 13.32 -26.00 12.61
CA SER C 274 12.15 -25.34 12.07
C SER C 274 12.38 -23.85 12.09
N VAL C 275 12.37 -23.21 10.93
CA VAL C 275 12.57 -21.76 10.87
C VAL C 275 11.31 -20.91 11.07
N TRP C 276 10.13 -21.54 11.06
CA TRP C 276 8.87 -20.82 11.14
C TRP C 276 8.00 -21.21 12.29
N GLU C 277 7.04 -20.36 12.63
CA GLU C 277 6.07 -20.73 13.64
C GLU C 277 5.10 -21.72 13.02
N GLY C 278 4.64 -22.69 13.81
CA GLY C 278 3.58 -23.58 13.35
C GLY C 278 4.13 -24.75 12.59
N ALA C 279 5.31 -25.19 13.01
CA ALA C 279 6.02 -26.28 12.34
C ALA C 279 5.44 -27.65 12.69
N THR C 280 5.11 -28.44 11.66
CA THR C 280 4.62 -29.84 11.82
C THR C 280 5.73 -30.89 11.73
N SER C 281 6.88 -30.44 11.24
CA SER C 281 8.09 -31.25 11.08
C SER C 281 9.32 -30.35 11.13
N CYS C 282 10.48 -30.91 11.37
CA CYS C 282 11.68 -30.09 11.26
C CYS C 282 12.51 -30.39 9.99
N THR C 283 12.91 -29.36 9.25
CA THR C 283 13.77 -29.53 8.10
C THR C 283 15.13 -29.99 8.59
N CYS C 284 15.69 -30.98 7.90
CA CYS C 284 17.02 -31.51 8.19
C CYS C 284 18.10 -30.51 7.87
N ASP C 285 19.08 -30.43 8.77
CA ASP C 285 20.23 -29.54 8.58
C ASP C 285 21.05 -30.02 7.42
N ARG C 286 21.78 -29.10 6.81
CA ARG C 286 22.75 -29.38 5.74
C ARG C 286 23.51 -30.68 5.99
N GLY C 287 23.49 -31.58 5.02
CA GLY C 287 24.24 -32.84 5.11
C GLY C 287 23.71 -33.96 6.01
N PHE C 288 22.62 -33.71 6.72
CA PHE C 288 22.03 -34.71 7.60
C PHE C 288 20.67 -35.19 7.06
N PHE C 289 20.14 -36.32 7.56
CA PHE C 289 18.88 -36.84 6.99
C PHE C 289 17.96 -37.49 7.98
N ARG C 290 16.72 -37.67 7.53
CA ARG C 290 15.73 -38.47 8.23
C ARG C 290 15.32 -39.49 7.22
N ALA C 291 15.40 -40.75 7.63
CA ALA C 291 15.11 -41.84 6.71
C ALA C 291 13.61 -41.90 6.45
N ASP C 292 13.23 -42.51 5.32
CA ASP C 292 11.83 -42.79 4.97
C ASP C 292 11.00 -43.37 6.15
N ASN C 293 11.54 -44.38 6.82
CA ASN C 293 11.02 -44.90 8.10
C ASN C 293 11.33 -43.82 9.14
N ASP C 294 10.32 -43.11 9.58
CA ASP C 294 10.55 -41.76 10.12
C ASP C 294 9.86 -41.48 11.45
N ALA C 295 10.56 -40.74 12.31
CA ALA C 295 10.01 -40.21 13.54
C ALA C 295 10.49 -38.77 13.69
N ALA C 296 9.55 -37.81 13.66
CA ALA C 296 9.97 -36.43 13.62
C ALA C 296 10.75 -36.08 14.87
N SER C 297 10.70 -37.04 15.80
CA SER C 297 11.34 -37.01 17.08
C SER C 297 12.83 -37.26 16.94
N MET C 298 13.16 -38.06 15.91
CA MET C 298 14.54 -38.52 15.69
C MET C 298 15.38 -37.42 15.10
N PRO C 299 16.63 -37.30 15.61
CA PRO C 299 17.57 -36.30 15.14
C PRO C 299 17.89 -36.59 13.67
N CYS C 300 18.36 -35.58 12.95
CA CYS C 300 18.80 -35.86 11.60
C CYS C 300 20.18 -36.55 11.59
N THR C 301 20.43 -37.33 10.53
CA THR C 301 21.52 -38.34 10.52
C THR C 301 22.25 -38.46 9.19
N ARG C 302 23.35 -39.22 9.18
CA ARG C 302 24.18 -39.34 8.00
C ARG C 302 24.56 -40.84 7.68
N PRO C 303 24.94 -41.16 6.43
CA PRO C 303 25.42 -42.51 6.11
C PRO C 303 26.66 -42.88 6.96
N PRO C 304 26.97 -44.21 7.11
CA PRO C 304 28.11 -44.58 7.97
C PRO C 304 29.46 -44.42 7.29
N SER C 305 30.53 -44.58 8.04
CA SER C 305 31.86 -44.64 7.46
C SER C 305 32.09 -46.09 6.99
N ALA C 306 33.22 -46.36 6.33
CA ALA C 306 33.46 -47.74 5.88
C ALA C 306 33.59 -48.73 7.03
N PRO C 307 33.20 -50.00 6.79
CA PRO C 307 33.55 -51.06 7.77
C PRO C 307 35.07 -51.19 7.89
N LEU C 308 35.55 -51.74 9.00
CA LEU C 308 36.97 -51.67 9.34
C LEU C 308 37.57 -53.02 9.43
N ASN C 309 38.89 -53.06 9.25
CA ASN C 309 39.73 -54.26 9.47
C ASN C 309 39.10 -55.46 8.81
N LEU C 310 39.13 -55.41 7.47
CA LEU C 310 38.51 -56.44 6.65
C LEU C 310 39.51 -57.55 6.64
N ILE C 311 39.06 -58.72 7.00
CA ILE C 311 39.98 -59.80 7.27
C ILE C 311 39.53 -61.05 6.50
N SER C 312 40.48 -61.72 5.85
CA SER C 312 40.09 -62.74 4.85
C SER C 312 40.72 -64.04 5.12
N ASN C 313 40.03 -65.08 4.77
CA ASN C 313 40.62 -66.38 4.79
C ASN C 313 40.06 -67.21 3.62
N VAL C 314 40.92 -67.95 2.92
CA VAL C 314 40.49 -68.74 1.77
C VAL C 314 40.85 -70.20 1.95
N ASN C 315 40.14 -71.06 1.23
CA ASN C 315 40.11 -72.46 1.58
C ASN C 315 39.48 -73.13 0.41
N GLU C 316 40.36 -73.64 -0.45
CA GLU C 316 39.97 -74.38 -1.63
C GLU C 316 39.29 -73.37 -2.52
N THR C 317 37.99 -73.58 -2.74
CA THR C 317 37.07 -72.66 -3.45
C THR C 317 36.02 -71.89 -2.59
N SER C 318 36.27 -71.79 -1.28
CA SER C 318 35.43 -70.99 -0.42
C SER C 318 36.28 -69.88 0.21
N VAL C 319 35.88 -68.62 0.07
CA VAL C 319 36.52 -67.53 0.84
C VAL C 319 35.64 -67.12 2.01
N ASN C 320 36.17 -67.28 3.21
CA ASN C 320 35.49 -66.86 4.42
C ASN C 320 35.97 -65.47 4.77
N LEU C 321 35.05 -64.58 5.13
CA LEU C 321 35.37 -63.18 5.28
C LEU C 321 34.80 -62.52 6.59
N GLU C 322 35.52 -61.56 7.19
CA GLU C 322 35.11 -60.98 8.50
C GLU C 322 35.56 -59.53 8.65
N TRP C 323 34.72 -58.69 9.24
CA TRP C 323 35.14 -57.31 9.44
C TRP C 323 34.65 -56.74 10.75
N SER C 324 34.74 -55.43 10.93
CA SER C 324 34.38 -54.85 12.20
C SER C 324 33.54 -53.58 11.99
N SER C 325 32.63 -53.28 12.94
CA SER C 325 31.68 -52.20 12.75
C SER C 325 32.38 -50.89 12.37
N PRO C 326 31.72 -50.00 11.57
CA PRO C 326 32.31 -48.69 11.12
C PRO C 326 32.70 -47.80 12.27
N GLN C 327 33.70 -46.96 12.04
CA GLN C 327 34.14 -46.02 13.07
C GLN C 327 33.03 -45.05 13.41
N ASN C 328 32.37 -44.51 12.39
CA ASN C 328 31.30 -43.52 12.57
C ASN C 328 29.98 -44.11 12.08
N THR C 329 29.03 -44.29 12.99
CA THR C 329 27.75 -44.84 12.60
C THR C 329 26.75 -43.78 12.03
N GLY C 330 26.98 -42.52 12.30
CA GLY C 330 26.30 -41.49 11.55
C GLY C 330 25.12 -40.68 12.10
N GLY C 331 24.30 -41.20 13.01
CA GLY C 331 24.53 -42.43 13.73
C GLY C 331 23.19 -42.99 14.11
N ARG C 332 23.07 -44.30 13.91
CA ARG C 332 21.81 -45.00 14.12
C ARG C 332 22.12 -46.45 14.36
N GLN C 333 21.10 -47.21 14.69
CA GLN C 333 21.31 -48.57 15.07
C GLN C 333 21.05 -49.54 13.91
N ASP C 334 20.46 -49.02 12.82
CA ASP C 334 20.10 -49.85 11.65
C ASP C 334 21.25 -50.21 10.63
N ILE C 335 22.52 -50.01 11.01
CA ILE C 335 23.69 -50.46 10.22
C ILE C 335 23.56 -51.90 9.79
N SER C 336 23.86 -52.13 8.51
CA SER C 336 23.89 -53.45 7.88
C SER C 336 24.85 -53.43 6.68
N TYR C 337 25.16 -54.61 6.14
CA TYR C 337 26.21 -54.72 5.15
C TYR C 337 25.80 -55.47 3.91
N ASN C 338 26.31 -55.07 2.74
CA ASN C 338 26.04 -55.85 1.50
C ASN C 338 27.35 -56.24 0.86
N VAL C 339 27.46 -57.52 0.52
CA VAL C 339 28.67 -58.05 -0.08
C VAL C 339 28.61 -58.02 -1.61
N VAL C 340 29.74 -57.68 -2.25
CA VAL C 340 29.79 -57.59 -3.70
C VAL C 340 30.94 -58.48 -4.23
N CYS C 341 30.65 -59.55 -4.99
CA CYS C 341 31.73 -60.33 -5.62
C CYS C 341 32.02 -59.73 -6.98
N LYS C 342 33.24 -59.93 -7.41
CA LYS C 342 33.70 -59.40 -8.64
C LYS C 342 34.93 -60.14 -9.14
N LYS C 343 35.12 -60.07 -10.46
CA LYS C 343 36.33 -60.57 -11.14
C LYS C 343 36.90 -59.47 -11.99
N CYS C 344 38.17 -59.18 -11.80
CA CYS C 344 38.72 -57.99 -12.33
C CYS C 344 40.05 -58.40 -12.84
N GLY C 345 40.35 -57.94 -14.04
CA GLY C 345 41.57 -58.35 -14.72
C GLY C 345 42.79 -57.91 -13.92
N ALA C 346 43.95 -58.56 -14.16
CA ALA C 346 45.23 -58.22 -13.53
C ALA C 346 45.51 -56.71 -13.38
N GLY C 347 45.35 -55.93 -14.46
CA GLY C 347 45.27 -54.44 -14.34
C GLY C 347 44.07 -54.02 -13.47
N ASP C 348 44.27 -53.15 -12.47
CA ASP C 348 43.23 -52.79 -11.45
C ASP C 348 42.22 -51.77 -11.94
N PRO C 349 42.06 -51.65 -13.26
CA PRO C 349 41.31 -50.52 -13.79
C PRO C 349 39.81 -50.69 -13.51
N SER C 350 39.52 -51.32 -12.38
CA SER C 350 38.16 -51.56 -11.92
C SER C 350 37.30 -52.19 -13.02
N LYS C 351 37.97 -52.97 -13.88
CA LYS C 351 37.36 -53.65 -15.01
C LYS C 351 36.98 -55.04 -14.60
N CYS C 352 35.70 -55.26 -14.34
CA CYS C 352 35.26 -56.52 -13.83
C CYS C 352 34.05 -57.05 -14.54
N ARG C 353 33.89 -58.35 -14.59
CA ARG C 353 32.57 -58.82 -14.84
C ARG C 353 32.02 -59.36 -13.54
N PRO C 354 30.69 -59.36 -13.39
CA PRO C 354 30.15 -59.66 -12.08
C PRO C 354 30.38 -61.02 -11.50
N CYS C 355 30.63 -62.06 -12.27
CA CYS C 355 30.73 -63.36 -11.60
C CYS C 355 29.34 -63.97 -11.27
N GLY C 356 28.26 -63.21 -11.38
CA GLY C 356 26.91 -63.74 -11.13
C GLY C 356 26.65 -65.20 -11.54
N SER C 357 26.21 -66.02 -10.58
CA SER C 357 26.04 -67.46 -10.80
C SER C 357 25.07 -68.00 -9.77
N GLY C 358 25.42 -69.14 -9.19
CA GLY C 358 24.69 -69.70 -8.05
C GLY C 358 25.49 -69.76 -6.74
N VAL C 359 26.53 -68.93 -6.63
CA VAL C 359 27.30 -68.79 -5.37
C VAL C 359 26.47 -68.30 -4.18
N HIS C 360 26.69 -68.87 -3.00
CA HIS C 360 26.14 -68.33 -1.75
C HIS C 360 27.43 -68.16 -1.03
N TYR C 361 27.66 -67.11 -0.23
CA TYR C 361 26.76 -66.04 0.29
C TYR C 361 25.97 -66.31 1.53
N THR C 362 26.23 -67.45 2.15
CA THR C 362 25.72 -67.75 3.48
C THR C 362 26.28 -66.77 4.57
N PRO C 363 25.39 -66.21 5.44
CA PRO C 363 23.94 -66.40 5.50
C PRO C 363 23.12 -65.60 4.50
N GLN C 364 23.56 -64.39 4.11
CA GLN C 364 22.70 -63.52 3.30
C GLN C 364 23.29 -63.04 2.00
N GLN C 365 24.46 -62.41 2.09
CA GLN C 365 24.93 -61.50 1.01
C GLN C 365 24.43 -60.06 0.99
N ASN C 366 23.20 -59.80 1.44
CA ASN C 366 22.74 -58.42 1.56
C ASN C 366 21.98 -58.18 2.85
N GLY C 367 21.94 -56.92 3.25
CA GLY C 367 21.29 -56.51 4.50
C GLY C 367 21.79 -57.43 5.61
N LEU C 368 23.09 -57.49 5.73
CA LEU C 368 23.67 -58.44 6.63
C LEU C 368 23.89 -57.77 7.97
N LYS C 369 23.35 -58.38 9.02
CA LYS C 369 23.34 -57.73 10.36
C LYS C 369 24.60 -58.03 11.19
N THR C 370 25.33 -59.06 10.79
CA THR C 370 26.57 -59.44 11.46
C THR C 370 27.82 -59.08 10.64
N THR C 371 29.01 -59.27 11.21
CA THR C 371 30.27 -58.86 10.53
C THR C 371 31.00 -60.01 9.87
N LYS C 372 30.27 -61.05 9.49
CA LYS C 372 30.85 -62.22 8.87
C LYS C 372 30.01 -62.61 7.67
N VAL C 373 30.66 -63.22 6.69
CA VAL C 373 29.97 -63.85 5.57
C VAL C 373 30.93 -64.87 4.94
N SER C 374 30.44 -66.08 4.63
CA SER C 374 31.25 -67.03 3.89
C SER C 374 30.69 -67.13 2.52
N ILE C 375 31.55 -66.97 1.54
CA ILE C 375 31.21 -67.19 0.17
C ILE C 375 31.70 -68.57 -0.20
N THR C 376 30.81 -69.36 -0.79
CA THR C 376 31.12 -70.73 -1.21
C THR C 376 30.83 -70.90 -2.69
N ASP C 377 31.34 -71.98 -3.24
CA ASP C 377 30.94 -72.41 -4.56
C ASP C 377 31.53 -71.50 -5.63
N LEU C 378 32.76 -71.04 -5.42
CA LEU C 378 33.40 -70.34 -6.51
C LEU C 378 34.57 -71.12 -7.18
N LEU C 379 35.14 -70.64 -8.28
CA LEU C 379 36.01 -71.52 -9.06
C LEU C 379 37.48 -71.35 -8.63
N ALA C 380 38.34 -72.28 -9.07
CA ALA C 380 39.58 -72.63 -8.37
C ALA C 380 40.79 -71.72 -8.33
N HIS C 381 41.22 -71.08 -9.40
CA HIS C 381 42.51 -70.40 -9.27
C HIS C 381 42.40 -68.96 -9.60
N THR C 382 41.27 -68.32 -9.26
CA THR C 382 41.06 -66.98 -9.83
C THR C 382 41.07 -65.88 -8.82
N ASN C 383 41.42 -64.68 -9.27
CA ASN C 383 41.31 -63.52 -8.43
C ASN C 383 39.84 -63.11 -8.37
N TYR C 384 39.32 -63.05 -7.15
CA TYR C 384 38.01 -62.45 -6.89
C TYR C 384 38.21 -61.14 -6.18
N THR C 385 37.19 -60.30 -6.19
CA THR C 385 37.28 -59.05 -5.45
C THR C 385 36.02 -58.85 -4.67
N PHE C 386 36.14 -58.56 -3.37
CA PHE C 386 34.97 -58.36 -2.56
C PHE C 386 34.94 -57.01 -1.97
N GLU C 387 33.75 -56.46 -1.93
CA GLU C 387 33.54 -55.17 -1.40
C GLU C 387 32.54 -55.38 -0.31
N ILE C 388 32.81 -54.86 0.89
CA ILE C 388 31.76 -54.82 1.86
C ILE C 388 31.21 -53.41 2.01
N TRP C 389 29.89 -53.26 1.87
CA TRP C 389 29.26 -51.96 1.93
C TRP C 389 28.56 -51.81 3.26
N ALA C 390 28.79 -50.70 3.96
CA ALA C 390 28.15 -50.49 5.23
C ALA C 390 26.98 -49.63 4.92
N VAL C 391 25.80 -50.03 5.35
CA VAL C 391 24.57 -49.26 5.03
C VAL C 391 23.75 -48.87 6.26
N ASN C 392 23.07 -47.73 6.23
CA ASN C 392 22.01 -47.45 7.22
C ASN C 392 20.69 -46.93 6.60
N GLY C 393 19.78 -46.41 7.42
CA GLY C 393 18.48 -46.06 6.88
C GLY C 393 18.52 -44.89 5.92
N VAL C 394 19.47 -43.98 6.15
CA VAL C 394 19.74 -42.89 5.23
C VAL C 394 20.76 -43.44 4.28
N SER C 395 21.42 -42.56 3.52
CA SER C 395 22.48 -43.04 2.62
C SER C 395 21.94 -43.51 1.30
N LYS C 396 20.72 -44.05 1.24
CA LYS C 396 20.07 -44.07 -0.06
C LYS C 396 20.12 -42.63 -0.58
N TYR C 397 20.22 -41.69 0.38
CA TYR C 397 20.19 -40.24 0.16
C TYR C 397 21.55 -39.66 -0.07
N ASN C 398 22.58 -40.38 0.32
CA ASN C 398 23.91 -39.94 -0.02
C ASN C 398 24.91 -41.09 -0.12
N PRO C 399 24.75 -41.91 -1.17
CA PRO C 399 25.63 -43.07 -1.29
C PRO C 399 27.03 -42.67 -1.76
N ASN C 400 28.05 -43.39 -1.31
CA ASN C 400 29.45 -43.14 -1.66
C ASN C 400 30.40 -44.34 -1.39
N PRO C 401 31.35 -44.61 -2.32
CA PRO C 401 32.31 -45.73 -2.20
C PRO C 401 33.11 -45.79 -0.90
N ASP C 402 33.22 -44.66 -0.22
CA ASP C 402 34.04 -44.68 0.96
C ASP C 402 33.22 -45.20 2.11
N GLN C 403 31.98 -45.60 1.79
CA GLN C 403 31.12 -46.36 2.70
C GLN C 403 31.42 -47.86 2.56
N SER C 404 32.57 -48.19 1.97
CA SER C 404 32.89 -49.59 1.72
C SER C 404 34.41 -49.90 1.70
N VAL C 405 34.75 -51.14 2.03
CA VAL C 405 36.11 -51.62 2.00
C VAL C 405 36.28 -52.83 1.02
N SER C 406 37.48 -53.00 0.44
CA SER C 406 37.73 -54.01 -0.58
C SER C 406 38.97 -54.82 -0.38
N VAL C 407 38.85 -56.12 -0.70
CA VAL C 407 39.95 -57.07 -0.68
C VAL C 407 39.92 -57.88 -1.98
N THR C 408 41.03 -57.83 -2.73
CA THR C 408 41.24 -58.78 -3.84
C THR C 408 41.98 -59.98 -3.27
N VAL C 409 41.54 -61.16 -3.65
CA VAL C 409 41.93 -62.36 -2.98
C VAL C 409 42.04 -63.41 -4.10
N THR C 410 42.77 -64.50 -3.88
CA THR C 410 42.94 -65.55 -4.88
C THR C 410 42.72 -66.92 -4.28
N THR C 411 41.81 -67.68 -4.87
CA THR C 411 41.52 -69.02 -4.40
C THR C 411 42.78 -69.89 -4.37
N ASN C 412 42.76 -70.96 -3.59
CA ASN C 412 43.88 -71.90 -3.60
C ASN C 412 43.81 -72.83 -4.81
N GLN C 413 44.89 -73.52 -5.13
CA GLN C 413 44.91 -74.30 -6.37
C GLN C 413 44.50 -75.71 -6.13
N ALA C 414 43.60 -76.20 -6.96
CA ALA C 414 43.21 -77.60 -6.92
C ALA C 414 44.09 -78.41 -7.86
N ALA C 415 44.04 -79.72 -7.68
CA ALA C 415 44.53 -80.61 -8.68
C ALA C 415 43.64 -80.47 -9.95
N PRO C 416 44.27 -80.49 -11.15
CA PRO C 416 43.85 -80.20 -12.52
C PRO C 416 42.96 -81.26 -13.23
N SER C 417 42.26 -80.88 -14.29
CA SER C 417 41.39 -81.80 -14.99
C SER C 417 42.24 -82.80 -15.73
N SER C 418 41.62 -83.82 -16.32
CA SER C 418 42.37 -84.73 -17.21
C SER C 418 42.62 -84.06 -18.57
N ILE C 419 43.54 -84.58 -19.36
CA ILE C 419 44.03 -83.83 -20.52
C ILE C 419 43.13 -83.84 -21.75
N ALA C 420 42.58 -85.00 -22.09
CA ALA C 420 41.57 -85.12 -23.18
C ALA C 420 42.13 -85.20 -24.62
N LEU C 421 43.24 -84.52 -24.89
CA LEU C 421 43.92 -84.67 -26.19
C LEU C 421 45.40 -85.05 -26.06
N VAL C 422 45.69 -86.34 -26.27
CA VAL C 422 47.06 -86.87 -26.28
C VAL C 422 47.31 -87.56 -27.60
N GLN C 423 48.40 -87.20 -28.28
CA GLN C 423 48.65 -87.70 -29.63
C GLN C 423 50.09 -88.16 -29.86
N ALA C 424 50.22 -89.22 -30.65
CA ALA C 424 51.52 -89.67 -31.15
C ALA C 424 51.94 -88.81 -32.34
N LYS C 425 53.05 -88.08 -32.18
CA LYS C 425 53.54 -87.18 -33.23
C LYS C 425 54.41 -87.87 -34.29
N GLU C 426 55.15 -88.88 -33.86
CA GLU C 426 56.02 -89.64 -34.75
C GLU C 426 56.31 -91.03 -34.18
N VAL C 427 56.06 -92.05 -34.98
CA VAL C 427 56.22 -93.42 -34.54
C VAL C 427 57.31 -94.11 -35.35
N THR C 428 58.27 -94.71 -34.65
CA THR C 428 59.23 -95.62 -35.30
C THR C 428 59.07 -97.05 -34.76
N ARG C 429 59.98 -97.92 -35.17
CA ARG C 429 60.00 -99.30 -34.69
C ARG C 429 60.36 -99.38 -33.21
N TYR C 430 61.09 -98.39 -32.70
CA TYR C 430 61.53 -98.44 -31.30
C TYR C 430 61.10 -97.26 -30.40
N SER C 431 60.37 -96.30 -30.96
CA SER C 431 60.00 -95.12 -30.19
C SER C 431 58.65 -94.49 -30.54
N VAL C 432 58.01 -93.89 -29.53
CA VAL C 432 56.80 -93.10 -29.71
C VAL C 432 57.04 -91.69 -29.15
N ALA C 433 56.89 -90.69 -29.99
CA ALA C 433 56.96 -89.29 -29.58
C ALA C 433 55.56 -88.75 -29.35
N LEU C 434 55.30 -88.34 -28.11
CA LEU C 434 54.00 -87.84 -27.72
C LEU C 434 54.02 -86.33 -27.63
N ALA C 435 52.84 -85.75 -27.82
CA ALA C 435 52.54 -84.36 -27.48
C ALA C 435 51.09 -84.27 -26.98
N TRP C 436 50.83 -83.31 -26.10
CA TRP C 436 49.49 -83.14 -25.53
C TRP C 436 49.25 -81.71 -25.19
N LEU C 437 47.96 -81.39 -25.09
CA LEU C 437 47.51 -80.06 -24.70
C LEU C 437 47.44 -79.91 -23.20
N GLU C 438 47.57 -78.68 -22.72
CA GLU C 438 47.30 -78.33 -21.35
C GLU C 438 45.86 -78.75 -21.02
N PRO C 439 45.62 -79.22 -19.77
CA PRO C 439 44.27 -79.67 -19.44
C PRO C 439 43.30 -78.50 -19.37
N ASP C 440 42.02 -78.80 -19.59
CA ASP C 440 40.97 -77.78 -19.75
C ASP C 440 40.97 -76.78 -18.61
N ARG C 441 41.06 -77.30 -17.40
CA ARG C 441 41.16 -76.47 -16.22
C ARG C 441 42.38 -76.89 -15.43
N PRO C 442 43.49 -76.14 -15.61
CA PRO C 442 44.74 -76.32 -14.86
C PRO C 442 44.48 -76.22 -13.35
N ASN C 443 43.52 -75.35 -12.99
CA ASN C 443 43.21 -75.00 -11.60
C ASN C 443 44.43 -74.60 -10.84
N GLY C 444 45.42 -74.06 -11.54
CA GLY C 444 46.64 -73.63 -10.90
C GLY C 444 47.82 -73.70 -11.84
N VAL C 445 49.01 -73.55 -11.28
CA VAL C 445 50.17 -73.58 -12.12
C VAL C 445 50.63 -75.02 -12.26
N ILE C 446 50.73 -75.48 -13.50
CA ILE C 446 51.07 -76.86 -13.74
C ILE C 446 52.56 -77.07 -13.51
N LEU C 447 52.88 -78.00 -12.60
CA LEU C 447 54.26 -78.16 -12.18
C LEU C 447 55.03 -79.16 -13.02
N GLU C 448 54.37 -80.23 -13.43
CA GLU C 448 54.95 -81.21 -14.36
C GLU C 448 53.87 -82.14 -14.87
N TYR C 449 54.23 -82.92 -15.87
CA TYR C 449 53.38 -83.94 -16.43
C TYR C 449 54.00 -85.29 -16.11
N GLU C 450 53.18 -86.32 -16.14
CA GLU C 450 53.63 -87.67 -15.85
C GLU C 450 53.02 -88.59 -16.88
N VAL C 451 53.86 -89.35 -17.58
CA VAL C 451 53.41 -90.31 -18.60
C VAL C 451 53.49 -91.72 -18.07
N LYS C 452 52.38 -92.45 -18.12
CA LYS C 452 52.37 -93.84 -17.69
C LYS C 452 52.07 -94.70 -18.88
N TYR C 453 52.91 -95.71 -19.12
CA TYR C 453 52.75 -96.59 -20.27
C TYR C 453 53.04 -98.06 -19.94
N TYR C 454 52.43 -98.94 -20.73
CA TYR C 454 52.55 -100.39 -20.57
C TYR C 454 52.09 -101.11 -21.87
N GLU C 455 52.47 -102.39 -22.00
CA GLU C 455 52.08 -103.23 -23.14
C GLU C 455 50.61 -103.61 -23.11
N LYS C 456 49.95 -103.53 -24.27
CA LYS C 456 48.53 -103.85 -24.41
C LYS C 456 48.25 -105.24 -23.86
N ASP C 457 49.12 -106.17 -24.21
CA ASP C 457 48.99 -107.55 -23.83
C ASP C 457 49.27 -107.76 -22.35
N GLN C 458 48.26 -108.25 -21.62
CA GLN C 458 48.32 -108.44 -20.17
C GLN C 458 49.49 -109.30 -19.70
N ASN C 459 49.86 -110.28 -20.52
CA ASN C 459 51.04 -111.12 -20.25
C ASN C 459 52.31 -110.36 -20.53
N GLU C 460 53.29 -110.52 -19.65
CA GLU C 460 54.54 -109.77 -19.69
C GLU C 460 54.23 -108.29 -19.81
N ARG C 461 53.56 -107.74 -18.79
CA ARG C 461 53.19 -106.33 -18.81
C ARG C 461 53.97 -105.57 -17.75
N SER C 462 54.62 -104.52 -18.19
CA SER C 462 55.47 -103.72 -17.34
C SER C 462 54.94 -102.29 -17.34
N TYR C 463 54.56 -101.80 -16.17
CA TYR C 463 54.09 -100.43 -16.07
C TYR C 463 55.29 -99.51 -15.84
N ARG C 464 55.45 -98.49 -16.70
CA ARG C 464 56.53 -97.49 -16.57
C ARG C 464 56.04 -96.03 -16.53
N ILE C 465 56.83 -95.16 -15.90
CA ILE C 465 56.48 -93.75 -15.67
C ILE C 465 57.57 -92.80 -16.18
N VAL C 466 57.17 -91.77 -16.93
CA VAL C 466 58.11 -90.73 -17.30
C VAL C 466 57.58 -89.36 -16.85
N ARG C 467 58.47 -88.53 -16.30
CA ARG C 467 58.10 -87.20 -15.81
C ARG C 467 58.70 -86.12 -16.68
N THR C 468 57.94 -85.05 -16.91
CA THR C 468 58.42 -83.94 -17.74
C THR C 468 57.69 -82.65 -17.41
N ALA C 469 58.32 -81.53 -17.72
CA ALA C 469 57.68 -80.24 -17.54
C ALA C 469 57.06 -79.81 -18.84
N ALA C 470 57.60 -80.31 -19.96
CA ALA C 470 57.14 -79.85 -21.27
C ALA C 470 55.96 -80.68 -21.69
N ARG C 471 55.18 -80.19 -22.66
CA ARG C 471 53.97 -80.90 -23.10
C ARG C 471 54.21 -81.93 -24.24
N ASN C 472 55.38 -82.55 -24.22
CA ASN C 472 55.81 -83.52 -25.20
C ASN C 472 56.98 -84.32 -24.66
N THR C 473 57.13 -85.54 -25.15
CA THR C 473 58.28 -86.37 -24.81
C THR C 473 58.40 -87.48 -25.83
N ASP C 474 59.60 -88.02 -25.96
CA ASP C 474 59.86 -89.13 -26.84
C ASP C 474 60.21 -90.37 -26.01
N ILE C 475 59.32 -91.36 -26.04
CA ILE C 475 59.52 -92.60 -25.30
C ILE C 475 60.30 -93.56 -26.20
N LYS C 476 61.51 -93.91 -25.77
CA LYS C 476 62.42 -94.72 -26.58
C LYS C 476 62.61 -96.11 -26.00
N GLY C 477 63.26 -96.97 -26.78
CA GLY C 477 63.63 -98.33 -26.37
C GLY C 477 62.44 -99.26 -26.28
N LEU C 478 61.60 -99.24 -27.29
CA LEU C 478 60.44 -100.10 -27.29
C LEU C 478 60.65 -101.27 -28.25
N ASN C 479 59.94 -102.37 -28.00
CA ASN C 479 59.89 -103.48 -28.94
C ASN C 479 59.16 -103.05 -30.19
N PRO C 480 59.64 -103.50 -31.35
CA PRO C 480 59.02 -103.19 -32.63
C PRO C 480 57.75 -104.02 -32.85
N LEU C 481 56.82 -103.49 -33.67
CA LEU C 481 55.54 -104.14 -33.92
C LEU C 481 54.84 -104.60 -32.65
N THR C 482 54.90 -103.78 -31.60
CA THR C 482 54.26 -104.08 -30.31
C THR C 482 53.26 -102.97 -29.97
N SER C 483 52.13 -103.35 -29.37
CA SER C 483 51.07 -102.42 -28.98
C SER C 483 51.26 -101.92 -27.55
N TYR C 484 51.35 -100.59 -27.42
CA TYR C 484 51.52 -99.92 -26.13
C TYR C 484 50.37 -98.97 -25.79
N VAL C 485 50.10 -98.83 -24.49
CA VAL C 485 49.08 -97.93 -24.00
C VAL C 485 49.79 -96.79 -23.27
N PHE C 486 49.35 -95.56 -23.55
CA PHE C 486 49.84 -94.35 -22.86
C PHE C 486 48.73 -93.57 -22.15
N HIS C 487 49.05 -93.09 -20.96
CA HIS C 487 48.24 -92.09 -20.30
C HIS C 487 49.14 -90.96 -19.91
N VAL C 488 48.56 -89.77 -19.82
CA VAL C 488 49.25 -88.60 -19.33
C VAL C 488 48.42 -87.96 -18.21
N ARG C 489 49.09 -87.53 -17.16
CA ARG C 489 48.40 -86.71 -16.17
C ARG C 489 49.20 -85.42 -15.87
N ALA C 490 48.52 -84.41 -15.35
CA ALA C 490 49.19 -83.19 -14.94
C ALA C 490 49.22 -83.01 -13.40
N ARG C 491 50.15 -82.21 -12.92
CA ARG C 491 50.30 -82.00 -11.48
C ARG C 491 50.37 -80.53 -11.18
N THR C 492 49.51 -80.09 -10.27
CA THR C 492 49.69 -78.77 -9.63
C THR C 492 50.12 -78.93 -8.17
N ALA C 493 50.34 -77.84 -7.46
CA ALA C 493 50.72 -78.03 -6.09
C ALA C 493 49.60 -78.68 -5.24
N ALA C 494 48.39 -78.79 -5.79
CA ALA C 494 47.31 -79.46 -5.09
C ALA C 494 47.31 -80.95 -5.33
N GLY C 495 48.04 -81.41 -6.34
CA GLY C 495 48.07 -82.85 -6.66
C GLY C 495 47.89 -83.24 -8.12
N TYR C 496 47.64 -84.51 -8.34
CA TYR C 496 47.53 -85.01 -9.70
C TYR C 496 46.12 -84.94 -10.21
N GLY C 497 46.05 -84.68 -11.50
CA GLY C 497 44.83 -84.83 -12.27
C GLY C 497 44.62 -86.28 -12.60
N ASP C 498 43.42 -86.61 -13.05
CA ASP C 498 43.15 -87.93 -13.59
C ASP C 498 43.98 -88.16 -14.86
N PHE C 499 44.40 -89.40 -15.04
CA PHE C 499 45.06 -89.79 -16.27
C PHE C 499 44.10 -89.63 -17.43
N SER C 500 44.63 -89.18 -18.55
CA SER C 500 43.85 -89.09 -19.78
C SER C 500 43.31 -90.44 -20.22
N GLU C 501 42.38 -90.43 -21.19
CA GLU C 501 41.87 -91.63 -21.85
C GLU C 501 42.99 -92.44 -22.50
N PRO C 502 42.97 -93.79 -22.37
CA PRO C 502 44.10 -94.57 -22.88
C PRO C 502 44.36 -94.25 -24.34
N LEU C 503 45.64 -94.09 -24.68
CA LEU C 503 46.07 -93.95 -26.07
C LEU C 503 46.88 -95.16 -26.50
N GLU C 504 46.31 -95.92 -27.42
CA GLU C 504 46.94 -97.12 -27.96
C GLU C 504 47.78 -96.75 -29.17
N VAL C 505 49.08 -96.99 -29.06
CA VAL C 505 50.01 -96.76 -30.16
C VAL C 505 50.85 -98.01 -30.36
N THR C 506 50.80 -98.55 -31.59
CA THR C 506 51.56 -99.74 -31.98
C THR C 506 52.82 -99.34 -32.76
N THR C 507 53.99 -99.68 -32.20
CA THR C 507 55.25 -99.44 -32.87
C THR C 507 55.19 -100.12 -34.21
N ASN C 508 55.81 -99.50 -35.20
CA ASN C 508 55.74 -100.01 -36.57
C ASN C 508 57.05 -100.66 -37.03
N THR C 509 57.23 -100.72 -38.35
CA THR C 509 58.46 -101.20 -38.96
C THR C 509 59.27 -100.07 -39.59
N VAL C 510 58.86 -98.82 -39.35
CA VAL C 510 59.57 -97.64 -39.85
C VAL C 510 60.97 -97.60 -39.23
N PRO C 511 62.01 -97.57 -40.08
CA PRO C 511 63.40 -97.52 -39.61
C PRO C 511 63.64 -96.38 -38.63
N SER C 512 64.39 -96.69 -37.57
CA SER C 512 64.85 -95.68 -36.62
C SER C 512 65.98 -94.87 -37.26
N ARG C 513 65.86 -93.54 -37.22
CA ARG C 513 66.90 -92.66 -37.79
C ARG C 513 68.16 -92.58 -36.91
N ILE C 514 67.97 -92.84 -35.62
CA ILE C 514 69.09 -92.92 -34.67
C ILE C 514 69.97 -94.12 -35.04
N ILE C 515 69.34 -95.27 -35.27
CA ILE C 515 70.03 -96.53 -35.57
C ILE C 515 70.57 -96.62 -37.00
N GLY C 516 69.80 -96.12 -37.96
CA GLY C 516 70.20 -96.13 -39.36
C GLY C 516 70.21 -97.52 -39.99
N ASP C 517 71.29 -97.81 -40.71
CA ASP C 517 71.40 -98.98 -41.59
C ASP C 517 70.35 -99.00 -42.71
N ALA D 2 -58.24 4.96 63.35
CA ALA D 2 -57.13 5.89 63.68
C ALA D 2 -57.27 7.20 62.91
N ALA D 3 -56.49 8.21 63.35
CA ALA D 3 -56.40 9.52 62.68
C ALA D 3 -55.36 9.44 61.60
N VAL D 4 -55.65 9.99 60.43
CA VAL D 4 -54.62 10.10 59.39
C VAL D 4 -53.62 11.19 59.87
N ALA D 5 -52.35 11.08 59.46
CA ALA D 5 -51.32 12.01 59.99
C ALA D 5 -50.98 13.23 59.15
N ASP D 6 -50.38 14.22 59.81
CA ASP D 6 -49.99 15.47 59.16
C ASP D 6 -48.58 15.27 58.67
N ARG D 7 -48.28 15.97 57.58
CA ARG D 7 -47.02 15.75 56.95
C ARG D 7 -46.33 17.12 56.52
N TYR D 8 -45.24 17.51 57.15
CA TYR D 8 -44.66 18.86 56.92
C TYR D 8 -43.60 18.89 55.82
N ALA D 9 -43.77 19.75 54.83
CA ALA D 9 -42.71 19.90 53.80
C ALA D 9 -41.75 21.01 54.13
N VAL D 10 -40.45 20.72 54.22
CA VAL D 10 -39.42 21.80 54.29
C VAL D 10 -38.49 21.79 53.07
N TYR D 11 -38.37 22.93 52.39
CA TYR D 11 -37.44 23.10 51.26
C TYR D 11 -36.14 23.70 51.78
N TRP D 12 -35.14 22.84 51.85
CA TRP D 12 -33.86 23.17 52.47
C TRP D 12 -32.94 23.78 51.45
N ASN D 13 -33.03 25.10 51.31
CA ASN D 13 -32.14 25.86 50.45
C ASN D 13 -32.16 27.30 50.94
N SER D 14 -31.28 28.15 50.42
CA SER D 14 -30.99 29.44 51.03
C SER D 14 -31.85 30.56 50.55
N SER D 15 -32.40 30.40 49.36
CA SER D 15 -33.53 31.21 48.87
C SER D 15 -34.78 31.19 49.76
N ASN D 16 -34.79 30.35 50.80
CA ASN D 16 -36.01 30.10 51.52
C ASN D 16 -36.13 30.91 52.80
N PRO D 17 -37.00 31.95 52.76
CA PRO D 17 -37.08 33.01 53.78
C PRO D 17 -37.22 32.44 55.18
N ARG D 18 -37.67 31.18 55.32
CA ARG D 18 -37.99 30.68 56.66
C ARG D 18 -36.68 30.39 57.44
N PHE D 19 -35.61 30.06 56.72
CA PHE D 19 -34.32 29.79 57.38
C PHE D 19 -33.63 31.08 57.81
N GLN D 20 -34.16 32.23 57.34
CA GLN D 20 -33.49 33.55 57.42
C GLN D 20 -32.81 33.93 58.73
N ARG D 21 -33.56 33.96 59.82
CA ARG D 21 -32.95 34.41 61.06
C ARG D 21 -32.42 33.24 61.90
N GLY D 22 -32.58 32.03 61.38
CA GLY D 22 -31.95 30.83 61.96
C GLY D 22 -32.73 30.25 63.13
N ASP D 23 -34.01 30.02 62.92
CA ASP D 23 -34.83 29.50 63.99
C ASP D 23 -36.15 29.06 63.33
N TYR D 24 -36.00 28.50 62.13
CA TYR D 24 -37.09 27.85 61.42
C TYR D 24 -37.52 26.74 62.37
N HIS D 25 -38.80 26.70 62.74
CA HIS D 25 -39.26 25.66 63.69
C HIS D 25 -40.65 25.23 63.41
N ILE D 26 -40.96 23.97 63.70
CA ILE D 26 -42.25 23.42 63.37
C ILE D 26 -42.74 22.62 64.57
N ASP D 27 -44.05 22.56 64.79
CA ASP D 27 -44.52 21.71 65.90
C ASP D 27 -45.32 20.50 65.36
N VAL D 28 -44.80 19.31 65.62
CA VAL D 28 -45.45 18.10 65.11
C VAL D 28 -46.05 17.22 66.21
N CYS D 29 -46.91 16.31 65.77
CA CYS D 29 -47.56 15.37 66.62
C CYS D 29 -46.86 14.07 66.35
N ILE D 30 -46.91 13.14 67.31
CA ILE D 30 -46.32 11.82 67.06
C ILE D 30 -47.01 11.02 65.90
N ASN D 31 -46.22 10.22 65.21
CA ASN D 31 -46.54 9.72 63.84
C ASN D 31 -46.85 10.70 62.72
N ASP D 32 -46.48 11.98 62.90
CA ASP D 32 -46.38 12.88 61.75
C ASP D 32 -45.12 12.57 60.97
N TYR D 33 -45.16 13.04 59.72
CA TYR D 33 -43.95 12.97 58.94
C TYR D 33 -43.36 14.37 58.69
N LEU D 34 -42.02 14.43 58.62
CA LEU D 34 -41.33 15.53 58.00
C LEU D 34 -40.75 15.04 56.62
N ASP D 35 -40.96 15.86 55.57
CA ASP D 35 -40.39 15.62 54.23
C ASP D 35 -39.48 16.77 53.86
N VAL D 36 -38.17 16.53 53.99
CA VAL D 36 -37.16 17.51 53.63
C VAL D 36 -36.80 17.44 52.15
N PHE D 37 -37.15 18.45 51.37
CA PHE D 37 -36.69 18.55 49.97
C PHE D 37 -35.32 19.21 49.83
N CYS D 38 -34.40 18.50 49.15
CA CYS D 38 -33.08 19.04 48.80
C CYS D 38 -33.24 20.08 47.70
N PRO D 39 -32.21 20.94 47.54
CA PRO D 39 -32.26 21.91 46.46
C PRO D 39 -32.13 21.20 45.11
N HIS D 40 -32.93 21.62 44.13
CA HIS D 40 -33.05 20.94 42.83
C HIS D 40 -33.08 21.90 41.64
N TYR D 41 -32.26 21.59 40.63
CA TYR D 41 -32.02 22.53 39.54
C TYR D 41 -32.31 21.90 38.21
N GLU D 42 -32.22 22.74 37.18
CA GLU D 42 -32.46 22.39 35.77
C GLU D 42 -31.24 21.70 35.16
N ASP D 43 -31.45 20.95 34.07
CA ASP D 43 -30.36 20.22 33.40
C ASP D 43 -29.27 21.17 32.90
N SER D 44 -29.73 22.31 32.40
CA SER D 44 -28.88 23.39 31.93
C SER D 44 -28.10 24.14 33.03
N VAL D 45 -28.11 23.65 34.27
CA VAL D 45 -27.33 24.30 35.33
C VAL D 45 -26.03 23.57 35.68
N PRO D 46 -24.91 24.32 35.71
CA PRO D 46 -23.67 23.74 36.18
C PRO D 46 -23.76 23.40 37.65
N GLU D 47 -23.31 22.21 38.00
CA GLU D 47 -23.26 21.73 39.38
C GLU D 47 -22.36 22.60 40.23
N ASP D 48 -21.79 23.64 39.63
CA ASP D 48 -20.90 24.49 40.38
C ASP D 48 -21.67 25.62 41.06
N LYS D 49 -22.84 25.94 40.53
CA LYS D 49 -23.74 26.93 41.14
C LYS D 49 -24.72 26.32 42.17
N THR D 50 -25.09 25.06 41.92
CA THR D 50 -25.96 24.26 42.79
C THR D 50 -25.55 24.19 44.26
N GLU D 51 -26.57 24.24 45.13
CA GLU D 51 -26.43 23.99 46.57
C GLU D 51 -26.48 22.51 46.85
N ARG D 52 -25.57 22.07 47.71
CA ARG D 52 -25.55 20.67 48.07
C ARG D 52 -25.19 20.56 49.54
N TYR D 53 -25.91 19.69 50.23
CA TYR D 53 -25.80 19.67 51.68
C TYR D 53 -25.68 18.26 52.20
N VAL D 54 -25.15 18.18 53.42
CA VAL D 54 -25.23 16.96 54.20
C VAL D 54 -26.00 17.31 55.47
N LEU D 55 -27.11 16.61 55.62
CA LEU D 55 -28.06 16.92 56.60
C LEU D 55 -27.71 16.11 57.82
N TYR D 56 -27.77 16.78 58.96
CA TYR D 56 -27.49 16.08 60.21
C TYR D 56 -28.55 16.26 61.25
N MET D 57 -28.56 15.30 62.18
CA MET D 57 -29.41 15.39 63.32
C MET D 57 -28.50 15.56 64.52
N VAL D 58 -28.68 16.66 65.24
CA VAL D 58 -27.75 17.03 66.29
C VAL D 58 -28.55 17.49 67.51
N ASN D 59 -27.92 17.49 68.70
CA ASN D 59 -28.53 18.06 69.93
C ASN D 59 -28.46 19.58 69.96
N PHE D 60 -28.83 20.19 71.10
CA PHE D 60 -29.00 21.65 71.16
C PHE D 60 -27.71 22.42 71.00
N ASP D 61 -26.67 21.91 71.66
CA ASP D 61 -25.40 22.57 71.67
C ASP D 61 -24.84 22.59 70.25
N GLY D 62 -24.98 21.48 69.54
CA GLY D 62 -24.55 21.39 68.16
C GLY D 62 -25.41 22.24 67.24
N TYR D 63 -26.68 22.38 67.59
CA TYR D 63 -27.64 23.19 66.84
C TYR D 63 -27.24 24.63 66.97
N SER D 64 -26.95 25.04 68.21
CA SER D 64 -26.43 26.38 68.51
C SER D 64 -25.07 26.66 67.83
N ALA D 65 -24.22 25.64 67.73
CA ALA D 65 -22.87 25.83 67.25
C ALA D 65 -22.61 25.48 65.77
N CYS D 66 -23.61 25.01 65.04
CA CYS D 66 -23.41 24.39 63.72
C CYS D 66 -22.23 23.39 63.61
N ASP D 67 -21.83 22.78 64.73
CA ASP D 67 -20.94 21.62 64.64
C ASP D 67 -21.74 20.34 64.88
N HIS D 68 -21.35 19.29 64.17
CA HIS D 68 -22.00 18.01 64.22
C HIS D 68 -21.07 16.97 64.72
N THR D 69 -19.80 17.35 64.88
CA THR D 69 -18.74 16.42 65.30
C THR D 69 -18.99 15.97 66.71
N SER D 70 -19.00 14.65 66.89
CA SER D 70 -19.36 14.01 68.16
C SER D 70 -20.59 14.70 68.80
N LYS D 71 -21.48 15.22 67.96
CA LYS D 71 -22.67 15.91 68.43
C LYS D 71 -23.93 15.29 67.86
N GLY D 72 -23.79 14.50 66.80
CA GLY D 72 -24.97 13.98 66.14
C GLY D 72 -24.79 12.91 65.08
N PHE D 73 -25.79 12.79 64.20
CA PHE D 73 -25.84 11.76 63.17
C PHE D 73 -26.11 12.29 61.78
N LYS D 74 -25.28 11.88 60.83
CA LYS D 74 -25.58 12.05 59.42
C LYS D 74 -26.97 11.42 59.14
N ARG D 75 -27.79 12.08 58.32
CA ARG D 75 -29.08 11.50 57.94
C ARG D 75 -29.29 11.46 56.44
N TRP D 76 -28.73 12.42 55.71
CA TRP D 76 -29.07 12.52 54.30
C TRP D 76 -28.09 13.36 53.52
N GLU D 77 -28.04 13.11 52.21
CA GLU D 77 -27.09 13.80 51.34
C GLU D 77 -27.81 14.55 50.21
N CYS D 78 -27.59 15.85 50.09
CA CYS D 78 -28.35 16.62 49.10
C CYS D 78 -27.64 16.81 47.78
N ASN D 79 -26.67 15.94 47.56
CA ASN D 79 -25.75 16.01 46.43
C ASN D 79 -26.24 15.39 45.11
N ARG D 80 -27.55 15.35 44.86
CA ARG D 80 -28.00 15.06 43.49
C ARG D 80 -28.98 16.12 43.02
N PRO D 81 -28.45 17.25 42.51
CA PRO D 81 -29.27 18.39 42.10
C PRO D 81 -29.93 18.20 40.75
N HIS D 82 -29.75 17.02 40.17
CA HIS D 82 -30.39 16.72 38.90
C HIS D 82 -31.18 15.45 38.98
N SER D 83 -31.47 15.01 40.21
CA SER D 83 -32.31 13.83 40.42
C SER D 83 -33.48 13.87 39.47
N PRO D 84 -33.72 12.75 38.78
CA PRO D 84 -34.69 12.81 37.68
C PRO D 84 -36.10 13.13 38.13
N ASN D 85 -36.55 12.49 39.19
CA ASN D 85 -37.94 12.64 39.59
C ASN D 85 -38.12 13.64 40.71
N GLY D 86 -38.10 14.93 40.35
CA GLY D 86 -38.10 16.03 41.32
C GLY D 86 -36.88 16.02 42.22
N PRO D 87 -36.85 16.89 43.23
CA PRO D 87 -35.76 16.92 44.21
C PRO D 87 -35.56 15.62 45.02
N LEU D 88 -34.33 15.36 45.44
CA LEU D 88 -34.05 14.29 46.40
C LEU D 88 -34.72 14.58 47.74
N LYS D 89 -35.37 13.57 48.32
CA LYS D 89 -36.31 13.79 49.41
C LYS D 89 -35.92 12.94 50.58
N PHE D 90 -35.68 13.57 51.72
CA PHE D 90 -35.45 12.84 52.98
C PHE D 90 -36.72 12.80 53.84
N SER D 91 -37.11 11.60 54.27
CA SER D 91 -38.33 11.47 55.12
C SER D 91 -38.12 10.91 56.48
N GLU D 92 -38.77 11.59 57.41
CA GLU D 92 -38.69 11.27 58.78
C GLU D 92 -40.11 10.99 59.30
N LYS D 93 -40.31 9.84 59.93
CA LYS D 93 -41.55 9.65 60.71
C LYS D 93 -41.20 9.90 62.21
N PHE D 94 -41.92 10.82 62.87
CA PHE D 94 -41.66 11.12 64.28
C PHE D 94 -42.44 10.06 65.04
N GLN D 95 -41.76 8.90 65.15
CA GLN D 95 -42.37 7.66 65.65
C GLN D 95 -41.82 7.26 67.07
N LEU D 96 -42.65 6.58 67.85
CA LEU D 96 -42.27 6.15 69.19
C LEU D 96 -41.32 5.02 69.06
N PHE D 97 -41.58 4.12 68.12
CA PHE D 97 -40.67 2.97 67.89
C PHE D 97 -40.07 2.81 66.47
N THR D 98 -38.83 2.39 66.38
CA THR D 98 -38.30 2.13 65.04
C THR D 98 -38.40 0.70 64.68
N PRO D 99 -38.82 0.48 63.45
CA PRO D 99 -38.71 -0.85 62.83
C PRO D 99 -37.27 -1.08 62.44
N PHE D 100 -36.51 -0.02 62.20
CA PHE D 100 -35.11 -0.22 61.85
C PHE D 100 -34.19 -0.12 63.09
N SER D 101 -33.09 -0.90 63.07
CA SER D 101 -32.27 -1.08 64.31
C SER D 101 -31.51 0.11 64.56
N LEU D 102 -31.03 0.74 63.51
CA LEU D 102 -30.32 2.00 63.64
C LEU D 102 -31.20 3.14 63.27
N GLY D 103 -32.51 2.99 63.45
CA GLY D 103 -33.45 4.14 63.18
C GLY D 103 -33.55 5.14 64.32
N PHE D 104 -34.51 6.06 64.29
CA PHE D 104 -34.59 6.99 65.46
C PHE D 104 -35.94 7.04 66.11
N GLU D 105 -36.02 7.35 67.39
CA GLU D 105 -37.33 7.38 68.08
C GLU D 105 -37.61 8.76 68.62
N PHE D 106 -38.82 9.06 68.99
CA PHE D 106 -39.22 10.44 69.26
C PHE D 106 -40.19 10.37 70.41
N ARG D 107 -40.11 11.28 71.34
CA ARG D 107 -41.10 11.24 72.43
C ARG D 107 -41.88 12.55 72.49
N PRO D 108 -43.12 12.47 73.01
CA PRO D 108 -43.92 13.71 73.13
C PRO D 108 -43.38 14.62 74.22
N GLY D 109 -43.37 15.92 73.96
CA GLY D 109 -42.80 16.88 74.89
C GLY D 109 -41.31 17.11 74.75
N ARG D 110 -40.65 16.43 73.82
CA ARG D 110 -39.27 16.78 73.51
C ARG D 110 -39.14 17.61 72.23
N GLU D 111 -37.93 18.07 71.97
CA GLU D 111 -37.66 18.87 70.79
C GLU D 111 -36.37 18.40 70.12
N TYR D 112 -36.30 18.46 68.80
CA TYR D 112 -35.21 17.83 68.12
C TYR D 112 -34.65 18.82 67.12
N PHE D 113 -33.38 18.66 66.77
CA PHE D 113 -32.64 19.64 66.01
C PHE D 113 -31.97 19.10 64.73
N TYR D 114 -32.08 19.85 63.64
CA TYR D 114 -31.44 19.47 62.40
C TYR D 114 -30.68 20.66 61.80
N ILE D 115 -29.41 20.41 61.47
CA ILE D 115 -28.52 21.38 60.83
C ILE D 115 -27.93 20.76 59.56
N SER D 116 -27.19 21.57 58.80
CA SER D 116 -26.55 21.08 57.58
C SER D 116 -25.18 21.72 57.33
N SER D 117 -24.31 20.92 56.72
CA SER D 117 -23.01 21.35 56.22
C SER D 117 -23.10 21.34 54.73
N ALA D 118 -22.35 22.23 54.07
CA ALA D 118 -22.42 22.29 52.61
C ALA D 118 -21.41 21.35 51.93
N ILE D 119 -21.59 21.17 50.63
CA ILE D 119 -20.63 20.46 49.77
C ILE D 119 -19.52 21.42 49.25
N PRO D 120 -19.86 22.70 48.99
CA PRO D 120 -18.77 23.69 48.91
C PRO D 120 -17.94 23.86 50.20
N ASP D 121 -18.26 23.09 51.24
CA ASP D 121 -17.50 23.06 52.52
C ASP D 121 -17.24 24.41 53.21
N ASN D 122 -17.88 25.48 52.75
CA ASN D 122 -17.62 26.86 53.21
C ASN D 122 -17.30 27.02 54.71
N GLY D 123 -17.91 26.15 55.53
CA GLY D 123 -17.60 26.02 56.96
C GLY D 123 -17.77 27.26 57.82
N ARG D 124 -18.32 28.33 57.23
CA ARG D 124 -18.37 29.63 57.90
C ARG D 124 -19.57 29.83 58.84
N ARG D 125 -20.04 28.70 59.39
CA ARG D 125 -20.91 28.69 60.56
C ARG D 125 -22.22 29.46 60.38
N SER D 126 -22.53 29.87 59.17
CA SER D 126 -23.83 30.45 58.89
C SER D 126 -24.64 29.33 58.24
N CYS D 127 -25.01 28.36 59.07
CA CYS D 127 -25.61 27.12 58.57
C CYS D 127 -27.15 27.16 58.59
N LEU D 128 -27.76 26.37 57.72
CA LEU D 128 -29.21 26.16 57.71
C LEU D 128 -29.67 25.22 58.84
N LYS D 129 -30.82 25.49 59.43
CA LYS D 129 -31.18 24.80 60.65
C LYS D 129 -32.69 24.82 60.97
N LEU D 130 -33.09 23.79 61.72
CA LEU D 130 -34.48 23.49 61.95
C LEU D 130 -34.72 22.93 63.36
N LYS D 131 -35.77 23.44 63.99
CA LYS D 131 -36.12 23.08 65.33
C LYS D 131 -37.44 22.33 65.18
N VAL D 132 -37.50 21.12 65.70
CA VAL D 132 -38.78 20.39 65.66
C VAL D 132 -39.20 20.03 67.07
N PHE D 133 -40.25 20.65 67.54
CA PHE D 133 -40.87 20.31 68.83
C PHE D 133 -42.03 19.33 68.64
N VAL D 134 -41.96 18.21 69.37
CA VAL D 134 -43.04 17.21 69.30
C VAL D 134 -43.99 17.46 70.46
N ARG D 135 -45.09 18.12 70.17
CA ARG D 135 -46.14 18.44 71.15
C ARG D 135 -46.49 17.28 72.06
N PRO D 136 -46.82 17.59 73.32
CA PRO D 136 -47.39 16.60 74.23
C PRO D 136 -48.67 16.05 73.70
N THR D 137 -48.92 14.80 74.04
CA THR D 137 -50.15 14.10 73.74
C THR D 137 -51.35 14.93 74.04
N ASN D 138 -51.25 15.81 75.03
CA ASN D 138 -52.37 16.71 75.41
C ASN D 138 -52.94 17.51 74.26
N SER D 139 -52.06 18.04 73.41
CA SER D 139 -52.46 18.71 72.16
C SER D 139 -52.77 17.73 71.00
N CYS D 140 -51.93 16.71 70.85
CA CYS D 140 -52.18 15.64 69.89
C CYS D 140 -53.45 14.84 70.25
N MET D 141 -53.92 14.00 69.33
CA MET D 141 -55.33 13.56 69.37
C MET D 141 -55.61 12.27 68.61
N PRO E 2 -9.15 42.86 -5.10
CA PRO E 2 -8.98 42.07 -6.32
C PRO E 2 -7.88 40.97 -6.21
N ALA E 3 -7.56 40.34 -7.35
CA ALA E 3 -6.54 39.32 -7.41
C ALA E 3 -5.12 39.90 -7.49
N ASN E 4 -5.02 41.22 -7.69
CA ASN E 4 -3.73 41.91 -7.70
C ASN E 4 -3.47 42.72 -6.42
N GLU E 5 -4.30 42.47 -5.42
CA GLU E 5 -4.12 43.09 -4.13
C GLU E 5 -3.99 42.05 -3.02
N VAL E 6 -2.96 42.15 -2.23
CA VAL E 6 -2.75 41.18 -1.19
C VAL E 6 -2.82 41.88 0.16
N THR E 7 -3.80 41.50 0.97
CA THR E 7 -4.00 42.15 2.27
C THR E 7 -2.95 41.77 3.28
N LEU E 8 -2.31 42.75 3.87
CA LEU E 8 -1.39 42.48 4.97
C LEU E 8 -2.04 42.68 6.33
N LEU E 9 -3.02 43.58 6.42
CA LEU E 9 -3.84 43.77 7.62
C LEU E 9 -5.23 44.20 7.24
N ASP E 10 -6.25 43.62 7.86
CA ASP E 10 -7.60 44.15 7.71
C ASP E 10 -8.40 44.28 9.00
N SER E 11 -8.51 45.49 9.54
CA SER E 11 -9.19 45.74 10.80
C SER E 11 -10.58 45.06 10.98
N ARG E 12 -11.33 44.89 9.90
CA ARG E 12 -12.64 44.25 9.95
C ARG E 12 -12.44 42.76 9.67
N SER E 13 -11.52 42.48 8.76
CA SER E 13 -11.32 41.12 8.24
C SER E 13 -10.11 40.49 8.92
N VAL E 14 -9.95 40.87 10.19
CA VAL E 14 -8.91 40.34 11.05
C VAL E 14 -9.69 40.09 12.31
N GLN E 15 -10.21 38.89 12.36
CA GLN E 15 -11.01 38.45 13.46
C GLN E 15 -10.18 37.69 14.46
N GLY E 16 -8.90 37.98 14.57
CA GLY E 16 -8.29 37.54 15.78
C GLY E 16 -9.10 38.30 16.82
N GLU E 17 -8.36 38.94 17.70
CA GLU E 17 -8.85 39.91 18.66
C GLU E 17 -7.73 40.94 18.57
N LEU E 18 -8.00 42.08 17.94
CA LEU E 18 -6.94 43.06 17.74
C LEU E 18 -6.73 43.97 18.94
N GLY E 19 -5.50 43.96 19.44
CA GLY E 19 -5.08 44.71 20.62
C GLY E 19 -4.15 45.79 20.15
N TRP E 20 -4.66 47.01 20.14
CA TRP E 20 -3.95 48.08 19.55
C TRP E 20 -3.63 49.00 20.64
N ILE E 21 -2.35 49.28 20.75
CA ILE E 21 -1.90 50.16 21.80
C ILE E 21 -2.52 51.55 21.59
N ALA E 22 -3.22 52.04 22.61
CA ALA E 22 -3.68 53.42 22.67
C ALA E 22 -2.86 54.21 23.68
N SER E 23 -2.50 55.42 23.35
CA SER E 23 -1.77 56.20 24.27
C SER E 23 -2.27 57.64 24.14
N PRO E 24 -2.79 58.22 25.25
CA PRO E 24 -3.10 57.64 26.55
C PRO E 24 -3.97 56.40 26.50
N LEU E 25 -3.82 55.55 27.50
CA LEU E 25 -4.56 54.28 27.55
C LEU E 25 -6.08 54.46 27.70
N GLU E 26 -6.48 55.54 28.35
CA GLU E 26 -7.86 55.88 28.48
C GLU E 26 -8.05 57.37 28.16
N GLY E 27 -9.21 57.71 27.61
CA GLY E 27 -9.55 59.11 27.33
C GLY E 27 -9.08 59.64 25.99
N GLY E 28 -8.42 58.78 25.21
CA GLY E 28 -7.94 59.12 23.91
C GLY E 28 -8.74 58.23 22.99
N TRP E 29 -8.07 57.51 22.09
CA TRP E 29 -8.81 56.64 21.19
C TRP E 29 -9.48 55.61 22.04
N GLU E 30 -10.79 55.47 21.88
CA GLU E 30 -11.60 54.51 22.63
C GLU E 30 -12.16 53.55 21.65
N GLU E 31 -12.15 52.24 21.93
CA GLU E 31 -12.93 51.33 21.06
C GLU E 31 -14.43 51.30 21.40
N VAL E 32 -15.24 51.20 20.36
CA VAL E 32 -16.69 51.22 20.49
C VAL E 32 -17.28 50.35 19.40
N SER E 33 -18.46 49.80 19.69
CA SER E 33 -19.14 48.85 18.81
C SER E 33 -20.00 49.63 17.83
N ILE E 34 -20.06 49.17 16.57
CA ILE E 34 -20.77 49.88 15.49
C ILE E 34 -21.40 48.98 14.42
N MET E 35 -22.18 49.60 13.53
CA MET E 35 -22.67 48.94 12.32
C MET E 35 -22.13 49.60 11.04
N ASP E 36 -21.44 48.79 10.23
CA ASP E 36 -20.73 49.25 9.04
C ASP E 36 -21.58 49.74 7.92
N GLU E 37 -20.88 50.11 6.87
CA GLU E 37 -21.48 50.31 5.58
C GLU E 37 -22.04 48.96 5.12
N LYS E 38 -21.31 47.89 5.40
CA LYS E 38 -21.70 46.56 4.97
C LYS E 38 -22.94 46.05 5.69
N ASN E 39 -23.28 46.67 6.82
CA ASN E 39 -24.38 46.25 7.67
C ASN E 39 -23.93 45.24 8.70
N THR E 40 -22.62 45.12 8.86
CA THR E 40 -22.03 44.20 9.81
C THR E 40 -21.64 44.95 11.06
N PRO E 41 -21.71 44.31 12.23
CA PRO E 41 -21.23 44.93 13.46
C PRO E 41 -19.71 44.81 13.68
N ILE E 42 -19.02 45.93 13.89
CA ILE E 42 -17.57 45.94 14.18
C ILE E 42 -17.23 46.57 15.53
N ARG E 43 -15.96 46.40 15.96
CA ARG E 43 -15.32 47.27 16.99
C ARG E 43 -14.33 48.20 16.27
N THR E 44 -14.48 49.49 16.51
CA THR E 44 -13.71 50.53 15.83
C THR E 44 -13.08 51.43 16.90
N TYR E 45 -12.20 52.33 16.50
CA TYR E 45 -11.70 53.26 17.50
C TYR E 45 -12.12 54.66 17.13
N GLN E 46 -12.41 55.47 18.16
CA GLN E 46 -12.98 56.75 17.95
C GLN E 46 -12.48 57.68 19.02
N VAL E 47 -12.43 58.98 18.71
CA VAL E 47 -12.01 59.98 19.70
C VAL E 47 -12.83 61.25 19.43
N CYS E 48 -13.20 61.96 20.50
CA CYS E 48 -13.88 63.22 20.37
C CYS E 48 -13.66 64.10 21.54
N ASN E 49 -12.39 64.43 21.80
CA ASN E 49 -12.02 65.35 22.86
C ASN E 49 -11.83 66.77 22.41
N VAL E 50 -12.79 67.30 21.67
CA VAL E 50 -12.59 68.51 20.86
C VAL E 50 -12.50 69.79 21.65
N MET E 51 -12.88 69.71 22.92
CA MET E 51 -12.97 70.84 23.82
C MET E 51 -11.66 71.18 24.54
N GLU E 52 -10.70 70.24 24.52
CA GLU E 52 -9.44 70.36 25.30
C GLU E 52 -8.32 71.06 24.60
N PRO E 53 -7.53 71.85 25.36
CA PRO E 53 -6.65 72.89 24.80
C PRO E 53 -5.53 72.32 23.94
N SER E 54 -5.01 71.16 24.35
CA SER E 54 -4.04 70.44 23.56
C SER E 54 -4.37 68.99 23.74
N GLN E 55 -4.12 68.22 22.69
CA GLN E 55 -4.50 66.83 22.65
C GLN E 55 -3.49 66.14 21.76
N ASN E 56 -3.01 64.98 22.20
CA ASN E 56 -2.03 64.24 21.47
C ASN E 56 -2.39 62.76 21.74
N ASN E 57 -3.23 62.18 20.89
CA ASN E 57 -3.82 60.91 21.13
C ASN E 57 -3.38 59.93 20.08
N TRP E 58 -2.67 58.89 20.50
CA TRP E 58 -2.11 57.98 19.54
C TRP E 58 -2.80 56.69 19.61
N LEU E 59 -2.86 55.99 18.49
CA LEU E 59 -3.33 54.66 18.34
C LEU E 59 -2.35 53.96 17.41
N ARG E 60 -1.89 52.78 17.80
CA ARG E 60 -0.87 52.04 17.06
C ARG E 60 -1.33 50.62 16.79
N THR E 61 -1.14 50.14 15.58
CA THR E 61 -1.50 48.79 15.23
C THR E 61 -0.57 47.76 15.86
N ASP E 62 -0.87 46.47 15.68
CA ASP E 62 0.07 45.43 16.06
C ASP E 62 1.09 45.45 14.99
N TRP E 63 2.20 44.75 15.17
CA TRP E 63 3.26 44.66 14.15
C TRP E 63 2.75 43.98 12.90
N ILE E 64 3.14 44.50 11.73
CA ILE E 64 2.63 44.00 10.46
C ILE E 64 3.82 43.52 9.66
N THR E 65 3.81 42.24 9.33
CA THR E 65 4.86 41.72 8.48
C THR E 65 4.59 42.16 7.02
N ARG E 66 5.64 42.63 6.34
CA ARG E 66 5.47 43.10 4.96
C ARG E 66 5.44 42.05 3.91
N GLU E 67 5.51 40.77 4.30
CA GLU E 67 5.86 39.66 3.39
C GLU E 67 6.96 40.10 2.43
N GLY E 68 6.68 40.06 1.14
CA GLY E 68 7.75 40.37 0.19
C GLY E 68 7.80 41.76 -0.40
N ALA E 69 6.88 42.60 0.07
CA ALA E 69 6.51 43.77 -0.69
C ALA E 69 7.45 44.88 -0.34
N GLN E 70 7.52 45.86 -1.22
CA GLN E 70 8.33 47.04 -0.96
C GLN E 70 7.48 48.29 -0.87
N ARG E 71 6.43 48.32 -1.68
CA ARG E 71 5.53 49.45 -1.68
C ARG E 71 4.19 48.93 -1.16
N VAL E 72 3.67 49.61 -0.16
CA VAL E 72 2.55 49.11 0.57
C VAL E 72 1.51 50.19 0.56
N TYR E 73 0.24 49.79 0.44
CA TYR E 73 -0.86 50.74 0.47
C TYR E 73 -1.71 50.62 1.74
N ILE E 74 -2.23 51.75 2.21
CA ILE E 74 -2.99 51.82 3.45
C ILE E 74 -4.24 52.59 3.15
N GLU E 75 -5.39 51.92 3.21
CA GLU E 75 -6.65 52.56 2.89
C GLU E 75 -7.47 52.68 4.18
N ILE E 76 -7.86 53.89 4.52
CA ILE E 76 -8.58 54.20 5.74
C ILE E 76 -10.03 54.65 5.42
N LYS E 77 -11.03 54.05 6.06
CA LYS E 77 -12.37 54.60 6.02
C LYS E 77 -12.64 55.24 7.36
N PHE E 78 -13.44 56.29 7.41
CA PHE E 78 -13.72 57.02 8.64
C PHE E 78 -14.76 58.11 8.47
N THR E 79 -15.25 58.60 9.58
CA THR E 79 -16.16 59.68 9.58
C THR E 79 -15.50 60.77 10.42
N LEU E 80 -15.75 62.04 10.08
CA LEU E 80 -15.12 63.14 10.76
C LEU E 80 -16.15 64.24 10.99
N ARG E 81 -16.26 64.81 12.19
CA ARG E 81 -17.33 65.73 12.50
C ARG E 81 -16.92 67.15 12.18
N ASP E 82 -17.82 67.97 11.61
CA ASP E 82 -17.54 69.42 11.45
C ASP E 82 -17.35 70.06 12.78
N CYS E 83 -16.34 70.87 12.94
CA CYS E 83 -16.27 71.54 14.23
C CYS E 83 -17.43 72.51 14.42
N ASN E 84 -18.11 72.80 13.32
CA ASN E 84 -19.22 73.73 13.27
C ASN E 84 -20.41 73.16 13.94
N SER E 85 -20.49 71.84 13.89
CA SER E 85 -21.56 71.11 14.49
C SER E 85 -21.33 70.71 15.95
N LEU E 86 -20.21 71.13 16.54
CA LEU E 86 -19.89 70.95 17.99
C LEU E 86 -19.80 72.27 18.73
N PRO E 87 -20.33 72.33 19.96
CA PRO E 87 -20.43 73.61 20.67
C PRO E 87 -19.11 74.20 21.16
N GLY E 88 -18.86 75.45 20.75
CA GLY E 88 -17.86 76.35 21.34
C GLY E 88 -16.43 75.89 21.23
N VAL E 89 -16.03 75.46 20.03
CA VAL E 89 -14.79 74.70 19.89
C VAL E 89 -13.69 75.16 18.87
N MET E 90 -13.92 76.22 18.08
CA MET E 90 -12.90 76.72 17.10
C MET E 90 -11.55 76.92 17.78
N GLY E 91 -10.50 76.47 17.11
CA GLY E 91 -9.19 76.77 17.60
C GLY E 91 -8.72 75.84 18.70
N THR E 92 -9.51 74.82 19.00
CA THR E 92 -8.93 73.60 19.51
C THR E 92 -9.37 72.53 18.52
N CYS E 93 -10.64 72.53 18.15
CA CYS E 93 -11.21 71.59 17.19
C CYS E 93 -10.62 71.50 15.77
N LYS E 94 -10.19 70.32 15.40
CA LYS E 94 -9.55 70.10 14.17
C LYS E 94 -10.44 69.22 13.28
N GLU E 95 -10.14 69.14 11.99
CA GLU E 95 -10.89 68.38 11.01
C GLU E 95 -9.92 67.51 10.19
N THR E 96 -8.78 67.16 10.82
CA THR E 96 -7.72 66.33 10.21
C THR E 96 -7.08 65.46 11.31
N PHE E 97 -6.33 64.44 10.89
CA PHE E 97 -5.56 63.59 11.76
C PHE E 97 -4.27 63.10 11.03
N ASN E 98 -3.28 62.64 11.75
CA ASN E 98 -2.05 62.29 11.08
C ASN E 98 -1.80 60.82 11.05
N LEU E 99 -1.01 60.40 10.08
CA LEU E 99 -0.78 59.01 9.78
C LEU E 99 0.74 58.74 9.71
N TYR E 100 1.20 57.78 10.50
CA TYR E 100 2.60 57.53 10.63
C TYR E 100 2.86 56.07 10.52
N TYR E 101 4.13 55.69 10.36
CA TYR E 101 4.56 54.28 10.46
C TYR E 101 5.98 54.18 11.02
N TYR E 102 6.36 52.96 11.44
CA TYR E 102 7.78 52.60 11.60
C TYR E 102 8.05 51.16 11.26
N GLU E 103 9.19 50.93 10.61
CA GLU E 103 9.59 49.61 10.24
C GLU E 103 10.51 49.13 11.34
N SER E 104 10.44 47.83 11.60
CA SER E 104 11.17 47.22 12.69
C SER E 104 11.17 45.74 12.43
N ASP E 105 12.16 45.05 13.00
CA ASP E 105 12.22 43.59 12.92
C ASP E 105 11.60 42.93 14.15
N ASN E 106 11.56 43.67 15.27
CA ASN E 106 11.05 43.22 16.56
C ASN E 106 9.53 43.29 16.56
N ASP E 107 8.87 42.15 16.69
CA ASP E 107 7.41 42.11 16.63
C ASP E 107 6.76 42.30 18.00
N LYS E 108 7.59 42.46 19.02
CA LYS E 108 7.12 42.58 20.38
C LYS E 108 7.66 43.82 21.12
N GLU E 109 7.64 44.98 20.47
CA GLU E 109 7.90 46.24 21.18
C GLU E 109 6.63 46.62 21.91
N ARG E 110 6.75 46.83 23.20
CA ARG E 110 5.58 46.92 24.06
C ARG E 110 4.92 48.28 24.01
N PHE E 111 5.73 49.32 23.83
CA PHE E 111 5.24 50.68 23.97
C PHE E 111 5.34 51.50 22.71
N ILE E 112 4.41 52.45 22.53
CA ILE E 112 4.47 53.39 21.42
C ILE E 112 5.82 54.12 21.51
N ARG E 113 6.67 53.95 20.50
CA ARG E 113 7.92 54.71 20.35
C ARG E 113 7.67 56.23 20.35
N GLU E 114 8.37 56.93 21.21
CA GLU E 114 8.01 58.33 21.46
C GLU E 114 8.70 59.34 20.55
N ASN E 115 9.55 58.85 19.65
CA ASN E 115 10.21 59.69 18.66
C ASN E 115 10.31 58.96 17.32
N GLN E 116 10.35 57.62 17.36
CA GLN E 116 10.89 56.86 16.26
C GLN E 116 9.95 56.59 15.09
N PHE E 117 8.75 57.10 15.20
CA PHE E 117 7.71 57.01 14.15
C PHE E 117 8.00 57.98 13.00
N VAL E 118 7.58 57.67 11.77
CA VAL E 118 7.66 58.70 10.72
C VAL E 118 6.36 59.01 9.98
N LYS E 119 6.16 60.29 9.72
CA LYS E 119 4.91 60.81 9.22
C LYS E 119 4.64 60.49 7.77
N ILE E 120 3.51 59.86 7.49
CA ILE E 120 3.17 59.49 6.12
C ILE E 120 2.41 60.63 5.45
N ASP E 121 1.46 61.25 6.17
CA ASP E 121 0.64 62.39 5.70
C ASP E 121 -0.29 62.96 6.74
N THR E 122 -0.74 64.18 6.55
CA THR E 122 -1.91 64.67 7.25
C THR E 122 -3.14 64.28 6.44
N ILE E 123 -4.12 63.62 7.05
CA ILE E 123 -5.32 63.19 6.35
C ILE E 123 -6.49 64.09 6.62
N ALA E 124 -7.18 64.53 5.56
CA ALA E 124 -8.33 65.41 5.73
C ALA E 124 -9.57 64.65 5.32
N ALA E 125 -10.74 65.20 5.64
CA ALA E 125 -11.96 64.53 5.23
C ALA E 125 -12.51 65.20 3.98
N ASP E 126 -13.10 64.44 3.05
CA ASP E 126 -13.77 65.06 1.93
C ASP E 126 -15.04 65.74 2.41
N GLU E 127 -15.85 64.98 3.16
CA GLU E 127 -17.10 65.47 3.72
C GLU E 127 -17.13 65.22 5.22
N SER E 128 -17.32 66.30 5.96
CA SER E 128 -17.35 66.24 7.40
C SER E 128 -18.78 66.39 7.84
N PHE E 129 -19.29 65.40 8.56
CA PHE E 129 -20.70 65.35 8.92
C PHE E 129 -21.13 66.38 9.95
N THR E 130 -22.38 66.82 9.82
CA THR E 130 -23.02 67.77 10.72
C THR E 130 -24.29 67.17 11.29
N GLN E 131 -24.93 67.90 12.18
CA GLN E 131 -26.17 67.48 12.80
C GLN E 131 -27.19 66.96 11.80
N VAL E 132 -27.31 67.65 10.65
CA VAL E 132 -28.28 67.26 9.64
C VAL E 132 -28.08 65.82 9.20
N ASP E 133 -26.86 65.32 9.32
CA ASP E 133 -26.59 63.98 8.86
C ASP E 133 -26.92 62.94 9.91
N ILE E 134 -26.79 63.31 11.16
CA ILE E 134 -27.12 62.38 12.22
C ILE E 134 -28.62 62.17 12.21
N GLY E 135 -29.36 63.27 12.15
CA GLY E 135 -30.81 63.25 12.14
C GLY E 135 -31.39 62.54 10.92
N ASP E 136 -30.80 62.78 9.75
CA ASP E 136 -31.22 62.10 8.52
C ASP E 136 -30.69 60.69 8.44
N ARG E 137 -29.80 60.33 9.37
CA ARG E 137 -29.18 59.01 9.39
C ARG E 137 -28.44 58.79 8.06
N ILE E 138 -27.63 59.77 7.72
CA ILE E 138 -26.82 59.79 6.51
C ILE E 138 -25.35 59.66 6.90
N MET E 139 -24.73 58.51 6.64
CA MET E 139 -23.31 58.32 6.93
C MET E 139 -22.56 59.04 5.84
N LYS E 140 -21.50 59.74 6.22
CA LYS E 140 -20.66 60.37 5.19
C LYS E 140 -19.32 59.79 5.40
N LEU E 141 -19.12 58.65 4.76
CA LEU E 141 -17.94 57.86 4.92
C LEU E 141 -16.80 58.21 3.99
N ASN E 142 -15.70 58.61 4.62
CA ASN E 142 -14.50 59.00 3.95
C ASN E 142 -13.58 57.83 3.61
N THR E 143 -13.01 57.81 2.40
CA THR E 143 -11.99 56.83 2.04
C THR E 143 -10.76 57.54 1.57
N GLU E 144 -9.61 57.14 2.10
CA GLU E 144 -8.33 57.77 1.81
C GLU E 144 -7.32 56.68 1.62
N ILE E 145 -6.39 56.87 0.70
CA ILE E 145 -5.26 55.91 0.55
C ILE E 145 -3.90 56.66 0.57
N ARG E 146 -2.92 56.10 1.25
CA ARG E 146 -1.57 56.56 1.07
C ARG E 146 -0.74 55.31 0.80
N ASP E 147 0.50 55.48 0.42
CA ASP E 147 1.39 54.34 0.32
C ASP E 147 2.71 54.67 0.98
N VAL E 148 3.47 53.66 1.37
CA VAL E 148 4.80 53.89 1.95
C VAL E 148 5.76 52.94 1.25
N GLY E 149 7.04 53.32 1.22
CA GLY E 149 8.04 52.52 0.55
C GLY E 149 9.25 53.26 0.04
N PRO E 150 10.29 52.51 -0.35
CA PRO E 150 10.36 51.04 -0.28
C PRO E 150 10.68 50.50 1.14
N LEU E 151 9.87 49.56 1.62
CA LEU E 151 10.06 48.98 2.94
C LEU E 151 11.17 47.95 2.91
N SER E 152 11.99 47.96 3.95
CA SER E 152 13.16 47.10 4.00
C SER E 152 13.24 46.11 5.16
N LYS E 153 12.71 46.45 6.33
CA LYS E 153 12.73 45.52 7.47
C LYS E 153 11.55 44.52 7.46
N LYS E 154 11.63 43.46 8.26
CA LYS E 154 10.62 42.38 8.24
C LYS E 154 9.19 42.86 8.41
N GLY E 155 8.99 43.89 9.23
CA GLY E 155 7.66 44.44 9.48
C GLY E 155 7.62 45.92 9.75
N PHE E 156 6.43 46.43 10.10
CA PHE E 156 6.22 47.85 10.49
C PHE E 156 4.97 47.96 11.30
N TYR E 157 4.89 49.03 12.06
CA TYR E 157 3.71 49.37 12.81
C TYR E 157 3.08 50.61 12.17
N LEU E 158 1.75 50.67 12.09
CA LEU E 158 1.07 51.92 11.68
C LEU E 158 0.55 52.72 12.86
N ALA E 159 0.51 54.04 12.76
CA ALA E 159 -0.11 54.83 13.81
C ALA E 159 -0.98 56.03 13.39
N PHE E 160 -1.91 56.36 14.27
CA PHE E 160 -2.90 57.40 14.03
C PHE E 160 -2.74 58.40 15.11
N GLN E 161 -2.47 59.66 14.79
CA GLN E 161 -2.32 60.63 15.84
C GLN E 161 -3.45 61.59 15.76
N ASP E 162 -4.20 61.78 16.83
CA ASP E 162 -5.29 62.76 16.82
C ASP E 162 -4.88 63.98 17.63
N VAL E 163 -5.16 65.20 17.13
CA VAL E 163 -4.76 66.41 17.86
C VAL E 163 -5.93 67.29 18.20
N GLY E 164 -7.15 66.76 18.12
CA GLY E 164 -8.33 67.55 18.44
C GLY E 164 -9.52 67.42 17.48
N ALA E 165 -9.48 66.48 16.58
CA ALA E 165 -10.66 66.18 15.84
C ALA E 165 -11.69 65.24 16.58
N CYS E 166 -12.85 65.09 15.95
CA CYS E 166 -13.92 64.25 16.43
C CYS E 166 -14.09 63.20 15.38
N ILE E 167 -13.47 62.05 15.57
CA ILE E 167 -13.29 61.11 14.45
C ILE E 167 -13.51 59.63 14.82
N ALA E 168 -14.16 58.89 13.94
CA ALA E 168 -14.38 57.52 14.15
C ALA E 168 -13.72 56.72 13.05
N LEU E 169 -12.80 55.82 13.38
CA LEU E 169 -12.16 54.98 12.35
C LEU E 169 -13.06 53.85 12.03
N VAL E 170 -13.55 53.77 10.82
CA VAL E 170 -14.38 52.65 10.40
C VAL E 170 -13.61 51.44 9.88
N SER E 171 -12.62 51.62 9.03
CA SER E 171 -11.73 50.49 8.69
C SER E 171 -10.29 50.90 8.33
N VAL E 172 -9.37 49.96 8.50
CA VAL E 172 -8.03 50.16 8.08
C VAL E 172 -7.65 48.90 7.35
N ARG E 173 -7.17 49.03 6.14
CA ARG E 173 -6.74 47.86 5.41
C ARG E 173 -5.40 48.20 4.84
N VAL E 174 -4.43 47.33 5.10
CA VAL E 174 -3.08 47.50 4.61
C VAL E 174 -2.79 46.40 3.62
N PHE E 175 -2.36 46.77 2.42
CA PHE E 175 -2.06 45.74 1.41
C PHE E 175 -0.89 46.13 0.45
N TYR E 176 -0.51 45.17 -0.42
CA TYR E 176 0.48 45.45 -1.47
C TYR E 176 -0.04 44.97 -2.78
N LYS E 177 0.62 45.35 -3.87
CA LYS E 177 0.08 44.95 -5.15
C LYS E 177 0.97 43.95 -5.87
N LYS E 178 0.37 43.10 -6.69
CA LYS E 178 1.15 42.11 -7.41
C LYS E 178 0.55 41.95 -8.78
N CYS E 179 1.35 41.61 -9.77
CA CYS E 179 0.77 41.18 -11.05
C CYS E 179 0.51 39.70 -10.88
N PRO E 180 -0.75 39.28 -11.14
CA PRO E 180 -1.07 37.87 -10.88
C PRO E 180 -0.50 36.91 -11.95
N LEU E 181 -0.35 35.64 -11.57
CA LEU E 181 -0.06 34.55 -12.52
C LEU E 181 -0.93 34.55 -13.79
N THR E 182 -0.29 34.59 -14.94
CA THR E 182 -1.00 34.69 -16.21
C THR E 182 -0.17 34.05 -17.32
N VAL E 183 -0.86 33.71 -18.42
CA VAL E 183 -0.23 33.14 -19.60
C VAL E 183 -0.36 34.09 -20.78
N ARG E 184 0.79 34.48 -21.34
CA ARG E 184 0.81 35.37 -22.49
C ARG E 184 1.78 34.88 -23.56
N ASN E 185 1.30 34.82 -24.81
CA ASN E 185 2.11 34.30 -25.91
C ASN E 185 2.70 32.94 -25.61
N LEU E 186 1.84 32.03 -25.15
CA LEU E 186 2.21 30.66 -24.79
C LEU E 186 3.32 30.53 -23.75
N ALA E 187 3.49 31.57 -22.94
CA ALA E 187 4.41 31.56 -21.82
C ALA E 187 3.68 31.84 -20.49
N GLN E 188 4.09 31.17 -19.43
CA GLN E 188 3.53 31.45 -18.14
C GLN E 188 4.38 32.43 -17.36
N PHE E 189 3.73 33.44 -16.80
CA PHE E 189 4.41 34.37 -15.90
C PHE E 189 3.81 34.19 -14.51
N PRO E 190 4.66 34.09 -13.49
CA PRO E 190 4.15 33.86 -12.13
C PRO E 190 3.60 35.14 -11.45
N ASP E 191 2.92 34.97 -10.31
CA ASP E 191 2.64 36.09 -9.41
C ASP E 191 3.96 36.76 -9.19
N THR E 192 3.96 38.08 -9.29
CA THR E 192 5.16 38.88 -9.12
C THR E 192 4.80 40.10 -8.30
N ILE E 193 5.41 40.20 -7.13
CA ILE E 193 5.26 41.39 -6.32
C ILE E 193 5.77 42.63 -7.09
N THR E 194 5.11 43.77 -6.88
CA THR E 194 5.40 44.96 -7.65
C THR E 194 6.64 45.62 -7.08
N GLY E 195 7.21 46.56 -7.87
CA GLY E 195 8.49 47.18 -7.54
C GLY E 195 8.45 48.19 -6.43
N ALA E 196 9.58 48.83 -6.19
CA ALA E 196 9.76 49.68 -5.02
C ALA E 196 9.03 50.99 -5.07
N ASP E 197 8.87 51.52 -6.27
CA ASP E 197 8.19 52.80 -6.45
C ASP E 197 6.87 52.64 -7.19
N THR E 198 6.00 53.63 -6.99
CA THR E 198 4.69 53.65 -7.63
C THR E 198 4.81 53.82 -9.14
N SER E 199 6.05 53.94 -9.60
CA SER E 199 6.38 54.05 -11.02
C SER E 199 7.37 52.97 -11.46
N SER E 200 7.55 51.93 -10.67
CA SER E 200 8.54 50.89 -10.97
C SER E 200 8.03 49.93 -12.01
N LEU E 201 8.94 49.37 -12.82
CA LEU E 201 8.62 48.20 -13.69
C LEU E 201 9.48 47.03 -13.30
N VAL E 202 8.88 45.85 -13.21
CA VAL E 202 9.68 44.68 -12.85
C VAL E 202 9.72 43.77 -14.06
N GLU E 203 10.92 43.56 -14.61
CA GLU E 203 11.08 42.57 -15.67
C GLU E 203 10.92 41.15 -15.10
N VAL E 204 10.13 40.33 -15.78
CA VAL E 204 9.92 38.96 -15.38
C VAL E 204 10.02 38.08 -16.63
N ARG E 205 10.87 37.07 -16.53
CA ARG E 205 11.09 36.16 -17.63
C ARG E 205 10.07 35.02 -17.52
N GLY E 206 9.33 34.80 -18.59
CA GLY E 206 8.33 33.74 -18.64
C GLY E 206 8.91 32.39 -19.04
N SER E 207 8.17 31.33 -18.71
CA SER E 207 8.51 29.95 -19.10
C SER E 207 7.42 29.39 -20.01
N CYS E 208 7.84 28.78 -21.13
CA CYS E 208 6.90 28.23 -22.11
C CYS E 208 5.98 27.24 -21.48
N VAL E 209 4.73 27.25 -21.90
CA VAL E 209 3.74 26.35 -21.38
C VAL E 209 4.05 24.96 -21.92
N ASN E 210 3.63 23.94 -21.17
CA ASN E 210 3.57 22.60 -21.72
C ASN E 210 2.54 22.58 -22.86
N ASN E 211 2.91 22.12 -24.05
CA ASN E 211 4.25 21.74 -24.44
C ASN E 211 4.46 22.49 -25.74
N SER E 212 5.42 23.39 -25.67
CA SER E 212 5.65 24.34 -26.73
C SER E 212 7.11 24.64 -26.62
N GLU E 213 7.59 25.53 -27.49
CA GLU E 213 9.01 25.80 -27.54
C GLU E 213 9.20 27.28 -27.71
N GLU E 214 10.25 27.81 -27.09
CA GLU E 214 10.52 29.26 -27.14
C GLU E 214 11.11 29.67 -28.45
N LYS E 215 10.57 30.73 -29.00
CA LYS E 215 11.04 31.29 -30.24
C LYS E 215 11.94 32.43 -29.84
N ASP E 216 11.33 33.51 -29.39
CA ASP E 216 12.05 34.62 -28.77
C ASP E 216 11.77 34.57 -27.27
N VAL E 217 12.78 34.90 -26.47
CA VAL E 217 12.70 34.80 -25.01
C VAL E 217 11.47 35.58 -24.53
N PRO E 218 10.54 34.91 -23.85
CA PRO E 218 9.32 35.59 -23.40
C PRO E 218 9.51 36.41 -22.09
N LYS E 219 9.34 37.72 -22.22
CA LYS E 219 9.49 38.61 -21.10
C LYS E 219 8.25 39.46 -21.03
N MET E 220 7.99 39.93 -19.81
CA MET E 220 6.91 40.86 -19.58
C MET E 220 7.21 41.67 -18.34
N TYR E 221 6.63 42.87 -18.30
CA TYR E 221 6.87 43.78 -17.20
C TYR E 221 5.70 43.91 -16.23
N CYS E 222 5.99 43.77 -14.94
CA CYS E 222 4.99 43.98 -13.89
C CYS E 222 4.90 45.44 -13.50
N GLY E 223 3.77 46.06 -13.82
CA GLY E 223 3.55 47.47 -13.49
C GLY E 223 3.11 47.69 -12.06
N ALA E 224 3.35 48.89 -11.53
CA ALA E 224 3.06 49.21 -10.12
C ALA E 224 1.62 48.94 -9.67
N ASP E 225 0.68 49.13 -10.59
CA ASP E 225 -0.72 49.02 -10.32
C ASP E 225 -1.19 47.58 -10.48
N GLY E 226 -0.24 46.65 -10.57
CA GLY E 226 -0.55 45.21 -10.72
C GLY E 226 -0.96 44.66 -12.10
N GLU E 227 -0.74 45.45 -13.15
CA GLU E 227 -1.07 45.07 -14.51
C GLU E 227 0.23 44.69 -15.18
N TRP E 228 0.20 43.55 -15.90
CA TRP E 228 1.27 43.19 -16.83
C TRP E 228 1.32 44.14 -17.99
N LEU E 229 2.50 44.66 -18.30
CA LEU E 229 2.64 45.60 -19.38
C LEU E 229 3.16 44.93 -20.61
N VAL E 230 3.63 45.70 -21.60
CA VAL E 230 3.75 45.15 -22.96
C VAL E 230 4.78 44.02 -23.09
N PRO E 231 4.28 42.81 -23.47
CA PRO E 231 5.10 41.62 -23.50
C PRO E 231 6.00 41.64 -24.72
N ILE E 232 7.06 40.83 -24.66
CA ILE E 232 7.95 40.60 -25.80
C ILE E 232 8.32 39.12 -25.84
N GLY E 233 8.69 38.62 -27.00
CA GLY E 233 8.93 37.18 -27.16
C GLY E 233 7.66 36.35 -27.26
N ASN E 234 7.82 35.08 -27.64
CA ASN E 234 6.72 34.10 -27.68
C ASN E 234 7.20 32.64 -27.75
N CYS E 235 6.27 31.73 -27.49
CA CYS E 235 6.51 30.31 -27.58
C CYS E 235 5.52 29.83 -28.62
N LEU E 236 5.86 28.71 -29.28
CA LEU E 236 5.03 28.12 -30.33
C LEU E 236 4.66 26.76 -29.92
N CYS E 237 3.41 26.41 -30.22
CA CYS E 237 2.93 25.08 -30.00
C CYS E 237 3.74 24.05 -30.81
N ASN E 238 4.28 23.04 -30.12
CA ASN E 238 4.94 21.89 -30.78
C ASN E 238 4.12 21.28 -31.90
N ALA E 239 4.80 20.56 -32.78
CA ALA E 239 4.11 19.78 -33.78
C ALA E 239 3.07 18.91 -33.09
N GLY E 240 1.94 18.70 -33.75
CA GLY E 240 0.90 17.83 -33.21
C GLY E 240 0.05 18.52 -32.18
N HIS E 241 0.29 19.81 -31.98
CA HIS E 241 -0.45 20.59 -30.99
C HIS E 241 -0.80 21.94 -31.52
N GLU E 242 -1.93 22.47 -31.05
CA GLU E 242 -2.35 23.82 -31.43
C GLU E 242 -2.77 24.67 -30.20
N GLU E 243 -2.61 25.99 -30.29
CA GLU E 243 -3.02 26.91 -29.21
C GLU E 243 -4.55 26.99 -29.02
N ARG E 244 -4.99 26.62 -27.82
CA ARG E 244 -6.36 26.82 -27.41
C ARG E 244 -6.39 27.15 -25.92
N SER E 245 -7.11 28.23 -25.59
CA SER E 245 -6.99 28.88 -24.29
C SER E 245 -5.51 29.30 -24.18
N GLY E 246 -4.88 29.03 -23.03
CA GLY E 246 -3.47 29.36 -22.83
C GLY E 246 -2.59 28.13 -22.92
N GLU E 247 -3.10 27.12 -23.63
CA GLU E 247 -2.46 25.82 -23.69
C GLU E 247 -2.13 25.35 -25.10
N CYS E 248 -1.13 24.47 -25.18
CA CYS E 248 -0.90 23.71 -26.38
C CYS E 248 -1.62 22.39 -26.21
N GLN E 249 -2.79 22.27 -26.84
CA GLN E 249 -3.56 21.03 -26.81
C GLN E 249 -3.36 20.19 -28.09
N ALA E 250 -3.33 18.87 -27.92
CA ALA E 250 -3.18 17.94 -29.02
C ALA E 250 -4.21 18.15 -30.11
N CYS E 251 -3.76 17.97 -31.35
CA CYS E 251 -4.62 17.87 -32.54
C CYS E 251 -5.72 16.85 -32.32
N LYS E 252 -6.92 17.19 -32.76
CA LYS E 252 -8.05 16.27 -32.65
C LYS E 252 -7.84 15.06 -33.58
N ILE E 253 -8.55 13.98 -33.29
CA ILE E 253 -8.50 12.79 -34.16
C ILE E 253 -8.87 13.14 -35.61
N GLY E 254 -8.06 12.66 -36.55
CA GLY E 254 -8.30 12.93 -37.97
C GLY E 254 -7.65 14.23 -38.41
N TYR E 255 -6.94 14.87 -37.47
CA TYR E 255 -6.19 16.09 -37.73
C TYR E 255 -4.70 15.90 -37.39
N TYR E 256 -3.88 16.79 -37.95
CA TYR E 256 -2.42 16.77 -37.74
C TYR E 256 -1.84 18.21 -37.75
N LYS E 257 -0.57 18.34 -37.36
CA LYS E 257 0.20 19.58 -37.58
C LYS E 257 1.66 19.22 -37.58
N ALA E 258 2.34 19.52 -38.69
CA ALA E 258 3.71 19.05 -38.90
C ALA E 258 4.80 19.89 -38.22
N LEU E 259 4.70 21.20 -38.35
CA LEU E 259 5.75 22.09 -37.84
C LEU E 259 5.20 23.08 -36.81
N SER E 260 6.02 23.44 -35.83
CA SER E 260 5.64 24.38 -34.77
C SER E 260 5.26 25.73 -35.36
N THR E 261 5.93 26.06 -36.46
CA THR E 261 5.72 27.30 -37.22
C THR E 261 4.39 27.33 -37.99
N ASP E 262 3.69 26.20 -38.07
CA ASP E 262 2.34 26.16 -38.64
C ASP E 262 1.34 26.81 -37.67
N ALA E 263 0.33 27.46 -38.24
CA ALA E 263 -0.74 28.13 -37.47
C ALA E 263 -1.54 27.19 -36.56
N THR E 264 -2.35 26.32 -37.17
CA THR E 264 -3.26 25.44 -36.42
C THR E 264 -3.14 23.97 -36.87
N CYS E 265 -3.93 23.07 -36.27
CA CYS E 265 -4.06 21.70 -36.79
C CYS E 265 -4.93 21.73 -38.03
N ALA E 266 -4.53 20.95 -39.02
CA ALA E 266 -5.25 20.79 -40.25
C ALA E 266 -5.80 19.37 -40.33
N LYS E 267 -6.93 19.19 -41.01
CA LYS E 267 -7.50 17.86 -41.26
C LYS E 267 -6.59 17.12 -42.25
N CYS E 268 -6.37 15.82 -42.00
CA CYS E 268 -5.58 14.97 -42.90
C CYS E 268 -6.12 15.02 -44.32
N PRO E 269 -5.22 15.23 -45.30
CA PRO E 269 -5.59 15.32 -46.71
C PRO E 269 -6.10 13.98 -47.23
N PRO E 270 -6.78 13.97 -48.40
CA PRO E 270 -7.35 12.76 -48.97
C PRO E 270 -6.42 11.55 -48.90
N HIS E 271 -7.00 10.40 -48.57
CA HIS E 271 -6.32 9.10 -48.61
C HIS E 271 -5.20 8.97 -47.64
N SER E 272 -5.27 9.78 -46.59
CA SER E 272 -4.38 9.66 -45.46
C SER E 272 -5.23 9.72 -44.21
N TYR E 273 -4.68 9.19 -43.12
CA TYR E 273 -5.36 9.30 -41.85
C TYR E 273 -4.45 9.27 -40.65
N SER E 274 -4.84 10.03 -39.62
CA SER E 274 -4.18 10.03 -38.33
C SER E 274 -5.15 9.42 -37.34
N VAL E 275 -4.74 8.27 -36.79
CA VAL E 275 -5.63 7.48 -35.96
C VAL E 275 -5.59 7.94 -34.51
N TRP E 276 -4.59 8.75 -34.19
CA TRP E 276 -4.44 9.26 -32.83
C TRP E 276 -4.32 10.74 -32.80
N GLU E 277 -4.75 11.32 -31.68
CA GLU E 277 -4.57 12.73 -31.38
C GLU E 277 -3.09 13.10 -31.29
N GLY E 278 -2.78 14.36 -31.55
CA GLY E 278 -1.40 14.83 -31.45
C GLY E 278 -0.54 14.33 -32.58
N ALA E 279 -1.17 14.14 -33.72
CA ALA E 279 -0.49 13.61 -34.87
C ALA E 279 0.33 14.68 -35.56
N THR E 280 1.62 14.41 -35.78
CA THR E 280 2.50 15.33 -36.50
C THR E 280 2.52 15.03 -38.00
N SER E 281 1.86 13.93 -38.37
CA SER E 281 1.82 13.38 -39.74
C SER E 281 0.56 12.53 -39.88
N CYS E 282 0.19 12.16 -41.10
CA CYS E 282 -0.91 11.21 -41.28
C CYS E 282 -0.42 9.93 -41.93
N THR E 283 -0.86 8.79 -41.43
CA THR E 283 -0.49 7.51 -42.04
C THR E 283 -1.30 7.32 -43.30
N CYS E 284 -0.63 6.88 -44.37
CA CYS E 284 -1.29 6.73 -45.64
C CYS E 284 -2.26 5.56 -45.56
N ASP E 285 -3.48 5.79 -46.05
CA ASP E 285 -4.49 4.72 -46.13
C ASP E 285 -3.92 3.54 -46.91
N ARG E 286 -4.36 2.33 -46.58
CA ARG E 286 -3.86 1.11 -47.27
C ARG E 286 -4.09 1.21 -48.79
N GLY E 287 -3.05 0.89 -49.56
CA GLY E 287 -3.10 1.05 -51.02
C GLY E 287 -2.76 2.45 -51.52
N PHE E 288 -2.47 3.37 -50.59
CA PHE E 288 -2.02 4.71 -50.89
C PHE E 288 -0.66 4.92 -50.17
N PHE E 289 0.31 5.59 -50.83
CA PHE E 289 1.68 5.84 -50.27
C PHE E 289 2.20 7.30 -50.51
N ARG E 290 2.73 7.99 -49.46
CA ARG E 290 3.31 9.39 -49.55
C ARG E 290 4.85 9.31 -49.47
N ALA E 291 5.62 10.36 -49.75
CA ALA E 291 7.04 10.03 -49.99
C ALA E 291 8.19 10.79 -49.35
N ASP E 292 9.19 11.14 -50.15
CA ASP E 292 10.36 11.73 -49.55
C ASP E 292 10.52 13.20 -49.83
N ASN E 293 10.40 13.57 -51.10
CA ASN E 293 10.15 14.95 -51.46
C ASN E 293 8.66 15.09 -51.17
N ASP E 294 8.36 14.84 -49.89
CA ASP E 294 7.02 14.74 -49.35
C ASP E 294 6.59 16.08 -48.78
N ALA E 295 5.28 16.23 -48.58
CA ALA E 295 4.69 17.33 -47.86
C ALA E 295 3.45 16.75 -47.22
N ALA E 296 3.43 16.66 -45.89
CA ALA E 296 2.31 16.05 -45.18
C ALA E 296 0.99 16.69 -45.57
N SER E 297 1.09 17.76 -46.37
CA SER E 297 -0.09 18.44 -46.85
C SER E 297 -0.70 17.68 -48.03
N MET E 298 0.15 17.15 -48.91
CA MET E 298 -0.28 16.47 -50.16
C MET E 298 -0.88 15.09 -49.88
N PRO E 299 -2.02 14.76 -50.51
CA PRO E 299 -2.71 13.46 -50.33
C PRO E 299 -1.84 12.26 -50.70
N CYS E 300 -2.29 11.06 -50.35
CA CYS E 300 -1.46 9.86 -50.54
C CYS E 300 -1.46 9.27 -51.97
N THR E 301 -0.37 8.55 -52.33
CA THR E 301 -0.07 8.17 -53.73
C THR E 301 0.46 6.76 -54.09
N ARG E 302 0.41 6.46 -55.40
CA ARG E 302 0.79 5.14 -55.97
C ARG E 302 1.74 5.19 -57.19
N PRO E 303 2.62 4.15 -57.36
CA PRO E 303 3.40 4.10 -58.60
C PRO E 303 2.45 4.04 -59.78
N PRO E 304 2.89 4.48 -60.98
CA PRO E 304 1.95 4.50 -62.10
C PRO E 304 1.73 3.13 -62.74
N SER E 305 0.77 3.04 -63.66
CA SER E 305 0.57 1.85 -64.49
C SER E 305 1.61 1.83 -65.63
N ALA E 306 1.66 0.74 -66.39
CA ALA E 306 2.58 0.64 -67.52
C ALA E 306 2.31 1.76 -68.55
N PRO E 307 3.36 2.20 -69.27
CA PRO E 307 3.15 3.06 -70.44
C PRO E 307 2.48 2.29 -71.59
N LEU E 308 1.68 2.98 -72.39
CA LEU E 308 0.79 2.33 -73.36
C LEU E 308 1.20 2.55 -74.81
N ASN E 309 0.71 1.67 -75.69
CA ASN E 309 0.93 1.79 -77.14
C ASN E 309 2.38 2.02 -77.48
N LEU E 310 3.20 1.04 -77.09
CA LEU E 310 4.60 0.99 -77.41
C LEU E 310 4.79 0.79 -78.93
N ILE E 311 5.48 1.74 -79.56
CA ILE E 311 5.68 1.75 -81.02
C ILE E 311 7.17 1.91 -81.37
N SER E 312 7.64 1.08 -82.28
CA SER E 312 9.08 0.90 -82.56
C SER E 312 9.54 1.25 -83.98
N ASN E 313 10.86 1.38 -84.14
CA ASN E 313 11.47 1.82 -85.38
C ASN E 313 12.95 1.44 -85.44
N VAL E 314 13.40 0.90 -86.57
CA VAL E 314 14.83 0.55 -86.79
C VAL E 314 15.43 1.13 -88.09
N ASN E 315 16.53 1.86 -87.99
CA ASN E 315 17.25 2.27 -89.19
C ASN E 315 18.73 2.05 -88.96
N GLU E 316 19.29 1.15 -89.77
CA GLU E 316 20.66 0.66 -89.60
C GLU E 316 20.84 0.18 -88.16
N THR E 317 21.51 0.99 -87.35
CA THR E 317 21.80 0.65 -85.96
C THR E 317 21.08 1.55 -84.96
N SER E 318 20.19 2.40 -85.44
CA SER E 318 19.47 3.30 -84.55
C SER E 318 18.02 2.82 -84.35
N VAL E 319 17.66 2.55 -83.09
CA VAL E 319 16.29 2.13 -82.75
C VAL E 319 15.49 3.27 -82.09
N ASN E 320 14.56 3.86 -82.82
CA ASN E 320 13.73 4.94 -82.28
C ASN E 320 12.43 4.40 -81.70
N LEU E 321 11.99 5.00 -80.60
CA LEU E 321 10.86 4.45 -79.86
C LEU E 321 9.92 5.52 -79.32
N GLU E 322 8.62 5.21 -79.35
CA GLU E 322 7.57 6.14 -78.97
C GLU E 322 6.44 5.43 -78.22
N TRP E 323 5.94 6.07 -77.17
CA TRP E 323 4.89 5.48 -76.36
C TRP E 323 3.92 6.52 -75.90
N SER E 324 3.07 6.15 -74.96
CA SER E 324 2.05 7.06 -74.46
C SER E 324 1.91 7.00 -72.93
N SER E 325 1.47 8.13 -72.34
CA SER E 325 1.25 8.27 -70.91
C SER E 325 0.43 7.11 -70.33
N PRO E 326 0.84 6.58 -69.16
CA PRO E 326 0.10 5.47 -68.52
C PRO E 326 -1.35 5.82 -68.21
N GLN E 327 -2.18 4.78 -68.08
CA GLN E 327 -3.61 4.94 -67.83
C GLN E 327 -3.84 5.52 -66.45
N ASN E 328 -3.14 4.97 -65.46
CA ASN E 328 -3.27 5.42 -64.08
C ASN E 328 -1.97 6.03 -63.61
N THR E 329 -1.98 7.34 -63.37
CA THR E 329 -0.76 8.02 -62.95
C THR E 329 -0.42 7.86 -61.46
N GLY E 330 -1.43 7.60 -60.62
CA GLY E 330 -1.20 7.22 -59.23
C GLY E 330 -1.83 7.93 -58.02
N GLY E 331 -1.94 9.26 -58.03
CA GLY E 331 -1.56 10.12 -59.15
C GLY E 331 -0.81 11.38 -58.77
N ARG E 332 0.12 11.75 -59.64
CA ARG E 332 0.97 12.92 -59.47
C ARG E 332 1.49 13.33 -60.84
N GLN E 333 2.08 14.51 -60.91
CA GLN E 333 2.58 15.03 -62.17
C GLN E 333 4.11 14.98 -62.27
N ASP E 334 4.73 14.16 -61.43
CA ASP E 334 6.20 13.98 -61.42
C ASP E 334 6.68 12.68 -62.11
N ILE E 335 5.80 12.11 -62.94
CA ILE E 335 6.09 10.93 -63.79
C ILE E 335 7.27 11.09 -64.76
N SER E 336 8.02 10.01 -64.95
CA SER E 336 9.19 9.97 -65.84
C SER E 336 9.44 8.53 -66.33
N TYR E 337 10.38 8.35 -67.25
CA TYR E 337 10.58 7.04 -67.88
C TYR E 337 12.03 6.58 -68.04
N ASN E 338 12.28 5.30 -67.74
CA ASN E 338 13.60 4.70 -67.91
C ASN E 338 13.62 3.57 -68.93
N VAL E 339 14.55 3.65 -69.88
CA VAL E 339 14.71 2.65 -70.95
C VAL E 339 15.69 1.55 -70.54
N VAL E 340 15.36 0.30 -70.86
CA VAL E 340 16.22 -0.85 -70.51
C VAL E 340 16.65 -1.69 -71.72
N CYS E 341 17.94 -1.62 -72.09
CA CYS E 341 18.47 -2.42 -73.21
C CYS E 341 18.83 -3.85 -72.82
N LYS E 342 18.66 -4.77 -73.77
CA LYS E 342 19.00 -6.19 -73.59
C LYS E 342 19.42 -6.85 -74.93
N LYS E 343 20.14 -7.98 -74.83
CA LYS E 343 20.62 -8.75 -76.00
C LYS E 343 20.20 -10.24 -75.87
N CYS E 344 19.45 -10.78 -76.85
CA CYS E 344 18.83 -12.13 -76.74
C CYS E 344 18.54 -12.90 -78.04
N GLY E 345 18.68 -14.22 -78.01
CA GLY E 345 18.04 -15.08 -79.01
C GLY E 345 16.55 -15.11 -78.64
N ALA E 346 15.79 -16.09 -79.14
CA ALA E 346 14.37 -16.20 -78.75
C ALA E 346 14.15 -17.46 -77.94
N GLY E 347 15.07 -18.41 -78.13
CA GLY E 347 15.07 -19.66 -77.40
C GLY E 347 15.12 -19.48 -75.90
N ASP E 348 15.70 -18.37 -75.43
CA ASP E 348 15.82 -18.15 -73.98
C ASP E 348 15.55 -16.69 -73.59
N PRO E 349 14.26 -16.32 -73.43
CA PRO E 349 13.87 -14.93 -73.15
C PRO E 349 14.31 -14.36 -71.80
N SER E 350 14.29 -15.14 -70.74
CA SER E 350 14.67 -14.56 -69.45
C SER E 350 16.16 -14.19 -69.38
N LYS E 351 16.93 -14.64 -70.37
CA LYS E 351 18.37 -14.36 -70.46
C LYS E 351 18.60 -13.08 -71.23
N CYS E 352 19.70 -12.38 -70.98
CA CYS E 352 20.17 -11.31 -71.87
C CYS E 352 21.19 -10.57 -71.04
N ARG E 353 22.09 -9.86 -71.69
CA ARG E 353 23.16 -9.17 -70.97
C ARG E 353 23.17 -7.69 -71.29
N PRO E 354 23.48 -6.84 -70.32
CA PRO E 354 23.05 -5.45 -70.38
C PRO E 354 23.32 -4.67 -71.67
N CYS E 355 24.30 -5.08 -72.47
CA CYS E 355 24.75 -4.31 -73.65
C CYS E 355 25.49 -3.02 -73.25
N GLY E 356 25.98 -2.95 -72.01
CA GLY E 356 26.68 -1.76 -71.49
C GLY E 356 27.82 -1.21 -72.33
N SER E 357 27.76 0.09 -72.63
CA SER E 357 28.67 0.76 -73.57
C SER E 357 28.69 2.27 -73.31
N GLY E 358 28.99 3.07 -74.33
CA GLY E 358 28.91 4.54 -74.23
C GLY E 358 27.83 5.14 -75.12
N VAL E 359 26.76 4.38 -75.33
CA VAL E 359 25.72 4.70 -76.31
C VAL E 359 24.74 5.78 -75.86
N HIS E 360 24.01 6.31 -76.83
CA HIS E 360 22.94 7.28 -76.60
C HIS E 360 21.81 6.80 -77.49
N TYR E 361 20.54 6.74 -77.04
CA TYR E 361 20.01 7.11 -75.71
C TYR E 361 19.58 8.57 -75.56
N THR E 362 19.77 9.31 -76.65
CA THR E 362 19.26 10.67 -76.78
C THR E 362 17.74 10.75 -76.50
N PRO E 363 17.32 11.69 -75.63
CA PRO E 363 18.18 12.64 -74.92
C PRO E 363 18.84 12.10 -73.64
N GLN E 364 18.11 11.31 -72.85
CA GLN E 364 18.55 10.92 -71.51
C GLN E 364 18.81 9.42 -71.27
N GLN E 365 17.79 8.61 -71.55
CA GLN E 365 17.73 7.17 -71.21
C GLN E 365 17.16 6.88 -69.83
N ASN E 366 17.27 7.85 -68.92
CA ASN E 366 16.66 7.76 -67.60
C ASN E 366 16.09 9.09 -67.11
N GLY E 367 15.07 8.98 -66.24
CA GLY E 367 14.32 10.13 -65.77
C GLY E 367 13.90 10.96 -66.95
N LEU E 368 13.02 10.39 -67.76
CA LEU E 368 12.66 11.00 -69.02
C LEU E 368 11.24 11.53 -68.97
N LYS E 369 11.09 12.82 -69.28
CA LYS E 369 9.82 13.53 -69.15
C LYS E 369 8.93 13.44 -70.40
N THR E 370 9.56 13.27 -71.56
CA THR E 370 8.83 13.09 -72.83
C THR E 370 8.52 11.61 -73.13
N THR E 371 7.74 11.37 -74.17
CA THR E 371 7.36 10.00 -74.56
C THR E 371 8.19 9.48 -75.74
N LYS E 372 9.35 10.09 -75.96
CA LYS E 372 10.25 9.70 -77.05
C LYS E 372 11.69 9.46 -76.59
N VAL E 373 12.30 8.41 -77.12
CA VAL E 373 13.75 8.18 -77.01
C VAL E 373 14.29 7.58 -78.31
N SER E 374 15.44 8.07 -78.75
CA SER E 374 16.14 7.50 -79.90
C SER E 374 17.38 6.80 -79.41
N ILE E 375 17.59 5.57 -79.88
CA ILE E 375 18.66 4.64 -79.42
C ILE E 375 19.70 4.36 -80.51
N THR E 376 20.96 4.70 -80.23
CA THR E 376 22.02 4.78 -81.23
C THR E 376 23.13 3.80 -80.89
N ASP E 377 24.08 3.66 -81.82
CA ASP E 377 25.40 3.05 -81.60
C ASP E 377 25.42 1.65 -80.97
N LEU E 378 24.36 0.90 -81.23
CA LEU E 378 24.37 -0.52 -80.86
C LEU E 378 24.76 -1.39 -82.07
N LEU E 379 24.90 -2.71 -81.89
CA LEU E 379 25.41 -3.57 -83.00
C LEU E 379 24.36 -4.11 -84.00
N ALA E 380 24.85 -4.37 -85.21
CA ALA E 380 24.09 -4.52 -86.44
C ALA E 380 22.88 -5.47 -86.52
N HIS E 381 23.11 -6.77 -86.59
CA HIS E 381 22.03 -7.70 -87.01
C HIS E 381 21.39 -8.48 -85.89
N THR E 382 21.50 -8.00 -84.67
CA THR E 382 21.08 -8.84 -83.55
C THR E 382 19.72 -8.47 -82.99
N ASN E 383 19.11 -9.42 -82.26
CA ASN E 383 17.86 -9.17 -81.54
C ASN E 383 18.13 -8.46 -80.23
N TYR E 384 17.51 -7.30 -80.08
CA TYR E 384 17.54 -6.55 -78.82
C TYR E 384 16.13 -6.56 -78.22
N THR E 385 16.02 -6.33 -76.91
CA THR E 385 14.72 -6.18 -76.25
C THR E 385 14.71 -4.98 -75.34
N PHE E 386 13.60 -4.22 -75.35
CA PHE E 386 13.49 -2.98 -74.59
C PHE E 386 12.32 -2.95 -73.61
N GLU E 387 12.61 -2.41 -72.43
CA GLU E 387 11.58 -2.16 -71.44
C GLU E 387 11.52 -0.66 -71.19
N ILE E 388 10.31 -0.12 -71.28
CA ILE E 388 10.08 1.28 -70.97
C ILE E 388 9.31 1.33 -69.65
N TRP E 389 9.94 1.95 -68.65
CA TRP E 389 9.42 2.00 -67.29
C TRP E 389 8.84 3.31 -66.91
N ALA E 390 7.59 3.28 -66.47
CA ALA E 390 6.96 4.47 -65.90
C ALA E 390 7.43 4.61 -64.45
N VAL E 391 7.86 5.82 -64.09
CA VAL E 391 8.32 6.11 -62.75
C VAL E 391 7.61 7.36 -62.25
N ASN E 392 7.48 7.49 -60.94
CA ASN E 392 7.10 8.77 -60.31
C ASN E 392 7.91 9.02 -59.02
N GLY E 393 7.39 9.87 -58.13
CA GLY E 393 8.06 10.16 -56.86
C GLY E 393 8.16 8.94 -55.94
N VAL E 394 7.04 8.23 -55.80
CA VAL E 394 7.04 6.92 -55.14
C VAL E 394 7.59 5.85 -56.10
N SER E 395 7.21 4.58 -55.90
CA SER E 395 7.62 3.51 -56.80
C SER E 395 9.11 3.14 -56.66
N LYS E 396 9.90 4.03 -56.08
CA LYS E 396 11.19 3.60 -55.53
C LYS E 396 10.84 2.77 -54.29
N TYR E 397 9.66 3.04 -53.73
CA TYR E 397 9.13 2.31 -52.58
C TYR E 397 8.35 1.05 -52.98
N ASN E 398 7.85 1.00 -54.22
CA ASN E 398 7.18 -0.21 -54.73
C ASN E 398 7.43 -0.53 -56.22
N PRO E 399 8.68 -0.86 -56.62
CA PRO E 399 8.87 -1.16 -58.04
C PRO E 399 8.23 -2.49 -58.46
N ASN E 400 7.72 -2.53 -59.68
CA ASN E 400 7.18 -3.76 -60.29
C ASN E 400 7.30 -3.71 -61.82
N PRO E 401 7.65 -4.85 -62.47
CA PRO E 401 7.73 -4.98 -63.93
C PRO E 401 6.48 -4.56 -64.70
N ASP E 402 5.31 -4.64 -64.09
CA ASP E 402 4.09 -4.20 -64.78
C ASP E 402 3.90 -2.68 -64.82
N GLN E 403 4.86 -1.96 -64.24
CA GLN E 403 4.99 -0.51 -64.41
C GLN E 403 5.85 -0.25 -65.65
N SER E 404 5.97 -1.30 -66.46
CA SER E 404 6.71 -1.22 -67.70
C SER E 404 6.09 -2.14 -68.74
N VAL E 405 6.41 -1.87 -70.00
CA VAL E 405 5.96 -2.67 -71.10
C VAL E 405 7.16 -2.92 -72.03
N SER E 406 7.12 -4.03 -72.76
CA SER E 406 8.29 -4.46 -73.54
C SER E 406 8.03 -4.72 -75.04
N VAL E 407 9.06 -4.50 -75.85
CA VAL E 407 9.04 -4.79 -77.29
C VAL E 407 10.34 -5.51 -77.68
N THR E 408 10.22 -6.61 -78.40
CA THR E 408 11.40 -7.25 -79.00
C THR E 408 11.57 -6.68 -80.39
N VAL E 409 12.82 -6.47 -80.79
CA VAL E 409 13.12 -5.83 -82.05
C VAL E 409 14.30 -6.54 -82.71
N THR E 410 14.39 -6.42 -84.03
CA THR E 410 15.54 -6.92 -84.75
C THR E 410 16.13 -5.83 -85.62
N THR E 411 17.42 -5.63 -85.46
CA THR E 411 18.09 -4.66 -86.25
C THR E 411 18.47 -5.23 -87.58
N ASN E 412 18.75 -4.28 -88.44
CA ASN E 412 19.10 -4.50 -89.80
C ASN E 412 20.52 -4.99 -89.88
N GLN E 413 20.94 -5.35 -91.09
CA GLN E 413 22.22 -5.97 -91.29
C GLN E 413 23.20 -5.03 -91.95
N ALA E 414 24.36 -4.85 -91.30
CA ALA E 414 25.45 -4.09 -91.88
C ALA E 414 26.49 -5.03 -92.50
N ALA E 415 27.24 -4.49 -93.46
CA ALA E 415 28.39 -5.16 -94.04
C ALA E 415 29.39 -5.47 -92.94
N PRO E 416 29.89 -6.71 -92.92
CA PRO E 416 30.72 -7.43 -91.95
C PRO E 416 32.15 -6.88 -91.74
N SER E 417 32.79 -7.29 -90.64
CA SER E 417 34.17 -6.93 -90.31
C SER E 417 35.16 -7.63 -91.23
N SER E 418 36.45 -7.30 -91.08
CA SER E 418 37.51 -8.01 -91.79
C SER E 418 37.75 -9.39 -91.16
N ILE E 419 38.45 -10.25 -91.89
CA ILE E 419 38.64 -11.65 -91.47
C ILE E 419 39.84 -11.83 -90.52
N ALA E 420 40.92 -11.10 -90.78
CA ALA E 420 42.11 -11.07 -89.92
C ALA E 420 42.97 -12.34 -89.90
N LEU E 421 42.37 -13.49 -90.20
CA LEU E 421 43.16 -14.72 -90.33
C LEU E 421 42.83 -15.52 -91.57
N VAL E 422 43.82 -15.58 -92.45
CA VAL E 422 43.76 -16.34 -93.69
C VAL E 422 44.98 -17.26 -93.69
N GLN E 423 44.76 -18.54 -93.99
CA GLN E 423 45.85 -19.51 -93.95
C GLN E 423 45.92 -20.41 -95.18
N ALA E 424 47.14 -20.74 -95.58
CA ALA E 424 47.39 -21.71 -96.64
C ALA E 424 47.39 -23.11 -96.04
N LYS E 425 46.45 -23.95 -96.46
CA LYS E 425 46.34 -25.31 -95.95
C LYS E 425 47.28 -26.27 -96.67
N GLU E 426 47.50 -26.04 -97.97
CA GLU E 426 48.42 -26.85 -98.78
C GLU E 426 48.92 -26.09 -100.00
N VAL E 427 50.20 -26.20 -100.27
CA VAL E 427 50.84 -25.48 -101.38
C VAL E 427 51.54 -26.47 -102.32
N THR E 428 51.17 -26.42 -103.59
CA THR E 428 51.85 -27.21 -104.62
C THR E 428 52.54 -26.29 -105.62
N ARG E 429 53.11 -26.87 -106.67
CA ARG E 429 53.76 -26.10 -107.73
C ARG E 429 52.77 -25.25 -108.51
N TYR E 430 51.51 -25.69 -108.59
CA TYR E 430 50.51 -24.99 -109.38
C TYR E 430 49.27 -24.53 -108.59
N SER E 431 49.22 -24.79 -107.29
CA SER E 431 48.01 -24.49 -106.52
C SER E 431 48.25 -24.05 -105.08
N VAL E 432 47.33 -23.23 -104.58
CA VAL E 432 47.28 -22.86 -103.17
C VAL E 432 45.87 -23.11 -102.65
N ALA E 433 45.76 -23.96 -101.62
CA ALA E 433 44.49 -24.20 -100.96
C ALA E 433 44.37 -23.28 -99.75
N LEU E 434 43.31 -22.47 -99.72
CA LEU E 434 43.10 -21.47 -98.66
C LEU E 434 41.94 -21.82 -97.73
N ALA E 435 42.07 -21.43 -96.46
CA ALA E 435 41.00 -21.53 -95.48
C ALA E 435 41.02 -20.31 -94.57
N TRP E 436 39.84 -19.83 -94.19
CA TRP E 436 39.71 -18.62 -93.36
C TRP E 436 38.55 -18.76 -92.42
N LEU E 437 38.60 -18.00 -91.32
CA LEU E 437 37.49 -17.97 -90.37
C LEU E 437 36.41 -16.99 -90.82
N GLU E 438 35.21 -17.20 -90.30
CA GLU E 438 34.11 -16.24 -90.38
C GLU E 438 34.60 -14.96 -89.73
N PRO E 439 34.20 -13.79 -90.27
CA PRO E 439 34.58 -12.52 -89.62
C PRO E 439 33.99 -12.39 -88.22
N ASP E 440 34.72 -11.74 -87.31
CA ASP E 440 34.34 -11.63 -85.89
C ASP E 440 32.91 -11.17 -85.71
N ARG E 441 32.54 -10.13 -86.44
CA ARG E 441 31.16 -9.67 -86.47
C ARG E 441 30.66 -9.71 -87.91
N PRO E 442 29.95 -10.80 -88.27
CA PRO E 442 29.33 -10.97 -89.58
C PRO E 442 28.30 -9.87 -89.78
N ASN E 443 27.70 -9.45 -88.68
CA ASN E 443 26.69 -8.40 -88.68
C ASN E 443 25.53 -8.78 -89.60
N GLY E 444 25.24 -10.07 -89.69
CA GLY E 444 24.15 -10.56 -90.54
C GLY E 444 24.48 -11.88 -91.22
N VAL E 445 23.61 -12.31 -92.12
CA VAL E 445 23.83 -13.57 -92.84
C VAL E 445 24.77 -13.34 -94.01
N ILE E 446 25.88 -14.08 -93.99
CA ILE E 446 26.88 -13.97 -95.04
C ILE E 446 26.41 -14.69 -96.29
N LEU E 447 26.36 -13.95 -97.40
CA LEU E 447 25.85 -14.45 -98.69
C LEU E 447 26.88 -15.22 -99.51
N GLU E 448 28.13 -14.75 -99.47
CA GLU E 448 29.27 -15.44 -100.08
C GLU E 448 30.58 -14.75 -99.69
N TYR E 449 31.69 -15.42 -99.94
CA TYR E 449 33.00 -14.83 -99.71
C TYR E 449 33.64 -14.52 -101.04
N GLU E 450 34.70 -13.71 -101.00
CA GLU E 450 35.38 -13.28 -102.21
C GLU E 450 36.88 -13.24 -102.00
N VAL E 451 37.60 -14.00 -102.82
CA VAL E 451 39.06 -14.07 -102.73
C VAL E 451 39.69 -13.26 -103.85
N LYS E 452 40.50 -12.28 -103.48
CA LYS E 452 41.22 -11.47 -104.43
C LYS E 452 42.68 -11.86 -104.40
N TYR E 453 43.24 -12.18 -105.57
CA TYR E 453 44.65 -12.54 -105.63
C TYR E 453 45.37 -12.02 -106.87
N TYR E 454 46.70 -12.02 -106.79
CA TYR E 454 47.59 -11.49 -107.83
C TYR E 454 49.05 -11.84 -107.54
N GLU E 455 49.88 -11.76 -108.58
CA GLU E 455 51.33 -11.96 -108.44
C GLU E 455 51.94 -10.81 -107.66
N LYS E 456 52.87 -11.14 -106.75
CA LYS E 456 53.56 -10.14 -105.93
C LYS E 456 54.24 -9.05 -106.78
N ASP E 457 54.85 -9.47 -107.89
CA ASP E 457 55.53 -8.54 -108.80
C ASP E 457 54.52 -7.73 -109.62
N GLN E 458 54.65 -6.41 -109.55
CA GLN E 458 53.74 -5.46 -110.20
C GLN E 458 53.66 -5.59 -111.72
N ASN E 459 54.79 -5.93 -112.35
CA ASN E 459 54.83 -6.19 -113.78
C ASN E 459 54.37 -7.61 -114.09
N GLU E 460 53.55 -7.74 -115.13
CA GLU E 460 52.83 -8.99 -115.42
C GLU E 460 52.04 -9.41 -114.18
N ARG E 461 51.10 -8.54 -113.80
CA ARG E 461 50.21 -8.80 -112.66
C ARG E 461 48.76 -8.77 -113.12
N SER E 462 48.05 -9.86 -112.87
CA SER E 462 46.63 -9.97 -113.19
C SER E 462 45.82 -10.15 -111.91
N TYR E 463 44.87 -9.24 -111.69
CA TYR E 463 44.01 -9.31 -110.51
C TYR E 463 42.86 -10.26 -110.74
N ARG E 464 42.78 -11.30 -109.91
CA ARG E 464 41.75 -12.31 -110.04
C ARG E 464 40.86 -12.39 -108.82
N ILE E 465 39.65 -12.87 -109.04
CA ILE E 465 38.60 -12.96 -108.04
C ILE E 465 38.00 -14.36 -108.04
N VAL E 466 37.91 -14.97 -106.86
CA VAL E 466 37.26 -16.26 -106.70
C VAL E 466 36.10 -16.10 -105.72
N ARG E 467 34.94 -16.63 -106.08
CA ARG E 467 33.74 -16.49 -105.25
C ARG E 467 33.32 -17.85 -104.69
N THR E 468 32.98 -17.88 -103.41
CA THR E 468 32.57 -19.14 -102.76
C THR E 468 31.60 -18.93 -101.60
N ALA E 469 30.82 -19.97 -101.31
CA ALA E 469 29.96 -19.99 -100.13
C ALA E 469 30.70 -20.51 -98.90
N ALA E 470 31.57 -21.51 -99.10
CA ALA E 470 32.34 -22.10 -98.01
C ALA E 470 33.52 -21.23 -97.63
N ARG E 471 34.11 -21.50 -96.48
CA ARG E 471 35.21 -20.70 -95.97
C ARG E 471 36.57 -21.25 -96.39
N ASN E 472 36.57 -21.95 -97.53
CA ASN E 472 37.78 -22.54 -98.09
C ASN E 472 37.65 -22.68 -99.61
N THR E 473 38.79 -22.63 -100.30
CA THR E 473 38.82 -22.82 -101.75
C THR E 473 40.25 -23.12 -102.21
N ASP E 474 40.35 -23.81 -103.35
CA ASP E 474 41.66 -24.19 -103.90
C ASP E 474 41.96 -23.39 -105.17
N ILE E 475 42.91 -22.47 -105.06
CA ILE E 475 43.34 -21.65 -106.19
C ILE E 475 44.26 -22.48 -107.08
N LYS E 476 43.79 -22.80 -108.27
CA LYS E 476 44.51 -23.70 -109.16
C LYS E 476 45.15 -22.96 -110.34
N GLY E 477 45.90 -23.70 -111.15
CA GLY E 477 46.47 -23.20 -112.40
C GLY E 477 47.42 -22.03 -112.27
N LEU E 478 48.25 -22.05 -111.24
CA LEU E 478 49.20 -20.97 -110.98
C LEU E 478 50.59 -21.28 -111.55
N ASN E 479 51.42 -20.24 -111.67
CA ASN E 479 52.82 -20.42 -112.07
C ASN E 479 53.65 -21.04 -110.95
N PRO E 480 54.54 -21.99 -111.29
CA PRO E 480 55.39 -22.61 -110.28
C PRO E 480 56.50 -21.67 -109.82
N LEU E 481 56.98 -21.86 -108.59
CA LEU E 481 58.06 -21.06 -108.02
C LEU E 481 57.79 -19.55 -108.12
N THR E 482 56.54 -19.16 -107.95
CA THR E 482 56.12 -17.76 -108.13
C THR E 482 55.41 -17.26 -106.87
N SER E 483 55.72 -16.03 -106.47
CA SER E 483 55.15 -15.42 -105.27
C SER E 483 53.81 -14.74 -105.53
N TYR E 484 52.81 -15.12 -104.75
CA TYR E 484 51.45 -14.59 -104.90
C TYR E 484 50.96 -13.96 -103.59
N VAL E 485 49.95 -13.10 -103.71
CA VAL E 485 49.34 -12.43 -102.56
C VAL E 485 47.83 -12.65 -102.57
N PHE E 486 47.27 -12.96 -101.40
CA PHE E 486 45.85 -13.30 -101.27
C PHE E 486 45.12 -12.46 -100.23
N HIS E 487 43.93 -11.97 -100.59
CA HIS E 487 43.00 -11.30 -99.66
C HIS E 487 41.64 -11.91 -99.73
N VAL E 488 40.92 -11.92 -98.60
CA VAL E 488 39.54 -12.43 -98.52
C VAL E 488 38.61 -11.41 -97.86
N ARG E 489 37.37 -11.36 -98.34
CA ARG E 489 36.35 -10.52 -97.73
C ARG E 489 35.01 -11.28 -97.75
N ALA E 490 34.05 -10.84 -96.92
CA ALA E 490 32.71 -11.42 -96.90
C ALA E 490 31.69 -10.49 -97.56
N ARG E 491 30.53 -11.03 -97.91
CA ARG E 491 29.44 -10.23 -98.49
C ARG E 491 28.11 -10.58 -97.84
N THR E 492 27.40 -9.55 -97.38
CA THR E 492 26.01 -9.70 -96.95
C THR E 492 25.20 -8.76 -97.83
N ALA E 493 23.88 -8.73 -97.65
CA ALA E 493 23.05 -7.78 -98.38
C ALA E 493 23.39 -6.33 -97.99
N ALA E 494 24.13 -6.15 -96.91
CA ALA E 494 24.60 -4.82 -96.53
C ALA E 494 25.87 -4.41 -97.27
N GLY E 495 26.45 -5.34 -98.03
CA GLY E 495 27.66 -5.06 -98.82
C GLY E 495 28.92 -5.79 -98.38
N TYR E 496 30.07 -5.32 -98.86
CA TYR E 496 31.36 -5.97 -98.61
C TYR E 496 32.06 -5.53 -97.33
N GLY E 497 32.70 -6.49 -96.66
CA GLY E 497 33.59 -6.21 -95.55
C GLY E 497 34.96 -5.79 -96.04
N ASP E 498 35.80 -5.31 -95.13
CA ASP E 498 37.16 -4.94 -95.46
C ASP E 498 37.96 -6.19 -95.80
N PHE E 499 38.80 -6.10 -96.82
CA PHE E 499 39.71 -7.19 -97.16
C PHE E 499 40.67 -7.46 -96.00
N SER E 500 41.06 -8.73 -95.86
CA SER E 500 41.98 -9.15 -94.82
C SER E 500 43.38 -8.61 -95.04
N GLU E 501 44.22 -8.77 -94.02
CA GLU E 501 45.67 -8.56 -94.12
C GLU E 501 46.26 -9.43 -95.22
N PRO E 502 47.21 -8.88 -96.01
CA PRO E 502 47.79 -9.66 -97.10
C PRO E 502 48.42 -10.96 -96.62
N LEU E 503 48.17 -12.06 -97.34
CA LEU E 503 48.87 -13.30 -97.10
C LEU E 503 49.72 -13.62 -98.33
N GLU E 504 51.02 -13.68 -98.14
CA GLU E 504 51.95 -13.96 -99.23
C GLU E 504 52.36 -15.43 -99.25
N VAL E 505 52.19 -16.06 -100.40
CA VAL E 505 52.51 -17.47 -100.58
C VAL E 505 53.26 -17.65 -101.90
N THR E 506 54.39 -18.34 -101.85
CA THR E 506 55.14 -18.67 -103.06
C THR E 506 54.95 -20.14 -103.40
N THR E 507 54.52 -20.40 -104.63
CA THR E 507 54.39 -21.77 -105.14
C THR E 507 55.75 -22.45 -105.10
N ASN E 508 55.74 -23.76 -104.86
CA ASN E 508 56.97 -24.52 -104.72
C ASN E 508 57.19 -25.44 -105.92
N THR E 509 57.92 -26.54 -105.71
CA THR E 509 58.08 -27.57 -106.74
C THR E 509 57.45 -28.90 -106.33
N VAL E 510 56.64 -28.87 -105.27
CA VAL E 510 55.90 -30.05 -104.82
C VAL E 510 54.95 -30.50 -105.92
N PRO E 511 55.03 -31.80 -106.30
CA PRO E 511 54.20 -32.34 -107.37
C PRO E 511 52.71 -32.09 -107.14
N SER E 512 52.04 -31.66 -108.21
CA SER E 512 50.59 -31.44 -108.20
C SER E 512 49.86 -32.78 -108.25
N ARG E 513 48.99 -33.03 -107.28
CA ARG E 513 48.18 -34.25 -107.29
C ARG E 513 47.02 -34.14 -108.28
N ILE E 514 46.88 -32.96 -108.91
CA ILE E 514 45.92 -32.75 -109.99
C ILE E 514 46.38 -33.45 -111.28
N ILE E 515 47.61 -33.22 -111.72
CA ILE E 515 48.04 -33.69 -113.05
C ILE E 515 48.28 -35.20 -113.18
N GLY E 516 48.90 -35.80 -112.17
CA GLY E 516 49.09 -37.25 -112.14
C GLY E 516 50.31 -37.77 -112.86
N ASP E 517 50.14 -38.86 -113.58
CA ASP E 517 51.24 -39.57 -114.26
C ASP E 517 52.26 -40.10 -113.26
N VAL F 4 -11.31 58.94 35.95
CA VAL F 4 -11.72 57.84 35.00
C VAL F 4 -13.26 57.70 35.03
N ALA F 5 -13.79 56.84 34.15
CA ALA F 5 -15.21 56.55 34.11
C ALA F 5 -15.44 55.11 34.46
N ASP F 6 -16.69 54.80 34.78
CA ASP F 6 -17.12 53.48 35.18
C ASP F 6 -17.60 52.74 33.94
N ARG F 7 -17.23 51.47 33.79
CA ARG F 7 -17.86 50.61 32.77
C ARG F 7 -18.85 49.71 33.48
N TYR F 8 -20.12 49.79 33.10
CA TYR F 8 -21.12 48.85 33.62
C TYR F 8 -21.24 47.56 32.77
N ALA F 9 -20.71 46.44 33.31
CA ALA F 9 -20.71 45.11 32.65
C ALA F 9 -22.05 44.41 32.84
N VAL F 10 -22.63 43.94 31.74
CA VAL F 10 -23.98 43.31 31.71
C VAL F 10 -24.02 42.01 30.88
N TYR F 11 -24.33 40.91 31.57
CA TYR F 11 -24.26 39.56 30.99
C TYR F 11 -25.59 39.16 30.45
N TRP F 12 -25.68 39.10 29.13
CA TRP F 12 -26.96 39.04 28.46
C TRP F 12 -27.25 37.62 28.07
N ASN F 13 -27.72 36.84 29.04
CA ASN F 13 -28.22 35.45 28.83
C ASN F 13 -29.47 35.20 29.68
N SER F 14 -30.08 34.04 29.50
CA SER F 14 -31.20 33.69 30.36
C SER F 14 -30.72 33.16 31.71
N SER F 15 -29.51 32.61 31.73
CA SER F 15 -28.85 32.17 32.96
C SER F 15 -28.57 33.36 33.87
N ASN F 16 -29.14 34.53 33.55
CA ASN F 16 -28.92 35.72 34.37
C ASN F 16 -30.18 36.26 35.13
N PRO F 17 -30.19 36.07 36.47
CA PRO F 17 -31.31 36.36 37.37
C PRO F 17 -31.81 37.76 37.24
N ARG F 18 -30.97 38.65 36.71
CA ARG F 18 -31.22 40.09 36.80
C ARG F 18 -32.28 40.54 35.83
N PHE F 19 -32.38 39.85 34.68
CA PHE F 19 -33.40 40.16 33.68
C PHE F 19 -34.80 39.83 34.15
N GLN F 20 -34.86 39.16 35.31
CA GLN F 20 -36.02 38.42 35.83
C GLN F 20 -37.43 38.98 35.59
N ARG F 21 -37.76 40.09 36.22
CA ARG F 21 -39.09 40.66 36.15
C ARG F 21 -39.27 41.52 34.90
N GLY F 22 -38.20 41.71 34.14
CA GLY F 22 -38.22 42.59 32.97
C GLY F 22 -38.20 44.04 33.43
N ASP F 23 -37.28 44.32 34.34
CA ASP F 23 -37.12 45.65 34.88
C ASP F 23 -35.68 45.84 35.36
N TYR F 24 -34.79 45.05 34.76
CA TYR F 24 -33.35 45.27 34.85
C TYR F 24 -33.08 46.72 34.46
N HIS F 25 -32.46 47.47 35.37
CA HIS F 25 -32.07 48.80 35.03
C HIS F 25 -30.77 49.16 35.67
N ILE F 26 -30.05 50.06 35.02
CA ILE F 26 -28.82 50.61 35.55
C ILE F 26 -28.84 52.15 35.61
N ASP F 27 -28.03 52.70 36.50
CA ASP F 27 -27.77 54.14 36.61
C ASP F 27 -26.44 54.54 35.94
N VAL F 28 -26.46 55.23 34.81
CA VAL F 28 -25.17 55.73 34.31
C VAL F 28 -25.09 57.22 34.28
N CYS F 29 -23.84 57.69 34.44
CA CYS F 29 -23.43 59.07 34.17
C CYS F 29 -22.93 59.17 32.76
N ILE F 30 -22.98 60.38 32.23
CA ILE F 30 -22.41 60.62 30.91
C ILE F 30 -20.88 60.30 30.79
N ASN F 31 -20.50 59.79 29.62
CA ASN F 31 -19.14 59.28 29.34
C ASN F 31 -18.75 58.03 30.05
N ASP F 32 -19.73 57.39 30.69
CA ASP F 32 -19.56 56.04 31.20
C ASP F 32 -19.76 55.08 30.06
N TYR F 33 -19.37 53.83 30.31
CA TYR F 33 -19.44 52.77 29.32
C TYR F 33 -20.38 51.66 29.73
N LEU F 34 -21.15 51.14 28.77
CA LEU F 34 -21.97 49.95 29.01
C LEU F 34 -21.37 48.83 28.20
N ASP F 35 -20.98 47.76 28.88
CA ASP F 35 -20.47 46.56 28.20
C ASP F 35 -21.48 45.47 28.18
N VAL F 36 -21.93 45.04 27.00
CA VAL F 36 -22.90 43.95 26.96
C VAL F 36 -22.21 42.71 26.46
N PHE F 37 -22.09 41.76 27.38
CA PHE F 37 -21.52 40.47 27.05
C PHE F 37 -22.58 39.56 26.47
N CYS F 38 -22.21 38.86 25.38
CA CYS F 38 -23.07 37.91 24.71
C CYS F 38 -22.96 36.61 25.47
N PRO F 39 -23.94 35.67 25.29
CA PRO F 39 -23.80 34.36 25.94
C PRO F 39 -22.72 33.55 25.22
N HIS F 40 -21.69 33.17 25.98
CA HIS F 40 -20.54 32.46 25.43
C HIS F 40 -20.43 31.12 26.04
N TYR F 41 -20.45 30.11 25.18
CA TYR F 41 -20.49 28.73 25.59
C TYR F 41 -19.15 28.02 25.45
N GLU F 42 -18.98 26.94 26.22
CA GLU F 42 -17.82 26.05 26.16
C GLU F 42 -17.77 25.36 24.79
N ASP F 43 -16.58 25.30 24.18
CA ASP F 43 -16.44 24.81 22.79
C ASP F 43 -17.12 23.45 22.53
N SER F 44 -17.28 22.65 23.58
CA SER F 44 -17.89 21.31 23.51
C SER F 44 -19.42 21.27 23.26
N VAL F 45 -20.10 22.40 23.46
CA VAL F 45 -21.58 22.45 23.35
C VAL F 45 -22.04 22.43 21.89
N PRO F 46 -23.19 21.77 21.60
CA PRO F 46 -23.83 21.85 20.28
C PRO F 46 -24.21 23.27 19.92
N GLU F 47 -23.78 23.69 18.72
CA GLU F 47 -23.99 25.03 18.17
C GLU F 47 -25.47 25.44 18.12
N ASP F 48 -26.33 24.45 17.88
CA ASP F 48 -27.77 24.64 17.79
C ASP F 48 -28.46 24.83 19.15
N LYS F 49 -27.83 24.35 20.23
CA LYS F 49 -28.37 24.58 21.58
C LYS F 49 -27.54 25.56 22.42
N THR F 50 -27.46 26.79 21.89
CA THR F 50 -26.79 27.95 22.49
C THR F 50 -27.71 29.14 22.25
N GLU F 51 -27.70 30.11 23.18
CA GLU F 51 -28.47 31.35 23.01
C GLU F 51 -27.81 32.30 22.01
N ARG F 52 -28.58 32.67 20.98
CA ARG F 52 -28.08 33.61 19.98
C ARG F 52 -29.05 34.77 19.81
N TYR F 53 -28.55 35.98 20.01
CA TYR F 53 -29.39 37.17 20.11
C TYR F 53 -29.03 38.21 19.09
N VAL F 54 -30.02 38.98 18.67
CA VAL F 54 -29.78 40.22 17.96
C VAL F 54 -30.30 41.38 18.82
N LEU F 55 -29.39 42.33 19.12
CA LEU F 55 -29.58 43.36 20.14
C LEU F 55 -30.05 44.71 19.57
N TYR F 56 -31.00 45.36 20.23
CA TYR F 56 -31.70 46.54 19.66
C TYR F 56 -31.88 47.72 20.60
N MET F 57 -31.80 48.91 20.03
CA MET F 57 -32.07 50.09 20.81
C MET F 57 -33.38 50.69 20.30
N VAL F 58 -34.33 50.90 21.22
CA VAL F 58 -35.67 51.39 20.90
C VAL F 58 -36.11 52.38 21.94
N ASN F 59 -37.22 53.06 21.66
CA ASN F 59 -37.84 53.93 22.64
C ASN F 59 -38.78 53.18 23.59
N PHE F 60 -39.67 53.92 24.22
CA PHE F 60 -40.52 53.38 25.26
C PHE F 60 -41.56 52.44 24.70
N ASP F 61 -42.27 52.89 23.69
CA ASP F 61 -43.31 52.08 23.07
C ASP F 61 -42.75 50.71 22.79
N GLY F 62 -41.62 50.69 22.07
CA GLY F 62 -40.97 49.44 21.70
C GLY F 62 -40.38 48.69 22.89
N TYR F 63 -40.19 49.40 24.00
CA TYR F 63 -39.61 48.77 25.20
C TYR F 63 -40.70 47.95 25.89
N SER F 64 -41.90 48.53 25.88
CA SER F 64 -43.09 47.95 26.48
C SER F 64 -43.39 46.58 25.86
N ALA F 65 -43.89 46.55 24.64
CA ALA F 65 -44.00 45.29 23.92
C ALA F 65 -42.73 45.15 23.14
N CYS F 66 -42.00 44.05 23.33
CA CYS F 66 -40.80 43.82 22.52
C CYS F 66 -41.16 43.88 21.05
N ASP F 67 -40.86 45.02 20.42
CA ASP F 67 -40.72 45.08 18.98
C ASP F 67 -39.82 46.24 18.65
N HIS F 68 -38.89 45.97 17.74
CA HIS F 68 -38.03 46.97 17.17
C HIS F 68 -38.64 47.56 15.93
N THR F 69 -39.59 46.85 15.33
CA THR F 69 -40.25 47.28 14.10
C THR F 69 -40.67 48.74 14.14
N SER F 70 -39.94 49.55 13.36
CA SER F 70 -40.18 51.00 13.24
C SER F 70 -40.05 51.81 14.56
N LYS F 71 -39.34 51.25 15.55
CA LYS F 71 -39.23 51.87 16.87
C LYS F 71 -37.78 52.03 17.35
N GLY F 72 -36.83 51.64 16.51
CA GLY F 72 -35.44 51.72 16.93
C GLY F 72 -34.48 51.14 15.92
N PHE F 73 -33.26 50.85 16.40
CA PHE F 73 -32.12 50.51 15.54
C PHE F 73 -31.42 49.23 15.99
N LYS F 74 -30.91 48.46 15.02
CA LYS F 74 -30.09 47.26 15.27
C LYS F 74 -28.71 47.67 15.83
N ARG F 75 -28.21 46.99 16.86
CA ARG F 75 -26.94 47.46 17.42
C ARG F 75 -25.83 46.42 17.51
N TRP F 76 -26.22 45.13 17.56
CA TRP F 76 -25.28 44.02 17.75
C TRP F 76 -25.89 42.66 17.44
N GLU F 77 -25.02 41.66 17.26
CA GLU F 77 -25.43 40.30 16.93
C GLU F 77 -24.60 39.27 17.70
N CYS F 78 -25.24 38.56 18.62
CA CYS F 78 -24.55 37.64 19.54
C CYS F 78 -24.35 36.23 19.01
N ASN F 79 -24.49 36.08 17.69
CA ASN F 79 -24.29 34.81 16.97
C ASN F 79 -22.82 34.34 16.82
N ARG F 80 -22.06 34.44 17.90
CA ARG F 80 -20.77 33.79 18.00
C ARG F 80 -20.67 33.30 19.44
N PRO F 81 -21.19 32.10 19.70
CA PRO F 81 -21.29 31.55 21.04
C PRO F 81 -20.06 30.72 21.36
N HIS F 82 -19.13 30.71 20.41
CA HIS F 82 -17.87 30.01 20.58
C HIS F 82 -16.72 30.91 20.18
N SER F 83 -16.99 32.21 20.12
CA SER F 83 -15.97 33.20 19.76
C SER F 83 -14.65 32.96 20.51
N PRO F 84 -13.51 33.11 19.81
CA PRO F 84 -12.20 32.66 20.28
C PRO F 84 -11.82 33.15 21.67
N ASN F 85 -11.67 34.46 21.84
CA ASN F 85 -11.26 34.98 23.13
C ASN F 85 -12.47 35.43 23.95
N GLY F 86 -13.08 34.48 24.63
CA GLY F 86 -14.23 34.76 25.51
C GLY F 86 -15.39 35.37 24.75
N PRO F 87 -16.37 35.95 25.49
CA PRO F 87 -17.64 36.37 24.90
C PRO F 87 -17.50 37.53 23.93
N LEU F 88 -18.46 37.59 23.01
CA LEU F 88 -18.52 38.70 22.09
C LEU F 88 -19.00 39.91 22.89
N LYS F 89 -18.24 40.98 22.80
CA LYS F 89 -18.50 42.19 23.58
C LYS F 89 -19.18 43.25 22.70
N PHE F 90 -20.19 43.87 23.28
CA PHE F 90 -20.76 45.06 22.71
C PHE F 90 -20.45 46.31 23.62
N SER F 91 -19.81 47.34 23.09
CA SER F 91 -19.56 48.54 23.90
C SER F 91 -20.24 49.81 23.39
N GLU F 92 -20.57 50.62 24.38
CA GLU F 92 -21.48 51.71 24.28
C GLU F 92 -20.88 52.86 25.09
N LYS F 93 -20.59 53.98 24.40
CA LYS F 93 -20.17 55.16 25.17
C LYS F 93 -21.41 56.01 25.50
N PHE F 94 -21.68 56.25 26.77
CA PHE F 94 -22.74 57.23 27.07
C PHE F 94 -22.25 58.66 26.85
N GLN F 95 -22.26 59.05 25.57
CA GLN F 95 -21.53 60.21 25.12
C GLN F 95 -22.41 61.38 24.66
N LEU F 96 -21.91 62.59 24.92
CA LEU F 96 -22.59 63.81 24.48
C LEU F 96 -22.55 63.95 22.95
N PHE F 97 -21.42 63.70 22.31
CA PHE F 97 -21.39 63.82 20.84
C PHE F 97 -20.74 62.56 20.23
N THR F 98 -21.26 62.07 19.10
CA THR F 98 -20.60 60.96 18.38
C THR F 98 -19.62 61.43 17.35
N PRO F 99 -18.42 60.83 17.32
CA PRO F 99 -17.48 60.89 16.20
C PRO F 99 -18.07 60.16 15.02
N PHE F 100 -18.88 59.15 15.28
CA PHE F 100 -19.44 58.37 14.18
C PHE F 100 -20.85 58.81 13.73
N SER F 101 -21.01 58.93 12.39
CA SER F 101 -22.12 59.68 11.73
C SER F 101 -23.38 58.99 12.01
N LEU F 102 -23.30 57.66 12.14
CA LEU F 102 -24.49 56.88 12.43
C LEU F 102 -24.47 56.29 13.83
N GLY F 103 -23.73 56.95 14.74
CA GLY F 103 -23.66 56.44 16.14
C GLY F 103 -24.67 57.10 17.06
N PHE F 104 -24.46 57.08 18.37
CA PHE F 104 -25.53 57.61 19.24
C PHE F 104 -25.08 58.57 20.29
N GLU F 105 -25.92 59.56 20.58
CA GLU F 105 -25.69 60.44 21.76
C GLU F 105 -26.76 60.41 22.85
N PHE F 106 -26.36 60.86 24.02
CA PHE F 106 -27.20 60.81 25.17
C PHE F 106 -27.18 62.13 25.91
N ARG F 107 -28.36 62.52 26.36
CA ARG F 107 -28.51 63.67 27.23
C ARG F 107 -28.69 63.21 28.69
N PRO F 108 -28.32 64.07 29.66
CA PRO F 108 -28.45 63.71 31.08
C PRO F 108 -29.87 63.87 31.55
N GLY F 109 -30.23 63.12 32.60
CA GLY F 109 -31.62 63.04 33.09
C GLY F 109 -32.54 62.44 32.04
N ARG F 110 -32.08 61.39 31.37
CA ARG F 110 -32.90 60.72 30.38
C ARG F 110 -32.69 59.21 30.36
N GLU F 111 -33.76 58.48 30.05
CA GLU F 111 -33.67 57.06 29.98
C GLU F 111 -33.77 56.54 28.58
N TYR F 112 -33.11 55.40 28.37
CA TYR F 112 -32.76 54.87 27.05
C TYR F 112 -32.91 53.38 27.19
N PHE F 113 -33.53 52.75 26.19
CA PHE F 113 -33.92 51.34 26.28
C PHE F 113 -33.33 50.37 25.27
N TYR F 114 -32.88 49.22 25.76
CA TYR F 114 -32.41 48.11 24.92
C TYR F 114 -33.24 46.80 25.10
N ILE F 115 -33.76 46.27 24.00
CA ILE F 115 -34.47 44.96 23.98
C ILE F 115 -33.65 43.97 23.14
N SER F 116 -34.08 42.71 23.07
CA SER F 116 -33.42 41.73 22.19
C SER F 116 -34.32 40.68 21.54
N SER F 117 -33.88 40.20 20.38
CA SER F 117 -34.49 39.05 19.69
C SER F 117 -33.49 37.89 19.71
N ALA F 118 -33.98 36.69 19.46
CA ALA F 118 -33.12 35.52 19.36
C ALA F 118 -33.08 34.96 17.93
N ILE F 119 -31.91 34.49 17.49
CA ILE F 119 -31.78 33.84 16.17
C ILE F 119 -32.47 32.48 16.19
N PRO F 120 -32.22 31.71 17.27
CA PRO F 120 -33.14 30.61 17.54
C PRO F 120 -34.53 31.20 17.89
N ASP F 121 -35.27 31.60 16.85
CA ASP F 121 -36.51 32.39 17.01
C ASP F 121 -37.61 31.75 17.87
N ASN F 122 -38.24 32.56 18.71
CA ASN F 122 -39.28 32.07 19.62
C ASN F 122 -40.46 33.01 19.86
N GLY F 123 -40.60 34.05 19.02
CA GLY F 123 -41.65 35.06 19.19
C GLY F 123 -41.84 35.50 20.63
N ARG F 124 -40.74 35.54 21.38
CA ARG F 124 -40.76 35.77 22.83
C ARG F 124 -41.51 37.04 23.25
N ARG F 125 -42.41 36.87 24.21
CA ARG F 125 -42.98 37.98 24.96
C ARG F 125 -42.09 38.15 26.19
N SER F 126 -41.35 37.09 26.48
CA SER F 126 -40.37 37.08 27.56
C SER F 126 -38.99 37.50 27.06
N CYS F 127 -38.94 38.51 26.18
CA CYS F 127 -37.67 39.02 25.64
C CYS F 127 -36.88 39.78 26.72
N LEU F 128 -35.55 39.69 26.66
CA LEU F 128 -34.72 40.40 27.61
C LEU F 128 -34.62 41.90 27.29
N LYS F 129 -34.53 42.68 28.35
CA LYS F 129 -34.56 44.10 28.22
C LYS F 129 -33.74 44.82 29.29
N LEU F 130 -33.23 45.99 28.89
CA LEU F 130 -32.41 46.82 29.73
C LEU F 130 -32.93 48.28 29.69
N LYS F 131 -33.01 48.91 30.86
CA LYS F 131 -33.47 50.28 30.92
C LYS F 131 -32.33 51.09 31.51
N VAL F 132 -31.90 52.10 30.76
CA VAL F 132 -30.76 52.88 31.21
C VAL F 132 -31.26 54.27 31.47
N PHE F 133 -30.96 54.76 32.67
CA PHE F 133 -31.25 56.12 33.02
C PHE F 133 -29.92 56.83 33.19
N VAL F 134 -29.78 57.91 32.45
CA VAL F 134 -28.57 58.70 32.46
C VAL F 134 -28.88 59.82 33.42
N ARG F 135 -28.22 59.80 34.57
CA ARG F 135 -28.50 60.74 35.66
C ARG F 135 -28.19 62.17 35.32
N PRO F 136 -28.80 63.13 36.06
CA PRO F 136 -28.40 64.56 36.07
C PRO F 136 -26.94 64.77 36.46
N THR F 137 -26.33 65.84 35.98
CA THR F 137 -24.88 65.90 36.11
C THR F 137 -24.49 66.14 37.55
N ASN F 138 -25.16 67.07 38.22
CA ASN F 138 -24.95 67.35 39.69
C ASN F 138 -24.84 66.10 40.56
N SER F 139 -25.70 65.13 40.26
CA SER F 139 -25.73 63.85 40.94
C SER F 139 -24.47 63.03 40.73
N CYS F 140 -23.79 63.23 39.61
CA CYS F 140 -22.45 62.64 39.41
C CYS F 140 -21.36 63.65 39.81
N MET F 141 -20.67 63.43 40.94
CA MET F 141 -19.48 64.27 41.30
C MET F 141 -18.48 63.63 42.27
N PRO G 2 -40.98 -43.10 49.11
CA PRO G 2 -40.65 -43.41 47.73
C PRO G 2 -39.40 -44.29 47.58
N ALA G 3 -39.03 -44.62 46.34
CA ALA G 3 -37.88 -45.49 46.04
C ALA G 3 -36.55 -44.79 46.28
N ASN G 4 -36.58 -43.46 46.28
CA ASN G 4 -35.36 -42.68 46.43
C ASN G 4 -35.15 -42.04 47.82
N GLU G 5 -36.08 -42.28 48.75
CA GLU G 5 -35.93 -41.79 50.11
C GLU G 5 -35.71 -42.93 51.08
N VAL G 6 -34.70 -42.83 51.93
CA VAL G 6 -34.50 -43.84 52.98
C VAL G 6 -34.72 -43.25 54.36
N THR G 7 -35.68 -43.80 55.11
CA THR G 7 -36.04 -43.22 56.42
C THR G 7 -35.05 -43.57 57.51
N LEU G 8 -34.53 -42.55 58.17
CA LEU G 8 -33.61 -42.74 59.26
C LEU G 8 -34.33 -42.69 60.59
N LEU G 9 -35.48 -42.01 60.64
CA LEU G 9 -36.35 -41.90 61.82
C LEU G 9 -37.73 -41.48 61.36
N ASP G 10 -38.75 -42.09 61.91
CA ASP G 10 -40.10 -41.64 61.66
C ASP G 10 -40.92 -41.78 62.93
N SER G 11 -41.42 -40.66 63.44
CA SER G 11 -42.05 -40.65 64.77
C SER G 11 -43.36 -41.45 64.86
N ARG G 12 -44.05 -41.68 63.74
CA ARG G 12 -45.20 -42.55 63.80
C ARG G 12 -44.91 -43.94 63.27
N SER G 13 -44.13 -43.98 62.18
CA SER G 13 -43.79 -45.25 61.54
C SER G 13 -42.64 -45.96 62.27
N VAL G 14 -42.05 -45.29 63.26
CA VAL G 14 -41.01 -45.89 64.11
C VAL G 14 -41.51 -45.71 65.55
N GLN G 15 -42.69 -46.25 65.80
CA GLN G 15 -43.42 -46.00 67.03
C GLN G 15 -42.96 -46.87 68.19
N GLY G 16 -42.08 -47.83 67.90
CA GLY G 16 -41.41 -48.60 68.95
C GLY G 16 -40.16 -47.87 69.40
N GLU G 17 -40.00 -47.75 70.72
CA GLU G 17 -38.82 -47.12 71.38
C GLU G 17 -38.87 -45.60 71.53
N LEU G 18 -39.94 -44.97 71.04
CA LEU G 18 -40.10 -43.52 71.14
C LEU G 18 -40.19 -43.13 72.62
N GLY G 19 -39.49 -42.06 72.96
CA GLY G 19 -39.09 -41.75 74.32
C GLY G 19 -37.91 -40.83 74.05
N TRP G 20 -38.18 -39.53 74.20
CA TRP G 20 -37.23 -38.50 73.85
C TRP G 20 -36.97 -37.77 75.11
N ILE G 21 -35.79 -37.16 75.24
CA ILE G 21 -35.50 -36.37 76.40
C ILE G 21 -36.16 -35.02 76.23
N ALA G 22 -36.96 -34.61 77.21
CA ALA G 22 -37.45 -33.25 77.29
C ALA G 22 -36.75 -32.53 78.41
N SER G 23 -36.41 -31.28 78.19
CA SER G 23 -35.87 -30.46 79.26
C SER G 23 -36.50 -29.09 79.19
N PRO G 24 -37.16 -28.65 80.27
CA PRO G 24 -37.49 -29.38 81.48
C PRO G 24 -38.30 -30.63 81.24
N LEU G 25 -38.19 -31.55 82.19
CA LEU G 25 -38.82 -32.87 82.13
C LEU G 25 -40.33 -32.81 82.26
N GLU G 26 -40.81 -31.77 82.94
CA GLU G 26 -42.24 -31.54 83.17
C GLU G 26 -42.52 -30.08 82.93
N GLY G 27 -43.67 -29.79 82.34
CA GLY G 27 -44.14 -28.42 82.13
C GLY G 27 -43.59 -27.78 80.89
N GLY G 28 -42.89 -28.56 80.08
CA GLY G 28 -42.31 -28.07 78.86
C GLY G 28 -43.01 -28.88 77.79
N TRP G 29 -42.24 -29.52 76.91
CA TRP G 29 -42.83 -30.37 75.90
C TRP G 29 -43.48 -31.53 76.61
N GLU G 30 -44.76 -31.75 76.32
CA GLU G 30 -45.57 -32.81 76.91
C GLU G 30 -45.89 -33.81 75.84
N GLU G 31 -45.75 -35.10 76.12
CA GLU G 31 -46.25 -36.12 75.20
C GLU G 31 -47.76 -36.31 75.39
N VAL G 32 -48.48 -36.50 74.30
CA VAL G 32 -49.93 -36.59 74.38
C VAL G 32 -50.46 -37.34 73.15
N SER G 33 -51.74 -37.70 73.16
CA SER G 33 -52.35 -38.59 72.15
C SER G 33 -53.28 -37.86 71.20
N ILE G 34 -53.17 -38.16 69.92
CA ILE G 34 -53.89 -37.43 68.90
C ILE G 34 -54.46 -38.35 67.83
N MET G 35 -55.37 -37.78 67.03
CA MET G 35 -55.82 -38.38 65.79
C MET G 35 -55.45 -37.46 64.62
N ASP G 36 -54.64 -37.99 63.71
CA ASP G 36 -53.91 -37.20 62.75
C ASP G 36 -54.42 -37.33 61.32
N GLU G 37 -54.15 -36.29 60.52
CA GLU G 37 -54.64 -36.12 59.14
C GLU G 37 -54.78 -37.42 58.36
N LYS G 38 -54.05 -38.43 58.81
CA LYS G 38 -54.06 -39.72 58.13
C LYS G 38 -55.08 -40.68 58.73
N ASN G 39 -55.96 -40.14 59.58
CA ASN G 39 -57.02 -40.95 60.21
C ASN G 39 -56.51 -41.86 61.30
N THR G 40 -55.26 -41.65 61.68
CA THR G 40 -54.59 -42.52 62.61
C THR G 40 -54.44 -41.86 63.96
N PRO G 41 -54.71 -42.62 65.04
CA PRO G 41 -54.46 -42.16 66.41
C PRO G 41 -52.96 -42.25 66.78
N ILE G 42 -52.33 -41.10 67.02
CA ILE G 42 -50.88 -41.04 67.34
C ILE G 42 -50.63 -40.43 68.74
N ARG G 43 -49.40 -40.59 69.20
CA ARG G 43 -48.86 -39.93 70.40
C ARG G 43 -47.74 -38.96 69.94
N THR G 44 -47.80 -37.71 70.43
CA THR G 44 -47.15 -36.53 69.85
C THR G 44 -46.49 -35.70 70.93
N TYR G 45 -45.80 -34.61 70.60
CA TYR G 45 -45.31 -33.71 71.62
C TYR G 45 -45.87 -32.31 71.43
N GLN G 46 -46.15 -31.62 72.52
CA GLN G 46 -46.82 -30.38 72.40
C GLN G 46 -46.48 -29.47 73.53
N VAL G 47 -46.33 -28.19 73.24
CA VAL G 47 -46.14 -27.21 74.29
C VAL G 47 -47.00 -25.99 74.06
N CYS G 48 -47.42 -25.35 75.14
CA CYS G 48 -48.25 -24.21 75.05
C CYS G 48 -48.25 -23.45 76.35
N ASN G 49 -47.06 -23.05 76.80
CA ASN G 49 -46.92 -22.19 77.98
C ASN G 49 -46.85 -20.71 77.64
N VAL G 50 -47.86 -20.19 76.94
CA VAL G 50 -47.71 -18.88 76.23
C VAL G 50 -47.78 -17.66 77.10
N MET G 51 -48.06 -17.89 78.38
CA MET G 51 -48.21 -16.81 79.32
C MET G 51 -46.90 -16.46 80.04
N GLU G 52 -45.92 -17.36 79.99
CA GLU G 52 -44.66 -17.16 80.74
C GLU G 52 -43.69 -16.22 80.07
N PRO G 53 -42.91 -15.49 80.90
CA PRO G 53 -42.09 -14.37 80.45
C PRO G 53 -40.92 -14.87 79.60
N SER G 54 -40.41 -16.02 80.00
CA SER G 54 -39.22 -16.60 79.45
C SER G 54 -39.40 -18.09 79.51
N GLN G 55 -39.02 -18.73 78.41
CA GLN G 55 -39.37 -20.09 78.15
C GLN G 55 -38.27 -20.67 77.32
N ASN G 56 -37.79 -21.84 77.70
CA ASN G 56 -36.74 -22.43 76.95
C ASN G 56 -36.93 -23.93 77.11
N ASN G 57 -37.72 -24.49 76.22
CA ASN G 57 -38.17 -25.84 76.32
C ASN G 57 -37.59 -26.64 75.20
N TRP G 58 -36.72 -27.55 75.57
CA TRP G 58 -36.06 -28.37 74.63
C TRP G 58 -36.76 -29.68 74.52
N LEU G 59 -36.56 -30.34 73.39
CA LEU G 59 -37.01 -31.68 73.22
C LEU G 59 -36.03 -32.29 72.22
N ARG G 60 -35.49 -33.46 72.57
CA ARG G 60 -34.41 -34.07 71.82
C ARG G 60 -34.77 -35.45 71.38
N THR G 61 -34.41 -35.84 70.17
CA THR G 61 -34.68 -37.16 69.75
C THR G 61 -33.66 -38.10 70.36
N ASP G 62 -33.85 -39.41 70.23
CA ASP G 62 -32.79 -40.38 70.50
C ASP G 62 -31.70 -40.19 69.49
N TRP G 63 -30.53 -40.74 69.74
CA TRP G 63 -29.49 -40.86 68.73
C TRP G 63 -30.05 -41.46 67.45
N ILE G 64 -29.62 -40.94 66.31
CA ILE G 64 -30.02 -41.44 64.99
C ILE G 64 -28.77 -41.76 64.19
N THR G 65 -28.67 -43.00 63.73
CA THR G 65 -27.50 -43.39 62.96
C THR G 65 -27.65 -42.84 61.55
N ARG G 66 -26.57 -42.32 60.99
CA ARG G 66 -26.66 -41.72 59.66
C ARG G 66 -26.60 -42.71 58.52
N GLU G 67 -26.38 -43.99 58.85
CA GLU G 67 -26.04 -45.01 57.86
C GLU G 67 -24.94 -44.46 56.97
N GLY G 68 -25.14 -44.52 55.65
CA GLY G 68 -24.15 -43.97 54.74
C GLY G 68 -24.19 -42.46 54.56
N ALA G 69 -25.36 -41.88 54.79
CA ALA G 69 -25.71 -40.56 54.26
C ALA G 69 -24.85 -39.41 54.73
N GLN G 70 -24.74 -38.40 53.87
CA GLN G 70 -24.02 -37.20 54.22
C GLN G 70 -24.91 -35.99 54.22
N ARG G 71 -25.92 -36.00 53.34
CA ARG G 71 -26.90 -34.91 53.26
C ARG G 71 -28.22 -35.51 53.71
N VAL G 72 -28.77 -34.97 54.79
CA VAL G 72 -29.89 -35.61 55.44
C VAL G 72 -31.05 -34.66 55.52
N TYR G 73 -32.25 -35.17 55.21
CA TYR G 73 -33.43 -34.30 55.27
C TYR G 73 -34.28 -34.51 56.53
N ILE G 74 -34.92 -33.44 57.00
CA ILE G 74 -35.71 -33.50 58.19
C ILE G 74 -37.04 -32.88 57.89
N GLU G 75 -38.09 -33.68 57.99
CA GLU G 75 -39.45 -33.21 57.69
C GLU G 75 -40.37 -33.21 58.93
N ILE G 76 -41.01 -32.08 59.16
CA ILE G 76 -41.77 -31.79 60.34
C ILE G 76 -43.18 -31.39 59.95
N LYS G 77 -44.17 -32.12 60.44
CA LYS G 77 -45.56 -31.69 60.33
C LYS G 77 -46.02 -31.21 61.69
N PHE G 78 -46.72 -30.09 61.76
CA PHE G 78 -47.05 -29.48 63.05
C PHE G 78 -48.17 -28.44 62.92
N THR G 79 -48.76 -28.08 64.05
CA THR G 79 -49.81 -27.08 64.08
C THR G 79 -49.35 -26.00 65.06
N LEU G 80 -49.69 -24.75 64.80
CA LEU G 80 -49.22 -23.73 65.69
C LEU G 80 -50.32 -22.70 65.85
N ARG G 81 -50.55 -22.20 67.06
CA ARG G 81 -51.67 -21.33 67.32
C ARG G 81 -51.36 -19.85 67.15
N ASP G 82 -52.22 -19.04 66.52
CA ASP G 82 -52.06 -17.56 66.46
C ASP G 82 -51.95 -17.03 67.83
N CYS G 83 -51.09 -16.10 68.09
CA CYS G 83 -51.08 -15.55 69.41
C CYS G 83 -52.33 -14.72 69.64
N ASN G 84 -53.04 -14.41 68.56
CA ASN G 84 -54.23 -13.55 68.66
C ASN G 84 -55.36 -14.24 69.37
N SER G 85 -55.43 -15.54 69.13
CA SER G 85 -56.46 -16.42 69.66
C SER G 85 -56.18 -16.92 71.09
N LEU G 86 -55.16 -16.38 71.73
CA LEU G 86 -54.81 -16.77 73.08
C LEU G 86 -54.86 -15.52 73.90
N PRO G 87 -55.29 -15.62 75.15
CA PRO G 87 -55.65 -14.45 75.94
C PRO G 87 -54.48 -13.51 76.33
N GLY G 88 -54.48 -12.30 75.78
CA GLY G 88 -53.54 -11.21 76.16
C GLY G 88 -52.06 -11.58 76.25
N VAL G 89 -51.51 -12.11 75.16
CA VAL G 89 -50.20 -12.79 75.22
C VAL G 89 -48.98 -12.43 74.32
N MET G 90 -49.08 -11.67 73.21
CA MET G 90 -47.80 -11.40 72.48
C MET G 90 -46.83 -10.40 73.15
N GLY G 91 -45.55 -10.58 72.89
CA GLY G 91 -44.57 -9.99 73.78
C GLY G 91 -44.02 -11.11 74.65
N THR G 92 -44.83 -12.10 74.96
CA THR G 92 -44.29 -13.37 75.40
C THR G 92 -44.53 -14.38 74.28
N CYS G 93 -45.76 -14.42 73.78
CA CYS G 93 -46.18 -15.42 72.79
C CYS G 93 -45.49 -15.32 71.43
N LYS G 94 -44.94 -16.43 70.98
CA LYS G 94 -44.29 -16.52 69.73
C LYS G 94 -45.08 -17.42 68.77
N GLU G 95 -44.72 -17.37 67.48
CA GLU G 95 -45.29 -18.22 66.42
C GLU G 95 -44.18 -18.90 65.66
N THR G 96 -43.04 -19.09 66.33
CA THR G 96 -41.91 -19.82 65.70
C THR G 96 -41.26 -20.72 66.74
N PHE G 97 -40.48 -21.65 66.25
CA PHE G 97 -39.72 -22.50 67.13
C PHE G 97 -38.43 -22.87 66.44
N ASN G 98 -37.44 -23.35 67.16
CA ASN G 98 -36.15 -23.60 66.53
C ASN G 98 -35.80 -25.06 66.40
N LEU G 99 -35.09 -25.36 65.33
CA LEU G 99 -34.64 -26.69 65.02
C LEU G 99 -33.12 -26.74 65.08
N TYR G 100 -32.58 -27.76 65.72
CA TYR G 100 -31.14 -27.92 65.86
C TYR G 100 -30.76 -29.33 65.51
N TYR G 101 -29.46 -29.59 65.43
CA TYR G 101 -28.91 -30.97 65.48
C TYR G 101 -27.54 -30.93 66.12
N TYR G 102 -27.05 -32.08 66.58
CA TYR G 102 -25.60 -32.27 66.80
C TYR G 102 -25.12 -33.67 66.47
N GLU G 103 -23.95 -33.75 65.84
CA GLU G 103 -23.36 -35.03 65.45
C GLU G 103 -22.57 -35.59 66.63
N SER G 104 -22.55 -36.91 66.73
CA SER G 104 -21.82 -37.55 67.81
C SER G 104 -21.57 -39.00 67.47
N ASP G 105 -20.53 -39.54 68.06
CA ASP G 105 -20.28 -40.97 67.99
C ASP G 105 -20.91 -41.71 69.17
N ASN G 106 -21.18 -40.98 70.25
CA ASN G 106 -21.76 -41.57 71.46
C ASN G 106 -23.27 -41.67 71.36
N ASP G 107 -23.78 -42.89 71.33
CA ASP G 107 -25.23 -43.13 71.16
C ASP G 107 -25.97 -43.13 72.50
N LYS G 108 -25.23 -42.85 73.57
CA LYS G 108 -25.80 -42.97 74.89
C LYS G 108 -25.51 -41.72 75.73
N GLU G 109 -25.64 -40.56 75.11
CA GLU G 109 -25.50 -39.32 75.86
C GLU G 109 -26.74 -39.09 76.71
N ARG G 110 -26.51 -38.81 77.98
CA ARG G 110 -27.57 -38.80 78.98
C ARG G 110 -28.37 -37.50 78.98
N PHE G 111 -27.69 -36.36 78.83
CA PHE G 111 -28.35 -35.08 78.94
C PHE G 111 -28.33 -34.28 77.64
N ILE G 112 -29.32 -33.41 77.49
CA ILE G 112 -29.32 -32.39 76.44
C ILE G 112 -28.06 -31.54 76.64
N ARG G 113 -27.15 -31.62 75.67
CA ARG G 113 -25.95 -30.77 75.66
C ARG G 113 -26.38 -29.32 75.69
N GLU G 114 -25.73 -28.53 76.53
CA GLU G 114 -26.21 -27.17 76.73
C GLU G 114 -25.50 -26.09 75.95
N ASN G 115 -24.51 -26.47 75.14
CA ASN G 115 -23.94 -25.51 74.19
C ASN G 115 -23.65 -26.13 72.82
N GLN G 116 -23.45 -27.45 72.79
CA GLN G 116 -22.85 -28.10 71.63
C GLN G 116 -23.76 -28.41 70.44
N PHE G 117 -25.02 -28.05 70.56
CA PHE G 117 -25.98 -28.12 69.46
C PHE G 117 -25.76 -27.03 68.40
N VAL G 118 -26.09 -27.27 67.13
CA VAL G 118 -26.10 -26.13 66.15
C VAL G 118 -27.42 -25.87 65.43
N LYS G 119 -27.82 -24.61 65.36
CA LYS G 119 -29.10 -24.24 64.75
C LYS G 119 -29.18 -24.49 63.27
N ILE G 120 -30.18 -25.28 62.88
CA ILE G 120 -30.48 -25.54 61.51
C ILE G 120 -31.23 -24.34 60.93
N ASP G 121 -32.24 -23.84 61.65
CA ASP G 121 -33.11 -22.75 61.16
C ASP G 121 -34.17 -22.38 62.18
N THR G 122 -34.69 -21.17 62.08
CA THR G 122 -35.96 -20.89 62.68
C THR G 122 -37.10 -21.41 61.79
N ILE G 123 -38.07 -22.10 62.38
CA ILE G 123 -39.27 -22.56 61.68
C ILE G 123 -40.51 -21.71 61.97
N ALA G 124 -41.26 -21.39 60.91
CA ALA G 124 -42.47 -20.56 61.05
C ALA G 124 -43.60 -21.30 60.42
N ALA G 125 -44.82 -20.84 60.69
CA ALA G 125 -45.93 -21.59 60.15
C ALA G 125 -46.48 -20.94 58.90
N ASP G 126 -46.66 -21.75 57.85
CA ASP G 126 -47.33 -21.27 56.67
C ASP G 126 -48.65 -20.70 57.15
N GLU G 127 -49.33 -21.41 58.06
CA GLU G 127 -50.56 -20.92 58.67
C GLU G 127 -50.79 -21.36 60.09
N SER G 128 -51.41 -20.47 60.85
CA SER G 128 -51.68 -20.69 62.24
C SER G 128 -53.18 -20.78 62.40
N PHE G 129 -53.61 -21.55 63.39
CA PHE G 129 -55.03 -21.72 63.62
C PHE G 129 -55.57 -20.73 64.65
N THR G 130 -56.82 -20.30 64.45
CA THR G 130 -57.51 -19.42 65.38
C THR G 130 -58.67 -20.18 66.00
N GLN G 131 -59.43 -19.51 66.86
CA GLN G 131 -60.61 -20.14 67.43
C GLN G 131 -61.61 -20.52 66.35
N VAL G 132 -61.62 -19.79 65.24
CA VAL G 132 -62.55 -20.09 64.15
C VAL G 132 -62.09 -21.30 63.35
N ASP G 133 -60.91 -21.80 63.65
CA ASP G 133 -60.45 -23.03 63.02
C ASP G 133 -60.79 -24.16 63.96
N ILE G 134 -60.70 -23.88 65.26
CA ILE G 134 -61.02 -24.85 66.27
C ILE G 134 -62.46 -25.30 66.10
N GLY G 135 -63.36 -24.34 65.96
CA GLY G 135 -64.77 -24.65 65.81
C GLY G 135 -65.07 -25.42 64.54
N ASP G 136 -64.34 -25.09 63.49
CA ASP G 136 -64.56 -25.67 62.17
C ASP G 136 -63.94 -27.05 62.01
N ARG G 137 -63.09 -27.42 62.96
CA ARG G 137 -62.34 -28.67 62.87
C ARG G 137 -61.36 -28.65 61.70
N ILE G 138 -60.97 -27.47 61.27
CA ILE G 138 -59.94 -27.37 60.26
C ILE G 138 -58.62 -27.58 60.98
N MET G 139 -57.78 -28.46 60.42
CA MET G 139 -56.45 -28.64 60.95
C MET G 139 -55.67 -27.42 60.61
N LYS G 140 -54.73 -27.60 59.69
CA LYS G 140 -53.87 -26.56 59.21
C LYS G 140 -52.57 -27.10 59.61
N LEU G 141 -52.26 -28.22 59.00
CA LEU G 141 -51.06 -28.88 59.26
C LEU G 141 -50.01 -28.25 58.40
N ASN G 142 -48.96 -27.76 59.05
CA ASN G 142 -47.82 -27.22 58.36
C ASN G 142 -46.80 -28.30 58.12
N THR G 143 -46.09 -28.20 57.01
CA THR G 143 -45.02 -29.13 56.68
C THR G 143 -43.80 -28.32 56.27
N GLU G 144 -42.70 -28.56 56.95
CA GLU G 144 -41.44 -27.91 56.69
C GLU G 144 -40.33 -28.94 56.48
N ILE G 145 -39.45 -28.71 55.53
CA ILE G 145 -38.31 -29.58 55.37
C ILE G 145 -37.10 -28.70 55.51
N ARG G 146 -36.06 -29.28 56.12
CA ARG G 146 -34.75 -28.65 56.17
C ARG G 146 -33.78 -29.77 56.00
N ASP G 147 -32.53 -29.46 55.70
CA ASP G 147 -31.54 -30.52 55.49
C ASP G 147 -30.26 -30.11 56.19
N VAL G 148 -29.45 -31.10 56.54
CA VAL G 148 -28.16 -30.80 57.15
C VAL G 148 -27.07 -31.58 56.43
N GLY G 149 -25.82 -31.19 56.68
CA GLY G 149 -24.67 -31.87 56.12
C GLY G 149 -23.50 -30.95 55.87
N PRO G 150 -22.38 -31.52 55.40
CA PRO G 150 -22.26 -32.97 55.17
C PRO G 150 -21.87 -33.69 56.45
N LEU G 151 -22.59 -34.77 56.77
CA LEU G 151 -22.46 -35.43 58.07
C LEU G 151 -21.25 -36.35 58.14
N SER G 152 -20.45 -36.21 59.20
CA SER G 152 -19.23 -36.99 59.32
C SER G 152 -19.21 -38.05 60.41
N LYS G 153 -20.00 -37.91 61.46
CA LYS G 153 -19.92 -38.87 62.55
C LYS G 153 -20.87 -40.08 62.38
N LYS G 154 -20.75 -41.06 63.27
CA LYS G 154 -21.62 -42.26 63.27
C LYS G 154 -23.12 -41.95 63.28
N GLY G 155 -23.52 -40.90 63.99
CA GLY G 155 -24.92 -40.51 64.07
C GLY G 155 -25.11 -39.07 64.49
N PHE G 156 -26.33 -38.76 64.92
CA PHE G 156 -26.70 -37.41 65.39
C PHE G 156 -27.99 -37.35 66.17
N TYR G 157 -28.15 -36.29 66.95
CA TYR G 157 -29.36 -36.00 67.69
C TYR G 157 -30.06 -34.77 67.07
N LEU G 158 -31.38 -34.83 66.93
CA LEU G 158 -32.19 -33.68 66.50
C LEU G 158 -32.80 -32.99 67.69
N ALA G 159 -32.95 -31.67 67.68
CA ALA G 159 -33.68 -31.02 68.75
C ALA G 159 -34.65 -29.89 68.35
N PHE G 160 -35.66 -29.71 69.20
CA PHE G 160 -36.64 -28.65 69.05
C PHE G 160 -36.61 -27.78 70.25
N GLN G 161 -36.58 -26.47 70.06
CA GLN G 161 -36.53 -25.58 71.18
C GLN G 161 -37.72 -24.70 71.00
N ASP G 162 -38.48 -24.50 72.07
CA ASP G 162 -39.68 -23.67 72.04
C ASP G 162 -39.35 -22.52 72.91
N VAL G 163 -39.62 -21.30 72.46
CA VAL G 163 -39.30 -20.17 73.32
C VAL G 163 -40.54 -19.38 73.69
N GLY G 164 -41.72 -19.99 73.55
CA GLY G 164 -42.95 -19.31 73.88
C GLY G 164 -44.09 -19.48 72.91
N ALA G 165 -44.00 -20.43 71.99
CA ALA G 165 -45.10 -20.69 71.07
C ALA G 165 -46.14 -21.70 71.63
N CYS G 166 -47.24 -21.87 70.89
CA CYS G 166 -48.24 -22.84 71.22
C CYS G 166 -48.25 -23.83 70.08
N ILE G 167 -47.55 -24.93 70.24
CA ILE G 167 -47.30 -25.78 69.10
C ILE G 167 -47.46 -27.27 69.43
N ALA G 168 -47.92 -28.03 68.45
CA ALA G 168 -48.09 -29.44 68.57
C ALA G 168 -47.36 -30.16 67.44
N LEU G 169 -46.42 -31.04 67.78
CA LEU G 169 -45.56 -31.67 66.80
C LEU G 169 -46.16 -32.94 66.30
N VAL G 170 -46.90 -32.85 65.22
CA VAL G 170 -47.58 -34.01 64.68
C VAL G 170 -46.69 -35.15 64.14
N SER G 171 -45.70 -34.88 63.29
CA SER G 171 -44.74 -35.93 62.90
C SER G 171 -43.36 -35.39 62.63
N VAL G 172 -42.36 -36.25 62.79
CA VAL G 172 -41.00 -35.89 62.50
C VAL G 172 -40.50 -36.99 61.63
N ARG G 173 -39.94 -36.65 60.49
CA ARG G 173 -39.35 -37.70 59.66
C ARG G 173 -37.97 -37.31 59.19
N VAL G 174 -36.98 -38.13 59.50
CA VAL G 174 -35.64 -37.85 59.09
C VAL G 174 -35.27 -38.84 58.02
N PHE G 175 -34.72 -38.36 56.92
CA PHE G 175 -34.37 -39.27 55.85
C PHE G 175 -33.23 -38.76 54.96
N TYR G 176 -32.65 -39.69 54.19
CA TYR G 176 -31.70 -39.37 53.13
C TYR G 176 -32.18 -39.82 51.76
N LYS G 177 -31.52 -39.31 50.72
CA LYS G 177 -31.93 -39.68 49.36
C LYS G 177 -30.93 -40.55 48.65
N LYS G 178 -31.43 -41.44 47.80
CA LYS G 178 -30.55 -42.29 47.00
C LYS G 178 -31.10 -42.42 45.60
N CYS G 179 -30.21 -42.67 44.65
CA CYS G 179 -30.62 -43.01 43.31
C CYS G 179 -30.79 -44.51 43.37
N PRO G 180 -32.00 -45.01 43.09
CA PRO G 180 -32.28 -46.43 43.25
C PRO G 180 -31.59 -47.27 42.14
N LEU G 181 -31.19 -48.48 42.49
CA LEU G 181 -30.64 -49.44 41.54
C LEU G 181 -31.44 -49.51 40.21
N THR G 182 -30.73 -49.38 39.09
CA THR G 182 -31.34 -49.33 37.76
C THR G 182 -30.40 -49.84 36.70
N VAL G 183 -30.97 -50.13 35.53
CA VAL G 183 -30.22 -50.56 34.35
C VAL G 183 -30.39 -49.64 33.14
N ARG G 184 -29.25 -49.15 32.65
CA ARG G 184 -29.22 -48.19 31.54
C ARG G 184 -28.20 -48.62 30.50
N ASN G 185 -28.64 -48.71 29.24
CA ASN G 185 -27.75 -49.11 28.14
C ASN G 185 -27.03 -50.44 28.43
N LEU G 186 -27.78 -51.39 28.99
CA LEU G 186 -27.26 -52.71 29.37
C LEU G 186 -26.17 -52.69 30.45
N ALA G 187 -26.19 -51.67 31.30
CA ALA G 187 -25.33 -51.61 32.48
C ALA G 187 -26.16 -51.46 33.78
N GLN G 188 -25.79 -52.20 34.81
CA GLN G 188 -26.43 -52.05 36.10
C GLN G 188 -25.67 -51.07 36.95
N PHE G 189 -26.41 -50.15 37.55
CA PHE G 189 -25.89 -49.21 38.49
C PHE G 189 -26.57 -49.53 39.82
N PRO G 190 -25.79 -49.56 40.92
CA PRO G 190 -26.29 -49.88 42.25
C PRO G 190 -27.01 -48.72 42.96
N ASP G 191 -27.76 -49.06 44.01
CA ASP G 191 -28.26 -48.06 44.92
C ASP G 191 -27.13 -47.14 45.27
N THR G 192 -27.35 -45.85 45.03
CA THR G 192 -26.35 -44.85 45.31
C THR G 192 -26.85 -43.72 46.21
N ILE G 193 -26.33 -43.67 47.43
CA ILE G 193 -26.58 -42.56 48.35
C ILE G 193 -26.10 -41.26 47.68
N THR G 194 -26.88 -40.19 47.82
CA THR G 194 -26.58 -38.90 47.20
C THR G 194 -25.41 -38.19 47.83
N GLY G 195 -24.90 -37.19 47.11
CA GLY G 195 -23.68 -36.48 47.50
C GLY G 195 -23.79 -35.63 48.74
N ALA G 196 -22.72 -34.94 49.08
CA ALA G 196 -22.64 -34.14 50.30
C ALA G 196 -23.53 -32.89 50.28
N ASP G 197 -23.64 -32.26 49.11
CA ASP G 197 -24.42 -31.04 48.95
C ASP G 197 -25.66 -31.25 48.11
N THR G 198 -26.57 -30.28 48.21
CA THR G 198 -27.83 -30.34 47.48
C THR G 198 -27.65 -29.97 46.02
N SER G 199 -26.42 -29.62 45.65
CA SER G 199 -26.07 -29.50 44.25
C SER G 199 -25.03 -30.53 43.80
N SER G 200 -24.71 -31.51 44.66
CA SER G 200 -23.71 -32.55 44.33
C SER G 200 -24.12 -33.51 43.24
N LEU G 201 -23.17 -33.84 42.37
CA LEU G 201 -23.27 -34.98 41.47
C LEU G 201 -22.28 -36.07 41.90
N VAL G 202 -22.72 -37.32 41.82
CA VAL G 202 -21.85 -38.45 42.16
C VAL G 202 -21.69 -39.28 40.89
N GLU G 203 -20.43 -39.45 40.46
CA GLU G 203 -20.14 -40.31 39.31
C GLU G 203 -20.24 -41.77 39.72
N VAL G 204 -21.02 -42.51 38.96
CA VAL G 204 -21.18 -43.92 39.23
C VAL G 204 -20.84 -44.71 37.97
N ARG G 205 -19.92 -45.65 38.10
CA ARG G 205 -19.59 -46.51 36.98
C ARG G 205 -20.56 -47.70 36.99
N GLY G 206 -21.23 -47.94 35.86
CA GLY G 206 -22.12 -49.09 35.71
C GLY G 206 -21.37 -50.39 35.51
N SER G 207 -22.05 -51.51 35.80
CA SER G 207 -21.51 -52.84 35.55
C SER G 207 -22.28 -53.50 34.41
N CYS G 208 -21.57 -54.00 33.39
CA CYS G 208 -22.25 -54.58 32.24
C CYS G 208 -23.10 -55.74 32.68
N VAL G 209 -24.37 -55.68 32.32
CA VAL G 209 -25.29 -56.73 32.69
C VAL G 209 -24.81 -58.03 32.13
N ASN G 210 -25.19 -59.10 32.81
CA ASN G 210 -25.01 -60.42 32.31
C ASN G 210 -26.00 -60.56 31.14
N ASN G 211 -25.53 -60.96 29.95
CA ASN G 211 -24.12 -61.10 29.61
C ASN G 211 -23.89 -60.32 28.33
N SER G 212 -23.03 -59.33 28.45
CA SER G 212 -22.85 -58.35 27.41
C SER G 212 -21.45 -57.83 27.58
N GLU G 213 -20.99 -57.03 26.63
CA GLU G 213 -19.63 -56.53 26.69
C GLU G 213 -19.63 -55.03 26.58
N GLU G 214 -18.75 -54.39 27.34
CA GLU G 214 -18.67 -52.93 27.35
C GLU G 214 -18.06 -52.45 26.06
N LYS G 215 -18.75 -51.51 25.42
CA LYS G 215 -18.23 -50.88 24.23
C LYS G 215 -17.49 -49.63 24.67
N ASP G 216 -18.20 -48.75 25.37
CA ASP G 216 -17.60 -47.60 26.06
C ASP G 216 -17.96 -47.74 27.52
N VAL G 217 -17.03 -47.39 28.41
CA VAL G 217 -17.25 -47.45 29.87
C VAL G 217 -18.59 -46.81 30.20
N PRO G 218 -19.50 -47.59 30.80
CA PRO G 218 -20.82 -47.04 31.14
C PRO G 218 -20.78 -46.28 32.48
N LYS G 219 -21.19 -45.01 32.42
CA LYS G 219 -21.15 -44.13 33.57
C LYS G 219 -22.49 -43.43 33.66
N MET G 220 -22.87 -43.06 34.88
CA MET G 220 -24.03 -42.22 35.11
C MET G 220 -23.88 -41.42 36.40
N TYR G 221 -24.48 -40.26 36.44
CA TYR G 221 -24.37 -39.40 37.58
C TYR G 221 -25.61 -39.47 38.45
N CYS G 222 -25.39 -39.59 39.75
CA CYS G 222 -26.49 -39.57 40.71
C CYS G 222 -26.77 -38.16 41.22
N GLY G 223 -27.91 -37.62 40.84
CA GLY G 223 -28.30 -36.30 41.27
C GLY G 223 -28.77 -36.18 42.72
N ALA G 224 -28.57 -35.01 43.30
CA ALA G 224 -28.91 -34.72 44.69
C ALA G 224 -30.34 -35.11 45.12
N ASP G 225 -31.25 -35.07 44.15
CA ASP G 225 -32.67 -35.32 44.36
C ASP G 225 -33.02 -36.79 44.17
N GLY G 226 -32.01 -37.64 43.99
CA GLY G 226 -32.21 -39.08 43.82
C GLY G 226 -32.55 -39.52 42.41
N GLU G 227 -32.44 -38.61 41.45
CA GLU G 227 -32.67 -38.93 40.04
C GLU G 227 -31.33 -39.17 39.38
N TRP G 228 -31.28 -40.19 38.54
CA TRP G 228 -30.09 -40.43 37.74
C TRP G 228 -30.06 -39.44 36.59
N LEU G 229 -28.93 -38.79 36.41
CA LEU G 229 -28.77 -37.81 35.35
C LEU G 229 -28.13 -38.43 34.13
N VAL G 230 -27.68 -37.61 33.17
CA VAL G 230 -27.45 -38.15 31.81
C VAL G 230 -26.30 -39.15 31.74
N PRO G 231 -26.61 -40.41 31.30
CA PRO G 231 -25.61 -41.46 31.25
C PRO G 231 -24.73 -41.34 30.01
N ILE G 232 -23.57 -42.01 30.07
CA ILE G 232 -22.65 -42.14 28.93
C ILE G 232 -22.13 -43.57 28.91
N GLY G 233 -21.58 -43.99 27.78
CA GLY G 233 -21.09 -45.35 27.62
C GLY G 233 -22.22 -46.32 27.40
N ASN G 234 -21.89 -47.54 27.01
CA ASN G 234 -22.88 -48.62 26.86
C ASN G 234 -22.25 -49.99 26.88
N CYS G 235 -23.09 -51.01 27.00
CA CYS G 235 -22.67 -52.38 26.80
C CYS G 235 -23.53 -52.94 25.68
N LEU G 236 -23.00 -53.95 25.00
CA LEU G 236 -23.70 -54.63 23.89
C LEU G 236 -23.93 -56.08 24.23
N CYS G 237 -25.14 -56.56 23.91
CA CYS G 237 -25.46 -57.97 24.07
C CYS G 237 -24.50 -58.89 23.31
N ASN G 238 -23.99 -59.91 24.01
CA ASN G 238 -23.11 -60.90 23.39
C ASN G 238 -23.74 -61.57 22.17
N ALA G 239 -22.88 -62.14 21.33
CA ALA G 239 -23.35 -62.94 20.22
C ALA G 239 -24.27 -64.00 20.78
N GLY G 240 -25.36 -64.27 20.06
CA GLY G 240 -26.34 -65.26 20.48
C GLY G 240 -27.37 -64.70 21.43
N HIS G 241 -27.32 -63.40 21.67
CA HIS G 241 -28.26 -62.76 22.60
C HIS G 241 -28.80 -61.49 22.04
N GLU G 242 -29.93 -61.06 22.58
CA GLU G 242 -30.46 -59.73 22.27
C GLU G 242 -30.99 -59.02 23.53
N GLU G 243 -31.05 -57.69 23.43
CA GLU G 243 -31.59 -56.85 24.50
C GLU G 243 -33.11 -56.94 24.61
N ARG G 244 -33.55 -57.39 25.78
CA ARG G 244 -34.97 -57.45 26.12
C ARG G 244 -35.13 -56.98 27.55
N SER G 245 -36.00 -55.97 27.75
CA SER G 245 -36.05 -55.21 28.98
C SER G 245 -34.61 -54.72 29.29
N GLY G 246 -34.11 -55.02 30.48
CA GLY G 246 -32.76 -54.64 30.88
C GLY G 246 -31.83 -55.83 30.92
N GLU G 247 -32.16 -56.85 30.13
CA GLU G 247 -31.40 -58.10 30.09
C GLU G 247 -30.97 -58.47 28.67
N CYS G 248 -29.80 -59.11 28.59
CA CYS G 248 -29.37 -59.75 27.37
C CYS G 248 -29.87 -61.18 27.39
N GLN G 249 -30.91 -61.45 26.63
CA GLN G 249 -31.47 -62.79 26.59
C GLN G 249 -31.03 -63.57 25.35
N ALA G 250 -30.77 -64.86 25.54
CA ALA G 250 -30.37 -65.78 24.48
C ALA G 250 -31.39 -65.81 23.33
N CYS G 251 -30.88 -65.85 22.09
CA CYS G 251 -31.72 -65.89 20.89
C CYS G 251 -32.65 -67.08 20.93
N LYS G 252 -33.91 -66.84 20.56
CA LYS G 252 -34.92 -67.89 20.52
C LYS G 252 -34.52 -68.98 19.51
N ILE G 253 -35.07 -70.18 19.69
CA ILE G 253 -34.86 -71.29 18.76
C ILE G 253 -35.30 -70.92 17.33
N GLY G 254 -34.42 -71.15 16.35
CA GLY G 254 -34.67 -70.80 14.95
C GLY G 254 -34.10 -69.44 14.58
N TYR G 255 -33.62 -68.74 15.61
CA TYR G 255 -33.02 -67.42 15.46
C TYR G 255 -31.54 -67.48 15.86
N TYR G 256 -30.75 -66.56 15.32
CA TYR G 256 -29.30 -66.49 15.57
C TYR G 256 -28.83 -65.02 15.65
N LYS G 257 -27.69 -64.81 16.30
CA LYS G 257 -27.00 -63.51 16.25
C LYS G 257 -25.51 -63.75 16.20
N ALA G 258 -24.89 -63.34 15.11
CA ALA G 258 -23.51 -63.73 14.84
C ALA G 258 -22.51 -62.88 15.62
N LEU G 259 -22.72 -61.56 15.61
CA LEU G 259 -21.80 -60.66 16.30
C LEU G 259 -22.51 -59.85 17.38
N SER G 260 -21.76 -59.32 18.34
CA SER G 260 -22.33 -58.44 19.36
C SER G 260 -22.77 -57.12 18.76
N THR G 261 -22.02 -56.63 17.77
CA THR G 261 -22.36 -55.39 17.07
C THR G 261 -23.56 -55.50 16.12
N ASP G 262 -24.19 -56.68 16.05
CA ASP G 262 -25.47 -56.82 15.34
C ASP G 262 -26.60 -56.32 16.23
N ALA G 263 -27.62 -55.75 15.58
CA ALA G 263 -28.78 -55.14 16.25
C ALA G 263 -29.58 -56.15 17.09
N THR G 264 -30.25 -57.08 16.40
CA THR G 264 -31.14 -58.04 17.06
C THR G 264 -30.87 -59.46 16.56
N CYS G 265 -31.54 -60.45 17.16
CA CYS G 265 -31.55 -61.79 16.61
C CYS G 265 -32.33 -61.71 15.31
N ALA G 266 -31.76 -62.31 14.27
CA ALA G 266 -32.46 -62.51 13.02
C ALA G 266 -32.89 -63.96 12.93
N LYS G 267 -34.05 -64.21 12.32
CA LYS G 267 -34.46 -65.56 12.05
C LYS G 267 -33.49 -66.12 11.03
N CYS G 268 -33.21 -67.41 11.16
CA CYS G 268 -32.36 -68.10 10.19
C CYS G 268 -32.96 -68.02 8.81
N PRO G 269 -32.16 -67.54 7.85
CA PRO G 269 -32.56 -67.35 6.46
C PRO G 269 -32.73 -68.71 5.78
N PRO G 270 -33.38 -68.71 4.60
CA PRO G 270 -33.73 -69.94 3.87
C PRO G 270 -32.68 -71.04 3.92
N HIS G 271 -33.13 -72.25 4.28
CA HIS G 271 -32.37 -73.51 4.18
C HIS G 271 -31.17 -73.65 5.09
N SER G 272 -31.18 -72.88 6.17
CA SER G 272 -30.19 -72.95 7.23
C SER G 272 -30.95 -73.07 8.55
N TYR G 273 -30.42 -73.79 9.53
CA TYR G 273 -31.11 -73.90 10.83
C TYR G 273 -30.31 -73.92 12.14
N SER G 274 -30.79 -73.17 13.16
CA SER G 274 -30.14 -73.07 14.48
C SER G 274 -30.98 -73.87 15.44
N VAL G 275 -30.39 -74.94 15.96
CA VAL G 275 -31.13 -75.95 16.70
C VAL G 275 -31.22 -75.67 18.20
N TRP G 276 -30.39 -74.73 18.68
CA TRP G 276 -30.41 -74.33 20.09
C TRP G 276 -30.63 -72.85 20.28
N GLU G 277 -31.03 -72.47 21.49
CA GLU G 277 -31.03 -71.06 21.88
C GLU G 277 -29.59 -70.56 22.01
N GLY G 278 -29.41 -69.24 21.92
CA GLY G 278 -28.08 -68.66 22.06
C GLY G 278 -27.18 -69.02 20.89
N ALA G 279 -27.81 -69.27 19.77
CA ALA G 279 -27.10 -69.70 18.58
C ALA G 279 -26.42 -68.54 17.88
N THR G 280 -25.12 -68.67 17.64
CA THR G 280 -24.41 -67.73 16.79
C THR G 280 -24.53 -68.08 15.31
N SER G 281 -25.03 -69.30 15.04
CA SER G 281 -25.27 -69.83 13.70
C SER G 281 -26.18 -71.07 13.71
N CYS G 282 -26.95 -71.24 12.64
CA CYS G 282 -27.76 -72.40 12.36
C CYS G 282 -26.93 -73.69 12.00
N THR G 283 -27.13 -74.83 12.68
CA THR G 283 -26.42 -76.08 12.34
C THR G 283 -26.85 -76.58 10.96
N CYS G 284 -25.87 -76.83 10.10
CA CYS G 284 -26.13 -77.21 8.72
C CYS G 284 -26.77 -78.59 8.65
N ASP G 285 -27.68 -78.75 7.69
CA ASP G 285 -28.32 -80.03 7.40
C ASP G 285 -27.33 -81.00 6.76
N ARG G 286 -27.54 -82.30 6.96
CA ARG G 286 -26.55 -83.31 6.56
C ARG G 286 -26.18 -83.16 5.08
N GLY G 287 -24.88 -83.27 4.81
CA GLY G 287 -24.33 -83.10 3.47
C GLY G 287 -24.16 -81.65 3.07
N PHE G 288 -24.55 -80.73 3.95
CA PHE G 288 -24.46 -79.31 3.68
C PHE G 288 -23.48 -78.60 4.62
N PHE G 289 -22.84 -77.54 4.12
CA PHE G 289 -21.75 -76.87 4.83
C PHE G 289 -21.76 -75.34 4.69
N ARG G 290 -20.81 -74.69 5.35
CA ARG G 290 -20.52 -73.27 5.14
C ARG G 290 -19.02 -73.06 4.98
N ALA G 291 -18.63 -72.23 4.01
CA ALA G 291 -17.22 -71.88 3.84
C ALA G 291 -16.68 -70.98 4.97
N ASP G 292 -15.35 -70.83 4.99
CA ASP G 292 -14.64 -69.99 5.94
C ASP G 292 -15.22 -68.57 6.02
N ASN G 293 -15.55 -68.02 4.85
CA ASN G 293 -16.26 -66.76 4.73
C ASN G 293 -17.75 -67.03 4.78
N ASP G 294 -18.41 -66.37 5.73
CA ASP G 294 -19.61 -66.93 6.33
C ASP G 294 -20.60 -65.88 6.85
N ALA G 295 -21.88 -66.23 6.81
CA ALA G 295 -22.93 -65.54 7.56
C ALA G 295 -23.95 -66.62 7.87
N ALA G 296 -24.31 -66.77 9.15
CA ALA G 296 -25.28 -67.80 9.54
C ALA G 296 -26.66 -67.55 8.92
N SER G 297 -26.77 -66.39 8.26
CA SER G 297 -27.92 -66.04 7.43
C SER G 297 -27.82 -66.65 6.03
N MET G 298 -26.60 -66.74 5.50
CA MET G 298 -26.41 -67.35 4.18
C MET G 298 -26.61 -68.86 4.22
N PRO G 299 -27.49 -69.39 3.35
CA PRO G 299 -27.87 -70.81 3.33
C PRO G 299 -26.68 -71.74 3.19
N CYS G 300 -26.77 -72.91 3.83
CA CYS G 300 -25.76 -73.95 3.63
C CYS G 300 -25.85 -74.40 2.17
N THR G 301 -24.72 -74.79 1.59
CA THR G 301 -24.66 -75.14 0.19
C THR G 301 -24.03 -76.51 -0.02
N ARG G 302 -23.90 -76.91 -1.29
CA ARG G 302 -23.34 -78.21 -1.64
C ARG G 302 -22.40 -78.11 -2.85
N PRO G 303 -21.49 -79.08 -2.98
CA PRO G 303 -20.60 -79.17 -4.15
C PRO G 303 -21.44 -79.20 -5.41
N PRO G 304 -20.94 -78.64 -6.52
CA PRO G 304 -21.75 -78.61 -7.74
C PRO G 304 -21.91 -79.99 -8.40
N SER G 305 -22.75 -80.08 -9.43
CA SER G 305 -22.87 -81.29 -10.24
C SER G 305 -21.77 -81.25 -11.28
N ALA G 306 -21.57 -82.39 -11.95
CA ALA G 306 -20.48 -82.55 -12.91
C ALA G 306 -20.55 -81.49 -13.99
N PRO G 307 -19.39 -81.03 -14.49
CA PRO G 307 -19.41 -80.15 -15.67
C PRO G 307 -19.92 -80.94 -16.86
N LEU G 308 -20.55 -80.27 -17.83
CA LEU G 308 -21.22 -80.98 -18.92
C LEU G 308 -20.52 -80.73 -20.24
N ASN G 309 -20.72 -81.64 -21.21
CA ASN G 309 -20.16 -81.56 -22.56
C ASN G 309 -18.66 -81.22 -22.68
N LEU G 310 -17.81 -82.23 -22.47
CA LEU G 310 -16.36 -82.07 -22.46
C LEU G 310 -15.79 -82.41 -23.83
N ILE G 311 -14.97 -81.52 -24.40
CA ILE G 311 -14.59 -81.63 -25.82
C ILE G 311 -13.07 -81.40 -26.01
N SER G 312 -12.41 -82.31 -26.73
CA SER G 312 -10.93 -82.45 -26.69
C SER G 312 -10.23 -82.23 -28.03
N ASN G 313 -8.91 -81.99 -28.04
CA ASN G 313 -8.29 -81.58 -29.31
C ASN G 313 -6.76 -81.44 -29.42
N VAL G 314 -6.17 -82.06 -30.43
CA VAL G 314 -4.73 -81.85 -30.65
C VAL G 314 -4.43 -81.36 -32.06
N ASN G 315 -3.90 -80.13 -32.18
CA ASN G 315 -3.36 -79.64 -33.46
C ASN G 315 -1.83 -79.75 -33.48
N GLU G 316 -1.15 -78.62 -33.35
CA GLU G 316 0.28 -78.58 -33.09
C GLU G 316 0.49 -78.55 -31.56
N THR G 317 -0.53 -78.03 -30.85
CA THR G 317 -0.63 -78.03 -29.37
C THR G 317 -1.02 -79.44 -28.88
N SER G 318 -0.23 -79.99 -27.95
CA SER G 318 -0.38 -81.37 -27.47
C SER G 318 -1.77 -81.75 -26.97
N VAL G 319 -2.52 -80.77 -26.45
CA VAL G 319 -3.89 -81.00 -25.98
C VAL G 319 -4.74 -79.75 -26.07
N ASN G 320 -6.04 -79.98 -26.21
CA ASN G 320 -7.04 -78.94 -26.12
C ASN G 320 -8.23 -79.55 -25.40
N LEU G 321 -8.89 -78.75 -24.57
CA LEU G 321 -10.02 -79.26 -23.84
C LEU G 321 -11.00 -78.14 -23.54
N GLU G 322 -12.28 -78.49 -23.52
CA GLU G 322 -13.37 -77.52 -23.41
C GLU G 322 -14.61 -78.18 -22.79
N TRP G 323 -15.34 -77.45 -21.95
CA TRP G 323 -16.55 -77.98 -21.31
C TRP G 323 -17.57 -76.89 -21.05
N SER G 324 -18.63 -77.21 -20.31
CA SER G 324 -19.65 -76.22 -20.00
C SER G 324 -20.09 -76.28 -18.54
N SER G 325 -20.58 -75.15 -18.05
CA SER G 325 -21.06 -75.01 -16.68
C SER G 325 -22.03 -76.12 -16.25
N PRO G 326 -21.93 -76.59 -15.00
CA PRO G 326 -22.78 -77.63 -14.44
C PRO G 326 -24.25 -77.24 -14.39
N GLN G 327 -25.13 -78.24 -14.32
CA GLN G 327 -26.55 -77.99 -14.18
C GLN G 327 -26.81 -77.36 -12.84
N ASN G 328 -26.42 -78.06 -11.77
CA ASN G 328 -26.69 -77.63 -10.40
C ASN G 328 -25.44 -77.05 -9.77
N THR G 329 -25.48 -75.74 -9.51
CA THR G 329 -24.32 -75.05 -8.97
C THR G 329 -24.14 -75.24 -7.45
N GLY G 330 -25.21 -75.57 -6.74
CA GLY G 330 -25.09 -75.94 -5.32
C GLY G 330 -25.76 -75.17 -4.18
N GLY G 331 -25.82 -73.83 -4.23
CA GLY G 331 -25.35 -73.01 -5.33
C GLY G 331 -24.70 -71.72 -4.91
N ARG G 332 -23.78 -71.24 -5.75
CA ARG G 332 -22.94 -70.09 -5.47
C ARG G 332 -22.23 -69.71 -6.75
N GLN G 333 -21.53 -68.58 -6.75
CA GLN G 333 -20.86 -68.14 -7.98
C GLN G 333 -19.34 -68.20 -7.88
N ASP G 334 -18.85 -68.83 -6.81
CA ASP G 334 -17.42 -69.05 -6.59
C ASP G 334 -16.88 -70.33 -7.29
N ILE G 335 -17.71 -70.91 -8.17
CA ILE G 335 -17.36 -72.10 -8.94
C ILE G 335 -16.07 -71.97 -9.73
N SER G 336 -15.28 -73.03 -9.75
CA SER G 336 -14.06 -73.08 -10.54
C SER G 336 -13.76 -74.51 -10.94
N TYR G 337 -12.72 -74.73 -11.74
CA TYR G 337 -12.41 -76.07 -12.24
C TYR G 337 -10.95 -76.49 -12.08
N ASN G 338 -10.74 -77.77 -11.81
CA ASN G 338 -9.39 -78.35 -11.81
C ASN G 338 -9.24 -79.49 -12.81
N VAL G 339 -8.09 -79.52 -13.48
CA VAL G 339 -7.69 -80.59 -14.42
C VAL G 339 -6.81 -81.64 -13.73
N VAL G 340 -7.08 -82.91 -14.02
CA VAL G 340 -6.33 -84.05 -13.48
C VAL G 340 -5.73 -84.90 -14.61
N CYS G 341 -4.41 -84.82 -14.80
CA CYS G 341 -3.71 -85.67 -15.79
C CYS G 341 -3.53 -87.09 -15.30
N LYS G 342 -3.55 -88.01 -16.24
CA LYS G 342 -3.31 -89.43 -15.98
C LYS G 342 -2.70 -90.13 -17.20
N LYS G 343 -1.85 -91.12 -16.95
CA LYS G 343 -1.23 -91.95 -18.01
C LYS G 343 -1.76 -93.38 -17.88
N CYS G 344 -2.62 -93.77 -18.83
CA CYS G 344 -3.41 -95.01 -18.76
C CYS G 344 -3.13 -96.05 -19.86
N GLY G 345 -3.37 -97.32 -19.53
CA GLY G 345 -3.06 -98.43 -20.43
C GLY G 345 -4.20 -99.42 -20.54
N ALA G 346 -3.86 -100.71 -20.63
CA ALA G 346 -4.86 -101.78 -20.73
C ALA G 346 -5.82 -101.74 -19.55
N GLY G 347 -7.13 -101.83 -19.83
CA GLY G 347 -8.15 -101.89 -18.78
C GLY G 347 -8.43 -100.59 -18.02
N ASP G 348 -9.56 -100.60 -17.29
CA ASP G 348 -10.06 -99.45 -16.51
C ASP G 348 -9.30 -99.27 -15.19
N PRO G 349 -9.08 -100.38 -14.44
CA PRO G 349 -8.34 -100.37 -13.16
C PRO G 349 -6.81 -100.21 -13.20
N SER G 350 -6.20 -100.10 -14.39
CA SER G 350 -4.75 -99.81 -14.44
C SER G 350 -4.52 -98.34 -14.10
N LYS G 351 -4.39 -98.10 -12.80
CA LYS G 351 -4.24 -96.76 -12.23
C LYS G 351 -3.05 -95.99 -12.75
N CYS G 352 -3.32 -94.73 -13.04
CA CYS G 352 -2.42 -93.90 -13.79
C CYS G 352 -1.66 -92.93 -12.88
N ARG G 353 -0.34 -92.91 -13.04
CA ARG G 353 0.55 -92.05 -12.27
C ARG G 353 0.32 -90.57 -12.61
N PRO G 354 0.78 -89.66 -11.72
CA PRO G 354 0.50 -88.25 -11.93
C PRO G 354 0.99 -87.68 -13.25
N CYS G 355 1.92 -88.38 -13.90
CA CYS G 355 2.62 -87.84 -15.06
C CYS G 355 3.51 -86.64 -14.64
N GLY G 356 3.75 -86.53 -13.33
CA GLY G 356 4.44 -85.38 -12.69
C GLY G 356 5.60 -84.79 -13.47
N SER G 357 5.52 -83.48 -13.70
CA SER G 357 6.48 -82.74 -14.51
C SER G 357 6.21 -81.25 -14.29
N GLY G 358 6.70 -80.40 -15.18
CA GLY G 358 6.40 -78.96 -15.15
C GLY G 358 5.71 -78.50 -16.42
N VAL G 359 4.70 -79.26 -16.83
CA VAL G 359 3.93 -78.96 -18.04
C VAL G 359 2.93 -77.85 -17.79
N HIS G 360 2.50 -77.22 -18.89
CA HIS G 360 1.40 -76.28 -18.86
C HIS G 360 0.47 -76.78 -19.92
N TYR G 361 -0.85 -76.85 -19.69
CA TYR G 361 -1.61 -76.42 -18.50
C TYR G 361 -1.98 -74.94 -18.48
N THR G 362 -1.60 -74.22 -19.52
CA THR G 362 -2.04 -72.84 -19.72
C THR G 362 -3.57 -72.76 -19.84
N PRO G 363 -4.20 -71.79 -19.14
CA PRO G 363 -3.54 -70.82 -18.27
C PRO G 363 -3.20 -71.32 -16.84
N GLN G 364 -4.08 -72.11 -16.23
CA GLN G 364 -3.93 -72.41 -14.79
C GLN G 364 -3.67 -73.87 -14.44
N GLN G 365 -4.62 -74.74 -14.77
CA GLN G 365 -4.68 -76.15 -14.34
C GLN G 365 -5.39 -76.35 -13.01
N ASN G 366 -5.51 -75.28 -12.23
CA ASN G 366 -6.30 -75.33 -11.02
C ASN G 366 -6.96 -74.01 -10.72
N GLY G 367 -8.09 -74.10 -10.01
CA GLY G 367 -8.89 -72.93 -9.70
C GLY G 367 -9.11 -72.17 -10.98
N LEU G 368 -9.81 -72.80 -11.91
CA LEU G 368 -9.99 -72.25 -13.24
C LEU G 368 -11.36 -71.64 -13.39
N LYS G 369 -11.39 -70.37 -13.77
CA LYS G 369 -12.65 -69.64 -13.89
C LYS G 369 -13.21 -69.64 -15.32
N THR G 370 -12.38 -70.04 -16.28
CA THR G 370 -12.84 -70.23 -17.66
C THR G 370 -13.22 -71.70 -17.89
N THR G 371 -13.78 -72.00 -19.07
CA THR G 371 -14.19 -73.36 -19.44
C THR G 371 -13.23 -74.02 -20.46
N LYS G 372 -12.01 -73.46 -20.57
CA LYS G 372 -10.98 -73.97 -21.47
C LYS G 372 -9.62 -74.15 -20.79
N VAL G 373 -8.90 -75.17 -21.25
CA VAL G 373 -7.50 -75.37 -20.90
C VAL G 373 -6.79 -76.00 -22.09
N SER G 374 -5.56 -75.57 -22.34
CA SER G 374 -4.70 -76.23 -23.31
C SER G 374 -3.53 -76.86 -22.60
N ILE G 375 -3.39 -78.17 -22.75
CA ILE G 375 -2.23 -78.87 -22.22
C ILE G 375 -1.16 -78.95 -23.31
N THR G 376 0.08 -78.67 -22.92
CA THR G 376 1.20 -78.67 -23.85
C THR G 376 2.40 -79.39 -23.25
N ASP G 377 3.22 -79.94 -24.14
CA ASP G 377 4.49 -80.58 -23.77
C ASP G 377 4.29 -81.82 -22.90
N LEU G 378 3.50 -82.77 -23.41
CA LEU G 378 3.40 -84.11 -22.83
C LEU G 378 3.84 -85.15 -23.86
N LEU G 379 4.18 -86.36 -23.41
CA LEU G 379 4.83 -87.35 -24.29
C LEU G 379 3.93 -87.96 -25.38
N ALA G 380 4.56 -88.37 -26.47
CA ALA G 380 3.89 -88.43 -27.76
C ALA G 380 2.85 -89.51 -28.02
N HIS G 381 3.15 -90.79 -27.81
CA HIS G 381 2.24 -91.82 -28.33
C HIS G 381 1.27 -92.44 -27.38
N THR G 382 1.16 -91.92 -26.17
CA THR G 382 0.45 -92.64 -25.14
C THR G 382 -0.99 -92.21 -24.93
N ASN G 383 -1.76 -93.09 -24.28
CA ASN G 383 -3.12 -92.81 -23.85
C ASN G 383 -3.11 -92.06 -22.53
N TYR G 384 -3.64 -90.84 -22.56
CA TYR G 384 -3.83 -90.04 -21.35
C TYR G 384 -5.31 -90.11 -20.97
N THR G 385 -5.65 -89.57 -19.81
CA THR G 385 -7.04 -89.49 -19.36
C THR G 385 -7.19 -88.29 -18.44
N PHE G 386 -8.21 -87.49 -18.70
CA PHE G 386 -8.41 -86.24 -17.97
C PHE G 386 -9.73 -86.20 -17.23
N GLU G 387 -9.69 -85.76 -15.98
CA GLU G 387 -10.89 -85.51 -15.21
C GLU G 387 -11.04 -84.00 -15.02
N ILE G 388 -12.19 -83.46 -15.38
CA ILE G 388 -12.45 -82.03 -15.17
C ILE G 388 -13.42 -81.88 -14.01
N TRP G 389 -12.95 -81.19 -12.96
CA TRP G 389 -13.67 -81.10 -11.71
C TRP G 389 -14.30 -79.77 -11.47
N ALA G 390 -15.58 -79.80 -11.12
CA ALA G 390 -16.27 -78.61 -10.72
C ALA G 390 -16.12 -78.45 -9.21
N VAL G 391 -15.63 -77.27 -8.82
CA VAL G 391 -15.40 -76.96 -7.42
C VAL G 391 -16.06 -75.64 -7.07
N ASN G 392 -16.42 -75.52 -5.80
CA ASN G 392 -16.88 -74.26 -5.23
C ASN G 392 -16.32 -74.08 -3.81
N GLY G 393 -16.85 -73.13 -3.04
CA GLY G 393 -16.36 -72.86 -1.69
C GLY G 393 -16.46 -74.03 -0.72
N VAL G 394 -17.52 -74.82 -0.86
CA VAL G 394 -17.61 -76.09 -0.16
C VAL G 394 -17.02 -77.16 -1.06
N SER G 395 -17.34 -78.41 -0.78
CA SER G 395 -16.78 -79.54 -1.52
C SER G 395 -15.36 -79.88 -1.08
N LYS G 396 -14.65 -78.93 -0.47
CA LYS G 396 -13.42 -79.27 0.20
C LYS G 396 -13.82 -80.13 1.40
N TYR G 397 -15.07 -79.95 1.82
CA TYR G 397 -15.64 -80.71 2.93
C TYR G 397 -16.25 -82.04 2.46
N ASN G 398 -16.71 -82.08 1.22
CA ASN G 398 -17.19 -83.34 0.62
C ASN G 398 -16.81 -83.53 -0.86
N PRO G 399 -15.53 -83.80 -1.14
CA PRO G 399 -15.22 -83.99 -2.55
C PRO G 399 -15.74 -85.34 -3.01
N ASN G 400 -16.13 -85.44 -4.27
CA ASN G 400 -16.69 -86.67 -4.87
C ASN G 400 -16.44 -86.68 -6.38
N PRO G 401 -16.09 -87.86 -6.95
CA PRO G 401 -15.84 -88.06 -8.39
C PRO G 401 -16.96 -87.65 -9.34
N ASP G 402 -18.20 -87.68 -8.86
CA ASP G 402 -19.32 -87.27 -9.69
C ASP G 402 -19.48 -85.75 -9.82
N GLN G 403 -18.58 -84.98 -9.19
CA GLN G 403 -18.47 -83.54 -9.41
C GLN G 403 -17.59 -83.31 -10.63
N SER G 404 -17.29 -84.41 -11.32
CA SER G 404 -16.34 -84.40 -12.41
C SER G 404 -16.75 -85.39 -13.47
N VAL G 405 -16.26 -85.14 -14.69
CA VAL G 405 -16.51 -86.01 -15.81
C VAL G 405 -15.16 -86.29 -16.48
N SER G 406 -15.05 -87.42 -17.15
CA SER G 406 -13.78 -87.83 -17.74
C SER G 406 -13.80 -88.05 -19.25
N VAL G 407 -12.62 -87.94 -19.87
CA VAL G 407 -12.42 -88.25 -21.29
C VAL G 407 -11.03 -88.86 -21.54
N THR G 408 -10.99 -90.07 -22.09
CA THR G 408 -9.73 -90.73 -22.46
C THR G 408 -9.34 -90.33 -23.89
N VAL G 409 -8.07 -90.01 -24.07
CA VAL G 409 -7.58 -89.46 -25.34
C VAL G 409 -6.27 -90.13 -25.73
N THR G 410 -5.95 -90.13 -27.03
CA THR G 410 -4.73 -90.77 -27.54
C THR G 410 -3.95 -89.79 -28.41
N THR G 411 -2.64 -89.90 -28.42
CA THR G 411 -1.83 -88.84 -29.03
C THR G 411 -1.36 -89.07 -30.47
N ASN G 412 -1.17 -87.92 -31.12
CA ASN G 412 -0.43 -87.80 -32.36
C ASN G 412 1.05 -87.88 -32.09
N GLN G 413 1.73 -88.65 -32.95
CA GLN G 413 3.14 -88.96 -32.76
C GLN G 413 4.08 -87.83 -33.10
N ALA G 414 5.32 -88.03 -32.68
CA ALA G 414 6.45 -87.23 -33.07
C ALA G 414 7.51 -88.24 -33.52
N ALA G 415 8.51 -87.75 -34.23
CA ALA G 415 9.68 -88.53 -34.57
C ALA G 415 10.40 -88.96 -33.29
N PRO G 416 10.74 -90.25 -33.20
CA PRO G 416 11.28 -91.02 -32.09
C PRO G 416 12.68 -90.60 -31.62
N SER G 417 13.07 -91.12 -30.46
CA SER G 417 14.37 -90.84 -29.88
C SER G 417 15.47 -91.58 -30.63
N SER G 418 16.71 -91.29 -30.25
CA SER G 418 17.85 -92.02 -30.77
C SER G 418 17.92 -93.40 -30.14
N ILE G 419 18.76 -94.26 -30.72
CA ILE G 419 18.83 -95.65 -30.32
C ILE G 419 19.89 -95.87 -29.23
N ALA G 420 21.04 -95.24 -29.38
CA ALA G 420 22.13 -95.29 -28.38
C ALA G 420 22.84 -96.66 -28.22
N LEU G 421 22.18 -97.76 -28.58
CA LEU G 421 22.86 -99.05 -28.55
C LEU G 421 22.72 -99.87 -29.83
N VAL G 422 23.86 -100.05 -30.50
CA VAL G 422 23.99 -100.86 -31.70
C VAL G 422 25.11 -101.88 -31.47
N GLN G 423 24.87 -103.14 -31.80
CA GLN G 423 25.90 -104.17 -31.59
C GLN G 423 26.18 -104.98 -32.85
N ALA G 424 27.43 -105.39 -33.04
CA ALA G 424 27.77 -106.31 -34.11
C ALA G 424 27.57 -107.76 -33.64
N LYS G 425 26.66 -108.49 -34.29
CA LYS G 425 26.33 -109.86 -33.87
C LYS G 425 27.26 -110.91 -34.48
N GLU G 426 27.63 -110.71 -35.74
CA GLU G 426 28.46 -111.64 -36.48
C GLU G 426 29.26 -110.87 -37.52
N VAL G 427 30.56 -111.15 -37.60
CA VAL G 427 31.44 -110.47 -38.56
C VAL G 427 32.19 -111.49 -39.42
N THR G 428 32.09 -111.33 -40.73
CA THR G 428 32.84 -112.16 -41.67
C THR G 428 33.76 -111.28 -42.53
N ARG G 429 34.47 -111.90 -43.47
CA ARG G 429 35.33 -111.17 -44.39
C ARG G 429 34.55 -110.16 -45.21
N TYR G 430 33.33 -110.50 -45.58
CA TYR G 430 32.52 -109.65 -46.45
C TYR G 430 31.26 -109.07 -45.80
N SER G 431 31.02 -109.37 -44.52
CA SER G 431 29.76 -108.98 -43.90
C SER G 431 29.82 -108.62 -42.42
N VAL G 432 28.86 -107.81 -41.98
CA VAL G 432 28.63 -107.55 -40.56
C VAL G 432 27.12 -107.64 -40.32
N ALA G 433 26.72 -108.48 -39.38
CA ALA G 433 25.32 -108.53 -38.95
C ALA G 433 25.12 -107.60 -37.77
N LEU G 434 24.11 -106.75 -37.85
CA LEU G 434 23.83 -105.79 -36.78
C LEU G 434 22.48 -106.06 -36.13
N ALA G 435 22.36 -105.61 -34.88
CA ALA G 435 21.11 -105.58 -34.16
C ALA G 435 21.14 -104.37 -33.24
N TRP G 436 19.97 -103.80 -32.99
CA TRP G 436 19.85 -102.60 -32.18
C TRP G 436 18.58 -102.62 -31.39
N LEU G 437 18.55 -101.86 -30.30
CA LEU G 437 17.36 -101.72 -29.48
C LEU G 437 16.39 -100.74 -30.09
N GLU G 438 15.11 -100.96 -29.82
CA GLU G 438 14.06 -99.99 -30.08
C GLU G 438 14.42 -98.68 -29.36
N PRO G 439 14.18 -97.52 -29.99
CA PRO G 439 14.43 -96.30 -29.26
C PRO G 439 13.64 -96.24 -27.94
N ASP G 440 14.24 -95.59 -26.94
CA ASP G 440 13.64 -95.42 -25.61
C ASP G 440 12.21 -94.96 -25.68
N ARG G 441 11.99 -93.86 -26.41
CA ARG G 441 10.65 -93.38 -26.66
C ARG G 441 10.42 -93.34 -28.17
N PRO G 442 9.73 -94.37 -28.69
CA PRO G 442 9.28 -94.43 -30.08
C PRO G 442 8.34 -93.28 -30.39
N ASN G 443 7.60 -92.83 -29.38
CA ASN G 443 6.72 -91.68 -29.52
C ASN G 443 5.65 -91.87 -30.59
N GLY G 444 5.39 -93.13 -30.92
CA GLY G 444 4.45 -93.46 -31.98
C GLY G 444 4.73 -94.86 -32.45
N VAL G 445 4.05 -95.27 -33.51
CA VAL G 445 4.30 -96.59 -34.11
C VAL G 445 5.50 -96.50 -35.05
N ILE G 446 6.49 -97.34 -34.78
CA ILE G 446 7.68 -97.41 -35.63
C ILE G 446 7.37 -98.13 -36.92
N LEU G 447 7.68 -97.49 -38.03
CA LEU G 447 7.36 -98.03 -39.35
C LEU G 447 8.53 -98.84 -39.92
N GLU G 448 9.74 -98.33 -39.79
CA GLU G 448 10.93 -98.99 -40.34
C GLU G 448 12.22 -98.41 -39.79
N TYR G 449 13.31 -99.14 -40.01
CA TYR G 449 14.64 -98.70 -39.61
C TYR G 449 15.52 -98.44 -40.82
N GLU G 450 16.62 -97.73 -40.61
CA GLU G 450 17.52 -97.36 -41.68
C GLU G 450 18.95 -97.34 -41.18
N VAL G 451 19.82 -98.11 -41.83
CA VAL G 451 21.23 -98.21 -41.47
C VAL G 451 22.08 -97.47 -42.46
N LYS G 452 22.90 -96.57 -41.95
CA LYS G 452 23.80 -95.77 -42.77
C LYS G 452 25.18 -96.15 -42.39
N TYR G 453 25.95 -96.55 -43.39
CA TYR G 453 27.30 -97.00 -43.17
C TYR G 453 28.25 -96.50 -44.24
N TYR G 454 29.54 -96.52 -43.88
CA TYR G 454 30.63 -96.03 -44.72
C TYR G 454 31.96 -96.44 -44.13
N GLU G 455 32.98 -96.48 -44.99
CA GLU G 455 34.35 -96.82 -44.59
C GLU G 455 34.88 -95.78 -43.63
N LYS G 456 35.60 -96.23 -42.59
CA LYS G 456 36.20 -95.32 -41.60
C LYS G 456 37.15 -94.30 -42.23
N ASP G 457 37.84 -94.73 -43.27
CA ASP G 457 38.74 -93.87 -44.01
C ASP G 457 37.97 -92.90 -44.91
N GLN G 458 38.18 -91.61 -44.70
CA GLN G 458 37.49 -90.55 -45.44
C GLN G 458 37.77 -90.59 -46.94
N ASN G 459 38.96 -91.10 -47.29
CA ASN G 459 39.37 -91.27 -48.67
C ASN G 459 38.73 -92.53 -49.25
N GLU G 460 38.17 -92.42 -50.46
CA GLU G 460 37.33 -93.48 -51.07
C GLU G 460 36.23 -93.89 -50.10
N ARG G 461 35.32 -92.94 -49.82
CA ARG G 461 34.24 -93.19 -48.89
C ARG G 461 32.88 -93.08 -49.54
N SER G 462 32.16 -94.19 -49.47
CA SER G 462 30.87 -94.33 -50.10
C SER G 462 29.82 -94.49 -49.00
N TYR G 463 28.87 -93.57 -48.97
CA TYR G 463 27.81 -93.66 -47.99
C TYR G 463 26.74 -94.59 -48.52
N ARG G 464 26.38 -95.61 -47.74
CA ARG G 464 25.33 -96.54 -48.14
C ARG G 464 24.20 -96.64 -47.14
N ILE G 465 23.04 -97.05 -47.65
CA ILE G 465 21.81 -97.12 -46.88
C ILE G 465 21.22 -98.51 -46.98
N VAL G 466 20.74 -99.03 -45.85
CA VAL G 466 20.00 -100.29 -45.81
C VAL G 466 18.67 -100.09 -45.07
N ARG G 467 17.58 -100.58 -45.64
CA ARG G 467 16.27 -100.41 -45.04
C ARG G 467 15.77 -101.74 -44.48
N THR G 468 15.14 -101.70 -43.31
CA THR G 468 14.49 -102.90 -42.71
C THR G 468 13.31 -102.59 -41.76
N ALA G 469 12.44 -103.59 -41.57
CA ALA G 469 11.37 -103.47 -40.59
C ALA G 469 11.77 -104.17 -39.30
N ALA G 470 12.67 -105.15 -39.39
CA ALA G 470 13.19 -105.85 -38.23
C ALA G 470 14.25 -105.02 -37.51
N ARG G 471 14.55 -105.39 -36.26
CA ARG G 471 15.58 -104.70 -35.50
C ARG G 471 16.96 -105.38 -35.62
N ASN G 472 17.19 -105.97 -36.79
CA ASN G 472 18.47 -106.54 -37.16
C ASN G 472 18.56 -106.64 -38.68
N THR G 473 19.78 -106.64 -39.18
CA THR G 473 20.04 -106.89 -40.59
C THR G 473 21.49 -107.30 -40.79
N ASP G 474 21.77 -107.93 -41.92
CA ASP G 474 23.12 -108.37 -42.24
C ASP G 474 23.66 -107.55 -43.40
N ILE G 475 24.65 -106.71 -43.12
CA ILE G 475 25.27 -105.87 -44.14
C ILE G 475 26.28 -106.70 -44.87
N LYS G 476 26.04 -106.92 -46.16
CA LYS G 476 26.91 -107.80 -46.93
C LYS G 476 27.64 -107.00 -48.01
N GLY G 477 28.51 -107.67 -48.75
CA GLY G 477 29.20 -107.07 -49.89
C GLY G 477 30.32 -106.09 -49.54
N LEU G 478 30.92 -106.27 -48.37
CA LEU G 478 31.96 -105.38 -47.90
C LEU G 478 33.36 -105.81 -48.33
N ASN G 479 34.33 -104.91 -48.20
CA ASN G 479 35.73 -105.26 -48.40
C ASN G 479 36.29 -105.96 -47.17
N PRO G 480 37.13 -106.99 -47.38
CA PRO G 480 37.69 -107.75 -46.28
C PRO G 480 38.76 -106.96 -45.53
N LEU G 481 38.97 -107.27 -44.26
CA LEU G 481 39.97 -106.61 -43.42
C LEU G 481 39.93 -105.09 -43.48
N THR G 482 38.74 -104.54 -43.62
CA THR G 482 38.55 -103.11 -43.76
C THR G 482 37.69 -102.59 -42.61
N SER G 483 38.02 -101.40 -42.12
CA SER G 483 37.31 -100.79 -41.00
C SER G 483 36.10 -99.97 -41.48
N TYR G 484 34.92 -100.25 -40.92
CA TYR G 484 33.67 -99.58 -41.29
C TYR G 484 32.96 -98.93 -40.09
N VAL G 485 32.15 -97.91 -40.35
CA VAL G 485 31.35 -97.23 -39.30
C VAL G 485 29.85 -97.23 -39.57
N PHE G 486 29.07 -97.58 -38.56
CA PHE G 486 27.63 -97.76 -38.71
C PHE G 486 26.78 -96.84 -37.81
N HIS G 487 25.70 -96.31 -38.37
CA HIS G 487 24.68 -95.56 -37.62
C HIS G 487 23.32 -96.10 -37.95
N VAL G 488 22.41 -96.12 -36.97
CA VAL G 488 21.04 -96.56 -37.18
C VAL G 488 20.07 -95.45 -36.80
N ARG G 489 18.91 -95.44 -37.45
CA ARG G 489 17.81 -94.56 -37.08
C ARG G 489 16.47 -95.27 -37.32
N ALA G 490 15.42 -94.82 -36.64
CA ALA G 490 14.08 -95.33 -36.87
C ALA G 490 13.22 -94.27 -37.52
N ARG G 491 12.09 -94.68 -38.10
CA ARG G 491 11.20 -93.76 -38.77
C ARG G 491 9.75 -94.03 -38.36
N THR G 492 9.05 -92.97 -37.98
CA THR G 492 7.60 -93.04 -37.79
C THR G 492 6.97 -92.04 -38.75
N ALA G 493 5.64 -92.01 -38.78
CA ALA G 493 4.95 -91.02 -39.57
C ALA G 493 5.46 -89.60 -39.32
N ALA G 494 5.90 -89.33 -38.09
CA ALA G 494 6.40 -88.00 -37.71
C ALA G 494 7.85 -87.70 -38.14
N GLY G 495 8.50 -88.67 -38.79
CA GLY G 495 9.85 -88.49 -39.35
C GLY G 495 10.93 -89.40 -38.80
N TYR G 496 12.19 -88.96 -38.93
CA TYR G 496 13.36 -89.74 -38.47
C TYR G 496 13.85 -89.41 -37.08
N GLY G 497 14.24 -90.44 -36.34
CA GLY G 497 14.99 -90.26 -35.09
C GLY G 497 16.42 -89.93 -35.43
N ASP G 498 17.15 -89.35 -34.48
CA ASP G 498 18.57 -89.03 -34.68
C ASP G 498 19.35 -90.31 -34.89
N PHE G 499 20.45 -90.20 -35.63
CA PHE G 499 21.33 -91.34 -35.83
C PHE G 499 22.04 -91.71 -34.55
N SER G 500 22.18 -93.00 -34.32
CA SER G 500 22.87 -93.52 -33.13
C SER G 500 24.33 -93.06 -33.06
N GLU G 501 24.97 -93.31 -31.93
CA GLU G 501 26.40 -93.06 -31.79
C GLU G 501 27.19 -94.02 -32.66
N PRO G 502 28.33 -93.57 -33.22
CA PRO G 502 29.04 -94.40 -34.19
C PRO G 502 29.45 -95.75 -33.62
N LEU G 503 29.16 -96.82 -34.36
CA LEU G 503 29.75 -98.11 -34.08
C LEU G 503 30.80 -98.39 -35.14
N GLU G 504 31.99 -98.78 -34.70
CA GLU G 504 33.10 -99.08 -35.60
C GLU G 504 33.42 -100.58 -35.60
N VAL G 505 33.45 -101.18 -36.79
CA VAL G 505 33.70 -102.63 -36.93
C VAL G 505 34.64 -102.87 -38.12
N THR G 506 35.64 -103.74 -37.94
CA THR G 506 36.56 -104.15 -39.03
C THR G 506 36.29 -105.59 -39.49
N THR G 507 36.04 -105.76 -40.79
CA THR G 507 35.83 -107.08 -41.38
C THR G 507 37.06 -107.94 -41.15
N ASN G 508 36.84 -109.25 -40.99
CA ASN G 508 37.93 -110.17 -40.69
C ASN G 508 38.30 -111.06 -41.88
N THR G 509 38.82 -112.26 -41.60
CA THR G 509 39.19 -113.23 -42.64
C THR G 509 38.36 -114.52 -42.59
N VAL G 510 37.31 -114.53 -41.75
CA VAL G 510 36.42 -115.68 -41.60
C VAL G 510 35.65 -115.96 -42.92
N PRO G 511 35.71 -117.22 -43.42
CA PRO G 511 35.12 -117.61 -44.70
C PRO G 511 33.62 -117.31 -44.80
N SER G 512 33.19 -116.94 -46.01
CA SER G 512 31.80 -116.62 -46.30
C SER G 512 30.98 -117.90 -46.54
N ARG G 513 29.87 -118.05 -45.83
CA ARG G 513 28.97 -119.19 -46.04
C ARG G 513 28.12 -119.00 -47.30
N ILE G 514 28.00 -117.75 -47.73
CA ILE G 514 27.38 -117.37 -49.00
C ILE G 514 28.10 -118.02 -50.19
N ILE G 515 29.42 -117.87 -50.26
CA ILE G 515 30.21 -118.40 -51.38
C ILE G 515 30.32 -119.93 -51.34
N GLY G 516 30.60 -120.47 -50.15
CA GLY G 516 30.90 -121.89 -49.99
C GLY G 516 32.27 -122.17 -50.58
N ASP G 517 32.33 -123.11 -51.52
CA ASP G 517 33.53 -123.44 -52.29
C ASP G 517 34.70 -123.84 -51.38
N VAL H 4 -49.24 -29.64 93.36
CA VAL H 4 -49.28 -31.07 92.91
C VAL H 4 -49.81 -31.17 91.48
N ALA H 5 -49.08 -31.86 90.59
CA ALA H 5 -49.54 -32.09 89.21
C ALA H 5 -50.01 -33.54 89.04
N ASP H 6 -51.33 -33.77 88.93
CA ASP H 6 -51.93 -35.12 89.17
C ASP H 6 -52.39 -35.92 87.94
N ARG H 7 -52.24 -37.26 88.00
CA ARG H 7 -52.62 -38.16 86.90
C ARG H 7 -53.62 -39.22 87.32
N TYR H 8 -54.76 -39.29 86.63
CA TYR H 8 -55.79 -40.29 86.96
C TYR H 8 -55.77 -41.42 85.92
N ALA H 9 -55.30 -42.58 86.37
CA ALA H 9 -55.34 -43.87 85.65
C ALA H 9 -56.75 -44.46 85.70
N VAL H 10 -57.19 -45.01 84.57
CA VAL H 10 -58.52 -45.63 84.40
C VAL H 10 -58.35 -46.78 83.40
N TYR H 11 -58.67 -48.00 83.84
CA TYR H 11 -58.58 -49.19 82.98
C TYR H 11 -59.91 -49.47 82.34
N TRP H 12 -59.92 -49.39 81.00
CA TRP H 12 -61.13 -49.50 80.21
C TRP H 12 -61.44 -50.92 79.81
N ASN H 13 -61.75 -51.77 80.79
CA ASN H 13 -62.23 -53.13 80.52
C ASN H 13 -63.50 -53.46 81.31
N SER H 14 -64.03 -54.66 81.08
CA SER H 14 -65.22 -55.11 81.80
C SER H 14 -64.90 -55.75 83.14
N SER H 15 -63.69 -56.29 83.26
CA SER H 15 -63.17 -56.83 84.53
C SER H 15 -63.13 -55.77 85.64
N ASN H 16 -63.65 -54.58 85.35
CA ASN H 16 -63.46 -53.44 86.24
C ASN H 16 -64.59 -53.21 87.23
N PRO H 17 -64.27 -53.37 88.53
CA PRO H 17 -65.22 -53.09 89.59
C PRO H 17 -65.72 -51.65 89.59
N ARG H 18 -65.18 -50.81 88.69
CA ARG H 18 -65.52 -49.39 88.65
C ARG H 18 -66.53 -49.06 87.54
N PHE H 19 -66.39 -49.72 86.40
CA PHE H 19 -67.22 -49.43 85.21
C PHE H 19 -68.58 -50.05 85.33
N GLN H 20 -68.61 -51.19 86.01
CA GLN H 20 -69.82 -52.01 86.08
C GLN H 20 -71.05 -51.21 86.54
N ARG H 21 -70.88 -50.36 87.56
CA ARG H 21 -71.98 -49.50 88.05
C ARG H 21 -72.67 -48.68 86.93
N GLY H 22 -71.89 -48.16 86.00
CA GLY H 22 -72.41 -47.30 84.93
C GLY H 22 -72.49 -45.85 85.37
N ASP H 23 -71.65 -45.50 86.35
CA ASP H 23 -71.58 -44.15 86.88
C ASP H 23 -70.15 -43.89 87.32
N TYR H 24 -69.23 -44.53 86.60
CA TYR H 24 -67.83 -44.19 86.76
C TYR H 24 -67.68 -42.67 86.56
N HIS H 25 -67.13 -41.99 87.57
CA HIS H 25 -66.86 -40.55 87.46
C HIS H 25 -65.63 -40.14 88.25
N ILE H 26 -64.93 -39.11 87.74
CA ILE H 26 -63.70 -38.59 88.37
C ILE H 26 -63.65 -37.07 88.39
N ASP H 27 -63.12 -36.54 89.48
CA ASP H 27 -63.06 -35.09 89.69
C ASP H 27 -61.64 -34.53 89.57
N VAL H 28 -61.37 -33.93 88.41
CA VAL H 28 -60.02 -33.45 88.10
C VAL H 28 -59.85 -31.93 88.26
N CYS H 29 -58.62 -31.49 88.50
CA CYS H 29 -58.28 -30.06 88.43
C CYS H 29 -57.72 -29.77 87.04
N ILE H 30 -57.85 -28.53 86.57
CA ILE H 30 -57.30 -28.21 85.25
C ILE H 30 -55.79 -28.48 85.16
N ASN H 31 -55.36 -29.04 84.02
CA ASN H 31 -53.96 -29.44 83.78
C ASN H 31 -53.60 -30.67 84.57
N ASP H 32 -54.63 -31.41 85.00
CA ASP H 32 -54.47 -32.80 85.44
C ASP H 32 -54.50 -33.65 84.17
N TYR H 33 -53.87 -34.83 84.24
CA TYR H 33 -53.91 -35.82 83.15
C TYR H 33 -54.80 -37.05 83.40
N LEU H 34 -55.52 -37.45 82.36
CA LEU H 34 -56.28 -38.66 82.41
C LEU H 34 -55.60 -39.69 81.55
N ASP H 35 -55.31 -40.85 82.15
CA ASP H 35 -54.73 -41.97 81.40
C ASP H 35 -55.67 -43.14 81.33
N VAL H 36 -56.29 -43.32 80.17
CA VAL H 36 -57.12 -44.45 79.92
C VAL H 36 -56.29 -45.64 79.44
N PHE H 37 -56.17 -46.68 80.26
CA PHE H 37 -55.46 -47.88 79.81
C PHE H 37 -56.36 -48.90 79.16
N CYS H 38 -56.04 -49.21 77.90
CA CYS H 38 -56.78 -50.19 77.09
C CYS H 38 -56.60 -51.61 77.63
N PRO H 39 -57.52 -52.53 77.27
CA PRO H 39 -57.35 -53.96 77.55
C PRO H 39 -56.18 -54.59 76.80
N HIS H 40 -55.25 -55.21 77.54
CA HIS H 40 -54.02 -55.81 77.01
C HIS H 40 -53.68 -57.08 77.73
N TYR H 41 -53.72 -58.20 77.00
CA TYR H 41 -53.46 -59.53 77.56
C TYR H 41 -52.12 -60.07 77.06
N GLU H 42 -51.59 -61.06 77.76
CA GLU H 42 -50.33 -61.70 77.34
C GLU H 42 -50.55 -62.45 76.03
N ASP H 43 -49.55 -62.40 75.16
CA ASP H 43 -49.65 -62.88 73.78
C ASP H 43 -50.44 -64.17 73.58
N SER H 44 -50.30 -65.11 74.52
CA SER H 44 -50.97 -66.40 74.43
C SER H 44 -52.47 -66.33 74.79
N VAL H 45 -53.22 -65.51 74.05
CA VAL H 45 -54.68 -65.42 74.23
C VAL H 45 -55.42 -65.48 72.89
N PRO H 46 -56.61 -66.11 72.88
CA PRO H 46 -57.48 -66.07 71.72
C PRO H 46 -57.80 -64.62 71.35
N GLU H 47 -57.69 -64.31 70.07
CA GLU H 47 -57.81 -62.94 69.59
C GLU H 47 -59.27 -62.48 69.50
N ASP H 48 -60.20 -63.34 69.90
CA ASP H 48 -61.61 -62.96 69.94
C ASP H 48 -62.32 -63.23 71.27
N LYS H 49 -61.52 -63.58 72.29
CA LYS H 49 -61.97 -63.48 73.66
C LYS H 49 -61.66 -62.05 74.09
N THR H 50 -60.61 -61.50 73.48
CA THR H 50 -60.05 -60.19 73.81
C THR H 50 -61.03 -59.03 73.57
N GLU H 51 -61.12 -58.14 74.55
CA GLU H 51 -61.95 -56.92 74.46
C GLU H 51 -61.22 -55.85 73.67
N ARG H 52 -61.93 -55.23 72.75
CA ARG H 52 -61.35 -54.19 71.91
C ARG H 52 -62.34 -53.06 71.71
N TYR H 53 -61.87 -51.84 71.94
CA TYR H 53 -62.76 -50.70 71.98
C TYR H 53 -62.39 -49.62 70.99
N VAL H 54 -63.39 -48.78 70.70
CA VAL H 54 -63.24 -47.51 70.01
C VAL H 54 -63.84 -46.42 70.90
N LEU H 55 -62.96 -45.59 71.44
CA LEU H 55 -63.30 -44.67 72.52
C LEU H 55 -63.73 -43.31 71.99
N TYR H 56 -64.81 -42.77 72.54
CA TYR H 56 -65.40 -41.51 72.05
C TYR H 56 -65.56 -40.46 73.16
N MET H 57 -65.76 -39.22 72.74
CA MET H 57 -66.00 -38.13 73.66
C MET H 57 -67.21 -37.46 73.10
N VAL H 58 -68.17 -37.21 73.98
CA VAL H 58 -69.55 -36.84 73.58
C VAL H 58 -70.17 -36.01 74.69
N ASN H 59 -71.31 -35.39 74.38
CA ASN H 59 -72.00 -34.49 75.31
C ASN H 59 -72.85 -35.26 76.29
N PHE H 60 -73.74 -34.56 77.00
CA PHE H 60 -74.62 -35.24 77.95
C PHE H 60 -75.56 -36.19 77.23
N ASP H 61 -76.04 -35.76 76.06
CA ASP H 61 -77.06 -36.51 75.34
C ASP H 61 -76.54 -37.81 74.82
N GLY H 62 -75.29 -37.80 74.38
CA GLY H 62 -74.68 -39.05 73.97
C GLY H 62 -74.26 -39.91 75.14
N TYR H 63 -74.02 -39.29 76.29
CA TYR H 63 -73.61 -40.02 77.48
C TYR H 63 -74.77 -40.82 77.95
N SER H 64 -75.94 -40.18 77.95
CA SER H 64 -77.19 -40.79 78.39
C SER H 64 -77.73 -41.77 77.36
N ALA H 65 -77.81 -41.34 76.09
CA ALA H 65 -78.32 -42.18 75.01
C ALA H 65 -77.37 -43.32 74.62
N CYS H 66 -76.17 -43.29 75.16
CA CYS H 66 -75.11 -44.26 74.87
C CYS H 66 -74.79 -44.38 73.35
N ASP H 67 -74.86 -43.26 72.63
CA ASP H 67 -74.41 -43.18 71.23
C ASP H 67 -73.40 -42.03 70.92
N HIS H 68 -72.67 -42.19 69.82
CA HIS H 68 -71.66 -41.25 69.41
C HIS H 68 -71.90 -40.71 68.03
N THR H 69 -72.93 -41.23 67.35
CA THR H 69 -73.33 -40.73 66.04
C THR H 69 -73.75 -39.27 66.15
N SER H 70 -73.07 -38.41 65.39
CA SER H 70 -73.39 -36.97 65.33
C SER H 70 -73.45 -36.28 66.70
N LYS H 71 -72.86 -36.91 67.72
CA LYS H 71 -72.92 -36.37 69.08
C LYS H 71 -71.55 -36.27 69.75
N GLY H 72 -70.49 -36.26 68.95
CA GLY H 72 -69.16 -36.29 69.51
C GLY H 72 -68.12 -36.87 68.59
N PHE H 73 -66.98 -37.29 69.18
CA PHE H 73 -65.70 -37.36 68.47
C PHE H 73 -64.85 -38.57 68.85
N LYS H 74 -64.36 -39.27 67.82
CA LYS H 74 -63.46 -40.40 68.02
C LYS H 74 -62.16 -39.97 68.70
N ARG H 75 -61.72 -40.74 69.70
CA ARG H 75 -60.54 -40.37 70.50
C ARG H 75 -59.49 -41.47 70.65
N TRP H 76 -59.89 -42.72 70.47
CA TRP H 76 -58.93 -43.80 70.52
C TRP H 76 -59.49 -45.05 69.91
N GLU H 77 -58.58 -45.99 69.63
CA GLU H 77 -58.95 -47.37 69.38
C GLU H 77 -58.18 -48.24 70.35
N CYS H 78 -58.84 -49.23 70.93
CA CYS H 78 -58.15 -50.18 71.79
C CYS H 78 -57.82 -51.49 71.06
N ASN H 79 -58.03 -51.47 69.74
CA ASN H 79 -57.81 -52.63 68.88
C ASN H 79 -56.34 -53.01 68.68
N ARG H 80 -55.63 -53.16 69.79
CA ARG H 80 -54.26 -53.63 69.78
C ARG H 80 -53.90 -54.12 71.17
N PRO H 81 -54.42 -55.31 71.55
CA PRO H 81 -54.24 -55.88 72.89
C PRO H 81 -52.98 -56.73 73.07
N HIS H 82 -52.14 -56.83 72.04
CA HIS H 82 -50.84 -57.51 72.13
C HIS H 82 -49.74 -56.50 72.01
N SER H 83 -50.05 -55.27 72.38
CA SER H 83 -49.16 -54.12 72.23
C SER H 83 -47.74 -54.35 72.78
N PRO H 84 -46.73 -53.69 72.16
CA PRO H 84 -45.31 -53.91 72.41
C PRO H 84 -44.95 -54.10 73.87
N ASN H 85 -45.02 -53.03 74.65
CA ASN H 85 -44.67 -53.07 76.06
C ASN H 85 -45.71 -52.32 76.89
N GLY H 86 -46.45 -53.07 77.70
CA GLY H 86 -47.58 -52.52 78.45
C GLY H 86 -48.81 -52.27 77.59
N PRO H 87 -49.96 -51.99 78.23
CA PRO H 87 -51.21 -51.74 77.51
C PRO H 87 -51.15 -50.51 76.61
N LEU H 88 -52.08 -50.43 75.65
CA LEU H 88 -52.17 -49.25 74.80
C LEU H 88 -52.75 -48.09 75.59
N LYS H 89 -52.05 -46.94 75.56
CA LYS H 89 -52.33 -45.82 76.48
C LYS H 89 -52.90 -44.61 75.73
N PHE H 90 -53.96 -44.03 76.28
CA PHE H 90 -54.58 -42.81 75.74
C PHE H 90 -54.45 -41.70 76.80
N SER H 91 -53.92 -40.56 76.39
CA SER H 91 -53.60 -39.46 77.32
C SER H 91 -54.38 -38.18 77.07
N GLU H 92 -55.22 -37.80 78.04
CA GLU H 92 -55.94 -36.55 78.02
C GLU H 92 -55.35 -35.53 78.99
N LYS H 93 -54.95 -34.36 78.49
CA LYS H 93 -54.52 -33.24 79.34
C LYS H 93 -55.72 -32.35 79.54
N PHE H 94 -56.08 -32.04 80.78
CA PHE H 94 -57.18 -31.11 80.97
C PHE H 94 -56.71 -29.65 80.98
N GLN H 95 -56.66 -29.08 79.79
CA GLN H 95 -55.90 -27.89 79.51
C GLN H 95 -56.79 -26.80 78.97
N LEU H 96 -56.47 -25.57 79.33
CA LEU H 96 -57.31 -24.43 78.93
C LEU H 96 -57.20 -24.16 77.42
N PHE H 97 -56.02 -24.37 76.85
CA PHE H 97 -55.81 -24.14 75.40
C PHE H 97 -55.09 -25.29 74.68
N THR H 98 -55.49 -25.58 73.42
CA THR H 98 -54.71 -26.55 72.61
C THR H 98 -53.67 -25.99 71.66
N PRO H 99 -52.48 -26.57 71.69
CA PRO H 99 -51.48 -26.48 70.62
C PRO H 99 -51.96 -27.18 69.35
N PHE H 100 -52.92 -28.08 69.49
CA PHE H 100 -53.31 -28.88 68.36
C PHE H 100 -54.73 -28.50 67.92
N SER H 101 -54.90 -28.30 66.60
CA SER H 101 -56.08 -27.60 66.03
C SER H 101 -57.27 -28.43 66.18
N LEU H 102 -57.07 -29.71 66.45
CA LEU H 102 -58.19 -30.63 66.64
C LEU H 102 -58.23 -31.21 68.03
N GLY H 103 -57.53 -30.56 68.97
CA GLY H 103 -57.57 -30.99 70.37
C GLY H 103 -58.78 -30.43 71.09
N PHE H 104 -58.84 -30.69 72.39
CA PHE H 104 -59.97 -30.26 73.18
C PHE H 104 -59.59 -29.32 74.29
N GLU H 105 -60.53 -28.44 74.63
CA GLU H 105 -60.30 -27.52 75.73
C GLU H 105 -61.25 -27.75 76.90
N PHE H 106 -60.74 -27.53 78.10
CA PHE H 106 -61.51 -27.77 79.28
C PHE H 106 -61.62 -26.55 80.17
N ARG H 107 -62.84 -26.31 80.60
CA ARG H 107 -63.13 -25.23 81.51
C ARG H 107 -63.48 -25.81 82.87
N PRO H 108 -63.05 -25.10 83.95
CA PRO H 108 -63.39 -25.52 85.31
C PRO H 108 -64.86 -25.31 85.59
N GLY H 109 -65.40 -26.16 86.47
CA GLY H 109 -66.83 -26.17 86.79
C GLY H 109 -67.69 -26.80 85.71
N ARG H 110 -67.07 -27.15 84.59
CA ARG H 110 -67.71 -27.94 83.55
C ARG H 110 -67.54 -29.45 83.79
N GLU H 111 -68.42 -30.24 83.17
CA GLU H 111 -68.20 -31.69 83.12
C GLU H 111 -68.27 -32.33 81.70
N TYR H 112 -67.63 -33.48 81.50
CA TYR H 112 -67.30 -33.98 80.14
C TYR H 112 -67.42 -35.49 80.16
N PHE H 113 -67.76 -36.05 79.00
CA PHE H 113 -68.17 -37.46 78.94
C PHE H 113 -67.48 -38.29 77.85
N TYR H 114 -66.89 -39.40 78.27
CA TYR H 114 -66.36 -40.44 77.35
C TYR H 114 -67.17 -41.78 77.32
N ILE H 115 -67.65 -42.19 76.12
CA ILE H 115 -68.24 -43.56 75.92
C ILE H 115 -67.43 -44.39 74.91
N SER H 116 -67.79 -45.67 74.75
CA SER H 116 -67.05 -46.56 73.85
C SER H 116 -67.92 -47.55 73.07
N SER H 117 -67.48 -47.87 71.86
CA SER H 117 -68.05 -48.96 71.10
C SER H 117 -67.07 -50.11 71.21
N ALA H 118 -67.61 -51.32 71.34
CA ALA H 118 -66.81 -52.54 71.31
C ALA H 118 -66.38 -52.78 69.87
N ILE H 119 -65.53 -53.77 69.64
CA ILE H 119 -65.13 -53.98 68.26
C ILE H 119 -66.40 -54.39 67.40
N PRO H 120 -66.30 -54.53 66.05
CA PRO H 120 -67.40 -54.08 65.13
C PRO H 120 -68.89 -54.29 65.51
N ASP H 121 -69.63 -53.16 65.57
CA ASP H 121 -71.11 -53.04 65.80
C ASP H 121 -71.84 -54.25 66.41
N ASN H 122 -71.61 -54.48 67.70
CA ASN H 122 -72.17 -55.63 68.42
C ASN H 122 -72.78 -55.27 69.78
N GLY H 123 -72.72 -54.00 70.14
CA GLY H 123 -73.26 -53.53 71.42
C GLY H 123 -74.64 -52.97 71.24
N ARG H 124 -74.72 -51.64 71.22
CA ARG H 124 -75.97 -50.89 71.07
C ARG H 124 -76.92 -51.11 72.26
N ARG H 125 -76.59 -52.09 73.10
CA ARG H 125 -77.38 -52.49 74.25
C ARG H 125 -77.12 -51.59 75.45
N SER H 126 -75.84 -51.29 75.67
CA SER H 126 -75.36 -50.38 76.71
C SER H 126 -73.84 -50.45 76.71
N CYS H 127 -73.19 -49.29 76.81
CA CYS H 127 -71.73 -49.13 76.64
C CYS H 127 -71.02 -48.77 77.95
N LEU H 128 -69.71 -48.95 77.99
CA LEU H 128 -68.87 -48.38 79.07
C LEU H 128 -68.79 -46.84 78.97
N LYS H 129 -69.06 -46.19 80.09
CA LYS H 129 -69.15 -44.72 80.18
C LYS H 129 -68.06 -44.18 81.10
N LEU H 130 -67.66 -42.93 80.87
CA LEU H 130 -66.91 -42.17 81.88
C LEU H 130 -67.40 -40.71 82.04
N LYS H 131 -67.31 -40.21 83.28
CA LYS H 131 -67.75 -38.85 83.56
C LYS H 131 -66.65 -38.12 84.31
N VAL H 132 -66.23 -36.98 83.77
CA VAL H 132 -65.18 -36.22 84.35
C VAL H 132 -65.74 -34.84 84.62
N PHE H 133 -65.62 -34.42 85.87
CA PHE H 133 -66.00 -33.08 86.25
C PHE H 133 -64.71 -32.32 86.57
N VAL H 134 -64.50 -31.20 85.88
CA VAL H 134 -63.32 -30.44 86.16
C VAL H 134 -63.77 -29.55 87.26
N ARG H 135 -63.27 -29.82 88.47
CA ARG H 135 -63.64 -29.02 89.63
C ARG H 135 -63.24 -27.55 89.53
N PRO H 136 -64.06 -26.68 90.13
CA PRO H 136 -63.84 -25.23 90.25
C PRO H 136 -62.45 -24.83 90.69
N THR H 137 -61.99 -23.70 90.16
CA THR H 137 -60.65 -23.21 90.46
C THR H 137 -60.48 -23.02 91.96
N ASN H 138 -61.51 -22.43 92.58
CA ASN H 138 -61.60 -22.21 94.03
C ASN H 138 -61.13 -23.45 94.80
N SER H 139 -61.82 -24.55 94.50
CA SER H 139 -61.66 -25.84 95.15
C SER H 139 -60.30 -26.48 94.93
N CYS H 140 -59.72 -26.24 93.76
CA CYS H 140 -58.41 -26.79 93.40
C CYS H 140 -57.27 -26.46 94.37
N MET H 141 -56.73 -25.25 94.30
CA MET H 141 -55.79 -24.74 95.30
C MET H 141 -54.83 -25.74 95.96
C1 NAG I . 81.16 26.41 -69.34
C2 NAG I . 81.87 25.84 -70.61
C3 NAG I . 83.33 26.31 -70.74
C4 NAG I . 83.40 27.83 -70.73
C5 NAG I . 82.75 28.39 -69.45
C6 NAG I . 82.45 29.88 -69.56
C7 NAG I . 81.05 23.68 -71.53
C8 NAG I . 81.02 22.19 -71.32
N2 NAG I . 81.75 24.39 -70.63
O3 NAG I . 83.90 25.78 -71.91
O4 NAG I . 84.75 28.27 -71.01
O5 NAG I . 81.53 27.77 -69.08
O6 NAG I . 81.97 30.37 -68.30
O7 NAG I . 80.43 24.19 -72.48
C1 NAG I . 85.50 28.90 -69.95
C2 NAG I . 86.29 27.86 -69.13
C3 NAG I . 87.79 27.96 -69.38
C4 NAG I . 88.31 29.37 -69.07
C5 NAG I . 87.30 30.43 -69.50
C6 NAG I . 88.04 31.62 -70.10
C7 NAG I . 86.17 27.11 -66.76
C8 NAG I . 85.74 27.50 -65.37
N2 NAG I . 85.95 28.01 -67.71
O3 NAG I . 88.09 27.66 -70.73
O4 NAG I . 88.59 29.50 -67.69
O5 NAG I . 86.39 29.91 -70.44
O6 NAG I . 87.13 32.64 -70.42
O7 NAG I . 86.69 26.01 -66.95
C1 NAG J . 2.20 110.69 -11.51
C2 NAG J . 1.52 109.75 -12.50
C3 NAG J . 0.20 110.36 -12.97
C4 NAG J . -0.72 110.61 -11.80
C5 NAG J . 0.07 111.50 -10.88
C6 NAG J . -0.80 112.04 -9.75
C7 NAG J . 3.47 108.90 -13.89
C8 NAG J . 3.83 108.65 -15.32
N2 NAG J . 2.25 109.39 -13.72
O3 NAG J . -0.42 109.53 -13.94
O4 NAG J . -1.86 111.29 -12.23
O5 NAG J . 1.26 110.82 -10.45
O6 NAG J . 0.08 112.46 -8.72
O7 NAG J . 4.31 108.69 -13.00
C1 NAG J . -3.07 110.50 -12.22
C2 NAG J . -4.27 111.41 -12.50
C3 NAG J . -5.54 110.62 -12.22
C4 NAG J . -5.59 109.41 -13.18
C5 NAG J . -4.31 108.62 -12.86
C6 NAG J . -4.21 107.24 -13.52
C7 NAG J . -3.52 113.72 -12.26
C8 NAG J . -3.35 114.90 -11.33
N2 NAG J . -4.08 112.61 -11.72
O3 NAG J . -6.67 111.46 -12.33
O4 NAG J . -6.76 108.60 -13.05
O5 NAG J . -3.13 109.39 -13.11
O6 NAG J . -4.05 107.39 -14.90
O7 NAG J . -3.14 113.82 -13.45
C1 NAG K . 45.63 -62.14 -10.23
C2 NAG K . 46.52 -62.78 -11.28
C3 NAG K . 47.96 -62.34 -11.08
C4 NAG K . 48.06 -60.85 -10.68
C5 NAG K . 47.18 -60.52 -9.48
C6 NAG K . 46.36 -59.26 -9.69
C7 NAG K . 45.66 -64.96 -12.00
C8 NAG K . 45.69 -66.44 -11.76
N2 NAG K . 46.44 -64.23 -11.19
O3 NAG K . 48.67 -62.61 -12.27
O4 NAG K . 49.38 -60.52 -10.26
O5 NAG K . 46.35 -61.61 -9.13
O6 NAG K . 45.59 -59.08 -8.50
O7 NAG K . 44.97 -64.45 -12.89
C1 NAG K . 50.28 -60.08 -11.32
C2 NAG K . 51.64 -60.76 -11.07
C3 NAG K . 52.68 -60.29 -12.09
C4 NAG K . 52.18 -60.44 -13.53
C5 NAG K . 50.71 -59.96 -13.71
C6 NAG K . 50.15 -60.55 -15.01
C7 NAG K . 52.26 -59.47 -8.98
C8 NAG K . 51.90 -58.12 -9.54
N2 NAG K . 52.12 -60.59 -9.70
O3 NAG K . 53.88 -61.01 -11.92
O4 NAG K . 53.05 -59.75 -14.41
O5 NAG K . 49.84 -60.33 -12.65
O6 NAG K . 50.10 -59.55 -16.00
O7 NAG K . 52.70 -59.54 -7.84
C1 NAG L . -35.94 26.65 47.51
C2 NAG L . -36.29 25.94 46.21
C3 NAG L . -37.66 26.28 45.59
C4 NAG L . -38.75 26.24 46.68
C5 NAG L . -38.16 27.09 47.81
C6 NAG L . -39.19 27.51 48.89
C7 NAG L . -34.64 24.86 44.89
C8 NAG L . -35.33 23.57 45.35
N2 NAG L . -35.16 26.01 45.31
O3 NAG L . -37.97 25.36 44.55
O4 NAG L . -39.92 26.82 46.15
O5 NAG L . -37.00 26.50 48.39
O6 NAG L . -38.54 28.42 49.77
O7 NAG L . -33.64 24.80 44.16
C1 NAG L . -41.07 25.93 45.96
C2 NAG L . -42.37 26.70 45.76
C3 NAG L . -43.52 25.69 45.92
C4 NAG L . -43.40 24.60 44.85
C5 NAG L . -41.99 24.00 44.93
C6 NAG L . -41.76 23.07 43.75
C7 NAG L . -41.70 28.94 46.67
C8 NAG L . -41.84 29.87 47.83
N2 NAG L . -42.38 27.76 46.76
O3 NAG L . -44.83 26.24 45.92
O4 NAG L . -44.41 23.59 44.98
O5 NAG L . -40.98 25.01 44.88
O6 NAG L . -40.49 22.50 43.95
O7 NAG L . -41.00 29.30 45.70
C1 NAG M . 16.24 -13.21 -83.51
C2 NAG M . 17.30 -14.27 -83.80
C3 NAG M . 16.72 -15.69 -83.91
C4 NAG M . 15.27 -15.76 -84.42
C5 NAG M . 14.35 -14.60 -83.96
C6 NAG M . 13.82 -14.80 -82.55
C7 NAG M . 18.14 -13.43 -86.09
C8 NAG M . 16.79 -13.24 -86.75
N2 NAG M . 18.28 -13.88 -84.83
O3 NAG M . 16.80 -16.29 -82.64
O4 NAG M . 15.30 -15.89 -85.84
O5 NAG M . 14.96 -13.33 -84.06
O6 NAG M . 13.08 -13.65 -82.17
O7 NAG M . 19.12 -13.14 -86.78
C1 NAG M . 14.19 -16.55 -86.50
C2 NAG M . 13.42 -17.58 -85.65
C3 NAG M . 12.23 -18.16 -86.40
C4 NAG M . 11.39 -17.08 -87.10
C5 NAG M . 12.28 -16.12 -87.89
C6 NAG M . 11.45 -14.98 -88.47
C7 NAG M . 14.98 -19.59 -85.70
C8 NAG M . 15.00 -19.71 -87.20
N2 NAG M . 14.27 -18.62 -85.08
O3 NAG M . 11.43 -18.89 -85.49
O4 NAG M . 10.43 -17.69 -87.94
O5 NAG M . 13.31 -15.59 -87.06
O6 NAG M . 12.30 -13.94 -88.90
O7 NAG M . 15.63 -20.39 -85.05
C1 NAG N . -24.60 34.01 31.94
C2 NAG N . -23.12 33.73 31.62
C3 NAG N . -22.31 33.64 32.90
C4 NAG N . -22.48 34.87 33.79
C5 NAG N . -24.00 35.01 34.02
C6 NAG N . -24.32 36.10 35.05
C7 NAG N . -23.14 32.18 29.64
C8 NAG N . -22.67 30.82 29.22
N2 NAG N . -22.86 32.50 30.91
O3 NAG N . -20.96 33.47 32.58
O4 NAG N . -21.76 34.66 34.98
O5 NAG N . -24.72 35.15 32.78
O6 NAG N . -25.66 36.02 35.50
O7 NAG N . -23.74 32.89 28.83
C1 NAG N . -20.53 35.41 35.10
C2 NAG N . -20.09 35.40 36.56
C3 NAG N . -18.76 36.12 36.80
C4 NAG N . -17.68 35.79 35.76
C5 NAG N . -18.28 35.72 34.34
C6 NAG N . -17.28 35.11 33.35
C7 NAG N . -22.14 35.45 37.90
C8 NAG N . -23.11 36.26 38.72
N2 NAG N . -21.09 36.07 37.38
O3 NAG N . -18.32 35.73 38.08
O4 NAG N . -16.59 36.70 35.85
O5 NAG N . -19.46 34.93 34.29
O6 NAG N . -16.69 33.94 33.88
O7 NAG N . -22.35 34.27 37.69
C1 NAG O . -4.80 -96.94 -25.96
C2 NAG O . -3.69 -97.79 -26.58
C3 NAG O . -4.26 -98.94 -27.40
C4 NAG O . -5.29 -99.67 -26.55
C5 NAG O . -6.45 -98.75 -26.12
C6 NAG O . -6.92 -99.02 -24.69
C7 NAG O . -1.67 -96.48 -26.95
C8 NAG O . -0.94 -95.66 -27.96
N2 NAG O . -2.83 -96.97 -27.40
O3 NAG O . -3.20 -99.81 -27.74
O4 NAG O . -5.71 -100.91 -27.14
O5 NAG O . -6.13 -97.37 -26.25
O6 NAG O . -5.83 -99.43 -23.87
O7 NAG O . -1.22 -96.68 -25.81
C1 NAG O . -6.40 -100.86 -28.42
C2 NAG O . -5.90 -101.97 -29.35
C3 NAG O . -6.13 -103.35 -28.69
C4 NAG O . -7.40 -103.37 -27.84
C5 NAG O . -8.39 -102.25 -28.23
C6 NAG O . -9.59 -102.22 -27.31
C7 NAG O . -6.40 -102.76 -31.67
C8 NAG O . -7.20 -102.49 -32.91
N2 NAG O . -6.57 -101.90 -30.65
O3 NAG O . -4.99 -103.72 -27.94
O4 NAG O . -8.02 -104.62 -28.04
O5 NAG O . -7.81 -100.96 -28.25
O6 NAG O . -10.56 -101.42 -27.92
O7 NAG O . -5.63 -103.73 -31.66
C1 NAG P . -58.72 -54.72 83.53
C2 NAG P . -57.22 -54.85 83.20
C3 NAG P . -56.35 -55.09 84.45
C4 NAG P . -56.83 -54.17 85.62
C5 NAG P . -58.36 -54.04 85.68
C6 NAG P . -58.84 -53.15 86.85
C7 NAG P . -56.70 -55.31 80.87
C8 NAG P . -56.48 -56.41 79.86
N2 NAG P . -57.00 -55.81 82.11
O3 NAG P . -54.97 -54.85 84.16
O4 NAG P . -56.37 -54.70 86.85
O5 NAG P . -58.91 -53.62 84.43
O6 NAG P . -60.25 -53.05 86.79
O7 NAG P . -56.59 -54.07 80.53
C1 NAG P . -55.27 -53.90 87.35
C2 NAG P . -55.00 -54.28 88.82
C3 NAG P . -53.88 -53.38 89.40
C4 NAG P . -52.63 -53.50 88.51
C5 NAG P . -53.03 -53.14 87.06
C6 NAG P . -51.87 -53.15 86.05
C7 NAG P . -56.97 -55.40 89.72
C8 NAG P . -58.22 -55.28 90.54
N2 NAG P . -56.23 -54.27 89.60
O3 NAG P . -53.56 -53.72 90.73
O4 NAG P . -51.60 -52.66 89.01
O5 NAG P . -54.05 -54.01 86.59
O6 NAG P . -50.64 -53.32 86.72
O7 NAG P . -56.67 -56.49 89.19
C1 NAG Q . 74.28 11.12 -58.90
C2 NAG Q . 74.48 9.61 -58.74
C3 NAG Q . 73.13 8.94 -59.01
C4 NAG Q . 72.09 9.45 -58.00
C5 NAG Q . 72.02 10.98 -58.03
C6 NAG Q . 71.06 11.54 -56.99
C7 NAG Q . 76.73 8.67 -59.10
C8 NAG Q . 76.92 8.71 -57.61
N2 NAG Q . 75.56 9.11 -59.59
O3 NAG Q . 73.24 7.53 -58.91
O4 NAG Q . 70.81 8.91 -58.27
O5 NAG Q . 73.33 11.48 -57.89
O6 NAG Q . 71.61 11.58 -55.68
O7 NAG Q . 77.64 8.25 -59.82
C1 NAG R . 19.45 6.53 -89.19
C2 NAG R . 18.71 7.88 -89.28
C3 NAG R . 19.46 9.03 -88.63
C4 NAG R . 19.84 8.67 -87.20
C5 NAG R . 20.70 7.38 -87.20
C6 NAG R . 20.88 6.86 -85.77
C7 NAG R . 17.18 8.22 -91.20
C8 NAG R . 17.08 8.54 -92.65
N2 NAG R . 18.43 8.17 -90.69
O3 NAG R . 18.66 10.20 -88.63
O4 NAG R . 20.53 9.76 -86.61
O5 NAG R . 20.12 6.31 -87.95
O6 NAG R . 20.59 5.47 -85.71
O7 NAG R . 16.17 8.02 -90.54
C1 NAG S . -3.35 -74.69 -32.40
C2 NAG S . -3.00 -73.34 -33.06
C3 NAG S . -2.89 -72.20 -32.04
C4 NAG S . -4.20 -72.08 -31.27
C5 NAG S . -4.56 -73.43 -30.63
C6 NAG S . -5.98 -73.36 -30.07
C7 NAG S . -1.87 -73.19 -35.20
C8 NAG S . -0.59 -73.24 -35.95
N2 NAG S . -1.81 -73.39 -33.87
O3 NAG S . -2.63 -70.97 -32.69
O4 NAG S . -4.11 -71.05 -30.30
O5 NAG S . -4.48 -74.50 -31.55
O6 NAG S . -6.44 -74.65 -29.73
O7 NAG S . -2.93 -72.95 -35.80
#